data_1LKX
#
_entry.id   1LKX
#
_cell.length_a   51.818
_cell.length_b   143.667
_cell.length_c   236.050
_cell.angle_alpha   90.0
_cell.angle_beta   94.86
_cell.angle_gamma   90.00
#
_symmetry.space_group_name_H-M   'P 1 21 1'
#
loop_
_entity.id
_entity.type
_entity.pdbx_description
1 polymer 'MYOSIN IE HEAVY CHAIN'
2 non-polymer 'MAGNESIUM ION'
3 non-polymer 'VANADATE ION'
4 non-polymer "ADENOSINE-5'-DIPHOSPHATE"
5 water water
#
_entity_poly.entity_id   1
_entity_poly.type   'polypeptide(L)'
_entity_poly.pdbx_seq_one_letter_code
;MIPKTKAEGVPDFVLLNQITENAFIENLTMRHKSDNIYTYIGDVVISTNPFKNLNIYKESDIKAYNGRYKYEMPPHMYAL
ANDAYRSMRQSQENQCVIISGESGAGKTEASKKIMQFLTFVSSNQSPNGERISKMLLDSNPLLEAFGNAKTLRNDNSSRF
GKYMEMQFNAVGSPIGGKITNYLLEKSRVVGRTQGERSFHIFYQMLKGLSQSKLDELGLTPNAPAYEYLKKSGCFDVSTI
DDSGEFKIIVKAMETLGLKESDQNSIWRILAAILHIGNITFAEAAEQRTGTTTVKVSDTKSLAAAASCLKTDQQSLSIAL
CYRSISTGVGKRCSVISVPMDCNQAAYSRDALAKALYERLFNWLVSKINTIINCTTEKGPVIGILDIYGFEVFQNNSFEQ
LNINFCNEKLQQLFIELTLKSEQEEYVREGIEWKNIEYFNNKPICELIEKKPIGLISLLDEACLIAKSTDQTFLDSICKQ
FEKNPHLQSYVVSKDRSIGDTCFRLKHYAGDVTYDVRGFLDKNKDTLFGDLISSMQSSSDPLVQGLFPPTRPEDSKKRPE
TAGSQFRNAMNALITTLLACSPHYVRCIKSNDNKQAGVIDEDRVRHQVRYLGLLENVRVRRAGFAGRIEYTRFYNRYKML
CKKTWPSFNGTAKQATELILQQHNIDKEEIRMGKTKVFIRNPTTLFYFEEKRELEMP
;
_entity_poly.pdbx_strand_id   A,B,C,D
#
# COMPACT_ATOMS: atom_id res chain seq x y z
N GLY A 9 64.25 7.08 25.03
CA GLY A 9 64.30 7.37 26.50
C GLY A 9 63.06 6.91 27.26
N VAL A 10 62.39 7.84 27.92
CA VAL A 10 61.17 7.53 28.67
C VAL A 10 60.15 8.67 28.51
N PRO A 11 59.03 8.41 27.79
CA PRO A 11 57.98 9.41 27.57
C PRO A 11 57.28 9.67 28.90
N ASP A 12 56.88 10.91 29.15
CA ASP A 12 56.25 11.22 30.42
C ASP A 12 57.21 10.91 31.60
N PHE A 13 57.64 11.96 32.28
CA PHE A 13 58.57 11.86 33.39
C PHE A 13 58.03 11.18 34.62
N VAL A 14 56.72 11.09 34.76
CA VAL A 14 56.19 10.44 35.96
C VAL A 14 56.72 9.02 36.04
N LEU A 15 57.15 8.49 34.90
CA LEU A 15 57.68 7.14 34.83
C LEU A 15 59.17 7.07 35.08
N LEU A 16 59.76 8.17 35.56
CA LEU A 16 61.19 8.16 35.83
C LEU A 16 61.45 7.18 36.97
N ASN A 17 62.49 6.36 36.79
CA ASN A 17 62.89 5.35 37.79
C ASN A 17 63.05 6.04 39.15
N GLN A 18 64.02 6.96 39.19
CA GLN A 18 64.33 7.71 40.38
C GLN A 18 63.95 9.16 40.08
N ILE A 19 62.98 9.67 40.82
CA ILE A 19 62.50 11.04 40.63
C ILE A 19 63.45 12.09 41.22
N THR A 20 64.45 12.47 40.44
CA THR A 20 65.44 13.47 40.87
C THR A 20 65.79 14.38 39.72
N GLU A 21 66.08 15.64 40.03
CA GLU A 21 66.42 16.60 39.00
C GLU A 21 67.45 16.04 38.01
N ASN A 22 68.47 15.37 38.53
CA ASN A 22 69.48 14.80 37.63
C ASN A 22 68.88 13.77 36.67
N ALA A 23 68.05 12.89 37.20
CA ALA A 23 67.40 11.88 36.39
C ALA A 23 66.69 12.60 35.26
N PHE A 24 65.86 13.56 35.65
CA PHE A 24 65.07 14.38 34.74
C PHE A 24 65.89 14.89 33.57
N ILE A 25 66.96 15.63 33.87
CA ILE A 25 67.80 16.17 32.81
C ILE A 25 68.40 15.08 31.93
N GLU A 26 68.83 13.98 32.54
CA GLU A 26 69.43 12.88 31.81
C GLU A 26 68.45 12.30 30.81
N ASN A 27 67.21 12.11 31.24
CA ASN A 27 66.16 11.58 30.36
C ASN A 27 65.88 12.56 29.23
N LEU A 28 65.70 13.84 29.59
CA LEU A 28 65.42 14.88 28.62
C LEU A 28 66.54 15.05 27.59
N THR A 29 67.78 15.04 28.05
CA THR A 29 68.93 15.17 27.16
C THR A 29 68.97 13.99 26.19
N MET A 30 68.65 12.82 26.71
CA MET A 30 68.65 11.60 25.94
C MET A 30 67.64 11.69 24.80
N ARG A 31 66.41 12.05 25.14
CA ARG A 31 65.35 12.19 24.15
C ARG A 31 65.77 13.20 23.09
N HIS A 32 66.04 14.42 23.54
CA HIS A 32 66.41 15.49 22.62
C HIS A 32 67.50 15.15 21.63
N LYS A 33 68.55 14.53 22.12
CA LYS A 33 69.67 14.17 21.27
C LYS A 33 69.23 13.24 20.14
N SER A 34 68.15 12.50 20.35
CA SER A 34 67.64 11.58 19.32
C SER A 34 66.38 12.09 18.62
N ASP A 35 66.23 13.42 18.60
CA ASP A 35 65.11 14.08 17.95
C ASP A 35 63.74 13.77 18.53
N ASN A 36 63.66 13.61 19.84
CA ASN A 36 62.39 13.36 20.50
C ASN A 36 62.06 14.59 21.32
N ILE A 37 61.75 15.67 20.60
CA ILE A 37 61.43 16.95 21.20
C ILE A 37 60.42 16.91 22.35
N TYR A 38 59.33 16.19 22.12
CA TYR A 38 58.24 16.12 23.08
C TYR A 38 58.27 14.99 24.10
N THR A 39 57.88 15.34 25.33
CA THR A 39 57.81 14.41 26.45
C THR A 39 56.70 14.92 27.35
N TYR A 40 55.99 14.02 28.02
CA TYR A 40 54.90 14.41 28.89
C TYR A 40 55.23 14.45 30.38
N ILE A 41 54.30 15.02 31.14
CA ILE A 41 54.35 15.08 32.59
C ILE A 41 52.86 14.99 32.89
N GLY A 42 52.24 13.99 32.28
CA GLY A 42 50.82 13.78 32.44
C GLY A 42 50.02 14.95 31.89
N ASP A 43 49.63 14.86 30.63
CA ASP A 43 48.84 15.93 29.98
C ASP A 43 49.63 17.20 29.68
N VAL A 44 50.67 17.49 30.46
CA VAL A 44 51.48 18.67 30.20
C VAL A 44 52.49 18.27 29.14
N VAL A 45 52.73 19.14 28.18
CA VAL A 45 53.68 18.81 27.12
C VAL A 45 54.97 19.59 27.31
N ILE A 46 56.08 18.87 27.34
CA ILE A 46 57.38 19.51 27.49
C ILE A 46 58.07 19.39 26.14
N SER A 47 58.50 20.51 25.57
CA SER A 47 59.18 20.48 24.28
C SER A 47 60.54 21.18 24.29
N THR A 48 61.48 20.63 23.53
CA THR A 48 62.83 21.17 23.45
C THR A 48 63.18 21.58 22.03
N ASN A 49 63.39 22.87 21.83
CA ASN A 49 63.73 23.42 20.52
C ASN A 49 64.79 22.60 19.77
N PRO A 50 64.39 21.99 18.64
CA PRO A 50 65.26 21.16 17.80
C PRO A 50 66.29 21.98 17.03
N PHE A 51 65.88 23.18 16.64
CA PHE A 51 66.74 24.04 15.86
C PHE A 51 67.01 23.43 14.48
N LYS A 52 65.99 22.81 13.92
CA LYS A 52 66.06 22.18 12.60
C LYS A 52 64.71 21.49 12.33
N ASN A 53 64.41 21.23 11.07
CA ASN A 53 63.14 20.61 10.72
C ASN A 53 63.08 19.14 11.04
N LEU A 54 62.02 18.74 11.72
CA LEU A 54 61.79 17.34 12.05
C LEU A 54 60.52 16.97 11.31
N ASN A 55 60.64 16.09 10.32
CA ASN A 55 59.49 15.70 9.54
C ASN A 55 58.46 14.95 10.38
N ILE A 56 57.87 15.65 11.34
CA ILE A 56 56.87 15.05 12.22
C ILE A 56 55.61 15.90 12.32
N TYR A 57 55.47 16.85 11.39
CA TYR A 57 54.30 17.72 11.39
C TYR A 57 53.54 17.61 10.08
N LYS A 58 53.49 16.40 9.56
CA LYS A 58 52.79 16.13 8.31
C LYS A 58 51.34 15.79 8.59
N GLU A 59 50.45 16.14 7.66
CA GLU A 59 49.01 15.88 7.79
C GLU A 59 48.75 14.42 8.19
N SER A 60 49.61 13.53 7.73
CA SER A 60 49.47 12.13 8.07
C SER A 60 49.65 11.99 9.59
N ASP A 61 50.58 12.77 10.13
CA ASP A 61 50.82 12.74 11.56
C ASP A 61 49.58 13.31 12.22
N ILE A 62 49.00 14.33 11.58
CA ILE A 62 47.79 14.95 12.11
C ILE A 62 46.73 13.89 12.20
N LYS A 63 46.62 13.11 11.13
CA LYS A 63 45.63 12.05 11.06
C LYS A 63 45.95 10.97 12.09
N ALA A 64 47.23 10.74 12.33
CA ALA A 64 47.65 9.71 13.28
C ALA A 64 47.26 9.98 14.72
N TYR A 65 47.40 11.23 15.16
CA TYR A 65 47.06 11.57 16.53
C TYR A 65 45.61 11.96 16.72
N ASN A 66 44.93 12.21 15.60
CA ASN A 66 43.53 12.59 15.66
C ASN A 66 42.70 11.46 16.26
N GLY A 67 41.91 11.80 17.28
CA GLY A 67 41.05 10.82 17.92
C GLY A 67 41.73 9.94 18.95
N ARG A 68 42.97 9.55 18.65
CA ARG A 68 43.75 8.68 19.53
C ARG A 68 44.03 9.23 20.93
N TYR A 69 44.27 8.32 21.87
CA TYR A 69 44.57 8.69 23.25
C TYR A 69 46.06 8.88 23.46
N LYS A 70 46.40 9.68 24.45
CA LYS A 70 47.78 10.00 24.77
C LYS A 70 48.71 8.78 24.84
N TYR A 71 48.23 7.69 25.42
CA TYR A 71 49.08 6.50 25.55
C TYR A 71 49.25 5.70 24.26
N GLU A 72 48.30 5.81 23.35
CA GLU A 72 48.38 5.08 22.09
C GLU A 72 49.55 5.51 21.22
N MET A 73 50.10 6.70 21.47
CA MET A 73 51.22 7.18 20.66
C MET A 73 52.33 7.98 21.33
N PRO A 74 53.44 8.19 20.61
CA PRO A 74 54.60 8.94 21.11
C PRO A 74 54.21 10.36 21.50
N PRO A 75 54.82 10.90 22.56
CA PRO A 75 54.48 12.27 22.96
C PRO A 75 54.57 13.19 21.76
N HIS A 76 53.55 14.03 21.59
CA HIS A 76 53.56 14.97 20.48
C HIS A 76 52.62 16.12 20.72
N MET A 77 53.04 17.27 20.22
CA MET A 77 52.29 18.50 20.31
C MET A 77 50.82 18.27 19.93
N TYR A 78 50.60 17.43 18.92
CA TYR A 78 49.27 17.13 18.44
C TYR A 78 48.35 16.51 19.47
N ALA A 79 48.91 15.68 20.34
CA ALA A 79 48.12 15.02 21.34
C ALA A 79 47.45 16.05 22.24
N LEU A 80 48.13 17.18 22.43
CA LEU A 80 47.61 18.23 23.28
C LEU A 80 46.45 18.89 22.53
N ALA A 81 46.69 19.23 21.27
CA ALA A 81 45.66 19.86 20.46
C ALA A 81 44.45 18.94 20.38
N ASN A 82 44.70 17.66 20.09
CA ASN A 82 43.63 16.69 20.00
C ASN A 82 42.81 16.65 21.28
N ASP A 83 43.45 16.66 22.43
CA ASP A 83 42.72 16.64 23.68
C ASP A 83 41.89 17.91 23.80
N ALA A 84 42.51 19.05 23.54
CA ALA A 84 41.81 20.34 23.63
C ALA A 84 40.55 20.35 22.78
N TYR A 85 40.69 19.92 21.54
CA TYR A 85 39.57 19.86 20.60
C TYR A 85 38.49 18.93 21.07
N ARG A 86 38.84 17.68 21.30
CA ARG A 86 37.89 16.68 21.77
C ARG A 86 37.14 17.18 23.01
N SER A 87 37.87 17.73 23.98
CA SER A 87 37.26 18.24 25.20
C SER A 87 36.27 19.34 24.88
N MET A 88 36.64 20.24 23.97
CA MET A 88 35.73 21.32 23.59
C MET A 88 34.45 20.71 23.02
N ARG A 89 34.61 19.76 22.12
CA ARG A 89 33.49 19.10 21.50
C ARG A 89 32.62 18.42 22.53
N GLN A 90 33.27 17.69 23.43
CA GLN A 90 32.57 16.96 24.47
C GLN A 90 31.83 17.86 25.47
N SER A 91 32.57 18.59 26.30
CA SER A 91 31.98 19.46 27.30
C SER A 91 31.36 20.73 26.73
N GLN A 92 31.67 21.04 25.49
CA GLN A 92 31.15 22.22 24.83
C GLN A 92 31.56 23.48 25.58
N GLU A 93 32.70 23.40 26.26
CA GLU A 93 33.23 24.53 27.03
C GLU A 93 34.48 25.09 26.34
N ASN A 94 34.89 26.29 26.73
CA ASN A 94 36.08 26.90 26.14
C ASN A 94 37.38 26.29 26.64
N GLN A 95 38.34 26.16 25.74
CA GLN A 95 39.64 25.61 26.07
C GLN A 95 40.68 26.69 25.80
N CYS A 96 41.84 26.58 26.44
CA CYS A 96 42.91 27.54 26.22
C CYS A 96 44.23 26.85 26.45
N VAL A 97 45.16 27.08 25.52
CA VAL A 97 46.47 26.49 25.61
C VAL A 97 47.46 27.56 26.04
N ILE A 98 48.11 27.36 27.19
CA ILE A 98 49.10 28.32 27.65
C ILE A 98 50.51 27.75 27.45
N ILE A 99 51.27 28.41 26.59
CA ILE A 99 52.61 28.03 26.22
C ILE A 99 53.57 29.00 26.89
N SER A 100 54.57 28.45 27.56
CA SER A 100 55.55 29.25 28.26
C SER A 100 56.97 28.86 27.87
N GLY A 101 57.90 29.80 28.04
CA GLY A 101 59.29 29.55 27.69
C GLY A 101 60.08 30.83 27.46
N GLU A 102 61.38 30.78 27.68
CA GLU A 102 62.21 31.94 27.47
C GLU A 102 62.16 32.32 25.99
N SER A 103 62.79 33.44 25.67
CA SER A 103 62.85 33.90 24.28
C SER A 103 63.67 32.88 23.50
N GLY A 104 63.06 32.30 22.47
CA GLY A 104 63.77 31.32 21.66
C GLY A 104 63.45 29.89 22.00
N ALA A 105 62.69 29.67 23.07
CA ALA A 105 62.32 28.32 23.49
C ALA A 105 61.47 27.63 22.43
N GLY A 106 60.71 28.40 21.66
CA GLY A 106 59.88 27.83 20.61
C GLY A 106 58.38 27.92 20.79
N LYS A 107 57.92 28.93 21.51
CA LYS A 107 56.48 29.10 21.76
C LYS A 107 55.72 29.45 20.49
N THR A 108 56.25 30.38 19.70
CA THR A 108 55.59 30.78 18.47
C THR A 108 55.38 29.61 17.50
N GLU A 109 56.41 28.77 17.33
CA GLU A 109 56.28 27.64 16.43
C GLU A 109 55.30 26.62 16.96
N ALA A 110 55.28 26.43 18.28
CA ALA A 110 54.37 25.47 18.89
C ALA A 110 52.91 25.91 18.74
N SER A 111 52.66 27.20 18.91
CA SER A 111 51.31 27.71 18.81
C SER A 111 50.81 27.51 17.39
N LYS A 112 51.73 27.50 16.43
CA LYS A 112 51.36 27.31 15.04
C LYS A 112 51.09 25.83 14.74
N LYS A 113 51.84 24.94 15.37
CA LYS A 113 51.63 23.52 15.17
C LYS A 113 50.27 23.22 15.74
N ILE A 114 49.91 23.87 16.84
CA ILE A 114 48.61 23.64 17.45
C ILE A 114 47.47 24.10 16.56
N MET A 115 47.62 25.25 15.92
CA MET A 115 46.57 25.72 15.02
C MET A 115 46.48 24.79 13.82
N GLN A 116 47.60 24.58 13.14
CA GLN A 116 47.64 23.68 11.99
C GLN A 116 46.77 22.45 12.25
N PHE A 117 46.94 21.83 13.42
CA PHE A 117 46.17 20.64 13.76
C PHE A 117 44.67 20.93 13.86
N LEU A 118 44.32 21.85 14.76
CA LEU A 118 42.93 22.23 14.96
C LEU A 118 42.30 22.60 13.61
N THR A 119 42.91 23.57 12.95
CA THR A 119 42.44 24.02 11.65
C THR A 119 42.75 22.97 10.59
N PHE A 120 42.10 21.82 10.72
CA PHE A 120 42.29 20.70 9.80
C PHE A 120 41.39 19.55 10.23
N VAL A 121 41.60 19.04 11.43
CA VAL A 121 40.72 17.97 11.87
C VAL A 121 39.37 18.65 12.04
N SER A 122 39.44 19.96 12.28
CA SER A 122 38.25 20.81 12.48
C SER A 122 37.44 20.94 11.20
N SER A 123 38.10 21.15 10.08
CA SER A 123 37.41 21.24 8.80
C SER A 123 37.18 19.78 8.35
N ASN A 124 37.28 19.52 7.06
CA ASN A 124 37.11 18.18 6.51
C ASN A 124 37.34 18.33 5.03
N GLN A 125 36.24 18.58 4.32
CA GLN A 125 36.32 18.83 2.90
C GLN A 125 35.69 20.21 2.82
N SER A 126 34.70 20.42 3.68
CA SER A 126 33.99 21.69 3.75
C SER A 126 34.88 22.81 3.24
N PRO A 127 34.76 23.15 1.94
CA PRO A 127 35.58 24.22 1.39
C PRO A 127 35.42 25.49 2.20
N ASN A 128 34.22 25.72 2.70
CA ASN A 128 33.97 26.89 3.50
C ASN A 128 34.76 26.76 4.79
N GLY A 129 34.75 25.56 5.35
CA GLY A 129 35.48 25.34 6.59
C GLY A 129 36.97 25.58 6.40
N GLU A 130 37.57 24.92 5.41
CA GLU A 130 38.99 25.07 5.18
C GLU A 130 39.35 26.39 4.54
N ARG A 131 38.34 27.18 4.17
CA ARG A 131 38.60 28.49 3.58
C ARG A 131 39.03 29.43 4.68
N ILE A 132 38.21 29.52 5.72
CA ILE A 132 38.51 30.39 6.83
C ILE A 132 39.77 29.86 7.49
N SER A 133 39.95 28.55 7.42
CA SER A 133 41.14 27.93 7.99
C SER A 133 42.33 28.61 7.35
N LYS A 134 42.33 28.63 6.01
CA LYS A 134 43.40 29.24 5.24
C LYS A 134 43.67 30.66 5.74
N MET A 135 42.60 31.36 6.12
CA MET A 135 42.72 32.72 6.63
C MET A 135 43.35 32.78 8.00
N LEU A 136 42.87 31.97 8.92
CA LEU A 136 43.45 31.98 10.26
C LEU A 136 44.95 31.73 10.14
N LEU A 137 45.33 30.77 9.30
CA LEU A 137 46.75 30.45 9.13
C LEU A 137 47.56 31.56 8.48
N ASP A 138 47.04 32.16 7.41
CA ASP A 138 47.75 33.24 6.73
C ASP A 138 47.91 34.48 7.62
N SER A 139 47.12 34.57 8.68
CA SER A 139 47.23 35.71 9.58
C SER A 139 48.59 35.69 10.30
N ASN A 140 49.15 34.50 10.52
CA ASN A 140 50.45 34.37 11.19
C ASN A 140 51.59 35.05 10.43
N PRO A 141 51.83 34.64 9.18
CA PRO A 141 52.91 35.25 8.38
C PRO A 141 52.77 36.75 8.30
N LEU A 142 51.52 37.19 8.25
CA LEU A 142 51.18 38.61 8.15
C LEU A 142 51.63 39.39 9.40
N LEU A 143 51.13 38.99 10.57
CA LEU A 143 51.51 39.65 11.80
C LEU A 143 52.99 39.48 12.10
N GLU A 144 53.53 38.30 11.81
CA GLU A 144 54.94 38.05 12.07
C GLU A 144 55.82 39.05 11.35
N ALA A 145 55.41 39.46 10.14
CA ALA A 145 56.18 40.41 9.36
C ALA A 145 56.28 41.77 10.04
N PHE A 146 55.19 42.24 10.62
CA PHE A 146 55.18 43.53 11.31
C PHE A 146 55.50 43.48 12.81
N GLY A 147 55.32 42.34 13.46
CA GLY A 147 55.58 42.27 14.88
C GLY A 147 56.81 41.55 15.32
N ASN A 148 57.50 40.87 14.40
CA ASN A 148 58.71 40.13 14.77
C ASN A 148 59.97 40.83 14.28
N ALA A 149 61.08 40.48 14.90
CA ALA A 149 62.38 41.06 14.55
C ALA A 149 63.50 40.15 15.03
N LYS A 150 64.69 40.34 14.48
CA LYS A 150 65.81 39.53 14.88
C LYS A 150 66.56 40.13 16.06
N THR A 151 66.25 39.65 17.25
CA THR A 151 66.93 40.13 18.44
C THR A 151 68.18 39.27 18.53
N LEU A 152 69.01 39.45 19.55
CA LEU A 152 70.21 38.65 19.67
C LEU A 152 69.91 37.23 20.14
N ARG A 153 68.78 37.06 20.81
CA ARG A 153 68.38 35.75 21.32
C ARG A 153 67.66 34.93 20.26
N ASN A 154 66.89 35.60 19.41
CA ASN A 154 66.11 34.90 18.40
C ASN A 154 66.00 35.65 17.06
N ASP A 155 66.29 34.95 15.97
CA ASP A 155 66.22 35.58 14.65
C ASP A 155 64.79 35.98 14.28
N ASN A 156 63.82 35.31 14.89
CA ASN A 156 62.44 35.66 14.62
C ASN A 156 61.89 36.55 15.71
N SER A 157 61.96 36.10 16.96
CA SER A 157 61.47 36.87 18.12
C SER A 157 60.22 37.72 18.00
N SER A 158 59.13 37.24 18.58
CA SER A 158 57.86 37.95 18.57
C SER A 158 58.01 39.17 19.48
N ARG A 159 57.73 40.36 18.96
CA ARG A 159 57.85 41.56 19.76
C ARG A 159 56.51 42.08 20.24
N PHE A 160 55.54 41.19 20.36
CA PHE A 160 54.21 41.56 20.83
C PHE A 160 53.49 40.35 21.40
N GLY A 161 52.67 40.56 22.41
CA GLY A 161 51.93 39.45 22.99
C GLY A 161 50.74 39.13 22.11
N LYS A 162 50.36 37.87 22.03
CA LYS A 162 49.24 37.48 21.19
C LYS A 162 48.39 36.38 21.79
N TYR A 163 47.08 36.54 21.68
CA TYR A 163 46.16 35.54 22.18
C TYR A 163 45.25 35.30 20.99
N MET A 164 45.33 34.10 20.42
CA MET A 164 44.54 33.74 19.25
C MET A 164 43.37 32.87 19.68
N GLU A 165 42.17 33.30 19.35
CA GLU A 165 41.00 32.52 19.70
C GLU A 165 40.35 31.83 18.52
N MET A 166 40.36 30.50 18.54
CA MET A 166 39.74 29.71 17.48
C MET A 166 38.25 29.60 17.82
N GLN A 167 37.39 30.01 16.89
CA GLN A 167 35.95 29.96 17.11
C GLN A 167 35.30 28.80 16.38
N PHE A 168 34.54 28.00 17.10
CA PHE A 168 33.84 26.85 16.51
C PHE A 168 32.38 26.92 16.86
N ASN A 169 31.56 26.13 16.16
CA ASN A 169 30.15 26.05 16.46
C ASN A 169 29.94 24.74 17.22
N ALA A 170 28.76 24.53 17.79
CA ALA A 170 28.48 23.31 18.54
C ALA A 170 28.87 22.01 17.82
N VAL A 171 28.78 22.02 16.49
CA VAL A 171 29.13 20.84 15.70
C VAL A 171 30.64 20.62 15.65
N GLY A 172 31.40 21.66 15.95
CA GLY A 172 32.85 21.51 15.95
C GLY A 172 33.58 22.00 14.71
N SER A 173 32.90 22.80 13.91
CA SER A 173 33.50 23.36 12.70
C SER A 173 34.11 24.73 12.94
N PRO A 174 35.17 25.08 12.19
CA PRO A 174 35.84 26.37 12.32
C PRO A 174 34.88 27.42 11.80
N ILE A 175 34.48 28.37 12.62
CA ILE A 175 33.56 29.39 12.13
C ILE A 175 34.25 30.74 12.06
N GLY A 176 35.43 30.85 12.68
CA GLY A 176 36.15 32.10 12.66
C GLY A 176 37.23 32.18 13.73
N GLY A 177 37.68 33.38 14.01
CA GLY A 177 38.69 33.56 15.04
C GLY A 177 38.97 35.02 15.32
N LYS A 178 39.37 35.34 16.54
CA LYS A 178 39.69 36.73 16.83
C LYS A 178 41.03 36.79 17.55
N ILE A 179 41.84 37.75 17.12
CA ILE A 179 43.17 37.96 17.65
C ILE A 179 43.21 39.11 18.66
N THR A 180 44.00 38.92 19.71
CA THR A 180 44.18 39.94 20.75
C THR A 180 45.68 40.15 20.86
N ASN A 181 46.13 41.39 20.64
CA ASN A 181 47.54 41.67 20.72
C ASN A 181 47.87 42.49 21.94
N TYR A 182 49.09 42.30 22.45
CA TYR A 182 49.55 43.00 23.63
C TYR A 182 50.76 43.88 23.35
N LEU A 183 50.81 45.01 24.03
CA LEU A 183 51.88 45.99 23.91
C LEU A 183 53.08 45.63 23.03
N LEU A 184 53.16 46.24 21.86
CA LEU A 184 54.26 46.02 20.95
C LEU A 184 55.49 46.86 21.31
N GLU A 185 56.68 46.30 21.13
CA GLU A 185 57.91 47.03 21.42
C GLU A 185 58.18 48.01 20.28
N LYS A 186 57.41 49.10 20.23
CA LYS A 186 57.56 50.10 19.17
C LYS A 186 58.91 50.83 19.14
N SER A 187 59.57 50.91 20.28
CA SER A 187 60.85 51.58 20.34
C SER A 187 61.87 50.91 19.40
N ARG A 188 61.63 49.65 19.05
CA ARG A 188 62.55 48.92 18.18
C ARG A 188 62.67 49.55 16.80
N VAL A 189 61.71 50.38 16.43
CA VAL A 189 61.76 51.03 15.13
C VAL A 189 62.84 52.09 15.00
N VAL A 190 62.99 52.90 16.03
CA VAL A 190 63.95 53.98 16.00
C VAL A 190 65.31 53.61 16.53
N GLY A 191 65.38 52.63 17.42
CA GLY A 191 66.66 52.24 17.99
C GLY A 191 66.64 50.83 18.56
N ARG A 192 67.78 50.16 18.46
CA ARG A 192 67.87 48.79 18.95
C ARG A 192 69.32 48.40 19.24
N THR A 193 69.52 47.29 19.96
CA THR A 193 70.85 46.80 20.27
C THR A 193 71.63 46.57 18.98
N GLN A 194 72.87 47.03 18.92
CA GLN A 194 73.68 46.86 17.73
C GLN A 194 73.71 45.37 17.50
N GLY A 195 73.72 44.97 16.23
CA GLY A 195 73.73 43.56 15.90
C GLY A 195 72.31 43.10 15.64
N GLU A 196 71.36 43.65 16.40
CA GLU A 196 69.98 43.29 16.21
C GLU A 196 69.44 43.95 14.95
N ARG A 197 68.16 43.78 14.69
CA ARG A 197 67.54 44.29 13.49
C ARG A 197 66.16 44.83 13.83
N SER A 198 65.61 45.67 12.96
CA SER A 198 64.28 46.20 13.20
C SER A 198 63.25 45.18 12.74
N PHE A 199 61.99 45.59 12.65
CA PHE A 199 60.93 44.68 12.22
C PHE A 199 61.16 44.19 10.78
N HIS A 200 60.86 42.92 10.56
CA HIS A 200 61.07 42.29 9.27
C HIS A 200 60.55 43.08 8.08
N ILE A 201 59.24 43.30 8.05
CA ILE A 201 58.60 43.99 6.95
C ILE A 201 59.46 45.09 6.32
N PHE A 202 60.11 45.90 7.13
CA PHE A 202 60.95 46.98 6.62
C PHE A 202 61.96 46.44 5.63
N TYR A 203 62.77 45.48 6.06
CA TYR A 203 63.78 44.90 5.20
C TYR A 203 63.19 44.15 4.02
N GLN A 204 62.12 43.42 4.27
CA GLN A 204 61.47 42.65 3.22
C GLN A 204 60.84 43.51 2.15
N MET A 205 60.26 44.64 2.56
CA MET A 205 59.64 45.55 1.61
C MET A 205 60.70 46.13 0.68
N LEU A 206 61.82 46.54 1.28
CA LEU A 206 62.91 47.11 0.54
C LEU A 206 63.49 46.15 -0.51
N LYS A 207 63.25 44.86 -0.35
CA LYS A 207 63.76 43.88 -1.29
C LYS A 207 62.63 43.12 -1.97
N GLY A 208 61.40 43.61 -1.79
CA GLY A 208 60.28 42.92 -2.38
C GLY A 208 59.49 43.74 -3.37
N LEU A 209 59.35 45.04 -3.09
CA LEU A 209 58.61 45.92 -3.98
C LEU A 209 59.35 46.14 -5.30
N SER A 210 58.58 46.44 -6.35
CA SER A 210 59.14 46.69 -7.67
C SER A 210 59.83 48.06 -7.69
N GLN A 211 60.91 48.15 -8.47
CA GLN A 211 61.66 49.40 -8.58
C GLN A 211 60.69 50.53 -8.95
N SER A 212 59.51 50.16 -9.41
CA SER A 212 58.51 51.16 -9.75
C SER A 212 57.93 51.73 -8.46
N LYS A 213 57.24 50.89 -7.69
CA LYS A 213 56.61 51.29 -6.42
C LYS A 213 57.64 51.91 -5.49
N LEU A 214 58.87 51.45 -5.60
CA LEU A 214 59.93 51.98 -4.77
C LEU A 214 60.16 53.44 -5.09
N ASP A 215 60.28 53.75 -6.38
CA ASP A 215 60.51 55.13 -6.81
C ASP A 215 59.33 56.03 -6.50
N GLU A 216 58.12 55.50 -6.63
CA GLU A 216 56.91 56.26 -6.33
C GLU A 216 56.91 56.61 -4.85
N LEU A 217 57.62 55.81 -4.05
CA LEU A 217 57.71 56.01 -2.62
C LEU A 217 58.92 56.84 -2.23
N GLY A 218 59.83 57.02 -3.17
CA GLY A 218 61.03 57.79 -2.89
C GLY A 218 62.05 56.94 -2.18
N LEU A 219 61.87 55.63 -2.27
CA LEU A 219 62.76 54.67 -1.62
C LEU A 219 63.77 54.08 -2.58
N THR A 220 64.86 53.60 -2.00
CA THR A 220 65.94 52.96 -2.74
C THR A 220 66.13 51.60 -2.11
N PRO A 221 66.17 50.54 -2.91
CA PRO A 221 66.34 49.15 -2.44
C PRO A 221 67.68 48.97 -1.76
N ASN A 222 67.75 49.34 -0.48
CA ASN A 222 68.99 49.24 0.24
C ASN A 222 68.80 49.74 1.66
N ALA A 223 68.72 48.81 2.62
CA ALA A 223 68.51 49.19 4.01
C ALA A 223 69.54 50.18 4.54
N PRO A 224 70.82 49.98 4.21
CA PRO A 224 71.86 50.90 4.69
C PRO A 224 71.55 52.38 4.38
N ALA A 225 70.75 52.59 3.34
CA ALA A 225 70.38 53.93 2.92
C ALA A 225 69.47 54.66 3.91
N TYR A 226 69.01 53.96 4.94
CA TYR A 226 68.14 54.59 5.91
C TYR A 226 68.69 54.59 7.32
N GLU A 227 68.58 55.74 7.96
CA GLU A 227 69.07 55.96 9.32
C GLU A 227 68.62 54.89 10.33
N TYR A 228 67.32 54.84 10.58
CA TYR A 228 66.78 53.87 11.51
C TYR A 228 67.33 52.47 11.29
N LEU A 229 67.37 52.02 10.04
CA LEU A 229 67.88 50.69 9.76
C LEU A 229 69.40 50.56 9.86
N LYS A 230 70.10 51.61 9.49
CA LYS A 230 71.55 51.59 9.54
C LYS A 230 72.13 51.49 10.95
N LYS A 231 71.50 52.17 11.91
CA LYS A 231 71.98 52.19 13.29
C LYS A 231 72.50 50.86 13.85
N SER A 232 71.62 49.89 14.00
CA SER A 232 72.00 48.59 14.55
C SER A 232 72.99 47.84 13.69
N GLY A 233 73.36 48.45 12.57
CA GLY A 233 74.30 47.81 11.67
C GLY A 233 74.10 46.32 11.47
N CYS A 234 73.03 45.96 10.79
CA CYS A 234 72.70 44.56 10.52
C CYS A 234 71.52 44.58 9.56
N PHE A 235 71.71 44.03 8.36
CA PHE A 235 70.66 44.06 7.37
C PHE A 235 70.26 42.73 6.79
N ASP A 236 71.02 41.68 7.11
CA ASP A 236 70.73 40.34 6.60
C ASP A 236 70.65 39.32 7.72
N VAL A 237 70.06 38.18 7.42
CA VAL A 237 69.94 37.10 8.40
C VAL A 237 69.90 35.81 7.60
N SER A 238 70.93 34.99 7.76
CA SER A 238 71.02 33.73 7.02
C SER A 238 69.72 32.97 7.18
N THR A 239 69.12 33.09 8.36
CA THR A 239 67.88 32.40 8.70
C THR A 239 66.68 32.87 7.86
N ILE A 240 66.66 34.14 7.49
CA ILE A 240 65.54 34.72 6.75
C ILE A 240 65.81 35.11 5.30
N ASP A 241 64.81 34.93 4.45
CA ASP A 241 64.93 35.29 3.06
C ASP A 241 63.95 36.44 2.83
N ASP A 242 64.42 37.66 3.03
CA ASP A 242 63.57 38.84 2.89
C ASP A 242 62.81 38.89 1.58
N SER A 243 63.53 38.81 0.47
CA SER A 243 62.92 38.90 -0.84
C SER A 243 61.84 37.87 -1.09
N GLY A 244 62.16 36.61 -0.85
CA GLY A 244 61.18 35.56 -1.08
C GLY A 244 60.05 35.63 -0.10
N GLU A 245 60.38 36.07 1.11
CA GLU A 245 59.40 36.18 2.17
C GLU A 245 58.33 37.24 1.88
N PHE A 246 58.74 38.36 1.31
CA PHE A 246 57.82 39.44 1.00
C PHE A 246 56.69 38.96 0.09
N LYS A 247 57.02 38.07 -0.83
CA LYS A 247 56.01 37.57 -1.75
C LYS A 247 54.92 36.80 -1.01
N ILE A 248 55.30 36.13 0.08
CA ILE A 248 54.36 35.37 0.89
C ILE A 248 53.38 36.28 1.61
N ILE A 249 53.92 37.30 2.25
CA ILE A 249 53.13 38.29 2.98
C ILE A 249 52.06 38.91 2.10
N VAL A 250 52.46 39.28 0.88
CA VAL A 250 51.54 39.89 -0.06
C VAL A 250 50.42 38.95 -0.41
N LYS A 251 50.71 37.66 -0.54
CA LYS A 251 49.65 36.69 -0.83
C LYS A 251 48.69 36.73 0.35
N ALA A 252 49.24 36.64 1.55
CA ALA A 252 48.49 36.66 2.80
C ALA A 252 47.65 37.91 2.88
N MET A 253 48.21 39.03 2.45
CA MET A 253 47.49 40.31 2.45
C MET A 253 46.19 40.15 1.69
N GLU A 254 46.23 39.49 0.54
CA GLU A 254 45.06 39.29 -0.29
C GLU A 254 44.13 38.22 0.24
N THR A 255 44.68 37.14 0.77
CA THR A 255 43.86 36.07 1.34
C THR A 255 43.02 36.66 2.47
N LEU A 256 43.50 37.78 3.02
CA LEU A 256 42.81 38.47 4.10
C LEU A 256 42.04 39.70 3.63
N GLY A 257 41.97 39.89 2.33
CA GLY A 257 41.23 41.01 1.79
C GLY A 257 41.88 42.37 1.93
N LEU A 258 43.11 42.49 1.43
CA LEU A 258 43.83 43.73 1.46
C LEU A 258 44.40 43.88 0.06
N LYS A 259 43.54 44.31 -0.86
CA LYS A 259 43.92 44.49 -2.25
C LYS A 259 45.07 45.48 -2.39
N GLU A 260 45.64 45.55 -3.59
CA GLU A 260 46.77 46.43 -3.85
C GLU A 260 46.46 47.87 -3.48
N SER A 261 45.19 48.14 -3.20
CA SER A 261 44.77 49.47 -2.78
C SER A 261 45.25 49.68 -1.35
N ASP A 262 44.92 48.72 -0.49
CA ASP A 262 45.30 48.73 0.92
C ASP A 262 46.80 48.51 1.07
N GLN A 263 47.33 47.55 0.33
CA GLN A 263 48.76 47.25 0.38
C GLN A 263 49.58 48.52 0.17
N ASN A 264 49.21 49.28 -0.85
CA ASN A 264 49.91 50.52 -1.15
C ASN A 264 49.67 51.53 -0.06
N SER A 265 48.46 51.55 0.49
CA SER A 265 48.16 52.49 1.56
C SER A 265 49.12 52.22 2.74
N ILE A 266 49.43 50.94 2.95
CA ILE A 266 50.33 50.53 4.02
C ILE A 266 51.76 50.91 3.67
N TRP A 267 52.18 50.53 2.48
CA TRP A 267 53.53 50.81 2.03
C TRP A 267 53.96 52.25 2.25
N ARG A 268 53.06 53.19 1.97
CA ARG A 268 53.37 54.60 2.15
C ARG A 268 53.80 54.89 3.57
N ILE A 269 53.00 54.46 4.53
CA ILE A 269 53.32 54.68 5.94
C ILE A 269 54.68 54.10 6.29
N LEU A 270 54.97 52.89 5.82
CA LEU A 270 56.28 52.33 6.13
C LEU A 270 57.37 53.21 5.51
N ALA A 271 57.16 53.62 4.26
CA ALA A 271 58.13 54.47 3.56
C ALA A 271 58.30 55.83 4.26
N ALA A 272 57.20 56.33 4.82
CA ALA A 272 57.21 57.59 5.53
C ALA A 272 58.09 57.46 6.77
N ILE A 273 57.90 56.37 7.51
CA ILE A 273 58.69 56.13 8.71
C ILE A 273 60.16 56.06 8.35
N LEU A 274 60.45 55.45 7.22
CA LEU A 274 61.82 55.35 6.76
C LEU A 274 62.40 56.70 6.42
N HIS A 275 61.60 57.55 5.78
CA HIS A 275 62.06 58.88 5.44
C HIS A 275 62.21 59.72 6.69
N ILE A 276 61.20 59.66 7.57
CA ILE A 276 61.25 60.43 8.82
C ILE A 276 62.59 60.20 9.52
N GLY A 277 63.06 58.96 9.48
CA GLY A 277 64.31 58.63 10.13
C GLY A 277 65.54 59.31 9.57
N ASN A 278 65.41 59.86 8.37
CA ASN A 278 66.54 60.53 7.75
C ASN A 278 66.49 62.04 7.88
N ILE A 279 65.53 62.55 8.63
CA ILE A 279 65.42 63.98 8.82
C ILE A 279 66.46 64.45 9.83
N THR A 280 67.35 65.33 9.39
CA THR A 280 68.38 65.87 10.25
C THR A 280 67.98 67.30 10.65
N PHE A 281 68.58 67.79 11.72
CA PHE A 281 68.27 69.13 12.21
C PHE A 281 69.50 70.04 12.30
N ALA A 282 69.28 71.31 11.99
CA ALA A 282 70.36 72.29 12.03
C ALA A 282 70.04 73.47 12.93
N GLU A 283 71.10 74.11 13.43
CA GLU A 283 70.96 75.26 14.30
C GLU A 283 70.45 76.44 13.47
N ALA A 284 69.15 76.70 13.57
CA ALA A 284 68.53 77.78 12.81
C ALA A 284 68.94 79.15 13.35
N ALA A 285 70.23 79.44 13.29
CA ALA A 285 70.75 80.72 13.77
C ALA A 285 70.08 81.82 12.95
N GLU A 286 68.87 82.20 13.38
CA GLU A 286 68.10 83.23 12.70
C GLU A 286 67.49 84.23 13.69
N GLN A 287 67.07 83.74 14.85
CA GLN A 287 66.47 84.63 15.85
C GLN A 287 67.45 85.63 16.46
N THR A 292 67.73 81.48 19.32
CA THR A 292 67.94 80.73 18.10
C THR A 292 67.04 79.49 18.07
N THR A 293 66.55 79.15 16.89
CA THR A 293 65.68 77.99 16.73
C THR A 293 66.45 76.87 16.03
N VAL A 294 65.73 75.81 15.64
CA VAL A 294 66.34 74.68 14.95
C VAL A 294 65.58 74.44 13.66
N LYS A 295 66.26 74.03 12.61
CA LYS A 295 65.59 73.78 11.36
C LYS A 295 66.05 72.48 10.69
N VAL A 296 65.22 71.97 9.79
CA VAL A 296 65.51 70.74 9.07
C VAL A 296 66.63 70.94 8.04
N SER A 297 67.57 70.00 8.03
CA SER A 297 68.69 70.05 7.09
C SER A 297 68.36 69.21 5.86
N ASP A 298 68.31 67.90 6.06
CA ASP A 298 67.99 66.97 4.99
C ASP A 298 66.56 67.17 4.55
N THR A 299 66.30 68.35 4.02
CA THR A 299 64.97 68.75 3.58
C THR A 299 64.30 67.79 2.62
N LYS A 300 65.05 67.27 1.64
CA LYS A 300 64.45 66.36 0.68
C LYS A 300 63.76 65.17 1.37
N SER A 301 64.33 64.70 2.48
CA SER A 301 63.72 63.60 3.20
C SER A 301 62.42 64.06 3.84
N LEU A 302 62.46 65.26 4.44
CA LEU A 302 61.28 65.85 5.08
C LEU A 302 60.18 66.04 4.04
N ALA A 303 60.60 66.20 2.79
CA ALA A 303 59.67 66.40 1.69
C ALA A 303 59.05 65.05 1.31
N ALA A 304 59.90 64.02 1.27
CA ALA A 304 59.48 62.68 0.93
C ALA A 304 58.53 62.14 1.99
N ALA A 305 58.85 62.41 3.25
CA ALA A 305 58.03 61.95 4.37
C ALA A 305 56.63 62.54 4.32
N ALA A 306 56.54 63.86 4.11
CA ALA A 306 55.26 64.55 4.04
C ALA A 306 54.54 64.13 2.76
N SER A 307 55.34 63.73 1.77
CA SER A 307 54.83 63.27 0.49
C SER A 307 54.04 61.97 0.67
N CYS A 308 54.64 61.02 1.39
CA CYS A 308 53.99 59.73 1.64
C CYS A 308 52.83 59.86 2.62
N LEU A 309 53.02 60.67 3.65
CA LEU A 309 51.98 60.86 4.64
C LEU A 309 50.85 61.71 4.10
N LYS A 310 51.08 62.30 2.94
CA LYS A 310 50.09 63.15 2.29
C LYS A 310 49.60 64.32 3.16
N THR A 311 50.54 65.10 3.68
CA THR A 311 50.23 66.27 4.52
C THR A 311 51.08 67.45 4.09
N ASP A 312 50.78 68.61 4.64
CA ASP A 312 51.54 69.81 4.32
C ASP A 312 52.97 69.74 4.82
N GLN A 313 53.90 69.68 3.88
CA GLN A 313 55.31 69.60 4.20
C GLN A 313 55.75 70.61 5.26
N GLN A 314 55.20 71.81 5.19
CA GLN A 314 55.56 72.85 6.14
C GLN A 314 55.04 72.56 7.54
N SER A 315 53.72 72.39 7.65
CA SER A 315 53.11 72.11 8.95
C SER A 315 53.89 71.03 9.66
N LEU A 316 54.34 70.03 8.91
CA LEU A 316 55.13 68.94 9.47
C LEU A 316 56.42 69.52 10.04
N SER A 317 57.20 70.16 9.17
CA SER A 317 58.45 70.75 9.59
C SER A 317 58.31 71.58 10.86
N ILE A 318 57.25 72.37 10.93
CA ILE A 318 57.00 73.22 12.10
C ILE A 318 56.67 72.40 13.33
N ALA A 319 56.06 71.24 13.13
CA ALA A 319 55.70 70.37 14.25
C ALA A 319 56.95 69.71 14.83
N LEU A 320 57.99 69.61 14.02
CA LEU A 320 59.24 69.00 14.45
C LEU A 320 60.17 69.99 15.13
N CYS A 321 59.96 71.28 14.89
CA CYS A 321 60.83 72.30 15.46
C CYS A 321 60.21 73.24 16.49
N TYR A 322 58.92 73.09 16.75
CA TYR A 322 58.25 73.94 17.73
C TYR A 322 57.14 73.21 18.48
N ARG A 323 56.75 73.75 19.62
CA ARG A 323 55.66 73.18 20.42
C ARG A 323 54.38 74.00 20.21
N SER A 324 53.55 74.08 21.24
CA SER A 324 52.30 74.85 21.18
C SER A 324 51.68 75.06 22.55
N VAL A 335 48.20 78.66 20.09
CA VAL A 335 48.57 79.54 18.99
C VAL A 335 50.01 80.04 19.17
N ILE A 336 50.61 79.69 20.31
CA ILE A 336 51.98 80.06 20.65
C ILE A 336 52.92 78.92 20.29
N SER A 337 54.00 79.23 19.58
CA SER A 337 54.95 78.21 19.16
C SER A 337 56.34 78.38 19.80
N VAL A 338 56.65 77.54 20.78
CA VAL A 338 57.94 77.63 21.46
C VAL A 338 58.98 76.76 20.74
N PRO A 339 60.08 77.39 20.28
CA PRO A 339 61.13 76.65 19.57
C PRO A 339 61.76 75.64 20.50
N MET A 340 62.30 74.57 19.95
CA MET A 340 62.95 73.55 20.77
C MET A 340 64.31 73.17 20.18
N ASP A 341 65.21 72.75 21.05
CA ASP A 341 66.57 72.37 20.68
C ASP A 341 66.72 71.13 19.82
N CYS A 342 67.90 70.99 19.21
CA CYS A 342 68.22 69.85 18.35
C CYS A 342 67.93 68.50 18.99
N ASN A 343 67.70 68.51 20.29
CA ASN A 343 67.39 67.28 21.03
C ASN A 343 65.90 67.02 21.07
N GLN A 344 65.14 67.99 21.54
CA GLN A 344 63.70 67.83 21.62
C GLN A 344 63.15 67.60 20.22
N ALA A 345 63.83 68.16 19.22
CA ALA A 345 63.41 68.00 17.84
C ALA A 345 63.58 66.54 17.44
N ALA A 346 64.78 66.02 17.66
CA ALA A 346 65.08 64.63 17.34
C ALA A 346 64.15 63.70 18.12
N TYR A 347 63.83 64.09 19.36
CA TYR A 347 62.94 63.31 20.20
C TYR A 347 61.57 63.21 19.53
N SER A 348 61.00 64.35 19.19
CA SER A 348 59.69 64.39 18.55
C SER A 348 59.69 63.62 17.24
N ARG A 349 60.79 63.70 16.50
CA ARG A 349 60.90 62.98 15.24
C ARG A 349 60.67 61.49 15.50
N ASP A 350 61.43 60.95 16.45
CA ASP A 350 61.33 59.55 16.81
C ASP A 350 60.00 59.20 17.45
N ALA A 351 59.42 60.13 18.19
CA ALA A 351 58.15 59.88 18.84
C ALA A 351 57.08 59.67 17.79
N LEU A 352 57.20 60.41 16.69
CA LEU A 352 56.23 60.34 15.60
C LEU A 352 56.32 58.99 14.90
N ALA A 353 57.54 58.61 14.53
CA ALA A 353 57.78 57.33 13.86
C ALA A 353 57.22 56.20 14.70
N LYS A 354 57.45 56.23 16.01
CA LYS A 354 56.97 55.21 16.92
C LYS A 354 55.45 55.15 17.01
N ALA A 355 54.80 56.31 16.99
CA ALA A 355 53.35 56.39 17.06
C ALA A 355 52.73 55.80 15.81
N LEU A 356 53.34 56.15 14.67
CA LEU A 356 52.89 55.66 13.39
C LEU A 356 52.86 54.12 13.31
N TYR A 357 53.97 53.49 13.68
CA TYR A 357 54.08 52.05 13.62
C TYR A 357 53.16 51.35 14.59
N GLU A 358 53.11 51.86 15.82
CA GLU A 358 52.27 51.27 16.86
C GLU A 358 50.82 51.26 16.41
N ARG A 359 50.39 52.38 15.85
CA ARG A 359 49.03 52.53 15.37
C ARG A 359 48.80 51.65 14.15
N LEU A 360 49.72 51.73 13.19
CA LEU A 360 49.58 50.93 11.97
C LEU A 360 49.43 49.47 12.37
N PHE A 361 50.24 49.00 13.32
CA PHE A 361 50.14 47.62 13.76
C PHE A 361 48.79 47.30 14.39
N ASN A 362 48.39 48.12 15.37
CA ASN A 362 47.11 47.92 16.03
C ASN A 362 45.97 47.95 15.03
N TRP A 363 46.15 48.73 13.97
CA TRP A 363 45.16 48.83 12.93
C TRP A 363 45.12 47.52 12.15
N LEU A 364 46.31 47.09 11.73
CA LEU A 364 46.45 45.86 10.98
C LEU A 364 45.74 44.70 11.67
N VAL A 365 45.88 44.56 13.00
CA VAL A 365 45.20 43.45 13.65
C VAL A 365 43.68 43.60 13.58
N SER A 366 43.16 44.76 13.95
CA SER A 366 41.71 44.96 13.90
C SER A 366 41.23 44.79 12.46
N LYS A 367 42.05 45.19 11.51
CA LYS A 367 41.67 45.06 10.11
C LYS A 367 41.48 43.59 9.81
N ILE A 368 42.37 42.77 10.35
CA ILE A 368 42.27 41.34 10.15
C ILE A 368 41.04 40.83 10.89
N ASN A 369 40.93 41.18 12.17
CA ASN A 369 39.79 40.77 12.98
C ASN A 369 38.47 41.03 12.26
N THR A 370 38.48 42.04 11.39
CA THR A 370 37.28 42.38 10.63
C THR A 370 36.89 41.24 9.70
N ILE A 371 37.88 40.70 8.99
CA ILE A 371 37.63 39.62 8.04
C ILE A 371 37.51 38.26 8.73
N ILE A 372 38.14 38.10 9.89
CA ILE A 372 38.14 36.83 10.58
C ILE A 372 37.14 36.62 11.71
N ASN A 373 36.92 37.65 12.50
CA ASN A 373 36.01 37.52 13.63
C ASN A 373 34.56 37.32 13.25
N CYS A 374 33.96 36.21 13.71
CA CYS A 374 32.56 35.91 13.41
C CYS A 374 31.62 36.48 14.46
N THR A 375 30.79 37.45 14.05
CA THR A 375 29.85 38.06 14.97
C THR A 375 28.49 37.38 14.87
N THR A 376 28.18 36.83 13.70
CA THR A 376 26.93 36.14 13.49
C THR A 376 26.70 35.09 14.56
N GLU A 377 27.26 33.89 14.32
CA GLU A 377 27.13 32.75 15.22
C GLU A 377 27.84 32.89 16.57
N LYS A 378 27.36 32.13 17.55
CA LYS A 378 27.95 32.10 18.87
C LYS A 378 28.31 30.64 19.09
N GLY A 379 29.49 30.38 19.65
CA GLY A 379 29.89 29.00 19.87
C GLY A 379 31.06 28.86 20.80
N PRO A 380 31.57 27.63 21.01
CA PRO A 380 32.71 27.38 21.89
C PRO A 380 33.99 27.90 21.25
N VAL A 381 34.96 28.25 22.09
CA VAL A 381 36.23 28.79 21.65
C VAL A 381 37.46 28.08 22.19
N ILE A 382 38.54 28.09 21.42
CA ILE A 382 39.77 27.49 21.88
C ILE A 382 40.83 28.57 21.77
N GLY A 383 41.26 29.10 22.90
CA GLY A 383 42.27 30.14 22.89
C GLY A 383 43.66 29.56 22.90
N ILE A 384 44.60 30.29 22.31
CA ILE A 384 45.99 29.88 22.26
C ILE A 384 46.80 31.10 22.65
N LEU A 385 47.62 30.97 23.69
CA LEU A 385 48.42 32.10 24.14
C LEU A 385 49.85 32.05 23.65
N ASP A 386 50.31 33.14 23.06
CA ASP A 386 51.67 33.23 22.57
C ASP A 386 52.23 34.61 22.93
N ILE A 387 52.95 34.69 24.05
CA ILE A 387 53.51 35.95 24.51
C ILE A 387 55.01 36.04 24.27
N TYR A 388 55.57 37.23 24.43
CA TYR A 388 57.01 37.39 24.28
C TYR A 388 57.59 36.74 25.51
N GLY A 389 58.54 35.84 25.34
CA GLY A 389 59.13 35.17 26.49
C GLY A 389 60.19 35.96 27.24
N PHE A 390 60.53 35.48 28.43
CA PHE A 390 61.53 36.09 29.29
C PHE A 390 62.88 36.33 28.61
N GLU A 391 63.36 37.56 28.65
CA GLU A 391 64.63 37.89 28.02
C GLU A 391 65.51 38.78 28.89
N VAL A 392 66.81 38.67 28.69
CA VAL A 392 67.78 39.45 29.43
C VAL A 392 68.90 39.84 28.47
N PHE A 393 69.14 41.14 28.32
CA PHE A 393 70.17 41.64 27.42
C PHE A 393 71.25 42.41 28.14
N GLN A 394 72.28 42.84 27.40
CA GLN A 394 73.36 43.62 27.98
C GLN A 394 72.76 44.78 28.73
N ASN A 395 71.82 45.46 28.07
CA ASN A 395 71.13 46.60 28.68
C ASN A 395 69.64 46.34 28.63
N ASN A 396 69.01 46.29 29.79
CA ASN A 396 67.57 46.05 29.85
C ASN A 396 66.89 47.33 30.20
N SER A 397 65.84 47.67 29.45
CA SER A 397 65.10 48.90 29.68
C SER A 397 63.64 48.62 29.99
N PHE A 398 62.81 49.65 29.85
CA PHE A 398 61.38 49.56 30.13
C PHE A 398 60.67 48.39 29.43
N GLU A 399 60.96 48.20 28.14
CA GLU A 399 60.36 47.11 27.38
C GLU A 399 60.60 45.76 28.05
N GLN A 400 61.85 45.48 28.41
CA GLN A 400 62.18 44.22 29.05
C GLN A 400 61.42 44.03 30.36
N LEU A 401 61.31 45.09 31.15
CA LEU A 401 60.60 44.99 32.44
C LEU A 401 59.19 44.50 32.24
N ASN A 402 58.53 45.01 31.19
CA ASN A 402 57.15 44.62 30.88
C ASN A 402 57.09 43.17 30.38
N ILE A 403 57.91 42.84 29.38
CA ILE A 403 57.96 41.49 28.83
C ILE A 403 58.17 40.50 29.96
N ASN A 404 59.18 40.75 30.79
CA ASN A 404 59.49 39.86 31.90
C ASN A 404 58.32 39.84 32.90
N PHE A 405 57.81 41.02 33.26
CA PHE A 405 56.68 41.09 34.18
C PHE A 405 55.56 40.20 33.66
N CYS A 406 55.35 40.26 32.35
CA CYS A 406 54.32 39.44 31.71
C CYS A 406 54.62 37.95 31.89
N ASN A 407 55.90 37.57 31.83
CA ASN A 407 56.26 36.15 32.00
C ASN A 407 56.12 35.74 33.44
N GLU A 408 56.24 36.72 34.33
CA GLU A 408 56.09 36.49 35.77
C GLU A 408 54.65 36.12 36.02
N LYS A 409 53.73 36.91 35.46
CA LYS A 409 52.30 36.65 35.61
C LYS A 409 51.94 35.26 35.09
N LEU A 410 52.44 34.94 33.91
CA LEU A 410 52.15 33.65 33.30
C LEU A 410 52.64 32.56 34.22
N GLN A 411 53.82 32.74 34.79
CA GLN A 411 54.41 31.77 35.71
C GLN A 411 53.52 31.62 36.94
N GLN A 412 53.07 32.75 37.44
CA GLN A 412 52.19 32.78 38.61
C GLN A 412 50.94 31.96 38.32
N LEU A 413 50.43 32.07 37.09
CA LEU A 413 49.23 31.33 36.69
C LEU A 413 49.47 29.82 36.68
N PHE A 414 50.54 29.40 36.00
CA PHE A 414 50.85 27.97 35.98
C PHE A 414 50.84 27.44 37.41
N ILE A 415 51.56 28.12 38.30
CA ILE A 415 51.62 27.71 39.69
C ILE A 415 50.24 27.63 40.30
N GLU A 416 49.50 28.74 40.26
CA GLU A 416 48.15 28.76 40.84
C GLU A 416 47.31 27.59 40.34
N LEU A 417 47.51 27.19 39.08
CA LEU A 417 46.78 26.05 38.53
C LEU A 417 47.53 24.76 38.85
N THR A 418 48.45 24.42 37.97
CA THR A 418 49.27 23.24 38.05
C THR A 418 49.80 22.74 39.42
N LEU A 419 50.29 23.62 40.30
CA LEU A 419 50.82 23.11 41.58
C LEU A 419 50.00 23.45 42.82
N LYS A 420 49.80 24.74 43.06
CA LYS A 420 49.05 25.17 44.23
C LYS A 420 47.62 24.65 44.21
N SER A 421 46.85 25.03 43.20
CA SER A 421 45.48 24.59 43.12
C SER A 421 45.31 23.10 43.32
N GLU A 422 45.89 22.28 42.44
CA GLU A 422 45.73 20.83 42.56
C GLU A 422 45.94 20.31 43.97
N GLN A 423 47.08 20.63 44.55
CA GLN A 423 47.41 20.20 45.92
C GLN A 423 46.42 20.71 46.96
N GLU A 424 46.16 22.01 46.91
CA GLU A 424 45.26 22.64 47.85
C GLU A 424 43.93 21.91 47.90
N GLU A 425 43.60 21.20 46.84
CA GLU A 425 42.36 20.44 46.81
C GLU A 425 42.54 19.19 47.66
N TYR A 426 43.56 18.40 47.32
CA TYR A 426 43.83 17.17 48.04
C TYR A 426 43.54 17.23 49.53
N VAL A 427 43.85 18.34 50.18
CA VAL A 427 43.57 18.43 51.60
C VAL A 427 42.12 18.86 51.83
N ARG A 428 41.71 19.89 51.11
CA ARG A 428 40.35 20.42 51.23
C ARG A 428 39.28 19.34 51.04
N GLU A 429 39.63 18.28 50.32
CA GLU A 429 38.71 17.16 50.10
C GLU A 429 38.99 16.11 51.16
N GLY A 430 40.16 16.23 51.77
CA GLY A 430 40.57 15.31 52.82
C GLY A 430 41.17 14.02 52.29
N ILE A 431 42.17 14.14 51.43
CA ILE A 431 42.83 12.97 50.87
C ILE A 431 44.27 12.89 51.35
N GLU A 432 44.49 12.20 52.47
CA GLU A 432 45.82 12.02 53.05
C GLU A 432 46.84 12.49 52.04
N TRP A 433 47.49 13.61 52.35
CA TRP A 433 48.44 14.18 51.42
C TRP A 433 49.74 14.69 52.01
N LYS A 434 50.86 14.23 51.46
CA LYS A 434 52.17 14.69 51.91
C LYS A 434 52.43 15.97 51.11
N ASN A 435 52.17 17.11 51.74
CA ASN A 435 52.34 18.41 51.10
C ASN A 435 53.68 18.57 50.37
N ILE A 436 53.64 18.44 49.05
CA ILE A 436 54.84 18.58 48.22
C ILE A 436 55.05 20.07 48.00
N GLU A 437 56.03 20.65 48.70
CA GLU A 437 56.29 22.08 48.58
C GLU A 437 57.00 22.50 47.31
N TYR A 438 56.24 23.17 46.46
CA TYR A 438 56.75 23.68 45.21
C TYR A 438 57.53 24.95 45.54
N PHE A 439 58.84 24.80 45.59
CA PHE A 439 59.77 25.87 45.90
C PHE A 439 59.13 27.27 46.00
N ASN A 440 59.55 28.15 45.10
CA ASN A 440 59.07 29.53 45.08
C ASN A 440 57.65 29.63 44.57
N ASN A 441 56.84 30.41 45.28
CA ASN A 441 55.44 30.62 44.91
C ASN A 441 55.43 31.84 44.01
N LYS A 442 56.50 32.64 44.12
CA LYS A 442 56.69 33.84 43.32
C LYS A 442 55.59 34.89 43.16
N PRO A 443 54.45 34.74 43.85
CA PRO A 443 53.47 35.79 43.62
C PRO A 443 53.99 37.08 44.25
N ILE A 444 55.18 37.01 44.80
CA ILE A 444 55.79 38.16 45.43
C ILE A 444 56.50 39.04 44.41
N CYS A 445 56.90 38.46 43.28
CA CYS A 445 57.53 39.24 42.23
C CYS A 445 56.48 40.05 41.50
N GLU A 446 55.22 39.62 41.63
CA GLU A 446 54.14 40.36 41.01
C GLU A 446 53.91 41.52 41.97
N LEU A 447 53.48 41.16 43.18
CA LEU A 447 53.18 42.14 44.20
C LEU A 447 54.16 43.31 44.18
N ILE A 448 55.45 43.03 43.97
CA ILE A 448 56.43 44.09 43.96
C ILE A 448 56.31 44.97 42.74
N GLU A 449 55.22 44.84 42.00
CA GLU A 449 55.07 45.66 40.81
C GLU A 449 53.69 45.75 40.17
N LYS A 450 52.67 46.05 40.97
CA LYS A 450 51.31 46.16 40.47
C LYS A 450 50.45 47.17 41.24
N LYS A 451 50.08 46.83 42.49
CA LYS A 451 49.21 47.70 43.29
C LYS A 451 49.92 48.79 44.11
N PRO A 452 49.16 49.70 44.79
CA PRO A 452 49.69 50.83 45.62
C PRO A 452 51.00 50.52 46.30
N ILE A 453 52.08 51.16 45.87
CA ILE A 453 53.41 50.89 46.42
C ILE A 453 53.99 49.68 45.66
N GLY A 454 54.04 49.80 44.34
CA GLY A 454 54.56 48.73 43.50
C GLY A 454 55.37 49.44 42.44
N LEU A 455 56.26 48.74 41.78
CA LEU A 455 57.08 49.37 40.76
C LEU A 455 56.32 50.25 39.78
N ILE A 456 55.43 49.67 38.98
CA ILE A 456 54.73 50.50 38.01
C ILE A 456 53.77 51.50 38.63
N SER A 457 53.37 51.26 39.87
CA SER A 457 52.47 52.21 40.53
C SER A 457 53.28 53.42 41.01
N LEU A 458 54.50 53.19 41.46
CA LEU A 458 55.36 54.28 41.90
C LEU A 458 55.79 55.08 40.66
N LEU A 459 56.25 54.37 39.64
CA LEU A 459 56.70 54.99 38.41
C LEU A 459 55.56 55.80 37.79
N ASP A 460 54.34 55.32 37.99
CA ASP A 460 53.16 56.01 37.46
C ASP A 460 52.98 57.34 38.19
N GLU A 461 52.78 57.24 39.50
CA GLU A 461 52.58 58.39 40.36
C GLU A 461 53.75 59.38 40.28
N ALA A 462 54.94 58.87 40.00
CA ALA A 462 56.11 59.72 39.88
C ALA A 462 56.03 60.54 38.59
N CYS A 463 55.22 60.08 37.64
CA CYS A 463 55.05 60.77 36.36
C CYS A 463 54.23 62.04 36.55
N LEU A 464 53.34 62.01 37.52
CA LEU A 464 52.48 63.13 37.81
C LEU A 464 53.26 64.36 38.28
N ILE A 465 54.30 64.14 39.08
CA ILE A 465 55.12 65.22 39.58
C ILE A 465 56.03 65.76 38.47
N ALA A 466 55.62 66.87 37.88
CA ALA A 466 56.35 67.48 36.77
C ALA A 466 57.80 67.84 37.06
N LYS A 467 58.21 67.68 38.32
CA LYS A 467 59.58 68.01 38.67
C LYS A 467 60.52 66.80 38.69
N SER A 468 60.00 65.65 39.12
CA SER A 468 60.78 64.42 39.21
C SER A 468 61.44 63.99 37.90
N THR A 469 62.52 63.21 38.02
CA THR A 469 63.29 62.71 36.89
C THR A 469 63.58 61.22 37.10
N ASP A 470 64.03 60.56 36.04
CA ASP A 470 64.36 59.14 36.12
C ASP A 470 65.07 58.84 37.42
N GLN A 471 66.06 59.67 37.75
CA GLN A 471 66.85 59.50 38.96
C GLN A 471 66.04 59.57 40.25
N THR A 472 65.20 60.59 40.40
CA THR A 472 64.39 60.75 41.60
C THR A 472 63.46 59.55 41.77
N PHE A 473 63.09 58.94 40.65
CA PHE A 473 62.22 57.78 40.66
C PHE A 473 62.98 56.58 41.21
N LEU A 474 64.22 56.42 40.77
CA LEU A 474 65.04 55.32 41.22
C LEU A 474 65.14 55.35 42.74
N ASP A 475 65.24 56.56 43.30
CA ASP A 475 65.37 56.73 44.74
C ASP A 475 64.12 56.26 45.47
N SER A 476 62.97 56.54 44.89
CA SER A 476 61.70 56.13 45.48
C SER A 476 61.77 54.62 45.66
N ILE A 477 61.95 53.93 44.55
CA ILE A 477 62.03 52.48 44.54
C ILE A 477 63.04 51.97 45.56
N CYS A 478 64.26 52.46 45.45
CA CYS A 478 65.34 52.03 46.33
C CYS A 478 65.06 52.24 47.80
N LYS A 479 64.36 53.31 48.11
CA LYS A 479 64.01 53.61 49.50
C LYS A 479 62.79 52.78 49.90
N GLN A 480 61.73 52.88 49.11
CA GLN A 480 60.48 52.18 49.38
C GLN A 480 60.65 50.68 49.54
N PHE A 481 61.66 50.13 48.90
CA PHE A 481 61.91 48.70 48.97
C PHE A 481 63.26 48.40 49.61
N GLU A 482 63.94 47.39 49.06
CA GLU A 482 65.23 47.00 49.61
C GLU A 482 65.11 46.89 51.11
N LYS A 483 64.36 45.87 51.47
CA LYS A 483 64.03 45.44 52.81
C LYS A 483 63.04 44.39 52.34
N ASN A 484 62.90 44.39 51.02
CA ASN A 484 62.06 43.50 50.26
C ASN A 484 63.01 42.78 49.32
N PRO A 485 62.98 41.43 49.30
CA PRO A 485 63.88 40.68 48.42
C PRO A 485 63.43 40.94 46.99
N HIS A 486 64.06 40.31 46.02
CA HIS A 486 63.66 40.52 44.64
C HIS A 486 64.07 41.90 44.10
N LEU A 487 64.42 42.81 44.99
CA LEU A 487 64.85 44.15 44.58
C LEU A 487 66.14 44.60 45.27
N GLN A 488 67.15 44.90 44.47
CA GLN A 488 68.44 45.35 44.99
C GLN A 488 68.88 46.62 44.26
N SER A 489 69.91 47.25 44.79
CA SER A 489 70.48 48.45 44.20
C SER A 489 71.83 48.69 44.85
N TYR A 490 72.69 49.41 44.13
CA TYR A 490 74.01 49.70 44.63
C TYR A 490 73.94 50.36 45.98
N VAL A 491 73.04 51.33 46.09
CA VAL A 491 72.85 52.07 47.32
C VAL A 491 72.70 51.17 48.55
N VAL A 492 71.53 50.58 48.74
CA VAL A 492 71.31 49.72 49.91
C VAL A 492 72.26 48.53 49.94
N SER A 493 72.06 47.59 49.01
CA SER A 493 72.90 46.39 48.94
C SER A 493 74.16 46.76 48.19
N LYS A 494 75.05 47.48 48.86
CA LYS A 494 76.32 47.96 48.30
C LYS A 494 76.98 46.94 47.36
N ASP A 495 76.40 46.78 46.18
CA ASP A 495 76.87 45.83 45.17
C ASP A 495 77.15 46.54 43.85
N ARG A 496 78.43 46.66 43.50
CA ARG A 496 78.84 47.33 42.27
C ARG A 496 78.18 46.77 41.01
N SER A 497 77.72 45.53 41.06
CA SER A 497 77.09 44.92 39.90
C SER A 497 75.94 45.77 39.39
N ILE A 498 75.27 46.47 40.31
CA ILE A 498 74.15 47.34 39.98
C ILE A 498 74.67 48.72 39.62
N GLY A 499 74.49 49.13 38.37
CA GLY A 499 74.96 50.44 37.96
C GLY A 499 74.36 51.53 38.84
N ASP A 500 74.79 52.77 38.66
CA ASP A 500 74.29 53.90 39.45
C ASP A 500 72.91 54.39 39.03
N THR A 501 72.51 54.02 37.82
CA THR A 501 71.22 54.41 37.29
C THR A 501 70.36 53.18 37.08
N CYS A 502 70.73 52.07 37.72
CA CYS A 502 70.00 50.83 37.57
C CYS A 502 69.45 50.28 38.88
N PHE A 503 68.78 49.14 38.77
CA PHE A 503 68.23 48.44 39.92
C PHE A 503 68.03 46.97 39.53
N ARG A 504 68.40 46.08 40.43
CA ARG A 504 68.31 44.64 40.21
C ARG A 504 66.94 44.11 40.62
N LEU A 505 66.38 43.26 39.78
CA LEU A 505 65.08 42.66 40.09
C LEU A 505 65.29 41.16 39.99
N LYS A 506 65.01 40.45 41.08
CA LYS A 506 65.18 39.00 41.11
C LYS A 506 63.95 38.27 40.61
N HIS A 507 63.84 38.18 39.29
CA HIS A 507 62.71 37.51 38.65
C HIS A 507 62.71 36.04 38.97
N TYR A 508 61.60 35.37 38.67
CA TYR A 508 61.48 33.93 38.91
C TYR A 508 62.47 33.16 38.03
N ALA A 509 62.81 33.73 36.88
CA ALA A 509 63.71 33.11 35.92
C ALA A 509 65.15 33.65 35.94
N GLY A 510 65.52 34.32 37.03
CA GLY A 510 66.87 34.86 37.14
C GLY A 510 66.89 36.35 37.41
N ASP A 511 68.04 36.88 37.77
CA ASP A 511 68.17 38.31 38.05
C ASP A 511 68.31 39.13 36.77
N VAL A 512 67.69 40.32 36.77
CA VAL A 512 67.76 41.22 35.63
C VAL A 512 68.04 42.62 36.16
N THR A 513 68.87 43.37 35.42
CA THR A 513 69.21 44.73 35.84
C THR A 513 68.62 45.75 34.86
N TYR A 514 67.64 46.51 35.35
CA TYR A 514 66.98 47.52 34.53
C TYR A 514 67.61 48.89 34.69
N ASP A 515 67.74 49.59 33.57
CA ASP A 515 68.32 50.93 33.57
C ASP A 515 67.15 51.91 33.56
N VAL A 516 67.01 52.67 34.63
CA VAL A 516 65.93 53.65 34.78
C VAL A 516 65.88 54.74 33.70
N ARG A 517 66.96 54.91 32.96
CA ARG A 517 67.04 55.92 31.90
C ARG A 517 65.88 55.88 30.90
N GLY A 518 65.11 56.95 30.85
CA GLY A 518 64.00 57.03 29.93
C GLY A 518 62.70 56.42 30.39
N PHE A 519 62.69 55.85 31.59
CA PHE A 519 61.49 55.21 32.13
C PHE A 519 60.28 56.13 32.24
N LEU A 520 60.49 57.41 32.55
CA LEU A 520 59.36 58.31 32.69
C LEU A 520 58.67 58.61 31.38
N ASP A 521 59.42 59.11 30.41
CA ASP A 521 58.80 59.45 29.13
C ASP A 521 58.31 58.21 28.41
N LYS A 522 58.82 57.04 28.79
CA LYS A 522 58.38 55.79 28.17
C LYS A 522 57.01 55.41 28.73
N ASN A 523 56.82 55.66 30.03
CA ASN A 523 55.57 55.35 30.70
C ASN A 523 54.56 56.44 30.39
N LYS A 524 55.04 57.68 30.29
CA LYS A 524 54.16 58.79 29.97
C LYS A 524 53.51 58.49 28.63
N ASP A 525 54.35 58.11 27.67
CA ASP A 525 53.86 57.77 26.34
C ASP A 525 53.02 58.88 25.72
N THR A 526 53.60 60.07 25.61
CA THR A 526 52.87 61.20 25.05
C THR A 526 53.34 61.69 23.69
N LEU A 527 52.37 62.17 22.91
CA LEU A 527 52.63 62.69 21.58
C LEU A 527 51.92 64.04 21.54
N PHE A 528 52.67 65.12 21.34
CA PHE A 528 52.09 66.46 21.31
C PHE A 528 51.08 66.67 20.20
N GLY A 529 50.03 67.44 20.54
CA GLY A 529 48.95 67.74 19.62
C GLY A 529 49.36 68.26 18.26
N ASP A 530 50.45 69.03 18.21
CA ASP A 530 50.92 69.57 16.93
C ASP A 530 51.25 68.45 15.96
N LEU A 531 51.94 67.43 16.45
CA LEU A 531 52.30 66.28 15.62
C LEU A 531 51.02 65.53 15.22
N ILE A 532 50.15 65.30 16.20
CA ILE A 532 48.89 64.62 15.95
C ILE A 532 48.10 65.34 14.87
N SER A 533 47.81 66.61 15.10
CA SER A 533 47.06 67.42 14.15
C SER A 533 47.70 67.43 12.76
N SER A 534 49.03 67.50 12.72
CA SER A 534 49.75 67.49 11.44
C SER A 534 49.46 66.22 10.63
N MET A 535 49.04 65.16 11.32
CA MET A 535 48.72 63.91 10.68
C MET A 535 47.24 63.86 10.31
N GLN A 536 46.40 64.32 11.22
CA GLN A 536 44.96 64.33 10.99
C GLN A 536 44.71 65.14 9.74
N SER A 537 45.57 66.13 9.50
CA SER A 537 45.47 66.99 8.33
C SER A 537 45.81 66.22 7.04
N SER A 538 46.11 64.94 7.16
CA SER A 538 46.45 64.13 5.99
C SER A 538 45.23 63.88 5.12
N SER A 539 45.46 63.67 3.83
CA SER A 539 44.37 63.38 2.90
C SER A 539 44.23 61.87 2.69
N ASP A 540 45.27 61.11 3.04
CA ASP A 540 45.23 59.66 2.89
C ASP A 540 44.25 59.08 3.90
N PRO A 541 43.24 58.35 3.42
CA PRO A 541 42.24 57.75 4.30
C PRO A 541 42.85 56.93 5.44
N LEU A 542 43.99 56.29 5.19
CA LEU A 542 44.65 55.49 6.21
C LEU A 542 45.28 56.38 7.28
N VAL A 543 46.24 57.19 6.87
CA VAL A 543 46.91 58.09 7.79
C VAL A 543 45.94 58.67 8.79
N GLN A 544 45.01 59.49 8.33
CA GLN A 544 44.05 60.09 9.24
C GLN A 544 43.28 59.04 10.01
N GLY A 545 43.23 57.83 9.45
CA GLY A 545 42.54 56.74 10.13
C GLY A 545 43.28 56.39 11.40
N LEU A 546 44.61 56.38 11.32
CA LEU A 546 45.46 56.08 12.47
C LEU A 546 45.27 57.14 13.57
N PHE A 547 44.95 58.37 13.18
CA PHE A 547 44.71 59.45 14.15
C PHE A 547 43.31 60.04 13.95
N PRO A 548 42.31 59.42 14.56
CA PRO A 548 40.91 59.87 14.46
C PRO A 548 40.65 61.25 15.05
N GLU A 560 46.95 57.33 30.08
CA GLU A 560 46.97 56.40 31.21
C GLU A 560 48.16 55.47 31.14
N THR A 561 49.33 56.01 31.48
CA THR A 561 50.59 55.29 31.47
C THR A 561 50.63 53.90 30.86
N ALA A 562 51.53 53.71 29.90
CA ALA A 562 51.69 52.43 29.23
C ALA A 562 51.75 51.33 30.26
N GLY A 563 52.38 51.61 31.38
CA GLY A 563 52.53 50.63 32.46
C GLY A 563 51.25 50.13 33.09
N SER A 564 50.52 51.04 33.75
CA SER A 564 49.27 50.68 34.40
C SER A 564 48.30 50.07 33.38
N GLN A 565 48.43 50.48 32.13
CA GLN A 565 47.57 49.99 31.07
C GLN A 565 47.90 48.55 30.71
N PHE A 566 49.19 48.24 30.62
CA PHE A 566 49.64 46.89 30.31
C PHE A 566 49.29 46.03 31.51
N ARG A 567 49.32 46.63 32.68
CA ARG A 567 48.99 45.90 33.90
C ARG A 567 47.56 45.42 33.83
N ASN A 568 46.68 46.21 33.19
CA ASN A 568 45.27 45.83 33.07
C ASN A 568 45.11 44.72 32.06
N ALA A 569 45.77 44.91 30.93
CA ALA A 569 45.73 43.95 29.85
C ALA A 569 46.10 42.58 30.38
N MET A 570 47.12 42.53 31.23
CA MET A 570 47.58 41.26 31.80
C MET A 570 46.61 40.65 32.80
N ASN A 571 46.03 41.46 33.65
CA ASN A 571 45.07 40.95 34.62
C ASN A 571 43.79 40.51 33.93
N ALA A 572 43.47 41.19 32.84
CA ALA A 572 42.28 40.85 32.07
C ALA A 572 42.56 39.50 31.42
N LEU A 573 43.75 39.38 30.84
CA LEU A 573 44.14 38.15 30.15
C LEU A 573 44.10 36.99 31.12
N ILE A 574 44.64 37.20 32.32
CA ILE A 574 44.65 36.13 33.30
C ILE A 574 43.28 35.69 33.77
N THR A 575 42.34 36.62 33.94
CA THR A 575 41.02 36.21 34.38
C THR A 575 40.29 35.45 33.27
N THR A 576 40.61 35.76 32.04
CA THR A 576 39.94 35.05 30.96
C THR A 576 40.51 33.64 30.81
N LEU A 577 41.80 33.48 31.03
CA LEU A 577 42.40 32.14 30.91
C LEU A 577 41.89 31.23 32.03
N LEU A 578 41.46 31.84 33.14
CA LEU A 578 40.94 31.06 34.25
C LEU A 578 39.46 30.79 34.08
N ALA A 579 38.97 30.91 32.85
CA ALA A 579 37.57 30.67 32.57
C ALA A 579 37.44 29.58 31.52
N CYS A 580 38.55 28.87 31.27
CA CYS A 580 38.57 27.80 30.27
C CYS A 580 39.24 26.58 30.87
N SER A 581 39.22 25.48 30.13
CA SER A 581 39.87 24.26 30.59
C SER A 581 41.30 24.37 30.08
N PRO A 582 42.27 24.38 31.00
CA PRO A 582 43.71 24.49 30.71
C PRO A 582 44.35 23.28 30.03
N HIS A 583 45.37 23.59 29.24
CA HIS A 583 46.17 22.61 28.50
C HIS A 583 47.51 23.29 28.52
N TYR A 584 48.54 22.62 29.03
CA TYR A 584 49.83 23.26 29.13
C TYR A 584 50.93 22.70 28.27
N VAL A 585 51.72 23.60 27.71
CA VAL A 585 52.86 23.27 26.89
C VAL A 585 53.96 24.08 27.52
N ARG A 586 55.11 23.49 27.78
CA ARG A 586 56.21 24.25 28.35
C ARG A 586 57.47 24.02 27.53
N CYS A 587 57.88 25.05 26.81
CA CYS A 587 59.06 24.98 25.96
C CYS A 587 60.35 25.25 26.72
N ILE A 588 61.38 24.47 26.40
CA ILE A 588 62.70 24.58 27.01
C ILE A 588 63.68 24.94 25.92
N LYS A 589 64.43 26.02 26.09
CA LYS A 589 65.41 26.40 25.10
C LYS A 589 66.59 25.42 25.25
N SER A 590 66.89 24.69 24.19
CA SER A 590 67.97 23.68 24.19
C SER A 590 69.36 24.27 24.43
N ASN A 591 69.61 25.42 23.82
CA ASN A 591 70.90 26.10 23.95
C ASN A 591 70.79 27.52 23.39
N ASP A 592 71.79 28.34 23.68
CA ASP A 592 71.78 29.72 23.23
C ASP A 592 72.53 29.97 21.94
N ASN A 593 72.74 28.93 21.14
CA ASN A 593 73.46 29.09 19.88
C ASN A 593 72.69 28.57 18.69
N LYS A 594 71.45 28.16 18.92
CA LYS A 594 70.59 27.65 17.87
C LYS A 594 71.19 26.40 17.26
N GLN A 595 72.08 25.74 18.00
CA GLN A 595 72.71 24.51 17.54
C GLN A 595 71.72 23.36 17.55
N ALA A 596 71.56 22.71 16.41
CA ALA A 596 70.66 21.59 16.33
C ALA A 596 71.23 20.44 17.15
N GLY A 597 70.36 19.71 17.82
CA GLY A 597 70.83 18.58 18.61
C GLY A 597 71.92 18.85 19.64
N VAL A 598 71.77 19.88 20.45
CA VAL A 598 72.75 20.20 21.49
C VAL A 598 72.08 20.66 22.78
N ILE A 599 72.57 20.16 23.91
CA ILE A 599 72.01 20.55 25.19
C ILE A 599 73.01 21.34 26.01
N ASP A 600 72.52 22.39 26.66
CA ASP A 600 73.33 23.25 27.51
C ASP A 600 72.97 22.86 28.94
N GLU A 601 73.51 21.73 29.37
CA GLU A 601 73.25 21.18 30.70
C GLU A 601 72.78 22.18 31.75
N ASP A 602 73.66 23.08 32.17
CA ASP A 602 73.33 24.07 33.20
C ASP A 602 72.09 24.86 32.83
N ARG A 603 72.17 25.50 31.68
CA ARG A 603 71.12 26.33 31.14
C ARG A 603 69.77 25.63 31.21
N VAL A 604 69.71 24.39 30.78
CA VAL A 604 68.47 23.62 30.80
C VAL A 604 68.11 23.21 32.22
N ARG A 605 69.12 22.96 33.03
CA ARG A 605 68.87 22.58 34.41
C ARG A 605 68.20 23.77 35.13
N HIS A 606 68.63 24.98 34.80
CA HIS A 606 68.08 26.19 35.40
C HIS A 606 66.60 26.26 35.09
N GLN A 607 66.26 26.21 33.81
CA GLN A 607 64.86 26.27 33.39
C GLN A 607 64.01 25.22 34.09
N VAL A 608 64.49 23.97 34.06
CA VAL A 608 63.79 22.86 34.70
C VAL A 608 63.54 23.17 36.16
N ARG A 609 64.43 23.95 36.75
CA ARG A 609 64.29 24.28 38.15
C ARG A 609 63.33 25.43 38.40
N TYR A 610 63.56 26.58 37.78
CA TYR A 610 62.68 27.69 38.06
C TYR A 610 61.26 27.48 37.54
N LEU A 611 61.11 26.56 36.59
CA LEU A 611 59.79 26.26 36.06
C LEU A 611 59.04 25.38 37.05
N GLY A 612 59.76 24.57 37.80
CA GLY A 612 59.12 23.69 38.76
C GLY A 612 58.62 22.40 38.17
N LEU A 613 59.25 21.98 37.07
CA LEU A 613 58.85 20.74 36.42
C LEU A 613 59.08 19.54 37.33
N LEU A 614 60.12 19.55 38.15
CA LEU A 614 60.36 18.41 39.02
C LEU A 614 59.29 18.35 40.07
N GLU A 615 58.92 19.50 40.61
CA GLU A 615 57.89 19.54 41.63
C GLU A 615 56.56 19.20 40.99
N ASN A 616 56.61 18.90 39.69
CA ASN A 616 55.41 18.54 38.94
C ASN A 616 55.34 17.03 38.91
N VAL A 617 56.40 16.41 38.41
CA VAL A 617 56.48 14.96 38.35
C VAL A 617 56.21 14.45 39.76
N ARG A 618 56.78 15.13 40.74
CA ARG A 618 56.59 14.74 42.12
C ARG A 618 55.11 14.72 42.46
N VAL A 619 54.44 15.85 42.35
CA VAL A 619 53.00 15.92 42.65
C VAL A 619 52.26 14.86 41.85
N ARG A 620 52.48 14.85 40.54
CA ARG A 620 51.82 13.89 39.66
C ARG A 620 51.94 12.46 40.20
N ARG A 621 53.08 12.16 40.81
CA ARG A 621 53.27 10.84 41.38
C ARG A 621 52.35 10.72 42.59
N ALA A 622 52.81 11.18 43.75
CA ALA A 622 52.03 11.11 44.99
C ALA A 622 50.53 11.32 44.75
N GLY A 623 50.19 12.19 43.81
CA GLY A 623 48.80 12.49 43.50
C GLY A 623 48.06 11.44 42.69
N PHE A 624 46.83 11.77 42.28
CA PHE A 624 46.00 10.85 41.51
C PHE A 624 45.70 11.36 40.10
N ALA A 625 45.54 10.43 39.16
CA ALA A 625 45.25 10.77 37.77
C ALA A 625 44.09 11.75 37.70
N GLY A 626 42.87 11.22 37.80
CA GLY A 626 41.70 12.07 37.74
C GLY A 626 40.91 12.11 39.05
N ARG A 627 40.28 13.25 39.33
CA ARG A 627 39.47 13.44 40.53
C ARG A 627 38.05 13.77 40.11
N ILE A 628 37.37 12.80 39.51
CA ILE A 628 36.00 12.99 39.05
C ILE A 628 35.05 13.22 40.21
N GLU A 629 34.32 14.34 40.13
CA GLU A 629 33.35 14.73 41.14
C GLU A 629 32.42 13.55 41.40
N TYR A 630 31.69 13.59 42.52
CA TYR A 630 30.77 12.51 42.87
C TYR A 630 29.53 12.36 41.99
N THR A 631 28.59 13.30 42.14
CA THR A 631 27.34 13.27 41.38
C THR A 631 27.56 13.09 39.87
N ARG A 632 28.78 13.31 39.42
CA ARG A 632 29.13 13.18 38.02
C ARG A 632 29.41 11.71 37.68
N PHE A 633 29.79 10.94 38.70
CA PHE A 633 30.09 9.52 38.52
C PHE A 633 28.77 8.77 38.49
N TYR A 634 27.95 9.05 39.51
CA TYR A 634 26.63 8.45 39.65
C TYR A 634 25.87 8.50 38.31
N ASN A 635 25.38 9.68 37.96
CA ASN A 635 24.64 9.91 36.72
C ASN A 635 25.48 9.70 35.47
N ARG A 636 26.34 8.68 35.48
CA ARG A 636 27.19 8.40 34.32
C ARG A 636 27.73 6.96 34.29
N TYR A 637 28.17 6.46 35.43
CA TYR A 637 28.68 5.09 35.50
C TYR A 637 27.78 4.19 36.31
N LYS A 638 26.56 3.95 35.83
CA LYS A 638 25.60 3.09 36.53
C LYS A 638 25.42 1.74 35.85
N MET A 639 25.29 1.76 34.52
CA MET A 639 25.11 0.55 33.73
C MET A 639 26.10 -0.55 34.14
N LEU A 640 27.37 -0.18 34.26
CA LEU A 640 28.41 -1.12 34.65
C LEU A 640 28.04 -1.67 36.01
N CYS A 641 27.66 -0.76 36.90
CA CYS A 641 27.29 -1.09 38.27
C CYS A 641 26.06 -1.97 38.33
N LYS A 642 26.01 -2.81 39.37
CA LYS A 642 24.90 -3.72 39.59
C LYS A 642 23.68 -2.91 40.03
N LYS A 643 22.95 -2.37 39.06
CA LYS A 643 21.77 -1.57 39.33
C LYS A 643 22.13 -0.25 40.01
N LYS A 653 26.95 9.75 46.86
CA LYS A 653 28.25 9.09 46.79
C LYS A 653 28.14 7.62 47.16
N GLN A 654 26.92 7.17 47.41
CA GLN A 654 26.67 5.77 47.77
C GLN A 654 26.97 4.99 46.50
N ALA A 655 26.33 5.40 45.42
CA ALA A 655 26.50 4.77 44.12
C ALA A 655 27.98 4.52 43.88
N THR A 656 28.76 5.60 43.87
CA THR A 656 30.20 5.54 43.66
C THR A 656 30.74 4.20 44.14
N GLU A 657 30.88 4.08 45.45
CA GLU A 657 31.39 2.87 46.08
C GLU A 657 30.87 1.60 45.41
N LEU A 658 29.58 1.38 45.53
CA LEU A 658 28.95 0.20 44.95
C LEU A 658 29.49 -0.19 43.58
N ILE A 659 29.59 0.79 42.69
CA ILE A 659 30.08 0.57 41.33
C ILE A 659 31.51 0.00 41.30
N LEU A 660 32.36 0.49 42.18
CA LEU A 660 33.76 0.06 42.25
C LEU A 660 33.85 -1.35 42.83
N GLN A 661 33.28 -1.54 44.02
CA GLN A 661 33.28 -2.84 44.68
C GLN A 661 32.88 -3.92 43.69
N GLN A 662 31.84 -3.64 42.91
CA GLN A 662 31.35 -4.56 41.90
C GLN A 662 32.11 -4.35 40.59
N HIS A 663 33.44 -4.48 40.66
CA HIS A 663 34.29 -4.31 39.50
C HIS A 663 35.74 -4.53 39.88
N ASN A 664 35.95 -4.79 41.17
CA ASN A 664 37.27 -5.05 41.74
C ASN A 664 38.41 -4.12 41.30
N ILE A 665 38.79 -3.21 42.21
CA ILE A 665 39.88 -2.24 41.95
C ILE A 665 40.58 -1.94 43.28
N ASP A 666 41.84 -2.35 43.40
CA ASP A 666 42.61 -2.12 44.62
C ASP A 666 42.40 -0.68 45.08
N LYS A 667 41.85 -0.49 46.28
CA LYS A 667 41.60 0.85 46.79
C LYS A 667 42.91 1.63 46.88
N GLU A 668 44.02 0.92 46.70
CA GLU A 668 45.33 1.56 46.72
C GLU A 668 45.49 2.20 45.35
N GLU A 669 44.35 2.37 44.66
CA GLU A 669 44.31 2.96 43.34
C GLU A 669 43.24 4.04 43.35
N ILE A 670 42.38 4.01 44.37
CA ILE A 670 41.30 4.98 44.48
C ILE A 670 40.96 5.38 45.91
N ARG A 671 40.81 6.69 46.11
CA ARG A 671 40.46 7.23 47.41
C ARG A 671 39.13 7.96 47.31
N MET A 672 38.28 7.75 48.31
CA MET A 672 36.97 8.39 48.33
C MET A 672 37.03 9.76 49.01
N GLY A 673 36.66 10.80 48.26
CA GLY A 673 36.69 12.14 48.81
C GLY A 673 35.35 12.58 49.33
N LYS A 674 35.33 13.72 50.01
CA LYS A 674 34.10 14.27 50.57
C LYS A 674 33.05 14.56 49.49
N THR A 675 33.49 14.79 48.26
CA THR A 675 32.57 15.09 47.17
C THR A 675 33.07 14.62 45.79
N LYS A 676 34.32 14.16 45.75
CA LYS A 676 34.92 13.67 44.51
C LYS A 676 35.60 12.32 44.74
N VAL A 677 35.78 11.56 43.66
CA VAL A 677 36.45 10.26 43.71
C VAL A 677 37.82 10.47 43.10
N PHE A 678 38.80 9.66 43.49
CA PHE A 678 40.14 9.79 42.94
C PHE A 678 40.65 8.46 42.43
N ILE A 679 41.24 8.47 41.24
CA ILE A 679 41.77 7.26 40.61
C ILE A 679 43.24 7.47 40.20
N ARG A 680 44.15 7.05 41.06
CA ARG A 680 45.59 7.22 40.82
C ARG A 680 46.13 7.15 39.40
N ASN A 681 46.08 5.98 38.78
CA ASN A 681 46.63 5.84 37.43
C ASN A 681 45.59 6.07 36.34
N PRO A 682 46.04 6.39 35.10
CA PRO A 682 45.13 6.62 33.97
C PRO A 682 44.30 5.38 33.67
N THR A 683 45.02 4.33 33.29
CA THR A 683 44.41 3.05 32.95
C THR A 683 43.20 2.68 33.80
N THR A 684 43.36 2.66 35.12
CA THR A 684 42.26 2.32 36.02
C THR A 684 41.10 3.32 35.94
N LEU A 685 41.04 4.05 34.83
CA LEU A 685 40.00 5.03 34.57
C LEU A 685 39.56 4.83 33.12
N PHE A 686 40.49 4.37 32.29
CA PHE A 686 40.22 4.08 30.88
C PHE A 686 39.29 2.87 30.85
N TYR A 687 39.52 1.98 31.82
CA TYR A 687 38.74 0.76 32.00
C TYR A 687 37.25 1.06 31.91
N PHE A 688 36.76 1.83 32.89
CA PHE A 688 35.34 2.21 32.96
C PHE A 688 34.83 2.92 31.71
N GLU A 689 35.59 3.92 31.27
CA GLU A 689 35.20 4.71 30.10
C GLU A 689 35.23 3.91 28.79
N GLU A 690 36.18 2.99 28.66
CA GLU A 690 36.27 2.18 27.44
C GLU A 690 35.14 1.14 27.48
N LYS A 691 34.35 1.20 28.55
CA LYS A 691 33.20 0.32 28.74
C LYS A 691 31.94 1.18 28.82
N ARG A 692 31.49 1.68 27.67
CA ARG A 692 30.30 2.52 27.59
C ARG A 692 29.65 2.38 26.21
N GLY B 9 -57.59 -10.14 -35.66
CA GLY B 9 -58.88 -9.87 -34.93
C GLY B 9 -58.75 -8.90 -33.77
N VAL B 10 -59.18 -9.32 -32.58
CA VAL B 10 -59.07 -8.48 -31.39
C VAL B 10 -58.65 -9.32 -30.18
N PRO B 11 -57.43 -9.10 -29.65
CA PRO B 11 -56.93 -9.84 -28.49
C PRO B 11 -57.70 -9.39 -27.26
N ASP B 12 -58.01 -10.31 -26.37
CA ASP B 12 -58.81 -9.97 -25.19
C ASP B 12 -60.19 -9.44 -25.62
N PHE B 13 -61.21 -10.21 -25.30
CA PHE B 13 -62.60 -9.87 -25.65
C PHE B 13 -63.16 -8.65 -24.94
N VAL B 14 -62.56 -8.21 -23.84
CA VAL B 14 -63.11 -7.05 -23.15
C VAL B 14 -63.13 -5.89 -24.12
N LEU B 15 -62.30 -5.98 -25.14
CA LEU B 15 -62.20 -4.91 -26.13
C LEU B 15 -63.18 -5.08 -27.28
N LEU B 16 -64.13 -5.99 -27.14
CA LEU B 16 -65.11 -6.18 -28.21
C LEU B 16 -65.95 -4.91 -28.33
N ASN B 17 -66.15 -4.48 -29.58
CA ASN B 17 -66.95 -3.28 -29.88
C ASN B 17 -68.30 -3.39 -29.18
N GLN B 18 -69.04 -4.40 -29.60
CA GLN B 18 -70.36 -4.69 -29.08
C GLN B 18 -70.26 -6.01 -28.34
N ILE B 19 -70.48 -5.97 -27.02
CA ILE B 19 -70.39 -7.15 -26.18
C ILE B 19 -71.62 -8.08 -26.32
N THR B 20 -71.55 -8.97 -27.31
CA THR B 20 -72.65 -9.89 -27.55
C THR B 20 -72.12 -11.25 -27.96
N GLU B 21 -72.83 -12.30 -27.59
CA GLU B 21 -72.39 -13.64 -27.93
C GLU B 21 -71.97 -13.75 -29.39
N ASN B 22 -72.77 -13.19 -30.30
CA ASN B 22 -72.43 -13.26 -31.72
C ASN B 22 -71.10 -12.60 -32.00
N ALA B 23 -70.91 -11.40 -31.45
CA ALA B 23 -69.65 -10.69 -31.64
C ALA B 23 -68.51 -11.62 -31.25
N PHE B 24 -68.63 -12.13 -30.02
CA PHE B 24 -67.66 -13.04 -29.44
C PHE B 24 -67.24 -14.15 -30.39
N ILE B 25 -68.21 -14.93 -30.87
CA ILE B 25 -67.92 -16.03 -31.78
C ILE B 25 -67.26 -15.54 -33.07
N GLU B 26 -67.74 -14.40 -33.58
CA GLU B 26 -67.20 -13.85 -34.82
C GLU B 26 -65.72 -13.52 -34.64
N ASN B 27 -65.37 -12.89 -33.52
CA ASN B 27 -63.99 -12.52 -33.23
C ASN B 27 -63.14 -13.78 -33.08
N LEU B 28 -63.63 -14.72 -32.28
CA LEU B 28 -62.93 -15.96 -32.05
C LEU B 28 -62.72 -16.74 -33.35
N THR B 29 -63.76 -16.86 -34.18
CA THR B 29 -63.66 -17.58 -35.43
C THR B 29 -62.61 -16.95 -36.32
N MET B 30 -62.60 -15.62 -36.30
CA MET B 30 -61.68 -14.83 -37.09
C MET B 30 -60.23 -15.13 -36.72
N ARG B 31 -59.93 -15.06 -35.42
CA ARG B 31 -58.59 -15.33 -34.90
C ARG B 31 -58.17 -16.74 -35.27
N HIS B 32 -58.97 -17.72 -34.84
CA HIS B 32 -58.66 -19.11 -35.10
C HIS B 32 -58.35 -19.43 -36.56
N LYS B 33 -59.17 -18.93 -37.47
CA LYS B 33 -58.96 -19.19 -38.89
C LYS B 33 -57.60 -18.71 -39.35
N SER B 34 -57.03 -17.74 -38.67
CA SER B 34 -55.72 -17.21 -39.03
C SER B 34 -54.61 -17.68 -38.08
N ASP B 35 -54.82 -18.83 -37.45
CA ASP B 35 -53.84 -19.39 -36.52
C ASP B 35 -53.53 -18.57 -35.28
N ASN B 36 -54.54 -17.91 -34.73
CA ASN B 36 -54.34 -17.15 -33.51
C ASN B 36 -55.15 -17.87 -32.43
N ILE B 37 -54.63 -19.02 -32.03
CA ILE B 37 -55.25 -19.88 -31.02
C ILE B 37 -55.65 -19.16 -29.74
N TYR B 38 -54.73 -18.38 -29.20
CA TYR B 38 -54.94 -17.69 -27.94
C TYR B 38 -55.55 -16.29 -27.98
N THR B 39 -56.40 -16.02 -26.99
CA THR B 39 -57.07 -14.74 -26.85
C THR B 39 -57.35 -14.56 -25.34
N TYR B 40 -57.36 -13.32 -24.88
CA TYR B 40 -57.58 -13.08 -23.46
C TYR B 40 -58.97 -12.59 -23.10
N ILE B 41 -59.24 -12.61 -21.81
CA ILE B 41 -60.48 -12.10 -21.23
C ILE B 41 -59.92 -11.56 -19.92
N GLY B 42 -58.85 -10.78 -20.04
CA GLY B 42 -58.20 -10.21 -18.88
C GLY B 42 -57.61 -11.28 -17.99
N ASP B 43 -56.36 -11.63 -18.23
CA ASP B 43 -55.65 -12.66 -17.45
C ASP B 43 -56.12 -14.09 -17.71
N VAL B 44 -57.37 -14.26 -18.15
CA VAL B 44 -57.85 -15.60 -18.47
C VAL B 44 -57.40 -15.88 -19.89
N VAL B 45 -56.94 -17.09 -20.16
CA VAL B 45 -56.49 -17.44 -21.50
C VAL B 45 -57.50 -18.36 -22.14
N ILE B 46 -57.95 -17.97 -23.34
CA ILE B 46 -58.89 -18.77 -24.08
C ILE B 46 -58.10 -19.36 -25.24
N SER B 47 -58.15 -20.68 -25.43
CA SER B 47 -57.42 -21.29 -26.53
C SER B 47 -58.29 -22.20 -27.38
N THR B 48 -58.02 -22.22 -28.68
CA THR B 48 -58.78 -23.04 -29.62
C THR B 48 -57.90 -24.04 -30.35
N ASN B 49 -58.15 -25.32 -30.10
CA ASN B 49 -57.39 -26.41 -30.70
C ASN B 49 -57.14 -26.23 -32.20
N PRO B 50 -55.88 -26.01 -32.60
CA PRO B 50 -55.43 -25.80 -33.98
C PRO B 50 -55.50 -27.07 -34.82
N PHE B 51 -55.27 -28.20 -34.17
CA PHE B 51 -55.27 -29.48 -34.86
C PHE B 51 -54.17 -29.53 -35.90
N LYS B 52 -53.02 -28.97 -35.55
CA LYS B 52 -51.83 -28.94 -36.38
C LYS B 52 -50.74 -28.15 -35.65
N ASN B 53 -49.49 -28.35 -36.02
CA ASN B 53 -48.42 -27.65 -35.33
C ASN B 53 -48.28 -26.20 -35.72
N LEU B 54 -48.20 -25.33 -34.72
CA LEU B 54 -48.02 -23.91 -34.97
C LEU B 54 -46.66 -23.58 -34.37
N ASN B 55 -45.70 -23.22 -35.22
CA ASN B 55 -44.37 -22.90 -34.75
C ASN B 55 -44.36 -21.66 -33.87
N ILE B 56 -44.96 -21.78 -32.68
CA ILE B 56 -45.05 -20.67 -31.74
C ILE B 56 -44.67 -21.11 -30.33
N TYR B 57 -44.07 -22.29 -30.21
CA TYR B 57 -43.69 -22.81 -28.91
C TYR B 57 -42.19 -23.06 -28.87
N LYS B 58 -41.44 -22.18 -29.50
CA LYS B 58 -39.99 -22.28 -29.56
C LYS B 58 -39.37 -21.55 -28.37
N GLU B 59 -38.24 -22.04 -27.89
CA GLU B 59 -37.53 -21.43 -26.77
C GLU B 59 -37.39 -19.92 -26.98
N SER B 60 -37.26 -19.49 -28.23
CA SER B 60 -37.13 -18.08 -28.52
C SER B 60 -38.43 -17.39 -28.09
N ASP B 61 -39.55 -18.07 -28.30
CA ASP B 61 -40.85 -17.55 -27.92
C ASP B 61 -40.87 -17.50 -26.40
N ILE B 62 -40.31 -18.54 -25.79
CA ILE B 62 -40.26 -18.61 -24.35
C ILE B 62 -39.49 -17.40 -23.85
N LYS B 63 -38.38 -17.11 -24.51
CA LYS B 63 -37.56 -15.96 -24.11
C LYS B 63 -38.33 -14.66 -24.39
N ALA B 64 -39.14 -14.66 -25.44
CA ALA B 64 -39.89 -13.48 -25.81
C ALA B 64 -40.91 -13.06 -24.76
N TYR B 65 -41.66 -14.03 -24.23
CA TYR B 65 -42.68 -13.71 -23.23
C TYR B 65 -42.16 -13.66 -21.82
N ASN B 66 -40.94 -14.16 -21.63
CA ASN B 66 -40.36 -14.15 -20.30
C ASN B 66 -40.17 -12.73 -19.80
N GLY B 67 -40.64 -12.45 -18.59
CA GLY B 67 -40.50 -11.13 -18.02
C GLY B 67 -41.50 -10.10 -18.50
N ARG B 68 -41.79 -10.13 -19.80
CA ARG B 68 -42.73 -9.17 -20.39
C ARG B 68 -44.15 -9.19 -19.81
N TYR B 69 -44.84 -8.08 -19.99
CA TYR B 69 -46.21 -7.92 -19.52
C TYR B 69 -47.20 -8.35 -20.60
N LYS B 70 -48.39 -8.74 -20.15
CA LYS B 70 -49.45 -9.21 -21.04
C LYS B 70 -49.71 -8.32 -22.25
N TYR B 71 -49.69 -7.00 -22.03
CA TYR B 71 -49.96 -6.06 -23.14
C TYR B 71 -48.80 -5.89 -24.10
N GLU B 72 -47.58 -6.15 -23.64
CA GLU B 72 -46.42 -6.02 -24.51
C GLU B 72 -46.43 -7.02 -25.66
N MET B 73 -47.21 -8.08 -25.57
CA MET B 73 -47.23 -9.07 -26.65
C MET B 73 -48.54 -9.76 -26.99
N PRO B 74 -48.56 -10.53 -28.10
CA PRO B 74 -49.75 -11.25 -28.56
C PRO B 74 -50.21 -12.28 -27.53
N PRO B 75 -51.53 -12.46 -27.39
CA PRO B 75 -51.99 -13.44 -26.41
C PRO B 75 -51.28 -14.77 -26.62
N HIS B 76 -50.76 -15.33 -25.54
CA HIS B 76 -50.07 -16.61 -25.62
C HIS B 76 -50.08 -17.33 -24.30
N MET B 77 -50.15 -18.65 -24.41
CA MET B 77 -50.13 -19.54 -23.26
C MET B 77 -49.02 -19.14 -22.28
N TYR B 78 -47.86 -18.77 -22.85
CA TYR B 78 -46.71 -18.39 -22.07
C TYR B 78 -46.96 -17.22 -21.15
N ALA B 79 -47.77 -16.27 -21.60
CA ALA B 79 -48.04 -15.09 -20.77
C ALA B 79 -48.66 -15.51 -19.44
N LEU B 80 -49.40 -16.59 -19.48
CA LEU B 80 -50.05 -17.10 -18.29
C LEU B 80 -48.98 -17.73 -17.39
N ALA B 81 -48.16 -18.59 -17.98
CA ALA B 81 -47.09 -19.25 -17.25
C ALA B 81 -46.19 -18.17 -16.66
N ASN B 82 -45.79 -17.19 -17.48
CA ASN B 82 -44.92 -16.12 -17.01
C ASN B 82 -45.53 -15.42 -15.81
N ASP B 83 -46.82 -15.10 -15.87
CA ASP B 83 -47.43 -14.43 -14.74
C ASP B 83 -47.39 -15.35 -13.51
N ALA B 84 -47.80 -16.60 -13.68
CA ALA B 84 -47.80 -17.54 -12.57
C ALA B 84 -46.45 -17.60 -11.88
N TYR B 85 -45.41 -17.72 -12.68
CA TYR B 85 -44.05 -17.80 -12.16
C TYR B 85 -43.64 -16.53 -11.44
N ARG B 86 -43.74 -15.40 -12.11
CA ARG B 86 -43.40 -14.11 -11.53
C ARG B 86 -44.12 -13.91 -10.19
N SER B 87 -45.42 -14.17 -10.19
CA SER B 87 -46.22 -14.03 -8.98
C SER B 87 -45.70 -14.93 -7.87
N MET B 88 -45.35 -16.17 -8.21
CA MET B 88 -44.83 -17.08 -7.19
C MET B 88 -43.56 -16.48 -6.61
N ARG B 89 -42.67 -16.03 -7.48
CA ARG B 89 -41.41 -15.42 -7.07
C ARG B 89 -41.66 -14.22 -6.17
N GLN B 90 -42.55 -13.36 -6.63
CA GLN B 90 -42.88 -12.14 -5.92
C GLN B 90 -43.52 -12.37 -4.55
N SER B 91 -44.77 -12.85 -4.53
CA SER B 91 -45.49 -13.11 -3.27
C SER B 91 -44.97 -14.32 -2.50
N GLN B 92 -44.19 -15.16 -3.17
CA GLN B 92 -43.65 -16.36 -2.55
C GLN B 92 -44.79 -17.27 -2.08
N GLU B 93 -45.92 -17.20 -2.79
CA GLU B 93 -47.09 -18.03 -2.47
C GLU B 93 -47.30 -19.06 -3.58
N ASN B 94 -48.10 -20.07 -3.29
CA ASN B 94 -48.37 -21.13 -4.26
C ASN B 94 -49.30 -20.68 -5.35
N GLN B 95 -49.06 -21.16 -6.55
CA GLN B 95 -49.89 -20.82 -7.69
C GLN B 95 -50.47 -22.12 -8.22
N CYS B 96 -51.56 -22.01 -8.98
CA CYS B 96 -52.16 -23.18 -9.59
C CYS B 96 -52.88 -22.75 -10.85
N VAL B 97 -52.67 -23.52 -11.91
CA VAL B 97 -53.29 -23.25 -13.18
C VAL B 97 -54.42 -24.27 -13.41
N ILE B 98 -55.65 -23.79 -13.54
CA ILE B 98 -56.76 -24.71 -13.79
C ILE B 98 -57.15 -24.57 -15.26
N ILE B 99 -57.02 -25.69 -15.97
CA ILE B 99 -57.33 -25.77 -17.39
C ILE B 99 -58.61 -26.58 -17.53
N SER B 100 -59.57 -26.05 -18.28
CA SER B 100 -60.83 -26.73 -18.47
C SER B 100 -61.16 -26.88 -19.94
N GLY B 101 -61.99 -27.86 -20.27
CA GLY B 101 -62.37 -28.08 -21.65
C GLY B 101 -62.87 -29.49 -21.91
N GLU B 102 -63.75 -29.63 -22.90
CA GLU B 102 -64.28 -30.93 -23.25
C GLU B 102 -63.15 -31.86 -23.68
N SER B 103 -63.47 -33.12 -23.89
CA SER B 103 -62.47 -34.08 -24.34
C SER B 103 -62.01 -33.66 -25.72
N GLY B 104 -60.70 -33.42 -25.86
CA GLY B 104 -60.18 -33.02 -27.16
C GLY B 104 -59.96 -31.52 -27.33
N ALA B 105 -60.42 -30.74 -26.36
CA ALA B 105 -60.24 -29.29 -26.41
C ALA B 105 -58.75 -28.88 -26.42
N GLY B 106 -57.89 -29.71 -25.83
CA GLY B 106 -56.46 -29.43 -25.79
C GLY B 106 -55.85 -29.11 -24.44
N LYS B 107 -56.43 -29.63 -23.37
CA LYS B 107 -55.93 -29.38 -22.01
C LYS B 107 -54.58 -30.03 -21.76
N THR B 108 -54.43 -31.27 -22.18
CA THR B 108 -53.18 -31.99 -22.00
C THR B 108 -52.01 -31.28 -22.67
N GLU B 109 -52.21 -30.81 -23.89
CA GLU B 109 -51.13 -30.13 -24.59
C GLU B 109 -50.81 -28.78 -23.95
N ALA B 110 -51.84 -28.09 -23.48
CA ALA B 110 -51.63 -26.79 -22.86
C ALA B 110 -50.87 -26.89 -21.54
N SER B 111 -51.17 -27.95 -20.78
CA SER B 111 -50.51 -28.14 -19.51
C SER B 111 -49.04 -28.41 -19.77
N LYS B 112 -48.74 -29.00 -20.93
CA LYS B 112 -47.36 -29.28 -21.27
C LYS B 112 -46.63 -28.01 -21.72
N LYS B 113 -47.32 -27.15 -22.45
CA LYS B 113 -46.70 -25.93 -22.90
C LYS B 113 -46.39 -25.12 -21.65
N ILE B 114 -47.28 -25.17 -20.67
CA ILE B 114 -47.05 -24.42 -19.45
C ILE B 114 -45.82 -24.94 -18.71
N MET B 115 -45.63 -26.25 -18.69
CA MET B 115 -44.47 -26.81 -18.01
C MET B 115 -43.21 -26.43 -18.77
N GLN B 116 -43.21 -26.74 -20.06
CA GLN B 116 -42.08 -26.39 -20.91
C GLN B 116 -41.54 -25.01 -20.58
N PHE B 117 -42.44 -24.03 -20.44
CA PHE B 117 -42.04 -22.68 -20.13
C PHE B 117 -41.41 -22.58 -18.74
N LEU B 118 -42.19 -22.95 -17.73
CA LEU B 118 -41.72 -22.91 -16.34
C LEU B 118 -40.38 -23.61 -16.23
N THR B 119 -40.36 -24.88 -16.65
CA THR B 119 -39.16 -25.70 -16.61
C THR B 119 -38.18 -25.25 -17.69
N PHE B 120 -37.70 -24.03 -17.57
CA PHE B 120 -36.78 -23.45 -18.54
C PHE B 120 -36.39 -22.06 -18.07
N VAL B 121 -37.36 -21.17 -17.93
CA VAL B 121 -37.02 -19.83 -17.45
C VAL B 121 -36.63 -20.08 -16.00
N SER B 122 -37.17 -21.16 -15.45
CA SER B 122 -36.92 -21.54 -14.08
C SER B 122 -35.47 -21.94 -13.89
N SER B 123 -34.95 -22.75 -14.80
CA SER B 123 -33.56 -23.16 -14.74
C SER B 123 -32.74 -21.99 -15.30
N ASN B 124 -31.68 -22.29 -16.05
CA ASN B 124 -30.81 -21.28 -16.65
C ASN B 124 -29.74 -22.06 -17.38
N GLN B 125 -28.66 -22.35 -16.67
CA GLN B 125 -27.58 -23.16 -17.22
C GLN B 125 -27.50 -24.28 -16.19
N SER B 126 -27.77 -23.91 -14.95
CA SER B 126 -27.72 -24.85 -13.85
C SER B 126 -28.03 -26.24 -14.37
N PRO B 127 -26.99 -27.01 -14.69
CA PRO B 127 -27.21 -28.36 -15.19
C PRO B 127 -28.10 -29.14 -14.22
N ASN B 128 -27.92 -28.90 -12.92
CA ASN B 128 -28.71 -29.55 -11.89
C ASN B 128 -30.14 -29.11 -12.06
N GLY B 129 -30.32 -27.82 -12.30
CA GLY B 129 -31.65 -27.28 -12.48
C GLY B 129 -32.33 -27.90 -13.68
N GLU B 130 -31.69 -27.85 -14.84
CA GLU B 130 -32.27 -28.40 -16.05
C GLU B 130 -32.24 -29.92 -16.10
N ARG B 131 -31.60 -30.54 -15.11
CA ARG B 131 -31.54 -31.99 -15.07
C ARG B 131 -32.89 -32.49 -14.60
N ILE B 132 -33.32 -31.99 -13.45
CA ILE B 132 -34.61 -32.39 -12.90
C ILE B 132 -35.70 -31.92 -13.87
N SER B 133 -35.43 -30.82 -14.55
CA SER B 133 -36.37 -30.32 -15.53
C SER B 133 -36.63 -31.43 -16.52
N LYS B 134 -35.54 -31.96 -17.09
CA LYS B 134 -35.62 -33.05 -18.06
C LYS B 134 -36.50 -34.18 -17.51
N MET B 135 -36.41 -34.43 -16.20
CA MET B 135 -37.18 -35.48 -15.54
C MET B 135 -38.66 -35.14 -15.46
N LEU B 136 -38.98 -33.95 -15.00
CA LEU B 136 -40.37 -33.55 -14.92
C LEU B 136 -41.00 -33.71 -16.31
N LEU B 137 -40.29 -33.28 -17.34
CA LEU B 137 -40.82 -33.37 -18.69
C LEU B 137 -40.97 -34.82 -19.20
N ASP B 138 -39.96 -35.64 -18.98
CA ASP B 138 -40.03 -37.02 -19.43
C ASP B 138 -41.15 -37.80 -18.73
N SER B 139 -41.60 -37.30 -17.58
CA SER B 139 -42.67 -37.98 -16.87
C SER B 139 -43.94 -38.02 -17.73
N ASN B 140 -44.19 -36.96 -18.51
CA ASN B 140 -45.36 -36.88 -19.36
C ASN B 140 -45.49 -38.03 -20.37
N PRO B 141 -44.50 -38.21 -21.25
CA PRO B 141 -44.58 -39.30 -22.24
C PRO B 141 -44.77 -40.65 -21.55
N LEU B 142 -44.17 -40.77 -20.37
CA LEU B 142 -44.23 -41.99 -19.58
C LEU B 142 -45.65 -42.31 -19.15
N LEU B 143 -46.26 -41.40 -18.41
CA LEU B 143 -47.63 -41.59 -17.96
C LEU B 143 -48.61 -41.66 -19.12
N GLU B 144 -48.39 -40.84 -20.13
CA GLU B 144 -49.27 -40.83 -21.29
C GLU B 144 -49.34 -42.22 -21.93
N ALA B 145 -48.24 -42.96 -21.91
CA ALA B 145 -48.23 -44.28 -22.51
C ALA B 145 -49.15 -45.26 -21.76
N PHE B 146 -49.21 -45.15 -20.45
CA PHE B 146 -50.05 -46.07 -19.65
C PHE B 146 -51.44 -45.51 -19.33
N GLY B 147 -51.60 -44.20 -19.36
CA GLY B 147 -52.90 -43.63 -19.01
C GLY B 147 -53.74 -43.07 -20.14
N ASN B 148 -53.16 -42.99 -21.34
CA ASN B 148 -53.90 -42.45 -22.47
C ASN B 148 -54.29 -43.52 -23.46
N ALA B 149 -55.36 -43.26 -24.20
CA ALA B 149 -55.88 -44.18 -25.20
C ALA B 149 -56.66 -43.43 -26.28
N LYS B 150 -56.85 -44.07 -27.42
CA LYS B 150 -57.60 -43.43 -28.50
C LYS B 150 -59.11 -43.67 -28.38
N THR B 151 -59.81 -42.72 -27.79
CA THR B 151 -61.25 -42.83 -27.68
C THR B 151 -61.78 -42.30 -29.02
N LEU B 152 -63.09 -42.25 -29.19
CA LEU B 152 -63.63 -41.76 -30.46
C LEU B 152 -63.51 -40.25 -30.56
N ARG B 153 -63.46 -39.58 -29.41
CA ARG B 153 -63.36 -38.12 -29.40
C ARG B 153 -61.92 -37.65 -29.55
N ASN B 154 -60.98 -38.41 -29.00
CA ASN B 154 -59.57 -38.02 -29.04
C ASN B 154 -58.58 -39.18 -29.24
N ASP B 155 -57.68 -39.05 -30.22
CA ASP B 155 -56.70 -40.10 -30.45
C ASP B 155 -55.76 -40.29 -29.27
N ASN B 156 -55.61 -39.25 -28.46
CA ASN B 156 -54.74 -39.35 -27.31
C ASN B 156 -55.55 -39.57 -26.05
N SER B 157 -56.53 -38.71 -25.78
CA SER B 157 -57.39 -38.83 -24.60
C SER B 157 -56.82 -39.38 -23.30
N SER B 158 -56.61 -38.49 -22.34
CA SER B 158 -56.10 -38.86 -21.04
C SER B 158 -57.21 -39.59 -20.31
N ARG B 159 -56.94 -40.79 -19.82
CA ARG B 159 -57.99 -41.53 -19.13
C ARG B 159 -57.80 -41.49 -17.61
N PHE B 160 -57.17 -40.43 -17.12
CA PHE B 160 -56.93 -40.30 -15.68
C PHE B 160 -56.71 -38.84 -15.33
N GLY B 161 -57.18 -38.45 -14.15
CA GLY B 161 -57.01 -37.08 -13.70
C GLY B 161 -55.57 -36.90 -13.21
N LYS B 162 -55.02 -35.71 -13.42
CA LYS B 162 -53.65 -35.46 -13.01
C LYS B 162 -53.45 -34.04 -12.52
N TYR B 163 -52.70 -33.92 -11.43
CA TYR B 163 -52.38 -32.64 -10.84
C TYR B 163 -50.87 -32.68 -10.66
N MET B 164 -50.17 -31.87 -11.45
CA MET B 164 -48.72 -31.83 -11.44
C MET B 164 -48.28 -30.63 -10.65
N GLU B 165 -47.47 -30.86 -9.62
CA GLU B 165 -46.97 -29.77 -8.81
C GLU B 165 -45.50 -29.48 -9.03
N MET B 166 -45.21 -28.27 -9.51
CA MET B 166 -43.85 -27.84 -9.75
C MET B 166 -43.33 -27.28 -8.42
N GLN B 167 -42.22 -27.82 -7.94
CA GLN B 167 -41.63 -27.38 -6.68
C GLN B 167 -40.42 -26.50 -6.92
N PHE B 168 -40.41 -25.34 -6.28
CA PHE B 168 -39.31 -24.39 -6.42
C PHE B 168 -38.84 -23.98 -5.05
N ASN B 169 -37.68 -23.35 -4.99
CA ASN B 169 -37.16 -22.85 -3.73
C ASN B 169 -37.35 -21.32 -3.77
N ALA B 170 -37.15 -20.68 -2.63
CA ALA B 170 -37.32 -19.23 -2.54
C ALA B 170 -36.66 -18.44 -3.68
N VAL B 171 -35.51 -18.93 -4.14
CA VAL B 171 -34.77 -18.28 -5.20
C VAL B 171 -35.48 -18.42 -6.56
N GLY B 172 -36.35 -19.40 -6.68
CA GLY B 172 -37.07 -19.59 -7.93
C GLY B 172 -36.53 -20.69 -8.83
N SER B 173 -35.74 -21.59 -8.28
CA SER B 173 -35.17 -22.69 -9.05
C SER B 173 -36.02 -23.96 -8.94
N PRO B 174 -36.04 -24.77 -10.01
CA PRO B 174 -36.82 -26.01 -10.01
C PRO B 174 -36.12 -26.94 -9.03
N ILE B 175 -36.81 -27.36 -7.97
CA ILE B 175 -36.15 -28.27 -7.03
C ILE B 175 -36.76 -29.67 -7.12
N GLY B 176 -37.89 -29.78 -7.81
CA GLY B 176 -38.55 -31.08 -7.94
C GLY B 176 -40.01 -30.97 -8.32
N GLY B 177 -40.76 -32.05 -8.10
CA GLY B 177 -42.17 -32.02 -8.41
C GLY B 177 -42.89 -33.27 -7.97
N LYS B 178 -44.18 -33.17 -7.65
CA LYS B 178 -44.92 -34.36 -7.25
C LYS B 178 -46.22 -34.43 -8.03
N ILE B 179 -46.52 -35.64 -8.51
CA ILE B 179 -47.69 -35.91 -9.30
C ILE B 179 -48.80 -36.54 -8.48
N THR B 180 -50.03 -36.13 -8.76
CA THR B 180 -51.20 -36.68 -8.07
C THR B 180 -52.14 -37.19 -9.17
N ASN B 181 -52.46 -38.47 -9.17
CA ASN B 181 -53.34 -39.00 -10.19
C ASN B 181 -54.71 -39.31 -9.63
N TYR B 182 -55.71 -39.26 -10.50
CA TYR B 182 -57.08 -39.50 -10.10
C TYR B 182 -57.68 -40.67 -10.87
N LEU B 183 -58.53 -41.42 -10.18
CA LEU B 183 -59.23 -42.59 -10.74
C LEU B 183 -59.04 -42.85 -12.22
N LEU B 184 -58.29 -43.91 -12.55
CA LEU B 184 -58.05 -44.31 -13.92
C LEU B 184 -59.18 -45.18 -14.46
N GLU B 185 -59.53 -45.01 -15.73
CA GLU B 185 -60.57 -45.81 -16.37
C GLU B 185 -60.02 -47.21 -16.68
N LYS B 186 -59.83 -48.03 -15.65
CA LYS B 186 -59.28 -49.38 -15.82
C LYS B 186 -60.12 -50.34 -16.64
N SER B 187 -61.43 -50.12 -16.69
CA SER B 187 -62.29 -50.98 -17.45
C SER B 187 -61.89 -50.96 -18.93
N ARG B 188 -61.22 -49.89 -19.37
CA ARG B 188 -60.80 -49.79 -20.77
C ARG B 188 -59.86 -50.93 -21.20
N VAL B 189 -59.27 -51.62 -20.24
CA VAL B 189 -58.36 -52.70 -20.58
C VAL B 189 -59.07 -53.92 -21.11
N VAL B 190 -60.17 -54.29 -20.46
CA VAL B 190 -60.90 -55.48 -20.86
C VAL B 190 -61.98 -55.25 -21.91
N GLY B 191 -62.54 -54.03 -21.94
CA GLY B 191 -63.58 -53.73 -22.91
C GLY B 191 -63.69 -52.25 -23.24
N ARG B 192 -64.04 -51.96 -24.48
CA ARG B 192 -64.16 -50.57 -24.90
C ARG B 192 -65.04 -50.44 -26.15
N THR B 193 -65.52 -49.23 -26.41
CA THR B 193 -66.35 -48.96 -27.57
C THR B 193 -65.64 -49.45 -28.81
N GLN B 194 -66.35 -50.14 -29.68
CA GLN B 194 -65.77 -50.63 -30.92
C GLN B 194 -65.24 -49.40 -31.63
N GLY B 195 -64.12 -49.55 -32.32
CA GLY B 195 -63.52 -48.42 -33.00
C GLY B 195 -62.44 -47.79 -32.13
N GLU B 196 -62.71 -47.74 -30.82
CA GLU B 196 -61.74 -47.21 -29.88
C GLU B 196 -60.60 -48.18 -29.71
N ARG B 197 -59.67 -47.82 -28.85
CA ARG B 197 -58.47 -48.64 -28.64
C ARG B 197 -58.14 -48.68 -27.15
N SER B 198 -57.34 -49.65 -26.73
CA SER B 198 -56.98 -49.75 -25.34
C SER B 198 -55.84 -48.78 -25.08
N PHE B 199 -55.22 -48.86 -23.90
CA PHE B 199 -54.09 -47.97 -23.57
C PHE B 199 -52.92 -48.17 -24.54
N HIS B 200 -52.28 -47.06 -24.88
CA HIS B 200 -51.17 -47.07 -25.82
C HIS B 200 -50.11 -48.12 -25.58
N ILE B 201 -49.47 -48.04 -24.43
CA ILE B 201 -48.39 -48.94 -24.08
C ILE B 201 -48.57 -50.35 -24.64
N PHE B 202 -49.77 -50.92 -24.51
CA PHE B 202 -50.03 -52.28 -25.01
C PHE B 202 -49.62 -52.42 -26.47
N TYR B 203 -50.16 -51.55 -27.31
CA TYR B 203 -49.85 -51.60 -28.73
C TYR B 203 -48.40 -51.29 -29.03
N GLN B 204 -47.86 -50.27 -28.36
CA GLN B 204 -46.48 -49.85 -28.56
C GLN B 204 -45.46 -50.90 -28.13
N MET B 205 -45.75 -51.61 -27.05
CA MET B 205 -44.87 -52.68 -26.56
C MET B 205 -44.81 -53.81 -27.58
N LEU B 206 -45.98 -54.16 -28.11
CA LEU B 206 -46.09 -55.22 -29.10
C LEU B 206 -45.32 -54.92 -30.38
N LYS B 207 -45.01 -53.64 -30.62
CA LYS B 207 -44.27 -53.25 -31.82
C LYS B 207 -42.97 -52.59 -31.45
N GLY B 208 -42.58 -52.68 -30.18
CA GLY B 208 -41.35 -52.05 -29.75
C GLY B 208 -40.31 -53.02 -29.20
N LEU B 209 -40.77 -54.02 -28.47
CA LEU B 209 -39.87 -55.00 -27.91
C LEU B 209 -39.24 -55.89 -28.98
N SER B 210 -38.04 -56.37 -28.68
CA SER B 210 -37.29 -57.25 -29.58
C SER B 210 -37.96 -58.63 -29.61
N GLN B 211 -37.92 -59.27 -30.77
CA GLN B 211 -38.50 -60.59 -30.94
C GLN B 211 -37.97 -61.53 -29.86
N SER B 212 -36.87 -61.13 -29.23
CA SER B 212 -36.29 -61.91 -28.14
C SER B 212 -37.17 -61.79 -26.90
N LYS B 213 -37.23 -60.59 -26.34
CA LYS B 213 -38.04 -60.30 -25.15
C LYS B 213 -39.48 -60.74 -25.37
N LEU B 214 -39.95 -60.62 -26.60
CA LEU B 214 -41.30 -61.01 -26.94
C LEU B 214 -41.49 -62.48 -26.70
N ASP B 215 -40.57 -63.28 -27.23
CA ASP B 215 -40.66 -64.73 -27.05
C ASP B 215 -40.51 -65.12 -25.59
N GLU B 216 -39.63 -64.43 -24.87
CA GLU B 216 -39.42 -64.72 -23.45
C GLU B 216 -40.72 -64.47 -22.71
N LEU B 217 -41.55 -63.59 -23.25
CA LEU B 217 -42.83 -63.23 -22.64
C LEU B 217 -43.97 -64.08 -23.16
N GLY B 218 -43.72 -64.84 -24.22
CA GLY B 218 -44.76 -65.68 -24.80
C GLY B 218 -45.69 -64.86 -25.68
N LEU B 219 -45.21 -63.69 -26.08
CA LEU B 219 -45.99 -62.80 -26.92
C LEU B 219 -45.59 -62.86 -28.38
N THR B 220 -46.53 -62.46 -29.23
CA THR B 220 -46.32 -62.41 -30.66
C THR B 220 -46.63 -60.99 -31.09
N PRO B 221 -45.73 -60.37 -31.88
CA PRO B 221 -45.90 -59.00 -32.37
C PRO B 221 -47.13 -58.86 -33.25
N ASN B 222 -48.28 -58.69 -32.63
CA ASN B 222 -49.51 -58.58 -33.39
C ASN B 222 -50.70 -58.44 -32.45
N ALA B 223 -51.21 -57.22 -32.32
CA ALA B 223 -52.34 -56.95 -31.44
C ALA B 223 -53.54 -57.88 -31.67
N PRO B 224 -53.91 -58.09 -32.94
CA PRO B 224 -55.06 -58.97 -33.25
C PRO B 224 -54.98 -60.30 -32.54
N ALA B 225 -53.75 -60.73 -32.25
CA ALA B 225 -53.53 -62.01 -31.61
C ALA B 225 -54.05 -62.06 -30.17
N TYR B 226 -54.49 -60.93 -29.65
CA TYR B 226 -54.96 -60.93 -28.28
C TYR B 226 -56.41 -60.48 -28.14
N GLU B 227 -57.15 -61.25 -27.34
CA GLU B 227 -58.56 -61.00 -27.09
C GLU B 227 -58.90 -59.57 -26.70
N TYR B 228 -58.41 -59.14 -25.55
CA TYR B 228 -58.69 -57.80 -25.09
C TYR B 228 -58.48 -56.76 -26.18
N LEU B 229 -57.36 -56.86 -26.89
CA LEU B 229 -57.07 -55.89 -27.95
C LEU B 229 -57.93 -56.06 -29.19
N LYS B 230 -58.24 -57.31 -29.52
CA LYS B 230 -59.04 -57.62 -30.70
C LYS B 230 -60.49 -57.12 -30.64
N LYS B 231 -61.10 -57.19 -29.46
CA LYS B 231 -62.49 -56.75 -29.28
C LYS B 231 -62.90 -55.46 -30.00
N SER B 232 -62.32 -54.34 -29.60
CA SER B 232 -62.66 -53.05 -30.17
C SER B 232 -62.31 -52.95 -31.65
N GLY B 233 -61.69 -54.01 -32.17
CA GLY B 233 -61.31 -54.02 -33.58
C GLY B 233 -60.70 -52.72 -34.08
N CYS B 234 -59.50 -52.43 -33.62
CA CYS B 234 -58.78 -51.22 -34.02
C CYS B 234 -57.40 -51.35 -33.42
N PHE B 235 -56.39 -51.36 -34.28
CA PHE B 235 -55.02 -51.55 -33.80
C PHE B 235 -54.03 -50.48 -34.24
N ASP B 236 -54.45 -49.60 -35.14
CA ASP B 236 -53.57 -48.55 -35.64
C ASP B 236 -54.22 -47.18 -35.49
N VAL B 237 -53.41 -46.14 -35.59
CA VAL B 237 -53.89 -44.77 -35.49
C VAL B 237 -52.92 -43.93 -36.31
N SER B 238 -53.40 -43.36 -37.41
CA SER B 238 -52.56 -42.54 -38.26
C SER B 238 -51.83 -41.49 -37.42
N THR B 239 -52.51 -41.03 -36.38
CA THR B 239 -51.98 -40.02 -35.49
C THR B 239 -50.78 -40.49 -34.67
N ILE B 240 -50.75 -41.78 -34.35
CA ILE B 240 -49.69 -42.32 -33.50
C ILE B 240 -48.75 -43.29 -34.20
N ASP B 241 -47.49 -43.26 -33.77
CA ASP B 241 -46.47 -44.15 -34.30
C ASP B 241 -46.04 -45.04 -33.15
N ASP B 242 -46.73 -46.16 -32.99
CA ASP B 242 -46.44 -47.08 -31.90
C ASP B 242 -44.99 -47.45 -31.79
N SER B 243 -44.44 -47.98 -32.89
CA SER B 243 -43.06 -48.43 -32.91
C SER B 243 -42.04 -47.38 -32.49
N GLY B 244 -42.10 -46.22 -33.14
CA GLY B 244 -41.18 -45.15 -32.83
C GLY B 244 -41.42 -44.57 -31.46
N GLU B 245 -42.69 -44.58 -31.06
CA GLU B 245 -43.08 -44.06 -29.77
C GLU B 245 -42.52 -44.86 -28.61
N PHE B 246 -42.54 -46.19 -28.73
CA PHE B 246 -42.03 -47.05 -27.67
C PHE B 246 -40.57 -46.76 -27.32
N LYS B 247 -39.79 -46.36 -28.32
CA LYS B 247 -38.39 -46.06 -28.08
C LYS B 247 -38.26 -44.85 -27.17
N ILE B 248 -39.20 -43.92 -27.30
CA ILE B 248 -39.19 -42.71 -26.48
C ILE B 248 -39.49 -43.05 -25.01
N ILE B 249 -40.54 -43.81 -24.80
CA ILE B 249 -40.95 -44.22 -23.47
C ILE B 249 -39.79 -44.86 -22.73
N VAL B 250 -39.10 -45.78 -23.40
CA VAL B 250 -37.98 -46.48 -22.80
C VAL B 250 -36.87 -45.53 -22.37
N LYS B 251 -36.63 -44.49 -23.16
CA LYS B 251 -35.62 -43.51 -22.79
C LYS B 251 -36.10 -42.87 -21.49
N ALA B 252 -37.35 -42.43 -21.50
CA ALA B 252 -37.99 -41.79 -20.35
C ALA B 252 -37.89 -42.68 -19.13
N MET B 253 -38.08 -43.99 -19.34
CA MET B 253 -38.01 -44.96 -18.25
C MET B 253 -36.66 -44.84 -17.54
N GLU B 254 -35.60 -44.69 -18.34
CA GLU B 254 -34.26 -44.57 -17.80
C GLU B 254 -33.97 -43.21 -17.22
N THR B 255 -34.43 -42.16 -17.89
CA THR B 255 -34.22 -40.80 -17.39
C THR B 255 -34.87 -40.70 -15.99
N LEU B 256 -35.80 -41.61 -15.71
CA LEU B 256 -36.50 -41.63 -14.43
C LEU B 256 -36.00 -42.72 -13.51
N GLY B 257 -34.94 -43.41 -13.93
CA GLY B 257 -34.36 -44.45 -13.11
C GLY B 257 -35.14 -45.76 -13.05
N LEU B 258 -35.40 -46.32 -14.23
CA LEU B 258 -36.10 -47.59 -14.33
C LEU B 258 -35.28 -48.39 -15.31
N LYS B 259 -34.18 -48.95 -14.82
CA LYS B 259 -33.27 -49.74 -15.63
C LYS B 259 -33.99 -50.93 -16.26
N GLU B 260 -33.34 -51.58 -17.22
CA GLU B 260 -33.90 -52.73 -17.90
C GLU B 260 -34.37 -53.80 -16.92
N SER B 261 -34.00 -53.66 -15.66
CA SER B 261 -34.43 -54.58 -14.63
C SER B 261 -35.91 -54.32 -14.35
N ASP B 262 -36.21 -53.05 -14.11
CA ASP B 262 -37.56 -52.58 -13.82
C ASP B 262 -38.42 -52.67 -15.08
N GLN B 263 -37.86 -52.24 -16.19
CA GLN B 263 -38.57 -52.27 -17.46
C GLN B 263 -39.13 -53.65 -17.73
N ASN B 264 -38.28 -54.65 -17.53
CA ASN B 264 -38.70 -56.04 -17.75
C ASN B 264 -39.71 -56.45 -16.72
N SER B 265 -39.53 -56.00 -15.49
CA SER B 265 -40.47 -56.35 -14.43
C SER B 265 -41.87 -55.85 -14.83
N ILE B 266 -41.90 -54.70 -15.49
CA ILE B 266 -43.16 -54.10 -15.96
C ILE B 266 -43.70 -54.91 -17.13
N TRP B 267 -42.87 -55.11 -18.13
CA TRP B 267 -43.26 -55.85 -19.32
C TRP B 267 -44.00 -57.14 -19.03
N ARG B 268 -43.51 -57.89 -18.04
CA ARG B 268 -44.16 -59.14 -17.68
C ARG B 268 -45.63 -58.92 -17.33
N ILE B 269 -45.89 -57.97 -16.44
CA ILE B 269 -47.25 -57.68 -16.02
C ILE B 269 -48.13 -57.34 -17.20
N LEU B 270 -47.62 -56.54 -18.13
CA LEU B 270 -48.43 -56.20 -19.30
C LEU B 270 -48.70 -57.46 -20.10
N ALA B 271 -47.67 -58.28 -20.29
CA ALA B 271 -47.78 -59.53 -21.06
C ALA B 271 -48.74 -60.50 -20.38
N ALA B 272 -48.76 -60.46 -19.05
CA ALA B 272 -49.64 -61.31 -18.25
C ALA B 272 -51.09 -60.92 -18.50
N ILE B 273 -51.35 -59.61 -18.44
CA ILE B 273 -52.69 -59.10 -18.68
C ILE B 273 -53.14 -59.50 -20.08
N LEU B 274 -52.20 -59.48 -21.04
CA LEU B 274 -52.52 -59.86 -22.40
C LEU B 274 -52.86 -61.34 -22.49
N HIS B 275 -52.12 -62.17 -21.76
CA HIS B 275 -52.38 -63.60 -21.76
C HIS B 275 -53.66 -63.90 -21.03
N ILE B 276 -53.87 -63.25 -19.88
CA ILE B 276 -55.10 -63.46 -19.11
C ILE B 276 -56.33 -63.27 -19.98
N GLY B 277 -56.25 -62.30 -20.89
CA GLY B 277 -57.36 -62.02 -21.78
C GLY B 277 -57.70 -63.13 -22.74
N ASN B 278 -56.78 -64.05 -22.95
CA ASN B 278 -57.02 -65.15 -23.88
C ASN B 278 -57.44 -66.45 -23.19
N ILE B 279 -57.68 -66.39 -21.88
CA ILE B 279 -58.11 -67.58 -21.16
C ILE B 279 -59.59 -67.82 -21.42
N THR B 280 -59.88 -68.98 -22.01
CA THR B 280 -61.26 -69.36 -22.29
C THR B 280 -61.71 -70.38 -21.23
N PHE B 281 -63.02 -70.52 -21.07
CA PHE B 281 -63.56 -71.46 -20.09
C PHE B 281 -64.49 -72.51 -20.70
N ALA B 282 -64.38 -73.74 -20.18
CA ALA B 282 -65.20 -74.84 -20.66
C ALA B 282 -66.06 -75.46 -19.55
N GLU B 283 -67.18 -76.06 -19.97
CA GLU B 283 -68.11 -76.69 -19.06
C GLU B 283 -67.41 -77.94 -18.52
N ALA B 284 -66.91 -77.86 -17.31
CA ALA B 284 -66.20 -78.98 -16.68
C ALA B 284 -67.17 -80.07 -16.25
N ALA B 285 -67.89 -80.63 -17.23
CA ALA B 285 -68.85 -81.71 -16.96
C ALA B 285 -68.09 -82.87 -16.32
N GLU B 286 -67.88 -82.77 -15.01
CA GLU B 286 -67.16 -83.78 -14.26
C GLU B 286 -67.88 -84.16 -12.97
N GLN B 287 -68.50 -83.18 -12.33
CA GLN B 287 -69.22 -83.45 -11.08
C GLN B 287 -70.46 -84.29 -11.27
N THR B 292 -71.66 -79.62 -11.22
CA THR B 292 -70.60 -79.50 -12.22
C THR B 292 -69.84 -78.20 -12.01
N THR B 293 -68.53 -78.24 -12.25
CA THR B 293 -67.68 -77.07 -12.09
C THR B 293 -67.26 -76.54 -13.47
N VAL B 294 -66.35 -75.56 -13.48
CA VAL B 294 -65.86 -75.00 -14.72
C VAL B 294 -64.36 -75.09 -14.73
N LYS B 295 -63.78 -75.32 -15.90
CA LYS B 295 -62.32 -75.43 -16.00
C LYS B 295 -61.75 -74.65 -17.18
N VAL B 296 -60.47 -74.34 -17.08
CA VAL B 296 -59.76 -73.61 -18.12
C VAL B 296 -59.55 -74.46 -19.36
N SER B 297 -59.84 -73.87 -20.52
CA SER B 297 -59.69 -74.56 -21.80
C SER B 297 -58.32 -74.23 -22.39
N ASP B 298 -58.17 -72.96 -22.79
CA ASP B 298 -56.93 -72.48 -23.37
C ASP B 298 -55.85 -72.47 -22.29
N THR B 299 -55.53 -73.67 -21.82
CA THR B 299 -54.54 -73.88 -20.77
C THR B 299 -53.19 -73.25 -21.03
N LYS B 300 -52.68 -73.35 -22.25
CA LYS B 300 -51.37 -72.78 -22.56
C LYS B 300 -51.30 -71.29 -22.22
N SER B 301 -52.41 -70.58 -22.41
CA SER B 301 -52.45 -69.16 -22.07
C SER B 301 -52.38 -69.01 -20.56
N LEU B 302 -53.14 -69.84 -19.84
CA LEU B 302 -53.17 -69.81 -18.38
C LEU B 302 -51.78 -70.13 -17.85
N ALA B 303 -51.01 -70.87 -18.64
CA ALA B 303 -49.65 -71.25 -18.27
C ALA B 303 -48.71 -70.06 -18.49
N ALA B 304 -48.91 -69.37 -19.60
CA ALA B 304 -48.12 -68.21 -19.96
C ALA B 304 -48.37 -67.06 -18.96
N ALA B 305 -49.64 -66.91 -18.56
CA ALA B 305 -50.02 -65.86 -17.62
C ALA B 305 -49.37 -66.06 -16.25
N ALA B 306 -49.45 -67.28 -15.74
CA ALA B 306 -48.86 -67.61 -14.45
C ALA B 306 -47.34 -67.55 -14.57
N SER B 307 -46.86 -67.82 -15.79
CA SER B 307 -45.43 -67.78 -16.10
C SER B 307 -44.88 -66.35 -15.95
N CYS B 308 -45.58 -65.38 -16.53
CA CYS B 308 -45.18 -63.98 -16.45
C CYS B 308 -45.37 -63.42 -15.03
N LEU B 309 -46.50 -63.76 -14.43
CA LEU B 309 -46.80 -63.29 -13.08
C LEU B 309 -45.94 -63.98 -12.04
N LYS B 310 -45.25 -65.03 -12.46
CA LYS B 310 -44.36 -65.81 -11.59
C LYS B 310 -45.06 -66.36 -10.33
N THR B 311 -46.17 -67.08 -10.56
CA THR B 311 -46.94 -67.69 -9.48
C THR B 311 -47.31 -69.12 -9.87
N ASP B 312 -47.85 -69.87 -8.92
CA ASP B 312 -48.23 -71.24 -9.17
C ASP B 312 -49.38 -71.33 -10.15
N GLN B 313 -49.09 -71.86 -11.33
CA GLN B 313 -50.08 -72.02 -12.37
C GLN B 313 -51.40 -72.61 -11.88
N GLN B 314 -51.31 -73.56 -10.95
CA GLN B 314 -52.51 -74.20 -10.42
C GLN B 314 -53.31 -73.25 -9.53
N SER B 315 -52.67 -72.75 -8.49
CA SER B 315 -53.34 -71.83 -7.57
C SER B 315 -54.13 -70.79 -8.34
N LEU B 316 -53.55 -70.31 -9.43
CA LEU B 316 -54.19 -69.32 -10.26
C LEU B 316 -55.48 -69.90 -10.85
N SER B 317 -55.32 -71.01 -11.57
CA SER B 317 -56.45 -71.68 -12.19
C SER B 317 -57.59 -71.87 -11.20
N ILE B 318 -57.26 -72.31 -10.00
CA ILE B 318 -58.25 -72.54 -8.94
C ILE B 318 -58.92 -71.23 -8.49
N ALA B 319 -58.17 -70.14 -8.54
CA ALA B 319 -58.70 -68.84 -8.14
C ALA B 319 -59.68 -68.34 -9.19
N LEU B 320 -59.52 -68.84 -10.42
CA LEU B 320 -60.40 -68.45 -11.51
C LEU B 320 -61.68 -69.28 -11.59
N CYS B 321 -61.66 -70.46 -10.98
CA CYS B 321 -62.83 -71.34 -11.03
C CYS B 321 -63.57 -71.58 -9.71
N TYR B 322 -63.05 -71.05 -8.61
CA TYR B 322 -63.71 -71.24 -7.32
C TYR B 322 -63.57 -70.03 -6.41
N ARG B 323 -64.40 -69.97 -5.37
CA ARG B 323 -64.34 -68.88 -4.40
C ARG B 323 -63.67 -69.38 -3.11
N SER B 324 -64.09 -68.84 -1.97
CA SER B 324 -63.54 -69.24 -0.67
C SER B 324 -64.39 -68.70 0.47
N VAL B 335 -61.51 -72.24 3.54
CA VAL B 335 -61.01 -73.56 3.12
C VAL B 335 -62.05 -74.27 2.23
N ILE B 336 -63.20 -73.63 2.07
CA ILE B 336 -64.28 -74.14 1.24
C ILE B 336 -64.22 -73.47 -0.13
N SER B 337 -64.28 -74.27 -1.19
CA SER B 337 -64.21 -73.74 -2.55
C SER B 337 -65.49 -73.96 -3.34
N VAL B 338 -66.25 -72.89 -3.53
CA VAL B 338 -67.50 -73.02 -4.29
C VAL B 338 -67.26 -72.77 -5.77
N PRO B 339 -67.60 -73.75 -6.62
CA PRO B 339 -67.41 -73.62 -8.07
C PRO B 339 -68.28 -72.50 -8.59
N MET B 340 -67.88 -71.89 -9.70
CA MET B 340 -68.65 -70.81 -10.27
C MET B 340 -68.80 -71.01 -11.77
N ASP B 341 -69.89 -70.50 -12.32
CA ASP B 341 -70.22 -70.63 -13.74
C ASP B 341 -69.29 -69.91 -14.71
N CYS B 342 -69.38 -70.29 -15.99
CA CYS B 342 -68.56 -69.70 -17.04
C CYS B 342 -68.62 -68.19 -17.06
N ASN B 343 -69.60 -67.63 -16.36
CA ASN B 343 -69.75 -66.17 -16.29
C ASN B 343 -68.95 -65.56 -15.15
N GLN B 344 -69.17 -66.07 -13.94
CA GLN B 344 -68.44 -65.56 -12.79
C GLN B 344 -66.95 -65.78 -13.01
N ALA B 345 -66.62 -66.84 -13.75
CA ALA B 345 -65.23 -67.16 -14.05
C ALA B 345 -64.66 -66.06 -14.95
N ALA B 346 -65.35 -65.76 -16.04
CA ALA B 346 -64.93 -64.72 -16.98
C ALA B 346 -64.86 -63.37 -16.25
N TYR B 347 -65.81 -63.16 -15.33
CA TYR B 347 -65.85 -61.94 -14.55
C TYR B 347 -64.57 -61.80 -13.74
N SER B 348 -64.27 -62.80 -12.94
CA SER B 348 -63.07 -62.79 -12.13
C SER B 348 -61.81 -62.62 -12.96
N ARG B 349 -61.82 -63.18 -14.17
CA ARG B 349 -60.67 -63.09 -15.06
C ARG B 349 -60.43 -61.61 -15.36
N ASP B 350 -61.48 -60.94 -15.79
CA ASP B 350 -61.39 -59.53 -16.12
C ASP B 350 -61.12 -58.64 -14.90
N ALA B 351 -61.62 -59.06 -13.73
CA ALA B 351 -61.42 -58.29 -12.50
C ALA B 351 -59.95 -58.29 -12.16
N LEU B 352 -59.30 -59.41 -12.41
CA LEU B 352 -57.88 -59.56 -12.12
C LEU B 352 -57.07 -58.63 -13.02
N ALA B 353 -57.32 -58.73 -14.33
CA ALA B 353 -56.62 -57.91 -15.31
C ALA B 353 -56.74 -56.44 -14.98
N LYS B 354 -57.94 -56.01 -14.60
CA LYS B 354 -58.18 -54.61 -14.24
C LYS B 354 -57.43 -54.19 -12.98
N ALA B 355 -57.37 -55.09 -11.99
CA ALA B 355 -56.69 -54.79 -10.73
C ALA B 355 -55.21 -54.63 -10.96
N LEU B 356 -54.68 -55.50 -11.80
CA LEU B 356 -53.26 -55.47 -12.15
C LEU B 356 -52.84 -54.13 -12.76
N TYR B 357 -53.59 -53.68 -13.76
CA TYR B 357 -53.26 -52.44 -14.45
C TYR B 357 -53.42 -51.23 -13.56
N GLU B 358 -54.51 -51.19 -12.81
CA GLU B 358 -54.78 -50.07 -11.92
C GLU B 358 -53.65 -49.91 -10.91
N ARG B 359 -53.21 -51.03 -10.35
CA ARG B 359 -52.14 -51.02 -9.38
C ARG B 359 -50.82 -50.68 -10.06
N LEU B 360 -50.52 -51.35 -11.17
CA LEU B 360 -49.29 -51.08 -11.88
C LEU B 360 -49.19 -49.59 -12.18
N PHE B 361 -50.30 -48.98 -12.61
CA PHE B 361 -50.28 -47.56 -12.91
C PHE B 361 -50.02 -46.74 -11.65
N ASN B 362 -50.79 -46.99 -10.59
CA ASN B 362 -50.61 -46.25 -9.34
C ASN B 362 -49.19 -46.40 -8.82
N TRP B 363 -48.63 -47.56 -9.08
CA TRP B 363 -47.27 -47.84 -8.68
C TRP B 363 -46.33 -46.94 -9.49
N LEU B 364 -46.49 -47.01 -10.81
CA LEU B 364 -45.69 -46.23 -11.73
C LEU B 364 -45.59 -44.77 -11.30
N VAL B 365 -46.72 -44.16 -10.95
CA VAL B 365 -46.65 -42.76 -10.55
C VAL B 365 -45.84 -42.58 -9.28
N SER B 366 -46.13 -43.36 -8.25
CA SER B 366 -45.40 -43.22 -6.99
C SER B 366 -43.93 -43.51 -7.22
N LYS B 367 -43.65 -44.44 -8.14
CA LYS B 367 -42.28 -44.79 -8.47
C LYS B 367 -41.59 -43.55 -9.01
N ILE B 368 -42.31 -42.81 -9.86
CA ILE B 368 -41.78 -41.57 -10.42
C ILE B 368 -41.62 -40.55 -9.31
N ASN B 369 -42.68 -40.33 -8.55
CA ASN B 369 -42.66 -39.38 -7.44
C ASN B 369 -41.45 -39.60 -6.56
N THR B 370 -40.97 -40.84 -6.53
CA THR B 370 -39.81 -41.16 -5.72
C THR B 370 -38.57 -40.43 -6.23
N ILE B 371 -38.38 -40.45 -7.55
CA ILE B 371 -37.22 -39.80 -8.16
C ILE B 371 -37.42 -38.29 -8.29
N ILE B 372 -38.66 -37.84 -8.43
CA ILE B 372 -38.93 -36.42 -8.64
C ILE B 372 -39.31 -35.57 -7.42
N ASN B 373 -40.08 -36.13 -6.50
CA ASN B 373 -40.50 -35.36 -5.36
C ASN B 373 -39.37 -35.00 -4.40
N CYS B 374 -39.17 -33.70 -4.16
CA CYS B 374 -38.11 -33.23 -3.25
C CYS B 374 -38.61 -33.13 -1.82
N THR B 375 -38.04 -33.94 -0.93
CA THR B 375 -38.44 -33.92 0.47
C THR B 375 -37.50 -33.05 1.28
N THR B 376 -36.26 -32.95 0.82
CA THR B 376 -35.28 -32.12 1.49
C THR B 376 -35.81 -30.71 1.69
N GLU B 377 -35.62 -29.87 0.68
CA GLU B 377 -36.04 -28.47 0.71
C GLU B 377 -37.54 -28.24 0.75
N LYS B 378 -37.92 -27.07 1.23
CA LYS B 378 -39.31 -26.65 1.27
C LYS B 378 -39.35 -25.36 0.47
N GLY B 379 -40.38 -25.18 -0.35
CA GLY B 379 -40.46 -23.96 -1.13
C GLY B 379 -41.81 -23.71 -1.77
N PRO B 380 -41.97 -22.63 -2.54
CA PRO B 380 -43.24 -22.33 -3.20
C PRO B 380 -43.50 -23.33 -4.30
N VAL B 381 -44.77 -23.55 -4.61
CA VAL B 381 -45.18 -24.49 -5.64
C VAL B 381 -46.12 -23.92 -6.69
N ILE B 382 -46.07 -24.49 -7.90
CA ILE B 382 -46.98 -24.06 -8.96
C ILE B 382 -47.68 -25.32 -9.47
N GLY B 383 -48.95 -25.45 -9.11
CA GLY B 383 -49.71 -26.60 -9.53
C GLY B 383 -50.30 -26.40 -10.90
N ILE B 384 -50.49 -27.51 -11.62
CA ILE B 384 -51.05 -27.46 -12.95
C ILE B 384 -52.06 -28.60 -12.98
N LEU B 385 -53.32 -28.27 -13.25
CA LEU B 385 -54.39 -29.26 -13.31
C LEU B 385 -54.73 -29.72 -14.72
N ASP B 386 -54.71 -31.03 -14.92
CA ASP B 386 -55.04 -31.63 -16.20
C ASP B 386 -55.95 -32.85 -15.94
N ILE B 387 -57.25 -32.65 -16.06
CA ILE B 387 -58.21 -33.71 -15.81
C ILE B 387 -58.83 -34.23 -17.09
N TYR B 388 -59.55 -35.34 -17.00
CA TYR B 388 -60.22 -35.87 -18.18
C TYR B 388 -61.40 -34.93 -18.39
N GLY B 389 -61.55 -34.40 -19.60
CA GLY B 389 -62.64 -33.49 -19.86
C GLY B 389 -63.96 -34.16 -20.14
N PHE B 390 -65.02 -33.37 -20.09
CA PHE B 390 -66.39 -33.79 -20.33
C PHE B 390 -66.55 -34.58 -21.65
N GLU B 391 -67.14 -35.77 -21.57
CA GLU B 391 -67.35 -36.60 -22.73
C GLU B 391 -68.74 -37.25 -22.76
N VAL B 392 -69.23 -37.54 -23.96
CA VAL B 392 -70.53 -38.16 -24.14
C VAL B 392 -70.42 -39.13 -25.30
N PHE B 393 -70.71 -40.40 -25.05
CA PHE B 393 -70.63 -41.43 -26.08
C PHE B 393 -71.98 -42.09 -26.36
N GLN B 394 -71.99 -43.04 -27.29
CA GLN B 394 -73.22 -43.75 -27.65
C GLN B 394 -73.81 -44.35 -26.40
N ASN B 395 -72.95 -44.99 -25.63
CA ASN B 395 -73.34 -45.60 -24.36
C ASN B 395 -72.44 -45.05 -23.25
N ASN B 396 -73.04 -44.38 -22.28
CA ASN B 396 -72.28 -43.82 -21.18
C ASN B 396 -72.49 -44.68 -19.94
N SER B 397 -71.40 -45.02 -19.26
CA SER B 397 -71.48 -45.87 -18.07
C SER B 397 -70.94 -45.16 -16.83
N PHE B 398 -70.59 -45.95 -15.83
CA PHE B 398 -70.06 -45.44 -14.57
C PHE B 398 -68.86 -44.49 -14.74
N GLU B 399 -67.90 -44.89 -15.58
CA GLU B 399 -66.72 -44.10 -15.87
C GLU B 399 -67.10 -42.69 -16.29
N GLN B 400 -67.95 -42.58 -17.31
CA GLN B 400 -68.40 -41.28 -17.79
C GLN B 400 -69.02 -40.40 -16.69
N LEU B 401 -69.86 -41.00 -15.86
CA LEU B 401 -70.50 -40.26 -14.79
C LEU B 401 -69.47 -39.59 -13.90
N ASN B 402 -68.39 -40.29 -13.63
CA ASN B 402 -67.33 -39.75 -12.77
C ASN B 402 -66.58 -38.63 -13.48
N ILE B 403 -66.10 -38.93 -14.69
CA ILE B 403 -65.36 -37.95 -15.47
C ILE B 403 -66.17 -36.67 -15.59
N ASN B 404 -67.45 -36.80 -15.98
CA ASN B 404 -68.30 -35.63 -16.11
C ASN B 404 -68.53 -34.94 -14.75
N PHE B 405 -68.80 -35.74 -13.72
CA PHE B 405 -69.00 -35.19 -12.39
C PHE B 405 -67.79 -34.34 -12.05
N CYS B 406 -66.62 -34.86 -12.42
CA CYS B 406 -65.37 -34.17 -12.15
C CYS B 406 -65.33 -32.83 -12.88
N ASN B 407 -65.81 -32.82 -14.12
CA ASN B 407 -65.83 -31.58 -14.89
C ASN B 407 -66.84 -30.63 -14.33
N GLU B 408 -67.86 -31.18 -13.69
CA GLU B 408 -68.92 -30.37 -13.06
C GLU B 408 -68.28 -29.60 -11.91
N LYS B 409 -67.53 -30.31 -11.08
CA LYS B 409 -66.87 -29.69 -9.94
C LYS B 409 -65.95 -28.57 -10.39
N LEU B 410 -65.16 -28.85 -11.43
CA LEU B 410 -64.23 -27.87 -11.97
C LEU B 410 -64.97 -26.63 -12.44
N GLN B 411 -66.12 -26.85 -13.08
CA GLN B 411 -66.96 -25.76 -13.57
C GLN B 411 -67.46 -24.95 -12.39
N GLN B 412 -67.90 -25.65 -11.36
CA GLN B 412 -68.41 -25.05 -10.14
C GLN B 412 -67.33 -24.13 -9.57
N LEU B 413 -66.07 -24.59 -9.59
CA LEU B 413 -64.94 -23.82 -9.09
C LEU B 413 -64.70 -22.55 -9.87
N PHE B 414 -64.63 -22.67 -11.20
CA PHE B 414 -64.43 -21.49 -12.03
C PHE B 414 -65.47 -20.44 -11.65
N ILE B 415 -66.73 -20.86 -11.60
CA ILE B 415 -67.81 -19.95 -11.24
C ILE B 415 -67.56 -19.32 -9.88
N GLU B 416 -67.39 -20.15 -8.85
CA GLU B 416 -67.18 -19.64 -7.50
C GLU B 416 -66.09 -18.58 -7.48
N LEU B 417 -65.06 -18.79 -8.31
CA LEU B 417 -63.96 -17.82 -8.38
C LEU B 417 -64.33 -16.73 -9.37
N THR B 418 -64.00 -17.00 -10.63
CA THR B 418 -64.24 -16.10 -11.74
C THR B 418 -65.51 -15.22 -11.79
N LEU B 419 -66.68 -15.74 -11.40
CA LEU B 419 -67.87 -14.88 -11.49
C LEU B 419 -68.58 -14.54 -10.20
N LYS B 420 -68.67 -15.50 -9.30
CA LYS B 420 -69.38 -15.33 -8.04
C LYS B 420 -68.68 -14.45 -6.99
N SER B 421 -67.67 -15.00 -6.32
CA SER B 421 -66.94 -14.27 -5.30
C SER B 421 -66.52 -12.91 -5.82
N GLU B 422 -66.29 -12.83 -7.12
CA GLU B 422 -65.88 -11.60 -7.78
C GLU B 422 -66.89 -10.45 -7.61
N GLN B 423 -68.15 -10.72 -7.93
CA GLN B 423 -69.22 -9.73 -7.82
C GLN B 423 -69.67 -9.45 -6.40
N GLU B 424 -69.80 -10.51 -5.61
CA GLU B 424 -70.24 -10.40 -4.23
C GLU B 424 -69.42 -9.36 -3.47
N GLU B 425 -68.26 -9.01 -4.00
CA GLU B 425 -67.39 -8.03 -3.36
C GLU B 425 -67.81 -6.61 -3.71
N TYR B 426 -68.04 -6.35 -5.00
CA TYR B 426 -68.42 -5.04 -5.48
C TYR B 426 -69.61 -4.45 -4.73
N VAL B 427 -70.54 -5.30 -4.31
CA VAL B 427 -71.71 -4.84 -3.56
C VAL B 427 -71.40 -4.77 -2.06
N ARG B 428 -70.84 -5.85 -1.53
CA ARG B 428 -70.50 -5.93 -0.12
C ARG B 428 -69.48 -4.86 0.25
N GLU B 429 -69.15 -4.00 -0.71
CA GLU B 429 -68.19 -2.93 -0.50
C GLU B 429 -68.73 -1.53 -0.78
N GLY B 430 -70.00 -1.44 -1.18
CA GLY B 430 -70.58 -0.14 -1.45
C GLY B 430 -70.40 0.36 -2.87
N ILE B 431 -69.57 -0.35 -3.64
CA ILE B 431 -69.34 0.04 -5.02
C ILE B 431 -70.65 -0.13 -5.77
N GLU B 432 -71.34 0.97 -6.07
CA GLU B 432 -72.60 0.85 -6.81
C GLU B 432 -72.35 -0.03 -7.99
N TRP B 433 -72.74 -1.29 -7.85
CA TRP B 433 -72.54 -2.29 -8.87
C TRP B 433 -73.84 -2.91 -9.38
N LYS B 434 -74.03 -2.84 -10.70
CA LYS B 434 -75.22 -3.41 -11.31
C LYS B 434 -74.91 -4.89 -11.50
N ASN B 435 -75.74 -5.75 -10.91
CA ASN B 435 -75.53 -7.18 -10.99
C ASN B 435 -75.64 -7.77 -12.39
N ILE B 436 -74.62 -8.54 -12.77
CA ILE B 436 -74.58 -9.20 -14.07
C ILE B 436 -74.80 -10.70 -13.85
N GLU B 437 -76.02 -11.15 -14.15
CA GLU B 437 -76.39 -12.56 -13.95
C GLU B 437 -75.58 -13.51 -14.80
N TYR B 438 -74.99 -14.50 -14.13
CA TYR B 438 -74.18 -15.49 -14.81
C TYR B 438 -74.93 -16.79 -15.05
N PHE B 439 -75.54 -16.85 -16.24
CA PHE B 439 -76.32 -17.99 -16.69
C PHE B 439 -76.65 -19.01 -15.58
N ASN B 440 -75.73 -19.93 -15.32
CA ASN B 440 -75.97 -20.95 -14.33
C ASN B 440 -74.90 -20.96 -13.24
N ASN B 441 -75.27 -21.42 -12.06
CA ASN B 441 -74.35 -21.52 -10.95
C ASN B 441 -74.03 -22.98 -10.80
N LYS B 442 -74.90 -23.81 -11.35
CA LYS B 442 -74.72 -25.26 -11.31
C LYS B 442 -74.18 -25.94 -10.05
N PRO B 443 -74.39 -25.35 -8.85
CA PRO B 443 -73.85 -26.03 -7.65
C PRO B 443 -74.74 -27.24 -7.44
N ILE B 444 -75.85 -27.23 -8.17
CA ILE B 444 -76.83 -28.28 -8.10
C ILE B 444 -76.41 -29.54 -8.82
N CYS B 445 -75.86 -29.42 -10.02
CA CYS B 445 -75.40 -30.61 -10.72
C CYS B 445 -74.40 -31.25 -9.79
N GLU B 446 -73.84 -30.42 -8.92
CA GLU B 446 -72.88 -30.90 -7.96
C GLU B 446 -73.66 -31.68 -6.91
N LEU B 447 -74.56 -30.97 -6.23
CA LEU B 447 -75.39 -31.55 -5.17
C LEU B 447 -76.11 -32.83 -5.58
N ILE B 448 -76.61 -32.86 -6.82
CA ILE B 448 -77.31 -34.04 -7.32
C ILE B 448 -76.36 -35.21 -7.50
N GLU B 449 -75.34 -35.28 -6.65
CA GLU B 449 -74.37 -36.37 -6.71
C GLU B 449 -73.23 -36.27 -5.72
N LYS B 450 -73.54 -35.97 -4.46
CA LYS B 450 -72.51 -35.89 -3.44
C LYS B 450 -72.93 -36.28 -2.04
N LYS B 451 -73.69 -35.41 -1.37
CA LYS B 451 -74.11 -35.68 0.03
C LYS B 451 -75.41 -36.49 0.20
N PRO B 452 -75.79 -36.86 1.47
CA PRO B 452 -76.99 -37.65 1.82
C PRO B 452 -78.18 -37.39 0.90
N ILE B 453 -78.52 -38.38 0.08
CA ILE B 453 -79.59 -38.24 -0.90
C ILE B 453 -78.97 -37.59 -2.13
N GLY B 454 -77.95 -38.24 -2.67
CA GLY B 454 -77.26 -37.76 -3.85
C GLY B 454 -76.98 -38.98 -4.70
N LEU B 455 -76.76 -38.81 -5.99
CA LEU B 455 -76.51 -39.96 -6.85
C LEU B 455 -75.51 -40.95 -6.26
N ILE B 456 -74.25 -40.57 -6.12
CA ILE B 456 -73.27 -41.51 -5.58
C ILE B 456 -73.52 -41.93 -4.14
N SER B 457 -74.29 -41.16 -3.40
CA SER B 457 -74.59 -41.53 -2.02
C SER B 457 -75.68 -42.60 -2.01
N LEU B 458 -76.63 -42.50 -2.93
CA LEU B 458 -77.69 -43.49 -3.05
C LEU B 458 -77.10 -44.78 -3.61
N LEU B 459 -76.33 -44.65 -4.69
CA LEU B 459 -75.69 -45.80 -5.33
C LEU B 459 -74.78 -46.50 -4.32
N ASP B 460 -74.19 -45.73 -3.42
CA ASP B 460 -73.31 -46.28 -2.38
C ASP B 460 -74.13 -47.13 -1.42
N GLU B 461 -75.07 -46.46 -0.75
CA GLU B 461 -75.95 -47.11 0.22
C GLU B 461 -76.70 -48.28 -0.39
N ALA B 462 -76.98 -48.21 -1.68
CA ALA B 462 -77.68 -49.28 -2.36
C ALA B 462 -76.77 -50.50 -2.49
N CYS B 463 -75.46 -50.28 -2.39
CA CYS B 463 -74.50 -51.37 -2.50
C CYS B 463 -74.52 -52.26 -1.26
N LEU B 464 -74.84 -51.64 -0.13
CA LEU B 464 -74.90 -52.32 1.15
C LEU B 464 -75.98 -53.41 1.17
N ILE B 465 -77.12 -53.12 0.55
CA ILE B 465 -78.21 -54.08 0.49
C ILE B 465 -77.86 -55.20 -0.50
N ALA B 466 -77.44 -56.34 0.03
CA ALA B 466 -77.04 -57.50 -0.77
C ALA B 466 -78.12 -58.03 -1.71
N LYS B 467 -79.33 -57.48 -1.61
CA LYS B 467 -80.41 -57.94 -2.47
C LYS B 467 -80.64 -57.07 -3.72
N SER B 468 -80.47 -55.76 -3.56
CA SER B 468 -80.66 -54.81 -4.64
C SER B 468 -79.82 -55.10 -5.90
N THR B 469 -80.32 -54.60 -7.03
CA THR B 469 -79.66 -54.76 -8.32
C THR B 469 -79.62 -53.42 -9.05
N ASP B 470 -78.84 -53.35 -10.12
CA ASP B 470 -78.73 -52.14 -10.91
C ASP B 470 -80.12 -51.50 -11.07
N GLN B 471 -81.09 -52.33 -11.44
CA GLN B 471 -82.45 -51.88 -11.67
C GLN B 471 -83.11 -51.25 -10.45
N THR B 472 -83.02 -51.93 -9.30
CA THR B 472 -83.63 -51.40 -8.09
C THR B 472 -83.01 -50.06 -7.74
N PHE B 473 -81.74 -49.88 -8.11
CA PHE B 473 -81.02 -48.64 -7.84
C PHE B 473 -81.58 -47.52 -8.71
N LEU B 474 -81.85 -47.85 -9.97
CA LEU B 474 -82.38 -46.86 -10.89
C LEU B 474 -83.70 -46.30 -10.34
N ASP B 475 -84.50 -47.18 -9.74
CA ASP B 475 -85.80 -46.80 -9.16
C ASP B 475 -85.64 -45.79 -8.03
N SER B 476 -84.64 -46.03 -7.18
CA SER B 476 -84.37 -45.14 -6.07
C SER B 476 -84.22 -43.75 -6.67
N ILE B 477 -83.21 -43.61 -7.51
CA ILE B 477 -82.90 -42.33 -8.17
C ILE B 477 -84.16 -41.70 -8.77
N CYS B 478 -84.81 -42.46 -9.65
CA CYS B 478 -86.00 -41.98 -10.33
C CYS B 478 -87.09 -41.52 -9.40
N LYS B 479 -87.24 -42.21 -8.27
CA LYS B 479 -88.26 -41.84 -7.29
C LYS B 479 -87.79 -40.68 -6.43
N GLN B 480 -86.60 -40.83 -5.86
CA GLN B 480 -86.01 -39.82 -5.00
C GLN B 480 -85.88 -38.46 -5.65
N PHE B 481 -85.75 -38.44 -6.98
CA PHE B 481 -85.61 -37.19 -7.71
C PHE B 481 -86.76 -37.00 -8.68
N GLU B 482 -86.44 -36.45 -9.84
CA GLU B 482 -87.47 -36.17 -10.86
C GLU B 482 -88.62 -35.44 -10.20
N LYS B 483 -88.29 -34.21 -9.85
CA LYS B 483 -89.13 -33.22 -9.20
C LYS B 483 -87.99 -32.25 -8.96
N ASN B 484 -86.83 -32.76 -9.37
CA ASN B 484 -85.54 -32.09 -9.32
C ASN B 484 -85.07 -32.03 -10.78
N PRO B 485 -84.75 -30.84 -11.30
CA PRO B 485 -84.30 -30.74 -12.69
C PRO B 485 -82.95 -31.45 -12.81
N HIS B 486 -82.33 -31.40 -13.97
CA HIS B 486 -81.03 -32.05 -14.12
C HIS B 486 -81.12 -33.57 -14.12
N LEU B 487 -82.26 -34.09 -13.69
CA LEU B 487 -82.47 -35.54 -13.69
C LEU B 487 -83.81 -35.97 -14.29
N GLN B 488 -83.74 -36.76 -15.36
CA GLN B 488 -84.92 -37.26 -16.06
C GLN B 488 -84.86 -38.76 -16.22
N SER B 489 -85.98 -39.35 -16.60
CA SER B 489 -86.06 -40.79 -16.85
C SER B 489 -87.34 -41.06 -17.62
N TYR B 490 -87.37 -42.16 -18.35
CA TYR B 490 -88.54 -42.54 -19.14
C TYR B 490 -89.79 -42.58 -18.25
N VAL B 491 -89.64 -43.18 -17.07
CA VAL B 491 -90.72 -43.30 -16.10
C VAL B 491 -91.43 -41.99 -15.84
N VAL B 492 -90.85 -41.14 -15.00
CA VAL B 492 -91.49 -39.86 -14.69
C VAL B 492 -91.74 -39.01 -15.92
N SER B 493 -90.66 -38.49 -16.51
CA SER B 493 -90.75 -37.64 -17.70
C SER B 493 -90.88 -38.53 -18.93
N LYS B 494 -92.06 -39.14 -19.07
CA LYS B 494 -92.38 -40.06 -20.17
C LYS B 494 -91.72 -39.68 -21.49
N ASP B 495 -90.41 -39.89 -21.56
CA ASP B 495 -89.61 -39.55 -22.73
C ASP B 495 -88.84 -40.76 -23.21
N ARG B 496 -89.21 -41.29 -24.37
CA ARG B 496 -88.58 -42.47 -24.96
C ARG B 496 -87.07 -42.33 -25.16
N SER B 497 -86.58 -41.09 -25.25
CA SER B 497 -85.15 -40.86 -25.44
C SER B 497 -84.33 -41.57 -24.36
N ILE B 498 -84.91 -41.65 -23.16
CA ILE B 498 -84.24 -42.29 -22.01
C ILE B 498 -84.51 -43.79 -22.05
N GLY B 499 -83.47 -44.60 -22.26
CA GLY B 499 -83.69 -46.04 -22.28
C GLY B 499 -84.37 -46.54 -20.99
N ASP B 500 -84.73 -47.83 -20.97
CA ASP B 500 -85.40 -48.40 -19.79
C ASP B 500 -84.46 -48.69 -18.65
N THR B 501 -83.17 -48.75 -18.95
CA THR B 501 -82.16 -49.02 -17.94
C THR B 501 -81.24 -47.81 -17.80
N CYS B 502 -81.72 -46.66 -18.27
CA CYS B 502 -80.93 -45.44 -18.23
C CYS B 502 -81.58 -44.30 -17.44
N PHE B 503 -80.88 -43.18 -17.39
CA PHE B 503 -81.40 -41.98 -16.76
C PHE B 503 -80.62 -40.80 -17.34
N ARG B 504 -81.34 -39.73 -17.60
CA ARG B 504 -80.81 -38.50 -18.19
C ARG B 504 -80.31 -37.54 -17.12
N LEU B 505 -79.10 -37.02 -17.30
CA LEU B 505 -78.53 -36.08 -16.36
C LEU B 505 -78.22 -34.81 -17.16
N LYS B 506 -78.82 -33.70 -16.76
CA LYS B 506 -78.59 -32.42 -17.46
C LYS B 506 -77.37 -31.68 -16.91
N HIS B 507 -76.21 -32.08 -17.40
CA HIS B 507 -74.94 -31.50 -16.96
C HIS B 507 -74.86 -30.06 -17.43
N TYR B 508 -73.90 -29.33 -16.88
CA TYR B 508 -73.69 -27.93 -17.26
C TYR B 508 -73.29 -27.83 -18.73
N ALA B 509 -72.65 -28.88 -19.24
CA ALA B 509 -72.19 -28.89 -20.63
C ALA B 509 -73.08 -29.66 -21.61
N GLY B 510 -74.31 -29.94 -21.20
CA GLY B 510 -75.23 -30.66 -22.06
C GLY B 510 -75.79 -31.89 -21.38
N ASP B 511 -76.82 -32.50 -22.00
CA ASP B 511 -77.45 -33.70 -21.43
C ASP B 511 -76.66 -34.96 -21.73
N VAL B 512 -76.63 -35.86 -20.76
CA VAL B 512 -75.92 -37.13 -20.92
C VAL B 512 -76.84 -38.22 -20.40
N THR B 513 -76.83 -39.37 -21.07
CA THR B 513 -77.66 -40.49 -20.65
C THR B 513 -76.81 -41.66 -20.18
N TYR B 514 -76.88 -41.92 -18.88
CA TYR B 514 -76.10 -43.00 -18.28
C TYR B 514 -76.88 -44.31 -18.18
N ASP B 515 -76.20 -45.40 -18.49
CA ASP B 515 -76.80 -46.73 -18.44
C ASP B 515 -76.38 -47.38 -17.11
N VAL B 516 -77.37 -47.56 -16.23
CA VAL B 516 -77.17 -48.12 -14.91
C VAL B 516 -76.50 -49.50 -14.89
N ARG B 517 -76.50 -50.19 -16.04
CA ARG B 517 -75.92 -51.52 -16.14
C ARG B 517 -74.50 -51.64 -15.60
N GLY B 518 -74.31 -52.44 -14.56
CA GLY B 518 -73.00 -52.64 -13.97
C GLY B 518 -72.57 -51.61 -12.95
N PHE B 519 -73.42 -50.63 -12.68
CA PHE B 519 -73.10 -49.57 -11.72
C PHE B 519 -72.76 -50.05 -10.31
N LEU B 520 -73.41 -51.13 -9.86
CA LEU B 520 -73.13 -51.60 -8.51
C LEU B 520 -71.77 -52.25 -8.36
N ASP B 521 -71.46 -53.23 -9.21
CA ASP B 521 -70.17 -53.90 -9.10
C ASP B 521 -69.03 -52.96 -9.46
N LYS B 522 -69.34 -51.89 -10.18
CA LYS B 522 -68.33 -50.90 -10.57
C LYS B 522 -68.00 -50.02 -9.36
N ASN B 523 -69.03 -49.71 -8.58
CA ASN B 523 -68.87 -48.89 -7.38
C ASN B 523 -68.34 -49.75 -6.22
N LYS B 524 -68.76 -51.01 -6.18
CA LYS B 524 -68.31 -51.93 -5.14
C LYS B 524 -66.80 -52.06 -5.29
N ASP B 525 -66.36 -52.28 -6.53
CA ASP B 525 -64.94 -52.39 -6.81
C ASP B 525 -64.26 -53.43 -5.93
N THR B 526 -64.73 -54.66 -6.00
CA THR B 526 -64.15 -55.72 -5.18
C THR B 526 -63.39 -56.82 -5.94
N LEU B 527 -62.34 -57.31 -5.28
CA LEU B 527 -61.50 -58.37 -5.81
C LEU B 527 -61.40 -59.41 -4.70
N PHE B 528 -61.88 -60.62 -4.98
CA PHE B 528 -61.87 -61.69 -4.00
C PHE B 528 -60.47 -62.09 -3.54
N GLY B 529 -60.38 -62.42 -2.24
CA GLY B 529 -59.13 -62.81 -1.64
C GLY B 529 -58.36 -63.91 -2.34
N ASP B 530 -59.08 -64.86 -2.92
CA ASP B 530 -58.41 -65.95 -3.61
C ASP B 530 -57.52 -65.40 -4.72
N LEU B 531 -58.05 -64.46 -5.50
CA LEU B 531 -57.27 -63.85 -6.58
C LEU B 531 -56.11 -63.04 -6.00
N ILE B 532 -56.39 -62.26 -4.96
CA ILE B 532 -55.37 -61.45 -4.31
C ILE B 532 -54.24 -62.35 -3.82
N SER B 533 -54.60 -63.32 -2.99
CA SER B 533 -53.62 -64.25 -2.45
C SER B 533 -52.81 -64.95 -3.54
N SER B 534 -53.48 -65.32 -4.63
CA SER B 534 -52.80 -65.97 -5.75
C SER B 534 -51.69 -65.10 -6.33
N MET B 535 -51.82 -63.80 -6.13
CA MET B 535 -50.83 -62.85 -6.61
C MET B 535 -49.75 -62.65 -5.57
N GLN B 536 -50.16 -62.47 -4.31
CA GLN B 536 -49.20 -62.28 -3.22
C GLN B 536 -48.20 -63.44 -3.23
N SER B 537 -48.70 -64.61 -3.61
CA SER B 537 -47.89 -65.80 -3.68
C SER B 537 -46.83 -65.71 -4.77
N SER B 538 -46.80 -64.59 -5.49
CA SER B 538 -45.83 -64.42 -6.57
C SER B 538 -44.41 -64.27 -6.01
N SER B 539 -43.42 -64.62 -6.83
CA SER B 539 -42.03 -64.48 -6.42
C SER B 539 -41.43 -63.19 -6.98
N ASP B 540 -42.08 -62.60 -7.99
CA ASP B 540 -41.60 -61.35 -8.58
C ASP B 540 -41.79 -60.23 -7.58
N PRO B 541 -40.70 -59.53 -7.24
CA PRO B 541 -40.76 -58.43 -6.29
C PRO B 541 -41.82 -57.41 -6.64
N LEU B 542 -42.05 -57.19 -7.94
CA LEU B 542 -43.05 -56.23 -8.39
C LEU B 542 -44.43 -56.75 -8.11
N VAL B 543 -44.80 -57.85 -8.75
CA VAL B 543 -46.11 -58.43 -8.57
C VAL B 543 -46.57 -58.33 -7.12
N GLN B 544 -45.90 -59.03 -6.23
CA GLN B 544 -46.31 -58.98 -4.83
C GLN B 544 -46.29 -57.56 -4.32
N GLY B 545 -45.50 -56.71 -4.96
CA GLY B 545 -45.45 -55.32 -4.56
C GLY B 545 -46.80 -54.68 -4.79
N LEU B 546 -47.44 -55.02 -5.91
CA LEU B 546 -48.74 -54.48 -6.24
C LEU B 546 -49.79 -54.92 -5.22
N PHE B 547 -49.60 -56.10 -4.63
CA PHE B 547 -50.52 -56.62 -3.62
C PHE B 547 -49.77 -56.91 -2.32
N PRO B 548 -49.61 -55.89 -1.47
CA PRO B 548 -48.91 -56.02 -0.20
C PRO B 548 -49.57 -56.97 0.80
N GLU B 560 -64.45 -49.06 0.31
CA GLU B 560 -65.16 -47.80 0.40
C GLU B 560 -65.51 -47.27 -0.98
N THR B 561 -66.53 -47.87 -1.60
CA THR B 561 -67.02 -47.52 -2.93
C THR B 561 -66.21 -46.51 -3.76
N ALA B 562 -65.82 -46.95 -4.95
CA ALA B 562 -65.05 -46.11 -5.86
C ALA B 562 -65.67 -44.72 -5.92
N GLY B 563 -67.00 -44.68 -5.89
CA GLY B 563 -67.72 -43.40 -5.94
C GLY B 563 -67.44 -42.44 -4.80
N SER B 564 -67.83 -42.80 -3.58
CA SER B 564 -67.62 -41.93 -2.44
C SER B 564 -66.15 -41.58 -2.29
N GLN B 565 -65.28 -42.49 -2.74
CA GLN B 565 -63.85 -42.27 -2.65
C GLN B 565 -63.40 -41.19 -3.63
N PHE B 566 -63.90 -41.25 -4.86
CA PHE B 566 -63.56 -40.27 -5.89
C PHE B 566 -64.16 -38.95 -5.44
N ARG B 567 -65.29 -39.03 -4.74
CA ARG B 567 -65.95 -37.83 -4.26
C ARG B 567 -65.02 -37.09 -3.31
N ASN B 568 -64.23 -37.84 -2.53
CA ASN B 568 -63.30 -37.25 -1.58
C ASN B 568 -62.12 -36.62 -2.31
N ALA B 569 -61.53 -37.42 -3.20
CA ALA B 569 -60.41 -36.96 -3.97
C ALA B 569 -60.74 -35.60 -4.60
N MET B 570 -61.95 -35.46 -5.14
CA MET B 570 -62.35 -34.22 -5.78
C MET B 570 -62.53 -33.06 -4.80
N ASN B 571 -63.12 -33.33 -3.63
CA ASN B 571 -63.32 -32.28 -2.65
C ASN B 571 -61.97 -31.90 -2.06
N ALA B 572 -61.08 -32.88 -1.98
CA ALA B 572 -59.75 -32.60 -1.45
C ALA B 572 -59.05 -31.70 -2.47
N LEU B 573 -59.12 -32.10 -3.73
CA LEU B 573 -58.49 -31.36 -4.82
C LEU B 573 -59.01 -29.93 -4.86
N ILE B 574 -60.31 -29.75 -4.72
CA ILE B 574 -60.87 -28.40 -4.76
C ILE B 574 -60.42 -27.51 -3.60
N THR B 575 -60.32 -28.06 -2.40
CA THR B 575 -59.89 -27.23 -1.28
C THR B 575 -58.43 -26.82 -1.40
N THR B 576 -57.64 -27.64 -2.07
CA THR B 576 -56.24 -27.29 -2.23
C THR B 576 -56.06 -26.23 -3.30
N LEU B 577 -56.85 -26.29 -4.37
CA LEU B 577 -56.75 -25.31 -5.42
C LEU B 577 -57.19 -23.95 -4.89
N LEU B 578 -58.03 -23.95 -3.85
CA LEU B 578 -58.51 -22.70 -3.28
C LEU B 578 -57.54 -22.17 -2.22
N ALA B 579 -56.32 -22.69 -2.25
CA ALA B 579 -55.29 -22.27 -1.32
C ALA B 579 -54.09 -21.67 -2.07
N CYS B 580 -54.29 -21.38 -3.35
CA CYS B 580 -53.24 -20.83 -4.20
C CYS B 580 -53.78 -19.64 -4.99
N SER B 581 -52.90 -18.96 -5.72
CA SER B 581 -53.33 -17.85 -6.54
C SER B 581 -53.69 -18.50 -7.87
N PRO B 582 -54.95 -18.30 -8.32
CA PRO B 582 -55.47 -18.85 -9.56
C PRO B 582 -54.95 -18.23 -10.85
N HIS B 583 -54.94 -19.04 -11.89
CA HIS B 583 -54.52 -18.64 -13.21
C HIS B 583 -55.40 -19.53 -14.06
N TYR B 584 -56.18 -18.94 -14.94
CA TYR B 584 -57.10 -19.75 -15.75
C TYR B 584 -56.83 -19.83 -17.24
N VAL B 585 -56.98 -21.04 -17.76
CA VAL B 585 -56.83 -21.33 -19.18
C VAL B 585 -58.11 -22.04 -19.51
N ARG B 586 -58.78 -21.66 -20.60
CA ARG B 586 -60.01 -22.35 -20.97
C ARG B 586 -59.92 -22.78 -22.42
N CYS B 587 -59.82 -24.08 -22.63
CA CYS B 587 -59.71 -24.64 -23.97
C CYS B 587 -61.07 -24.84 -24.63
N ILE B 588 -61.14 -24.51 -25.93
CA ILE B 588 -62.35 -24.64 -26.71
C ILE B 588 -62.07 -25.61 -27.84
N LYS B 589 -62.84 -26.69 -27.93
CA LYS B 589 -62.62 -27.65 -29.02
C LYS B 589 -63.14 -27.00 -30.31
N SER B 590 -62.24 -26.82 -31.27
CA SER B 590 -62.55 -26.18 -32.56
C SER B 590 -63.60 -26.91 -33.36
N ASN B 591 -63.49 -28.23 -33.39
CA ASN B 591 -64.42 -29.07 -34.13
C ASN B 591 -64.26 -30.53 -33.72
N ASP B 592 -65.21 -31.36 -34.14
CA ASP B 592 -65.19 -32.77 -33.77
C ASP B 592 -64.60 -33.67 -34.82
N ASN B 593 -63.78 -33.12 -35.71
CA ASN B 593 -63.18 -33.93 -36.75
C ASN B 593 -61.66 -33.76 -36.80
N LYS B 594 -61.11 -33.03 -35.83
CA LYS B 594 -59.67 -32.80 -35.76
C LYS B 594 -59.19 -32.06 -37.01
N GLN B 595 -60.11 -31.37 -37.69
CA GLN B 595 -59.78 -30.61 -38.88
C GLN B 595 -59.00 -29.38 -38.52
N ALA B 596 -57.82 -29.23 -39.11
CA ALA B 596 -57.01 -28.06 -38.85
C ALA B 596 -57.73 -26.82 -39.42
N GLY B 597 -57.64 -25.71 -38.71
CA GLY B 597 -58.27 -24.48 -39.18
C GLY B 597 -59.74 -24.54 -39.54
N VAL B 598 -60.56 -25.14 -38.69
CA VAL B 598 -62.00 -25.23 -38.94
C VAL B 598 -62.80 -24.98 -37.68
N ILE B 599 -63.86 -24.19 -37.81
CA ILE B 599 -64.72 -23.88 -36.68
C ILE B 599 -66.12 -24.48 -36.87
N ASP B 600 -66.64 -25.06 -35.80
CA ASP B 600 -67.96 -25.66 -35.79
C ASP B 600 -68.85 -24.65 -35.06
N GLU B 601 -69.24 -23.61 -35.78
CA GLU B 601 -70.06 -22.53 -35.26
C GLU B 601 -70.91 -22.87 -34.03
N ASP B 602 -71.91 -23.72 -34.23
CA ASP B 602 -72.83 -24.12 -33.15
C ASP B 602 -72.07 -24.69 -31.96
N ARG B 603 -71.34 -25.76 -32.25
CA ARG B 603 -70.52 -26.48 -31.28
C ARG B 603 -69.70 -25.52 -30.40
N VAL B 604 -69.01 -24.58 -31.03
CA VAL B 604 -68.21 -23.60 -30.30
C VAL B 604 -69.11 -22.60 -29.57
N ARG B 605 -70.23 -22.25 -30.19
CA ARG B 605 -71.14 -21.32 -29.56
C ARG B 605 -71.65 -21.94 -28.25
N HIS B 606 -71.89 -23.26 -28.27
CA HIS B 606 -72.39 -23.97 -27.10
C HIS B 606 -71.39 -23.80 -25.96
N GLN B 607 -70.15 -24.22 -26.21
CA GLN B 607 -69.10 -24.12 -25.22
C GLN B 607 -69.01 -22.71 -24.66
N VAL B 608 -68.93 -21.73 -25.55
CA VAL B 608 -68.83 -20.34 -25.14
C VAL B 608 -69.99 -19.93 -24.25
N ARG B 609 -71.11 -20.64 -24.39
CA ARG B 609 -72.25 -20.31 -23.59
C ARG B 609 -72.25 -20.99 -22.24
N TYR B 610 -72.12 -22.32 -22.23
CA TYR B 610 -72.15 -23.02 -20.96
C TYR B 610 -70.95 -22.71 -20.10
N LEU B 611 -69.87 -22.23 -20.72
CA LEU B 611 -68.67 -21.86 -19.97
C LEU B 611 -68.87 -20.52 -19.29
N GLY B 612 -69.70 -19.69 -19.90
CA GLY B 612 -69.96 -18.39 -19.34
C GLY B 612 -68.92 -17.34 -19.67
N LEU B 613 -68.23 -17.50 -20.79
CA LEU B 613 -67.21 -16.54 -21.15
C LEU B 613 -67.81 -15.16 -21.44
N LEU B 614 -68.96 -15.15 -22.10
CA LEU B 614 -69.60 -13.89 -22.41
C LEU B 614 -69.92 -13.18 -21.09
N GLU B 615 -70.17 -13.95 -20.04
CA GLU B 615 -70.48 -13.39 -18.73
C GLU B 615 -69.22 -12.75 -18.16
N ASN B 616 -68.11 -13.48 -18.26
CA ASN B 616 -66.82 -13.00 -17.77
C ASN B 616 -66.49 -11.67 -18.45
N VAL B 617 -66.54 -11.65 -19.78
CA VAL B 617 -66.25 -10.43 -20.52
C VAL B 617 -67.16 -9.29 -20.05
N ARG B 618 -68.36 -9.65 -19.60
CA ARG B 618 -69.29 -8.63 -19.13
C ARG B 618 -68.98 -8.22 -17.68
N VAL B 619 -68.11 -8.99 -17.02
CA VAL B 619 -67.72 -8.68 -15.65
C VAL B 619 -66.43 -7.88 -15.67
N ARG B 620 -65.46 -8.34 -16.45
CA ARG B 620 -64.18 -7.65 -16.55
C ARG B 620 -64.47 -6.24 -17.06
N ARG B 621 -65.48 -6.13 -17.91
CA ARG B 621 -65.89 -4.85 -18.45
C ARG B 621 -66.27 -3.93 -17.29
N ALA B 622 -67.54 -3.99 -16.92
CA ALA B 622 -68.06 -3.17 -15.82
C ALA B 622 -67.15 -3.16 -14.59
N GLY B 623 -66.57 -4.31 -14.28
CA GLY B 623 -65.71 -4.43 -13.11
C GLY B 623 -64.39 -3.68 -13.08
N PHE B 624 -63.73 -3.74 -11.92
CA PHE B 624 -62.45 -3.06 -11.72
C PHE B 624 -61.25 -3.99 -11.62
N ALA B 625 -60.20 -3.67 -12.38
CA ALA B 625 -58.98 -4.45 -12.42
C ALA B 625 -58.25 -4.57 -11.07
N GLY B 626 -58.91 -5.18 -10.09
CA GLY B 626 -58.31 -5.35 -8.78
C GLY B 626 -58.53 -4.19 -7.82
N ARG B 627 -58.49 -4.50 -6.52
CA ARG B 627 -58.68 -3.49 -5.50
C ARG B 627 -57.93 -3.85 -4.22
N ILE B 628 -57.72 -2.85 -3.35
CA ILE B 628 -57.02 -3.04 -2.08
C ILE B 628 -57.68 -2.19 -1.01
N GLU B 629 -57.30 -2.42 0.24
CA GLU B 629 -57.86 -1.63 1.32
C GLU B 629 -57.16 -0.28 1.32
N TYR B 630 -57.43 0.54 2.32
CA TYR B 630 -56.81 1.86 2.41
C TYR B 630 -55.54 1.83 3.28
N THR B 631 -55.42 0.82 4.13
CA THR B 631 -54.25 0.69 5.00
C THR B 631 -53.09 0.06 4.24
N ARG B 632 -53.39 -0.52 3.08
CA ARG B 632 -52.39 -1.17 2.26
C ARG B 632 -51.95 -0.27 1.11
N PHE B 633 -52.57 0.90 1.02
CA PHE B 633 -52.24 1.85 -0.03
C PHE B 633 -51.74 3.19 0.47
N TYR B 634 -52.28 3.64 1.61
CA TYR B 634 -51.88 4.93 2.17
C TYR B 634 -50.44 4.91 2.71
N ASN B 635 -49.84 3.72 2.75
CA ASN B 635 -48.46 3.54 3.22
C ASN B 635 -47.55 2.93 2.16
N ARG B 636 -47.98 1.83 1.56
CA ARG B 636 -47.18 1.18 0.52
C ARG B 636 -47.00 2.25 -0.57
N TYR B 637 -47.90 3.22 -0.56
CA TYR B 637 -47.87 4.33 -1.50
C TYR B 637 -47.88 5.63 -0.70
N LYS B 638 -47.18 5.63 0.44
CA LYS B 638 -47.11 6.80 1.30
C LYS B 638 -46.23 7.88 0.65
N MET B 639 -45.22 7.44 -0.09
CA MET B 639 -44.32 8.35 -0.78
C MET B 639 -45.00 9.05 -1.95
N LEU B 640 -45.67 10.16 -1.64
CA LEU B 640 -46.39 10.98 -2.62
C LEU B 640 -47.24 12.02 -1.87
N CYS B 641 -46.94 12.20 -0.59
CA CYS B 641 -47.68 13.14 0.25
C CYS B 641 -46.95 14.48 0.41
N LYS B 642 -47.71 15.53 0.74
CA LYS B 642 -47.16 16.87 0.93
C LYS B 642 -47.40 17.38 2.34
N ALA B 652 -57.76 6.98 9.21
CA ALA B 652 -56.67 6.37 8.46
C ALA B 652 -56.89 6.60 6.98
N LYS B 653 -57.72 5.74 6.39
CA LYS B 653 -58.07 5.78 4.98
C LYS B 653 -57.97 7.16 4.34
N GLN B 654 -58.24 8.20 5.13
CA GLN B 654 -58.19 9.58 4.67
C GLN B 654 -57.07 9.80 3.66
N ALA B 655 -56.01 9.00 3.81
CA ALA B 655 -54.84 9.09 2.93
C ALA B 655 -55.16 8.69 1.49
N THR B 656 -55.52 7.43 1.29
CA THR B 656 -55.85 6.94 -0.06
C THR B 656 -56.74 7.97 -0.76
N GLU B 657 -57.61 8.60 0.03
CA GLU B 657 -58.52 9.61 -0.47
C GLU B 657 -57.74 10.72 -1.15
N LEU B 658 -56.91 11.41 -0.37
CA LEU B 658 -56.13 12.52 -0.88
C LEU B 658 -54.96 12.10 -1.79
N ILE B 659 -54.30 10.99 -1.47
CA ILE B 659 -53.18 10.51 -2.27
C ILE B 659 -53.61 10.23 -3.71
N LEU B 660 -54.92 10.25 -3.91
CA LEU B 660 -55.50 10.00 -5.23
C LEU B 660 -56.12 11.30 -5.73
N GLN B 661 -56.99 11.88 -4.91
CA GLN B 661 -57.70 13.11 -5.25
C GLN B 661 -56.80 14.25 -5.74
N GLN B 662 -55.70 14.48 -5.04
CA GLN B 662 -54.76 15.56 -5.39
C GLN B 662 -53.64 15.10 -6.32
N HIS B 663 -53.38 13.79 -6.33
CA HIS B 663 -52.31 13.23 -7.17
C HIS B 663 -52.64 13.45 -8.64
N ASN B 664 -53.62 14.32 -8.89
CA ASN B 664 -54.05 14.64 -10.25
C ASN B 664 -54.73 13.42 -10.87
N ILE B 665 -54.71 12.31 -10.14
CA ILE B 665 -55.32 11.06 -10.61
C ILE B 665 -56.82 11.22 -10.88
N ASP B 666 -57.21 10.99 -12.13
CA ASP B 666 -58.61 11.09 -12.57
C ASP B 666 -59.59 10.50 -11.55
N LYS B 667 -60.67 11.24 -11.30
CA LYS B 667 -61.70 10.81 -10.35
C LYS B 667 -62.71 9.87 -10.99
N GLU B 668 -63.40 10.36 -12.01
CA GLU B 668 -64.41 9.57 -12.71
C GLU B 668 -63.85 8.26 -13.24
N GLU B 669 -63.54 7.35 -12.32
CA GLU B 669 -62.98 6.04 -12.67
C GLU B 669 -62.90 5.17 -11.42
N ILE B 670 -62.08 5.60 -10.47
CA ILE B 670 -61.88 4.87 -9.23
C ILE B 670 -62.99 5.10 -8.20
N ARG B 671 -63.43 4.02 -7.57
CA ARG B 671 -64.46 4.10 -6.56
C ARG B 671 -63.87 3.61 -5.25
N MET B 672 -64.39 4.11 -4.15
CA MET B 672 -63.92 3.74 -2.82
C MET B 672 -65.02 3.07 -2.00
N GLY B 673 -64.68 1.94 -1.39
CA GLY B 673 -65.66 1.21 -0.61
C GLY B 673 -65.53 1.32 0.90
N LYS B 674 -66.39 0.58 1.58
CA LYS B 674 -66.43 0.56 3.04
C LYS B 674 -65.11 0.04 3.65
N THR B 675 -64.21 -0.45 2.80
CA THR B 675 -62.94 -0.98 3.28
C THR B 675 -61.90 -1.14 2.17
N LYS B 676 -62.28 -0.85 0.92
CA LYS B 676 -61.35 -0.99 -0.18
C LYS B 676 -61.51 0.04 -1.27
N VAL B 677 -60.41 0.31 -1.98
CA VAL B 677 -60.40 1.26 -3.09
C VAL B 677 -60.16 0.42 -4.34
N PHE B 678 -60.86 0.75 -5.41
CA PHE B 678 -60.72 -0.02 -6.64
C PHE B 678 -59.97 0.77 -7.71
N ILE B 679 -59.82 0.16 -8.88
CA ILE B 679 -59.13 0.77 -10.01
C ILE B 679 -59.74 0.19 -11.27
N ARG B 680 -60.22 1.04 -12.17
CA ARG B 680 -60.83 0.52 -13.40
C ARG B 680 -59.87 -0.20 -14.35
N ASN B 681 -59.13 0.57 -15.14
CA ASN B 681 -58.20 0.01 -16.12
C ASN B 681 -56.85 -0.41 -15.55
N PRO B 682 -56.16 -1.34 -16.25
CA PRO B 682 -54.85 -1.79 -15.79
C PRO B 682 -53.87 -0.64 -15.96
N THR B 683 -54.12 0.17 -16.98
CA THR B 683 -53.28 1.34 -17.30
C THR B 683 -53.30 2.36 -16.15
N THR B 684 -53.91 1.97 -15.02
CA THR B 684 -53.99 2.84 -13.87
C THR B 684 -52.92 2.43 -12.84
N LEU B 685 -53.08 1.25 -12.24
CA LEU B 685 -52.12 0.78 -11.26
C LEU B 685 -50.71 0.70 -11.87
N PHE B 686 -50.61 0.97 -13.17
CA PHE B 686 -49.33 0.97 -13.87
C PHE B 686 -48.63 2.30 -13.59
N TYR B 687 -49.39 3.39 -13.61
CA TYR B 687 -48.83 4.71 -13.35
C TYR B 687 -48.38 4.83 -11.90
N PHE B 688 -49.03 4.10 -10.99
CA PHE B 688 -48.66 4.15 -9.58
C PHE B 688 -47.26 3.59 -9.34
N GLU B 689 -46.90 2.54 -10.08
CA GLU B 689 -45.58 1.93 -9.95
C GLU B 689 -44.57 2.70 -10.77
N GLU B 690 -45.05 3.74 -11.44
CA GLU B 690 -44.22 4.60 -12.26
C GLU B 690 -43.98 5.93 -11.54
N LYS B 691 -43.59 5.84 -10.27
CA LYS B 691 -43.32 7.02 -9.46
C LYS B 691 -42.06 6.81 -8.63
N ARG B 692 -41.06 7.65 -8.87
CA ARG B 692 -39.77 7.62 -8.18
C ARG B 692 -39.41 9.00 -7.64
N GLY C 9 30.72 37.15 -4.54
CA GLY C 9 29.81 38.12 -3.83
C GLY C 9 29.61 37.77 -2.36
N VAL C 10 28.36 37.59 -1.94
CA VAL C 10 28.04 37.24 -0.56
C VAL C 10 26.89 36.22 -0.52
N PRO C 11 27.20 34.97 -0.11
CA PRO C 11 26.19 33.90 -0.03
C PRO C 11 25.24 34.22 1.12
N ASP C 12 23.97 33.92 0.95
CA ASP C 12 22.98 34.25 1.98
C ASP C 12 22.94 35.78 2.22
N PHE C 13 21.80 36.38 1.89
CA PHE C 13 21.61 37.83 2.01
C PHE C 13 21.58 38.36 3.42
N VAL C 14 21.33 37.51 4.40
CA VAL C 14 21.29 37.99 5.78
C VAL C 14 22.62 38.62 6.14
N LEU C 15 23.66 38.25 5.40
CA LEU C 15 24.98 38.79 5.64
C LEU C 15 25.26 40.07 4.88
N LEU C 16 24.22 40.68 4.29
CA LEU C 16 24.42 41.93 3.56
C LEU C 16 24.85 43.02 4.55
N ASN C 17 25.88 43.77 4.17
CA ASN C 17 26.43 44.86 4.96
C ASN C 17 25.28 45.78 5.36
N GLN C 18 24.68 46.39 4.36
CA GLN C 18 23.57 47.30 4.53
C GLN C 18 22.34 46.63 3.92
N ILE C 19 21.36 46.33 4.76
CA ILE C 19 20.15 45.67 4.32
C ILE C 19 19.17 46.62 3.59
N THR C 20 19.40 46.78 2.29
CA THR C 20 18.57 47.65 1.46
C THR C 20 18.33 47.02 0.10
N GLU C 21 17.16 47.26 -0.47
CA GLU C 21 16.84 46.70 -1.77
C GLU C 21 17.98 46.87 -2.75
N ASN C 22 18.59 48.05 -2.78
CA ASN C 22 19.68 48.27 -3.73
C ASN C 22 20.83 47.32 -3.45
N ALA C 23 21.22 47.21 -2.19
CA ALA C 23 22.30 46.33 -1.78
C ALA C 23 22.02 44.95 -2.34
N PHE C 24 20.82 44.47 -2.03
CA PHE C 24 20.34 43.17 -2.47
C PHE C 24 20.56 42.95 -3.98
N ILE C 25 20.03 43.84 -4.81
CA ILE C 25 20.19 43.69 -6.25
C ILE C 25 21.65 43.70 -6.67
N GLU C 26 22.44 44.56 -6.03
CA GLU C 26 23.84 44.67 -6.37
C GLU C 26 24.56 43.36 -6.11
N ASN C 27 24.26 42.74 -4.97
CA ASN C 27 24.86 41.47 -4.59
C ASN C 27 24.43 40.37 -5.55
N LEU C 28 23.13 40.30 -5.78
CA LEU C 28 22.58 39.31 -6.68
C LEU C 28 23.16 39.45 -8.10
N THR C 29 23.19 40.68 -8.63
CA THR C 29 23.71 40.91 -9.96
C THR C 29 25.16 40.43 -10.06
N MET C 30 25.90 40.73 -9.00
CA MET C 30 27.30 40.37 -8.90
C MET C 30 27.50 38.86 -9.01
N ARG C 31 26.79 38.12 -8.17
CA ARG C 31 26.86 36.66 -8.17
C ARG C 31 26.52 36.12 -9.56
N HIS C 32 25.29 36.42 -10.02
CA HIS C 32 24.82 35.95 -11.31
C HIS C 32 25.80 36.15 -12.45
N LYS C 33 26.36 37.35 -12.55
CA LYS C 33 27.30 37.66 -13.61
C LYS C 33 28.52 36.72 -13.59
N SER C 34 28.81 36.17 -12.42
CA SER C 34 29.94 35.25 -12.30
C SER C 34 29.52 33.79 -12.16
N ASP C 35 28.35 33.47 -12.71
CA ASP C 35 27.81 32.12 -12.68
C ASP C 35 27.53 31.54 -11.30
N ASN C 36 27.08 32.38 -10.39
CA ASN C 36 26.71 31.94 -9.05
C ASN C 36 25.20 32.07 -8.93
N ILE C 37 24.50 31.21 -9.64
CA ILE C 37 23.05 31.19 -9.68
C ILE C 37 22.39 31.20 -8.30
N TYR C 38 22.85 30.32 -7.41
CA TYR C 38 22.25 30.18 -6.10
C TYR C 38 22.80 31.05 -4.96
N THR C 39 21.88 31.50 -4.11
CA THR C 39 22.22 32.33 -2.97
C THR C 39 21.15 32.04 -1.91
N TYR C 40 21.52 32.13 -0.64
CA TYR C 40 20.55 31.84 0.42
C TYR C 40 19.94 33.06 1.12
N ILE C 41 18.91 32.79 1.90
CA ILE C 41 18.25 33.78 2.73
C ILE C 41 17.87 32.89 3.91
N GLY C 42 18.87 32.16 4.39
CA GLY C 42 18.66 31.26 5.49
C GLY C 42 17.68 30.15 5.13
N ASP C 43 18.21 29.04 4.64
CA ASP C 43 17.39 27.89 4.27
C ASP C 43 16.58 28.10 2.99
N VAL C 44 16.24 29.34 2.68
CA VAL C 44 15.50 29.60 1.44
C VAL C 44 16.52 29.68 0.31
N VAL C 45 16.21 29.10 -0.84
CA VAL C 45 17.15 29.16 -1.93
C VAL C 45 16.65 30.12 -2.99
N ILE C 46 17.51 31.06 -3.38
CA ILE C 46 17.16 32.02 -4.42
C ILE C 46 18.02 31.66 -5.63
N SER C 47 17.40 31.46 -6.78
CA SER C 47 18.16 31.09 -7.97
C SER C 47 17.83 32.00 -9.13
N THR C 48 18.83 32.25 -9.97
CA THR C 48 18.70 33.11 -11.12
C THR C 48 19.04 32.38 -12.41
N ASN C 49 18.04 32.23 -13.27
CA ASN C 49 18.18 31.53 -14.55
C ASN C 49 19.45 31.93 -15.31
N PRO C 50 20.41 30.99 -15.45
CA PRO C 50 21.68 31.20 -16.14
C PRO C 50 21.52 31.32 -17.63
N PHE C 51 20.57 30.58 -18.17
CA PHE C 51 20.31 30.55 -19.61
C PHE C 51 21.49 29.95 -20.38
N LYS C 52 22.09 28.91 -19.77
CA LYS C 52 23.21 28.18 -20.34
C LYS C 52 23.63 27.11 -19.34
N ASN C 53 24.31 26.08 -19.80
CA ASN C 53 24.71 25.02 -18.90
C ASN C 53 25.86 25.39 -17.98
N LEU C 54 25.69 25.11 -16.70
CA LEU C 54 26.72 25.34 -15.72
C LEU C 54 27.10 23.96 -15.19
N ASN C 55 28.31 23.51 -15.48
CA ASN C 55 28.74 22.19 -15.02
C ASN C 55 28.84 22.10 -13.50
N ILE C 56 27.69 22.18 -12.82
CA ILE C 56 27.60 22.14 -11.35
C ILE C 56 26.53 21.16 -10.88
N TYR C 57 26.05 20.32 -11.78
CA TYR C 57 25.02 19.34 -11.45
C TYR C 57 25.52 17.93 -11.72
N LYS C 58 26.79 17.71 -11.44
CA LYS C 58 27.41 16.41 -11.65
C LYS C 58 27.25 15.57 -10.40
N GLU C 59 27.15 14.26 -10.58
CA GLU C 59 27.00 13.32 -9.47
C GLU C 59 28.06 13.61 -8.40
N SER C 60 29.23 14.06 -8.82
CA SER C 60 30.27 14.36 -7.87
C SER C 60 29.77 15.50 -6.98
N ASP C 61 29.08 16.46 -7.60
CA ASP C 61 28.53 17.60 -6.86
C ASP C 61 27.46 17.04 -5.93
N ILE C 62 26.72 16.06 -6.43
CA ILE C 62 25.69 15.44 -5.62
C ILE C 62 26.36 14.85 -4.38
N LYS C 63 27.47 14.15 -4.61
CA LYS C 63 28.22 13.52 -3.53
C LYS C 63 28.79 14.57 -2.60
N ALA C 64 29.19 15.70 -3.16
CA ALA C 64 29.77 16.77 -2.38
C ALA C 64 28.81 17.39 -1.37
N TYR C 65 27.56 17.61 -1.77
CA TYR C 65 26.59 18.24 -0.87
C TYR C 65 25.86 17.24 -0.02
N ASN C 66 26.00 15.97 -0.36
CA ASN C 66 25.35 14.94 0.39
C ASN C 66 25.89 14.87 1.82
N GLY C 67 24.99 14.91 2.80
CA GLY C 67 25.40 14.84 4.18
C GLY C 67 25.88 16.15 4.77
N ARG C 68 26.62 16.92 3.99
CA ARG C 68 27.15 18.21 4.45
C ARG C 68 26.12 19.25 4.88
N TYR C 69 26.56 20.20 5.70
CA TYR C 69 25.69 21.26 6.17
C TYR C 69 25.76 22.48 5.27
N LYS C 70 24.68 23.25 5.26
CA LYS C 70 24.58 24.44 4.42
C LYS C 70 25.82 25.34 4.45
N TYR C 71 26.41 25.52 5.63
CA TYR C 71 27.58 26.40 5.74
C TYR C 71 28.87 25.80 5.20
N GLU C 72 28.96 24.47 5.20
CA GLU C 72 30.16 23.80 4.72
C GLU C 72 30.41 24.02 3.23
N MET C 73 29.38 24.44 2.49
CA MET C 73 29.57 24.66 1.05
C MET C 73 28.82 25.80 0.38
N PRO C 74 29.21 26.13 -0.86
CA PRO C 74 28.60 27.21 -1.67
C PRO C 74 27.11 26.98 -1.84
N PRO C 75 26.30 28.05 -1.82
CA PRO C 75 24.86 27.87 -1.99
C PRO C 75 24.59 27.04 -3.22
N HIS C 76 23.73 26.05 -3.06
CA HIS C 76 23.39 25.19 -4.19
C HIS C 76 22.06 24.53 -3.98
N MET C 77 21.37 24.33 -5.09
CA MET C 77 20.08 23.68 -5.09
C MET C 77 20.11 22.41 -4.22
N TYR C 78 21.19 21.64 -4.37
CA TYR C 78 21.37 20.38 -3.65
C TYR C 78 21.27 20.48 -2.14
N ALA C 79 21.78 21.57 -1.59
CA ALA C 79 21.74 21.77 -0.14
C ALA C 79 20.30 21.76 0.34
N LEU C 80 19.38 22.17 -0.53
CA LEU C 80 17.99 22.21 -0.16
C LEU C 80 17.47 20.78 -0.16
N ALA C 81 17.78 20.08 -1.25
CA ALA C 81 17.37 18.69 -1.40
C ALA C 81 17.97 17.88 -0.26
N ASN C 82 19.27 18.06 -0.01
CA ASN C 82 19.92 17.35 1.08
C ASN C 82 19.20 17.57 2.41
N ASP C 83 18.84 18.81 2.72
CA ASP C 83 18.14 19.09 3.96
C ASP C 83 16.78 18.40 3.97
N ALA C 84 16.03 18.55 2.89
CA ALA C 84 14.72 17.92 2.80
C ALA C 84 14.80 16.42 3.10
N TYR C 85 15.74 15.74 2.44
CA TYR C 85 15.94 14.31 2.61
C TYR C 85 16.30 13.94 4.05
N ARG C 86 17.37 14.55 4.56
CA ARG C 86 17.84 14.32 5.91
C ARG C 86 16.70 14.50 6.89
N SER C 87 15.99 15.61 6.78
CA SER C 87 14.86 15.88 7.67
C SER C 87 13.81 14.80 7.59
N MET C 88 13.54 14.30 6.39
CA MET C 88 12.56 13.25 6.23
C MET C 88 13.02 12.01 6.97
N ARG C 89 14.29 11.66 6.75
CA ARG C 89 14.90 10.51 7.40
C ARG C 89 14.85 10.65 8.91
N GLN C 90 15.26 11.81 9.39
CA GLN C 90 15.30 12.10 10.81
C GLN C 90 13.92 12.11 11.46
N SER C 91 13.09 13.09 11.14
CA SER C 91 11.76 13.19 11.75
C SER C 91 10.76 12.18 11.24
N GLN C 92 11.10 11.55 10.11
CA GLN C 92 10.22 10.56 9.50
C GLN C 92 8.88 11.19 9.11
N GLU C 93 8.90 12.50 8.86
CA GLU C 93 7.70 13.25 8.46
C GLU C 93 7.80 13.66 6.97
N ASN C 94 6.66 14.03 6.40
CA ASN C 94 6.62 14.44 5.00
C ASN C 94 7.22 15.81 4.74
N GLN C 95 7.93 15.92 3.63
CA GLN C 95 8.55 17.17 3.25
C GLN C 95 7.94 17.59 1.92
N CYS C 96 8.07 18.87 1.62
CA CYS C 96 7.56 19.42 0.38
C CYS C 96 8.35 20.67 -0.01
N VAL C 97 8.77 20.70 -1.26
CA VAL C 97 9.54 21.80 -1.80
C VAL C 97 8.64 22.66 -2.69
N ILE C 98 8.43 23.91 -2.29
CA ILE C 98 7.62 24.80 -3.09
C ILE C 98 8.54 25.76 -3.85
N ILE C 99 8.45 25.69 -5.17
CA ILE C 99 9.25 26.49 -6.05
C ILE C 99 8.34 27.51 -6.73
N SER C 100 8.75 28.76 -6.69
CA SER C 100 7.95 29.82 -7.26
C SER C 100 8.75 30.66 -8.22
N GLY C 101 8.06 31.31 -9.15
CA GLY C 101 8.72 32.15 -10.13
C GLY C 101 7.89 32.38 -11.38
N GLU C 102 8.15 33.50 -12.05
CA GLU C 102 7.44 33.85 -13.26
C GLU C 102 7.71 32.79 -14.32
N SER C 103 7.01 32.89 -15.45
CA SER C 103 7.20 31.94 -16.53
C SER C 103 8.60 32.12 -17.07
N GLY C 104 9.39 31.06 -17.06
CA GLY C 104 10.76 31.15 -17.53
C GLY C 104 11.81 31.39 -16.45
N ALA C 105 11.38 31.55 -15.21
CA ALA C 105 12.32 31.78 -14.12
C ALA C 105 13.21 30.55 -13.91
N GLY C 106 12.70 29.37 -14.26
CA GLY C 106 13.46 28.14 -14.12
C GLY C 106 12.97 27.16 -13.08
N LYS C 107 11.68 27.18 -12.79
CA LYS C 107 11.12 26.27 -11.81
C LYS C 107 11.19 24.81 -12.27
N THR C 108 10.86 24.56 -13.52
CA THR C 108 10.87 23.21 -14.04
C THR C 108 12.26 22.57 -13.97
N GLU C 109 13.28 23.35 -14.28
CA GLU C 109 14.61 22.79 -14.23
C GLU C 109 15.05 22.53 -12.80
N ALA C 110 14.65 23.41 -11.90
CA ALA C 110 15.02 23.28 -10.51
C ALA C 110 14.39 22.06 -9.89
N SER C 111 13.14 21.79 -10.24
CA SER C 111 12.45 20.66 -9.66
C SER C 111 13.13 19.37 -10.12
N LYS C 112 13.75 19.42 -11.28
CA LYS C 112 14.42 18.25 -11.80
C LYS C 112 15.77 18.05 -11.13
N LYS C 113 16.44 19.15 -10.80
CA LYS C 113 17.72 19.04 -10.14
C LYS C 113 17.45 18.45 -8.77
N ILE C 114 16.34 18.84 -8.16
CA ILE C 114 16.01 18.32 -6.85
C ILE C 114 15.76 16.82 -6.91
N MET C 115 15.05 16.37 -7.93
CA MET C 115 14.78 14.96 -8.05
C MET C 115 16.07 14.22 -8.29
N GLN C 116 16.81 14.64 -9.31
CA GLN C 116 18.08 14.02 -9.62
C GLN C 116 18.88 13.72 -8.33
N PHE C 117 18.94 14.68 -7.43
CA PHE C 117 19.66 14.50 -6.17
C PHE C 117 18.98 13.44 -5.32
N LEU C 118 17.74 13.67 -4.93
CA LEU C 118 17.03 12.71 -4.11
C LEU C 118 17.16 11.31 -4.70
N THR C 119 16.72 11.17 -5.94
CA THR C 119 16.77 9.90 -6.63
C THR C 119 18.23 9.58 -7.00
N PHE C 120 19.04 9.34 -5.98
CA PHE C 120 20.45 9.04 -6.17
C PHE C 120 21.07 8.80 -4.81
N VAL C 121 21.07 9.81 -3.96
CA VAL C 121 21.61 9.62 -2.63
C VAL C 121 20.63 8.66 -1.98
N SER C 122 19.40 8.69 -2.47
CA SER C 122 18.34 7.85 -1.98
C SER C 122 18.61 6.39 -2.29
N SER C 123 19.07 6.12 -3.50
CA SER C 123 19.39 4.75 -3.89
C SER C 123 20.79 4.49 -3.35
N ASN C 124 21.59 3.75 -4.09
CA ASN C 124 22.96 3.43 -3.70
C ASN C 124 23.52 2.57 -4.83
N GLN C 125 23.33 1.27 -4.69
CA GLN C 125 23.72 0.32 -5.71
C GLN C 125 22.41 -0.41 -5.99
N SER C 126 21.63 -0.57 -4.93
CA SER C 126 20.34 -1.24 -5.00
C SER C 126 19.77 -1.08 -6.40
N PRO C 127 20.04 -2.06 -7.28
CA PRO C 127 19.52 -1.96 -8.65
C PRO C 127 18.02 -1.71 -8.63
N ASN C 128 17.33 -2.31 -7.66
CA ASN C 128 15.90 -2.14 -7.53
C ASN C 128 15.64 -0.69 -7.18
N GLY C 129 16.46 -0.16 -6.28
CA GLY C 129 16.32 1.23 -5.89
C GLY C 129 16.48 2.16 -7.07
N GLU C 130 17.63 2.07 -7.74
CA GLU C 130 17.89 2.92 -8.89
C GLU C 130 17.08 2.55 -10.13
N ARG C 131 16.33 1.47 -10.06
CA ARG C 131 15.51 1.09 -11.20
C ARG C 131 14.30 2.00 -11.22
N ILE C 132 13.61 2.08 -10.09
CA ILE C 132 12.44 2.93 -10.01
C ILE C 132 12.90 4.37 -10.17
N SER C 133 14.12 4.62 -9.75
CA SER C 133 14.67 5.95 -9.88
C SER C 133 14.64 6.31 -11.35
N LYS C 134 15.17 5.43 -12.17
CA LYS C 134 15.19 5.62 -13.62
C LYS C 134 13.80 5.96 -14.12
N MET C 135 12.79 5.31 -13.55
CA MET C 135 11.40 5.55 -13.94
C MET C 135 10.91 6.93 -13.52
N LEU C 136 11.09 7.29 -12.25
CA LEU C 136 10.65 8.59 -11.80
C LEU C 136 11.22 9.64 -12.74
N LEU C 137 12.50 9.51 -13.06
CA LEU C 137 13.17 10.48 -13.93
C LEU C 137 12.65 10.49 -15.36
N ASP C 138 12.49 9.33 -15.97
CA ASP C 138 11.99 9.28 -17.34
C ASP C 138 10.59 9.84 -17.46
N SER C 139 9.87 9.92 -16.34
CA SER C 139 8.51 10.45 -16.35
C SER C 139 8.51 11.91 -16.78
N ASN C 140 9.59 12.62 -16.47
CA ASN C 140 9.71 14.03 -16.83
C ASN C 140 9.70 14.29 -18.33
N PRO C 141 10.64 13.70 -19.08
CA PRO C 141 10.68 13.90 -20.53
C PRO C 141 9.36 13.53 -21.19
N LEU C 142 8.72 12.50 -20.64
CA LEU C 142 7.46 12.00 -21.14
C LEU C 142 6.38 13.05 -21.02
N LEU C 143 6.09 13.51 -19.81
CA LEU C 143 5.05 14.52 -19.59
C LEU C 143 5.40 15.83 -20.28
N GLU C 144 6.67 16.19 -20.29
CA GLU C 144 7.09 17.43 -20.91
C GLU C 144 6.72 17.43 -22.38
N ALA C 145 6.74 16.28 -23.00
CA ALA C 145 6.41 16.20 -24.41
C ALA C 145 4.96 16.51 -24.67
N PHE C 146 4.08 16.05 -23.80
CA PHE C 146 2.66 16.30 -24.00
C PHE C 146 2.11 17.55 -23.28
N GLY C 147 2.81 18.02 -22.26
CA GLY C 147 2.31 19.17 -21.53
C GLY C 147 3.04 20.46 -21.72
N ASN C 148 4.19 20.43 -22.38
CA ASN C 148 4.97 21.64 -22.59
C ASN C 148 4.85 22.17 -24.03
N ALA C 149 5.06 23.47 -24.20
CA ALA C 149 4.99 24.12 -25.50
C ALA C 149 5.83 25.37 -25.51
N LYS C 150 6.15 25.87 -26.70
CA LYS C 150 6.95 27.07 -26.82
C LYS C 150 6.11 28.33 -26.81
N THR C 151 5.95 28.95 -25.65
CA THR C 151 5.19 30.18 -25.59
C THR C 151 6.19 31.27 -25.94
N LEU C 152 5.76 32.53 -25.94
CA LEU C 152 6.67 33.59 -26.28
C LEU C 152 7.65 33.87 -25.18
N ARG C 153 7.26 33.53 -23.94
CA ARG C 153 8.09 33.76 -22.77
C ARG C 153 9.11 32.65 -22.57
N ASN C 154 8.73 31.43 -22.91
CA ASN C 154 9.60 30.29 -22.71
C ASN C 154 9.48 29.22 -23.81
N ASP C 155 10.62 28.79 -24.35
CA ASP C 155 10.61 27.76 -25.37
C ASP C 155 10.10 26.41 -24.85
N ASN C 156 10.19 26.20 -23.55
CA ASN C 156 9.72 24.96 -22.99
C ASN C 156 8.36 25.15 -22.34
N SER C 157 8.23 26.13 -21.46
CA SER C 157 6.97 26.40 -20.79
C SER C 157 6.00 25.25 -20.49
N SER C 158 5.90 24.92 -19.20
CA SER C 158 5.00 23.90 -18.70
C SER C 158 3.58 24.47 -18.78
N ARG C 159 2.69 23.77 -19.48
CA ARG C 159 1.32 24.25 -19.62
C ARG C 159 0.39 23.49 -18.70
N PHE C 160 0.92 22.96 -17.61
CA PHE C 160 0.11 22.23 -16.66
C PHE C 160 0.78 22.25 -15.29
N GLY C 161 -0.04 22.23 -14.25
CA GLY C 161 0.47 22.24 -12.89
C GLY C 161 0.84 20.82 -12.51
N LYS C 162 1.93 20.67 -11.76
CA LYS C 162 2.40 19.35 -11.36
C LYS C 162 2.93 19.31 -9.94
N TYR C 163 2.56 18.24 -9.23
CA TYR C 163 3.02 18.02 -7.89
C TYR C 163 3.55 16.59 -7.93
N MET C 164 4.85 16.45 -7.80
CA MET C 164 5.50 15.14 -7.85
C MET C 164 5.83 14.67 -6.43
N GLU C 165 5.32 13.50 -6.04
CA GLU C 165 5.59 13.00 -4.70
C GLU C 165 6.55 11.84 -4.71
N MET C 166 7.70 12.02 -4.08
CA MET C 166 8.71 10.97 -3.96
C MET C 166 8.32 10.12 -2.76
N GLN C 167 8.19 8.83 -2.98
CA GLN C 167 7.81 7.92 -1.91
C GLN C 167 9.00 7.13 -1.41
N PHE C 168 9.21 7.13 -0.10
CA PHE C 168 10.32 6.39 0.50
C PHE C 168 9.78 5.55 1.63
N ASN C 169 10.61 4.61 2.10
CA ASN C 169 10.25 3.78 3.24
C ASN C 169 11.02 4.32 4.45
N ALA C 170 10.76 3.75 5.63
CA ALA C 170 11.40 4.19 6.86
C ALA C 170 12.93 4.20 6.78
N VAL C 171 13.47 3.27 6.01
CA VAL C 171 14.92 3.18 5.84
C VAL C 171 15.49 4.31 4.97
N GLY C 172 14.64 4.93 4.14
CA GLY C 172 15.08 6.01 3.28
C GLY C 172 15.32 5.66 1.82
N SER C 173 14.78 4.54 1.38
CA SER C 173 14.96 4.09 0.02
C SER C 173 13.79 4.52 -0.83
N PRO C 174 14.04 4.75 -2.12
CA PRO C 174 13.00 5.17 -3.06
C PRO C 174 12.10 3.97 -3.27
N ILE C 175 10.82 4.08 -2.96
CA ILE C 175 9.94 2.94 -3.15
C ILE C 175 8.97 3.23 -4.29
N GLY C 176 8.90 4.49 -4.71
CA GLY C 176 7.99 4.85 -5.78
C GLY C 176 7.64 6.32 -5.82
N GLY C 177 6.58 6.67 -6.54
CA GLY C 177 6.17 8.06 -6.62
C GLY C 177 4.82 8.25 -7.27
N LYS C 178 4.11 9.32 -6.92
CA LYS C 178 2.82 9.56 -7.57
C LYS C 178 2.76 11.00 -8.01
N ILE C 179 2.28 11.17 -9.23
CA ILE C 179 2.15 12.48 -9.85
C ILE C 179 0.74 13.01 -9.79
N THR C 180 0.62 14.31 -9.55
CA THR C 180 -0.68 14.97 -9.51
C THR C 180 -0.60 16.09 -10.52
N ASN C 181 -1.50 16.12 -11.50
CA ASN C 181 -1.47 17.18 -12.49
C ASN C 181 -2.63 18.15 -12.35
N TYR C 182 -2.39 19.40 -12.72
CA TYR C 182 -3.42 20.44 -12.61
C TYR C 182 -3.78 21.04 -13.96
N LEU C 183 -5.06 21.33 -14.11
CA LEU C 183 -5.65 21.89 -15.33
C LEU C 183 -4.68 22.24 -16.44
N LEU C 184 -4.73 21.47 -17.51
CA LEU C 184 -3.87 21.69 -18.67
C LEU C 184 -4.48 22.71 -19.62
N GLU C 185 -3.64 23.53 -20.25
CA GLU C 185 -4.12 24.53 -21.18
C GLU C 185 -4.46 23.85 -22.51
N LYS C 186 -5.56 23.11 -22.55
CA LYS C 186 -5.96 22.39 -23.77
C LYS C 186 -6.30 23.27 -24.98
N SER C 187 -6.68 24.51 -24.74
CA SER C 187 -7.01 25.39 -25.84
C SER C 187 -5.82 25.60 -26.76
N ARG C 188 -4.62 25.41 -26.23
CA ARG C 188 -3.40 25.58 -27.02
C ARG C 188 -3.34 24.66 -28.24
N VAL C 189 -4.14 23.61 -28.25
CA VAL C 189 -4.12 22.67 -29.36
C VAL C 189 -4.77 23.22 -30.61
N VAL C 190 -5.89 23.90 -30.44
CA VAL C 190 -6.62 24.45 -31.58
C VAL C 190 -6.22 25.88 -31.95
N GLY C 191 -5.71 26.64 -30.99
CA GLY C 191 -5.33 28.00 -31.29
C GLY C 191 -4.32 28.56 -30.31
N ARG C 192 -3.44 29.43 -30.78
CA ARG C 192 -2.44 30.01 -29.91
C ARG C 192 -1.90 31.31 -30.49
N THR C 193 -1.22 32.09 -29.65
CA THR C 193 -0.62 33.35 -30.07
C THR C 193 0.29 33.07 -31.28
N GLN C 194 0.20 33.90 -32.30
CA GLN C 194 1.02 33.74 -33.48
C GLN C 194 2.45 33.80 -32.96
N GLY C 195 3.32 33.01 -33.56
CA GLY C 195 4.71 32.99 -33.11
C GLY C 195 4.93 31.84 -32.14
N GLU C 196 3.94 31.58 -31.29
CA GLU C 196 4.02 30.49 -30.34
C GLU C 196 3.87 29.18 -31.09
N ARG C 197 3.86 28.08 -30.36
CA ARG C 197 3.79 26.77 -30.98
C ARG C 197 2.88 25.89 -30.14
N SER C 198 2.39 24.80 -30.71
CA SER C 198 1.54 23.89 -29.96
C SER C 198 2.40 22.97 -29.10
N PHE C 199 1.79 21.96 -28.49
CA PHE C 199 2.54 21.04 -27.65
C PHE C 199 3.63 20.36 -28.46
N HIS C 200 4.77 20.13 -27.83
CA HIS C 200 5.91 19.50 -28.49
C HIS C 200 5.61 18.22 -29.24
N ILE C 201 5.12 17.22 -28.52
CA ILE C 201 4.84 15.93 -29.11
C ILE C 201 4.33 15.98 -30.53
N PHE C 202 3.41 16.90 -30.83
CA PHE C 202 2.88 16.99 -32.19
C PHE C 202 4.00 17.15 -33.23
N TYR C 203 4.86 18.15 -33.02
CA TYR C 203 5.96 18.41 -33.93
C TYR C 203 7.00 17.30 -33.93
N GLN C 204 7.30 16.76 -32.75
CA GLN C 204 8.29 15.70 -32.61
C GLN C 204 7.84 14.40 -33.26
N MET C 205 6.55 14.11 -33.17
CA MET C 205 6.04 12.89 -33.77
C MET C 205 6.16 12.98 -35.29
N LEU C 206 5.78 14.13 -35.83
CA LEU C 206 5.84 14.36 -37.26
C LEU C 206 7.24 14.23 -37.82
N LYS C 207 8.25 14.34 -36.98
CA LYS C 207 9.62 14.24 -37.44
C LYS C 207 10.32 13.06 -36.78
N GLY C 208 9.54 12.22 -36.10
CA GLY C 208 10.16 11.10 -35.43
C GLY C 208 9.69 9.75 -35.91
N LEU C 209 8.42 9.65 -36.25
CA LEU C 209 7.86 8.39 -36.72
C LEU C 209 8.38 8.03 -38.09
N SER C 210 8.42 6.72 -38.38
CA SER C 210 8.88 6.24 -39.66
C SER C 210 7.85 6.54 -40.75
N GLN C 211 8.33 6.81 -41.96
CA GLN C 211 7.44 7.11 -43.08
C GLN C 211 6.40 6.01 -43.21
N SER C 212 6.65 4.88 -42.55
CA SER C 212 5.72 3.77 -42.56
C SER C 212 4.53 4.10 -41.68
N LYS C 213 4.80 4.23 -40.37
CA LYS C 213 3.76 4.56 -39.38
C LYS C 213 3.03 5.83 -39.77
N LEU C 214 3.76 6.74 -40.40
CA LEU C 214 3.17 8.00 -40.83
C LEU C 214 2.09 7.73 -41.86
N ASP C 215 2.42 6.94 -42.88
CA ASP C 215 1.44 6.63 -43.92
C ASP C 215 0.26 5.84 -43.38
N GLU C 216 0.53 4.93 -42.44
CA GLU C 216 -0.54 4.14 -41.84
C GLU C 216 -1.48 5.08 -41.10
N LEU C 217 -0.97 6.23 -40.68
CA LEU C 217 -1.76 7.22 -39.95
C LEU C 217 -2.38 8.26 -40.87
N GLY C 218 -1.94 8.28 -42.13
CA GLY C 218 -2.47 9.22 -43.09
C GLY C 218 -1.81 10.57 -42.90
N LEU C 219 -0.67 10.56 -42.24
CA LEU C 219 0.05 11.79 -41.98
C LEU C 219 1.23 11.99 -42.92
N THR C 220 1.65 13.24 -43.04
CA THR C 220 2.78 13.63 -43.88
C THR C 220 3.75 14.38 -42.97
N PRO C 221 5.04 14.01 -43.00
CA PRO C 221 6.07 14.64 -42.19
C PRO C 221 6.24 16.12 -42.53
N ASN C 222 5.39 16.95 -41.96
CA ASN C 222 5.44 18.38 -42.26
C ASN C 222 4.33 19.08 -41.51
N ALA C 223 4.69 19.78 -40.45
CA ALA C 223 3.72 20.49 -39.64
C ALA C 223 2.85 21.47 -40.44
N PRO C 224 3.46 22.25 -41.36
CA PRO C 224 2.69 23.20 -42.16
C PRO C 224 1.47 22.57 -42.84
N ALA C 225 1.55 21.26 -43.04
CA ALA C 225 0.49 20.51 -43.68
C ALA C 225 -0.78 20.40 -42.83
N TYR C 226 -0.71 20.85 -41.59
CA TYR C 226 -1.87 20.76 -40.72
C TYR C 226 -2.36 22.09 -40.19
N GLU C 227 -3.67 22.27 -40.27
CA GLU C 227 -4.33 23.49 -39.85
C GLU C 227 -3.95 23.98 -38.47
N TYR C 228 -4.28 23.19 -37.45
CA TYR C 228 -3.97 23.58 -36.09
C TYR C 228 -2.52 24.03 -35.93
N LEU C 229 -1.58 23.28 -36.49
CA LEU C 229 -0.19 23.66 -36.37
C LEU C 229 0.21 24.87 -37.22
N LYS C 230 -0.39 24.99 -38.40
CA LYS C 230 -0.10 26.08 -39.31
C LYS C 230 -0.49 27.46 -38.79
N LYS C 231 -1.62 27.53 -38.09
CA LYS C 231 -2.12 28.80 -37.55
C LYS C 231 -1.08 29.75 -36.92
N SER C 232 -0.49 29.34 -35.81
CA SER C 232 0.50 30.15 -35.12
C SER C 232 1.76 30.39 -35.93
N GLY C 233 1.79 29.84 -37.15
CA GLY C 233 2.95 30.02 -38.02
C GLY C 233 4.29 29.96 -37.33
N CYS C 234 4.66 28.77 -36.88
CA CYS C 234 5.93 28.54 -36.20
C CYS C 234 6.05 27.05 -36.05
N PHE C 235 7.09 26.47 -36.65
CA PHE C 235 7.25 25.02 -36.61
C PHE C 235 8.60 24.54 -36.07
N ASP C 236 9.55 25.45 -35.92
CA ASP C 236 10.87 25.10 -35.42
C ASP C 236 11.28 25.92 -34.19
N VAL C 237 12.26 25.44 -33.46
CA VAL C 237 12.77 26.15 -32.29
C VAL C 237 14.24 25.78 -32.18
N SER C 238 15.12 26.76 -32.34
CA SER C 238 16.54 26.50 -32.26
C SER C 238 16.86 25.75 -30.99
N THR C 239 16.11 26.07 -29.93
CA THR C 239 16.28 25.48 -28.61
C THR C 239 15.97 23.98 -28.55
N ILE C 240 15.04 23.55 -29.38
CA ILE C 240 14.61 22.16 -29.37
C ILE C 240 14.95 21.37 -30.63
N ASP C 241 15.24 20.08 -30.43
CA ASP C 241 15.55 19.18 -31.53
C ASP C 241 14.42 18.16 -31.58
N ASP C 242 13.39 18.47 -32.33
CA ASP C 242 12.22 17.59 -32.41
C ASP C 242 12.58 16.15 -32.75
N SER C 243 13.27 15.97 -33.86
CA SER C 243 13.66 14.64 -34.32
C SER C 243 14.42 13.82 -33.28
N GLY C 244 15.51 14.37 -32.77
CA GLY C 244 16.27 13.64 -31.78
C GLY C 244 15.52 13.46 -30.50
N GLU C 245 14.69 14.44 -30.17
CA GLU C 245 13.92 14.41 -28.94
C GLU C 245 12.89 13.29 -28.91
N PHE C 246 12.23 13.06 -30.03
CA PHE C 246 11.22 12.00 -30.12
C PHE C 246 11.79 10.63 -29.75
N LYS C 247 13.04 10.36 -30.12
CA LYS C 247 13.64 9.08 -29.80
C LYS C 247 13.75 8.88 -28.29
N ILE C 248 13.96 9.98 -27.57
CA ILE C 248 14.09 9.94 -26.12
C ILE C 248 12.75 9.57 -25.49
N ILE C 249 11.71 10.26 -25.92
CA ILE C 249 10.36 10.04 -25.41
C ILE C 249 9.99 8.57 -25.54
N VAL C 250 10.25 8.02 -26.71
CA VAL C 250 9.91 6.62 -26.99
C VAL C 250 10.64 5.67 -26.06
N LYS C 251 11.87 6.00 -25.71
CA LYS C 251 12.61 5.17 -24.79
C LYS C 251 11.85 5.22 -23.48
N ALA C 252 11.56 6.46 -23.05
CA ALA C 252 10.83 6.73 -21.82
C ALA C 252 9.50 5.98 -21.80
N MET C 253 8.84 5.95 -22.95
CA MET C 253 7.57 5.26 -23.04
C MET C 253 7.76 3.80 -22.60
N GLU C 254 8.86 3.20 -23.02
CA GLU C 254 9.14 1.79 -22.70
C GLU C 254 9.62 1.59 -21.27
N THR C 255 10.48 2.49 -20.80
CA THR C 255 10.97 2.43 -19.43
C THR C 255 9.79 2.49 -18.48
N LEU C 256 8.68 3.02 -18.97
CA LEU C 256 7.45 3.14 -18.17
C LEU C 256 6.42 2.08 -18.52
N GLY C 257 6.79 1.13 -19.37
CA GLY C 257 5.88 0.06 -19.75
C GLY C 257 4.78 0.47 -20.71
N LEU C 258 5.16 1.03 -21.85
CA LEU C 258 4.21 1.42 -22.88
C LEU C 258 4.79 0.89 -24.19
N LYS C 259 4.63 -0.42 -24.39
CA LYS C 259 5.13 -1.08 -25.58
C LYS C 259 4.59 -0.46 -26.86
N GLU C 260 5.16 -0.85 -27.99
CA GLU C 260 4.75 -0.32 -29.29
C GLU C 260 3.25 -0.49 -29.52
N SER C 261 2.62 -1.27 -28.66
CA SER C 261 1.19 -1.48 -28.75
C SER C 261 0.52 -0.21 -28.27
N ASP C 262 0.90 0.23 -27.08
CA ASP C 262 0.39 1.44 -26.46
C ASP C 262 0.84 2.67 -27.22
N GLN C 263 2.12 2.70 -27.57
CA GLN C 263 2.67 3.80 -28.32
C GLN C 263 1.83 4.10 -29.57
N ASN C 264 1.49 3.05 -30.30
CA ASN C 264 0.70 3.20 -31.51
C ASN C 264 -0.72 3.63 -31.18
N SER C 265 -1.23 3.12 -30.06
CA SER C 265 -2.57 3.47 -29.63
C SER C 265 -2.63 4.99 -29.41
N ILE C 266 -1.54 5.53 -28.88
CA ILE C 266 -1.44 6.96 -28.62
C ILE C 266 -1.31 7.72 -29.93
N TRP C 267 -0.36 7.31 -30.75
CA TRP C 267 -0.11 7.95 -32.03
C TRP C 267 -1.38 8.20 -32.81
N ARG C 268 -2.28 7.23 -32.85
CA ARG C 268 -3.51 7.39 -33.59
C ARG C 268 -4.29 8.60 -33.12
N ILE C 269 -4.47 8.72 -31.81
CA ILE C 269 -5.20 9.83 -31.26
C ILE C 269 -4.58 11.17 -31.65
N LEU C 270 -3.25 11.26 -31.59
CA LEU C 270 -2.62 12.50 -31.97
C LEU C 270 -2.86 12.77 -33.45
N ALA C 271 -2.76 11.74 -34.27
CA ALA C 271 -2.97 11.89 -35.71
C ALA C 271 -4.42 12.28 -35.99
N ALA C 272 -5.33 11.79 -35.16
CA ALA C 272 -6.75 12.08 -35.32
C ALA C 272 -6.99 13.55 -35.07
N ILE C 273 -6.43 14.06 -34.00
CA ILE C 273 -6.58 15.46 -33.67
C ILE C 273 -6.01 16.30 -34.80
N LEU C 274 -4.92 15.83 -35.42
CA LEU C 274 -4.31 16.57 -36.51
C LEU C 274 -5.24 16.58 -37.72
N HIS C 275 -5.88 15.44 -37.96
CA HIS C 275 -6.78 15.35 -39.09
C HIS C 275 -8.03 16.15 -38.81
N ILE C 276 -8.57 16.03 -37.60
CA ILE C 276 -9.77 16.77 -37.24
C ILE C 276 -9.60 18.26 -37.55
N GLY C 277 -8.38 18.76 -37.35
CA GLY C 277 -8.10 20.16 -37.58
C GLY C 277 -8.19 20.62 -39.02
N ASN C 278 -8.15 19.67 -39.94
CA ASN C 278 -8.23 20.00 -41.35
C ASN C 278 -9.62 19.82 -41.94
N ILE C 279 -10.59 19.54 -41.09
CA ILE C 279 -11.96 19.37 -41.56
C ILE C 279 -12.58 20.73 -41.80
N THR C 280 -12.96 20.97 -43.05
CA THR C 280 -13.58 22.23 -43.44
C THR C 280 -15.09 22.00 -43.59
N PHE C 281 -15.85 23.08 -43.53
CA PHE C 281 -17.30 23.00 -43.65
C PHE C 281 -17.88 23.83 -44.79
N ALA C 282 -18.89 23.28 -45.45
CA ALA C 282 -19.53 23.96 -46.57
C ALA C 282 -21.02 24.16 -46.34
N GLU C 283 -21.56 25.18 -47.00
CA GLU C 283 -22.98 25.51 -46.91
C GLU C 283 -23.74 24.41 -47.63
N ALA C 284 -24.33 23.51 -46.86
CA ALA C 284 -25.08 22.40 -47.43
C ALA C 284 -26.43 22.85 -47.99
N ALA C 285 -26.38 23.75 -48.98
CA ALA C 285 -27.59 24.26 -49.61
C ALA C 285 -28.34 23.07 -50.19
N GLU C 286 -29.13 22.42 -49.35
CA GLU C 286 -29.88 21.25 -49.77
C GLU C 286 -31.32 21.31 -49.24
N GLN C 287 -31.48 21.83 -48.03
CA GLN C 287 -32.81 21.91 -47.44
C GLN C 287 -33.73 22.85 -48.19
N ARG C 288 -34.58 22.21 -48.97
CA ARG C 288 -35.58 22.84 -49.82
C ARG C 288 -36.45 23.83 -49.04
N THR C 289 -37.26 23.33 -48.11
CA THR C 289 -38.16 24.20 -47.34
C THR C 289 -37.57 24.92 -46.15
N GLY C 290 -37.75 26.25 -46.17
CA GLY C 290 -37.30 27.15 -45.12
C GLY C 290 -36.08 26.82 -44.31
N THR C 291 -34.97 26.45 -44.96
CA THR C 291 -33.75 26.13 -44.22
C THR C 291 -32.63 25.55 -45.09
N THR C 292 -31.46 25.46 -44.48
CA THR C 292 -30.25 24.90 -45.08
C THR C 292 -29.36 24.40 -43.93
N THR C 293 -28.68 23.28 -44.15
CA THR C 293 -27.79 22.70 -43.15
C THR C 293 -26.34 22.94 -43.56
N VAL C 294 -25.41 22.32 -42.84
CA VAL C 294 -24.00 22.45 -43.15
C VAL C 294 -23.41 21.06 -43.31
N LYS C 295 -22.46 20.90 -44.22
CA LYS C 295 -21.84 19.61 -44.42
C LYS C 295 -20.32 19.68 -44.53
N VAL C 296 -19.66 18.55 -44.29
CA VAL C 296 -18.21 18.46 -44.35
C VAL C 296 -17.72 18.55 -45.80
N SER C 297 -16.67 19.34 -46.02
CA SER C 297 -16.09 19.50 -47.35
C SER C 297 -14.90 18.57 -47.50
N ASP C 298 -13.86 18.84 -46.70
CA ASP C 298 -12.64 18.04 -46.71
C ASP C 298 -12.96 16.68 -46.11
N THR C 299 -13.83 15.95 -46.80
CA THR C 299 -14.28 14.63 -46.40
C THR C 299 -13.17 13.63 -46.11
N LYS C 300 -12.13 13.60 -46.93
CA LYS C 300 -11.05 12.65 -46.72
C LYS C 300 -10.43 12.80 -45.33
N SER C 301 -10.38 14.03 -44.82
CA SER C 301 -9.84 14.25 -43.49
C SER C 301 -10.81 13.68 -42.48
N LEU C 302 -12.10 13.91 -42.69
CA LEU C 302 -13.14 13.42 -41.80
C LEU C 302 -13.10 11.90 -41.79
N ALA C 303 -12.63 11.31 -42.88
CA ALA C 303 -12.54 9.86 -43.00
C ALA C 303 -11.34 9.36 -42.23
N ALA C 304 -10.24 10.10 -42.34
CA ALA C 304 -9.00 9.76 -41.64
C ALA C 304 -9.17 9.89 -40.13
N ALA C 305 -9.90 10.92 -39.71
CA ALA C 305 -10.16 11.17 -38.31
C ALA C 305 -10.98 10.04 -37.70
N ALA C 306 -12.05 9.66 -38.37
CA ALA C 306 -12.89 8.57 -37.87
C ALA C 306 -12.14 7.26 -37.97
N SER C 307 -11.19 7.20 -38.91
CA SER C 307 -10.36 6.03 -39.13
C SER C 307 -9.47 5.77 -37.92
N CYS C 308 -8.80 6.81 -37.44
CA CYS C 308 -7.90 6.72 -36.29
C CYS C 308 -8.68 6.51 -34.99
N LEU C 309 -9.77 7.25 -34.84
CA LEU C 309 -10.59 7.14 -33.65
C LEU C 309 -11.35 5.83 -33.62
N LYS C 310 -11.37 5.14 -34.76
CA LYS C 310 -12.06 3.86 -34.88
C LYS C 310 -13.56 3.91 -34.56
N THR C 311 -14.26 4.84 -35.20
CA THR C 311 -15.71 5.00 -35.02
C THR C 311 -16.37 5.16 -36.37
N ASP C 312 -17.70 5.14 -36.39
CA ASP C 312 -18.44 5.28 -37.63
C ASP C 312 -18.26 6.67 -38.21
N GLN C 313 -17.64 6.72 -39.39
CA GLN C 313 -17.38 7.97 -40.09
C GLN C 313 -18.61 8.85 -40.23
N GLN C 314 -19.77 8.23 -40.44
CA GLN C 314 -21.02 8.98 -40.57
C GLN C 314 -21.45 9.60 -39.24
N SER C 315 -21.66 8.74 -38.25
CA SER C 315 -22.08 9.21 -36.94
C SER C 315 -21.28 10.42 -36.51
N LEU C 316 -19.99 10.39 -36.84
CA LEU C 316 -19.10 11.50 -36.49
C LEU C 316 -19.56 12.74 -37.25
N SER C 317 -19.59 12.62 -38.58
CA SER C 317 -20.01 13.73 -39.43
C SER C 317 -21.30 14.38 -38.93
N ILE C 318 -22.28 13.54 -38.61
CA ILE C 318 -23.56 14.03 -38.12
C ILE C 318 -23.43 14.76 -36.78
N ALA C 319 -22.48 14.32 -35.95
CA ALA C 319 -22.26 14.93 -34.65
C ALA C 319 -21.62 16.31 -34.83
N LEU C 320 -21.00 16.52 -35.97
CA LEU C 320 -20.35 17.79 -36.23
C LEU C 320 -21.30 18.77 -36.89
N CYS C 321 -22.37 18.26 -37.48
CA CYS C 321 -23.31 19.14 -38.16
C CYS C 321 -24.69 19.28 -37.55
N TYR C 322 -24.98 18.52 -36.49
CA TYR C 322 -26.29 18.60 -35.85
C TYR C 322 -26.22 18.42 -34.34
N ARG C 323 -27.28 18.83 -33.64
CA ARG C 323 -27.36 18.68 -32.20
C ARG C 323 -28.27 17.51 -31.86
N SER C 324 -28.94 17.59 -30.71
CA SER C 324 -29.86 16.54 -30.29
C SER C 324 -30.78 17.01 -29.17
N VAL C 335 -33.50 12.20 -30.11
CA VAL C 335 -33.75 11.63 -31.42
C VAL C 335 -33.96 12.73 -32.49
N ILE C 336 -33.99 13.98 -32.02
CA ILE C 336 -34.16 15.16 -32.87
C ILE C 336 -32.80 15.75 -33.20
N SER C 337 -32.55 16.00 -34.48
CA SER C 337 -31.26 16.55 -34.89
C SER C 337 -31.40 17.96 -35.46
N VAL C 338 -30.96 18.97 -34.71
CA VAL C 338 -31.04 20.33 -35.19
C VAL C 338 -29.75 20.73 -35.92
N PRO C 339 -29.86 21.12 -37.19
CA PRO C 339 -28.68 21.52 -37.97
C PRO C 339 -28.05 22.75 -37.34
N MET C 340 -26.76 22.95 -37.58
CA MET C 340 -26.09 24.11 -37.04
C MET C 340 -25.22 24.77 -38.10
N ASP C 341 -24.98 26.07 -37.95
CA ASP C 341 -24.21 26.85 -38.90
C ASP C 341 -22.71 26.55 -38.97
N CYS C 342 -22.08 27.02 -40.05
CA CYS C 342 -20.66 26.81 -40.28
C CYS C 342 -19.81 27.20 -39.07
N ASN C 343 -20.41 27.94 -38.14
CA ASN C 343 -19.71 28.37 -36.94
C ASN C 343 -19.81 27.37 -35.81
N GLN C 344 -21.04 27.01 -35.45
CA GLN C 344 -21.22 26.03 -34.38
C GLN C 344 -20.56 24.72 -34.76
N ALA C 345 -20.49 24.47 -36.06
CA ALA C 345 -19.88 23.25 -36.57
C ALA C 345 -18.37 23.31 -36.29
N ALA C 346 -17.74 24.43 -36.68
CA ALA C 346 -16.31 24.64 -36.47
C ALA C 346 -16.02 24.59 -34.98
N TYR C 347 -16.94 25.15 -34.19
CA TYR C 347 -16.82 25.19 -32.74
C TYR C 347 -16.74 23.76 -32.20
N SER C 348 -17.74 22.95 -32.54
CA SER C 348 -17.78 21.57 -32.10
C SER C 348 -16.56 20.80 -32.55
N ARG C 349 -16.06 21.12 -33.74
CA ARG C 349 -14.87 20.44 -34.27
C ARG C 349 -13.72 20.66 -33.30
N ASP C 350 -13.49 21.92 -32.96
CA ASP C 350 -12.41 22.27 -32.06
C ASP C 350 -12.66 21.78 -30.64
N ALA C 351 -13.92 21.71 -30.22
CA ALA C 351 -14.24 21.25 -28.88
C ALA C 351 -13.85 19.80 -28.72
N LEU C 352 -14.02 19.05 -29.80
CA LEU C 352 -13.70 17.63 -29.82
C LEU C 352 -12.20 17.43 -29.69
N ALA C 353 -11.46 18.13 -30.53
CA ALA C 353 -9.99 18.05 -30.52
C ALA C 353 -9.45 18.35 -29.12
N LYS C 354 -9.99 19.39 -28.50
CA LYS C 354 -9.55 19.78 -27.17
C LYS C 354 -9.89 18.75 -26.11
N ALA C 355 -11.07 18.13 -26.21
CA ALA C 355 -11.46 17.14 -25.23
C ALA C 355 -10.56 15.91 -25.33
N LEU C 356 -10.22 15.54 -26.57
CA LEU C 356 -9.37 14.39 -26.84
C LEU C 356 -8.00 14.53 -26.19
N TYR C 357 -7.37 15.68 -26.41
CA TYR C 357 -6.04 15.92 -25.86
C TYR C 357 -6.04 16.01 -24.34
N GLU C 358 -7.01 16.74 -23.80
CA GLU C 358 -7.09 16.92 -22.36
C GLU C 358 -7.24 15.58 -21.67
N ARG C 359 -8.08 14.73 -22.23
CA ARG C 359 -8.31 13.40 -21.67
C ARG C 359 -7.07 12.53 -21.90
N LEU C 360 -6.54 12.52 -23.11
CA LEU C 360 -5.36 11.73 -23.39
C LEU C 360 -4.26 12.07 -22.40
N PHE C 361 -4.09 13.36 -22.12
CA PHE C 361 -3.06 13.78 -21.19
C PHE C 361 -3.35 13.28 -19.78
N ASN C 362 -4.55 13.53 -19.28
CA ASN C 362 -4.92 13.09 -17.95
C ASN C 362 -4.76 11.58 -17.85
N TRP C 363 -5.01 10.89 -18.96
CA TRP C 363 -4.86 9.45 -18.99
C TRP C 363 -3.39 9.11 -18.86
N LEU C 364 -2.58 9.75 -19.69
CA LEU C 364 -1.15 9.52 -19.69
C LEU C 364 -0.58 9.61 -18.29
N VAL C 365 -0.97 10.63 -17.52
CA VAL C 365 -0.43 10.73 -16.16
C VAL C 365 -0.86 9.55 -15.30
N SER C 366 -2.15 9.30 -15.20
CA SER C 366 -2.62 8.18 -14.41
C SER C 366 -1.99 6.87 -14.89
N LYS C 367 -1.74 6.76 -16.18
CA LYS C 367 -1.13 5.55 -16.73
C LYS C 367 0.24 5.42 -16.12
N ILE C 368 0.94 6.54 -16.00
CA ILE C 368 2.27 6.53 -15.41
C ILE C 368 2.14 6.22 -13.93
N ASN C 369 1.28 6.97 -13.23
CA ASN C 369 1.07 6.75 -11.81
C ASN C 369 0.85 5.27 -11.52
N THR C 370 0.32 4.54 -12.50
CA THR C 370 0.09 3.12 -12.32
C THR C 370 1.39 2.35 -12.14
N ILE C 371 2.40 2.66 -12.94
CA ILE C 371 3.67 1.98 -12.86
C ILE C 371 4.56 2.54 -11.76
N ILE C 372 4.35 3.80 -11.39
CA ILE C 372 5.18 4.44 -10.41
C ILE C 372 4.68 4.52 -8.98
N ASN C 373 3.38 4.77 -8.81
CA ASN C 373 2.82 4.90 -7.47
C ASN C 373 2.84 3.62 -6.67
N CYS C 374 3.51 3.65 -5.52
CA CYS C 374 3.59 2.48 -4.64
C CYS C 374 2.44 2.43 -3.62
N THR C 375 1.57 1.42 -3.78
CA THR C 375 0.43 1.25 -2.88
C THR C 375 0.78 0.28 -1.77
N THR C 376 1.71 -0.62 -2.04
CA THR C 376 2.13 -1.59 -1.04
C THR C 376 2.54 -0.85 0.24
N GLU C 377 3.82 -0.48 0.30
CA GLU C 377 4.42 0.19 1.44
C GLU C 377 3.89 1.59 1.73
N LYS C 378 4.06 2.01 2.98
CA LYS C 378 3.68 3.34 3.43
C LYS C 378 4.95 3.95 3.99
N GLY C 379 5.18 5.24 3.71
CA GLY C 379 6.37 5.87 4.21
C GLY C 379 6.36 7.37 4.04
N PRO C 380 7.44 8.06 4.40
CA PRO C 380 7.53 9.51 4.27
C PRO C 380 7.64 9.92 2.81
N VAL C 381 7.19 11.15 2.51
CA VAL C 381 7.20 11.66 1.16
C VAL C 381 7.87 13.04 1.03
N ILE C 382 8.41 13.32 -0.15
CA ILE C 382 8.99 14.62 -0.40
C ILE C 382 8.33 15.15 -1.66
N GLY C 383 7.48 16.15 -1.49
CA GLY C 383 6.78 16.72 -2.63
C GLY C 383 7.57 17.83 -3.27
N ILE C 384 7.40 17.96 -4.57
CA ILE C 384 8.08 19.01 -5.32
C ILE C 384 7.02 19.68 -6.17
N LEU C 385 6.88 20.99 -6.01
CA LEU C 385 5.88 21.73 -6.77
C LEU C 385 6.45 22.43 -7.98
N ASP C 386 5.82 22.22 -9.14
CA ASP C 386 6.22 22.87 -10.38
C ASP C 386 4.97 23.34 -11.13
N ILE C 387 4.63 24.60 -10.96
CA ILE C 387 3.44 25.14 -11.62
C ILE C 387 3.78 26.07 -12.76
N TYR C 388 2.78 26.42 -13.57
CA TYR C 388 3.00 27.35 -14.65
C TYR C 388 3.16 28.69 -13.98
N GLY C 389 4.24 29.38 -14.29
CA GLY C 389 4.49 30.67 -13.70
C GLY C 389 3.74 31.84 -14.34
N PHE C 390 3.72 32.94 -13.61
CA PHE C 390 3.04 34.17 -14.03
C PHE C 390 3.47 34.60 -15.41
N GLU C 391 2.48 34.84 -16.29
CA GLU C 391 2.72 35.29 -17.65
C GLU C 391 1.79 36.42 -18.07
N VAL C 392 2.25 37.22 -19.01
CA VAL C 392 1.46 38.34 -19.54
C VAL C 392 1.75 38.44 -21.03
N PHE C 393 0.71 38.32 -21.87
CA PHE C 393 0.88 38.38 -23.33
C PHE C 393 0.13 39.55 -23.93
N GLN C 394 0.25 39.71 -25.25
CA GLN C 394 -0.43 40.78 -25.95
C GLN C 394 -1.91 40.69 -25.63
N ASN C 395 -2.44 39.49 -25.73
CA ASN C 395 -3.84 39.24 -25.44
C ASN C 395 -3.91 38.15 -24.38
N ASN C 396 -4.49 38.47 -23.24
CA ASN C 396 -4.61 37.51 -22.16
C ASN C 396 -6.05 37.04 -22.09
N SER C 397 -6.25 35.73 -21.96
CA SER C 397 -7.59 35.16 -21.90
C SER C 397 -7.80 34.36 -20.64
N PHE C 398 -8.85 33.54 -20.64
CA PHE C 398 -9.21 32.73 -19.50
C PHE C 398 -8.04 31.95 -18.94
N GLU C 399 -7.28 31.28 -19.82
CA GLU C 399 -6.12 30.51 -19.40
C GLU C 399 -5.16 31.34 -18.53
N GLN C 400 -4.78 32.50 -19.02
CA GLN C 400 -3.86 33.35 -18.26
C GLN C 400 -4.41 33.69 -16.87
N LEU C 401 -5.69 34.01 -16.81
CA LEU C 401 -6.30 34.36 -15.52
C LEU C 401 -6.11 33.24 -14.52
N ASN C 402 -6.25 32.01 -14.99
CA ASN C 402 -6.08 30.86 -14.11
C ASN C 402 -4.62 30.68 -13.71
N ILE C 403 -3.74 30.73 -14.70
CA ILE C 403 -2.33 30.57 -14.44
C ILE C 403 -1.87 31.60 -13.42
N ASN C 404 -2.24 32.84 -13.68
CA ASN C 404 -1.85 33.91 -12.79
C ASN C 404 -2.52 33.76 -11.44
N PHE C 405 -3.80 33.43 -11.44
CA PHE C 405 -4.48 33.24 -10.17
C PHE C 405 -3.70 32.22 -9.34
N CYS C 406 -3.28 31.15 -10.01
CA CYS C 406 -2.51 30.10 -9.37
C CYS C 406 -1.22 30.63 -8.78
N ASN C 407 -0.58 31.59 -9.46
CA ASN C 407 0.66 32.12 -8.96
C ASN C 407 0.39 33.05 -7.83
N GLU C 408 -0.82 33.59 -7.80
CA GLU C 408 -1.24 34.51 -6.72
C GLU C 408 -1.34 33.69 -5.45
N LYS C 409 -2.00 32.55 -5.53
CA LYS C 409 -2.14 31.66 -4.40
C LYS C 409 -0.77 31.24 -3.88
N LEU C 410 0.12 30.85 -4.78
CA LEU C 410 1.44 30.44 -4.37
C LEU C 410 2.12 31.57 -3.63
N GLN C 411 1.95 32.78 -4.13
CA GLN C 411 2.57 33.95 -3.52
C GLN C 411 1.99 34.12 -2.13
N GLN C 412 0.67 34.01 -2.04
CA GLN C 412 -0.02 34.16 -0.78
C GLN C 412 0.57 33.19 0.24
N LEU C 413 0.87 31.97 -0.21
CA LEU C 413 1.41 30.94 0.65
C LEU C 413 2.80 31.30 1.16
N PHE C 414 3.69 31.71 0.26
CA PHE C 414 5.02 32.09 0.67
C PHE C 414 4.91 33.12 1.78
N ILE C 415 4.05 34.11 1.56
CA ILE C 415 3.85 35.17 2.55
C ILE C 415 3.34 34.60 3.87
N GLU C 416 2.24 33.87 3.82
CA GLU C 416 1.71 33.30 5.03
C GLU C 416 2.77 32.53 5.82
N LEU C 417 3.68 31.85 5.12
CA LEU C 417 4.74 31.12 5.81
C LEU C 417 5.90 32.07 6.07
N THR C 418 6.77 32.18 5.08
CA THR C 418 7.96 33.00 5.13
C THR C 418 7.82 34.33 5.88
N LEU C 419 6.60 34.88 5.89
CA LEU C 419 6.32 36.19 6.51
C LEU C 419 5.24 36.40 7.57
N LYS C 420 4.05 35.85 7.38
CA LYS C 420 2.98 36.10 8.33
C LYS C 420 3.01 35.18 9.53
N SER C 421 2.37 34.03 9.40
CA SER C 421 2.30 33.05 10.48
C SER C 421 3.53 33.04 11.36
N GLU C 422 4.72 33.18 10.73
CA GLU C 422 5.96 33.17 11.49
C GLU C 422 5.98 34.29 12.49
N GLN C 423 5.76 35.52 12.01
CA GLN C 423 5.71 36.70 12.87
C GLN C 423 4.57 36.64 13.90
N GLU C 424 3.46 36.04 13.51
CA GLU C 424 2.31 35.90 14.39
C GLU C 424 2.56 34.90 15.49
N GLU C 425 3.43 33.93 15.25
CA GLU C 425 3.72 32.92 16.26
C GLU C 425 4.69 33.45 17.30
N TYR C 426 5.48 34.46 16.94
CA TYR C 426 6.40 35.04 17.91
C TYR C 426 5.58 35.69 19.03
N VAL C 427 4.59 36.48 18.62
CA VAL C 427 3.72 37.15 19.57
C VAL C 427 2.82 36.16 20.31
N ARG C 428 2.25 35.20 19.59
CA ARG C 428 1.37 34.21 20.19
C ARG C 428 2.10 33.37 21.24
N GLU C 429 3.41 33.22 21.08
CA GLU C 429 4.27 32.46 22.01
C GLU C 429 5.03 33.43 22.95
N GLY C 430 4.57 34.68 23.00
CA GLY C 430 5.17 35.68 23.85
C GLY C 430 6.66 35.90 23.66
N ILE C 431 7.03 36.77 22.72
CA ILE C 431 8.44 37.05 22.49
C ILE C 431 8.67 38.50 22.10
N GLU C 432 9.84 39.01 22.45
CA GLU C 432 10.17 40.37 22.08
C GLU C 432 10.30 40.31 20.57
N TRP C 433 9.65 41.23 19.87
CA TRP C 433 9.73 41.22 18.41
C TRP C 433 9.32 42.52 17.73
N LYS C 434 10.29 43.16 17.06
CA LYS C 434 9.97 44.37 16.32
C LYS C 434 9.20 43.79 15.14
N ASN C 435 7.99 44.28 14.93
CA ASN C 435 7.14 43.76 13.86
C ASN C 435 7.41 44.31 12.47
N ILE C 436 8.37 43.71 11.78
CA ILE C 436 8.75 44.10 10.42
C ILE C 436 7.49 44.08 9.58
N GLU C 437 7.16 45.19 8.95
CA GLU C 437 5.96 45.21 8.13
C GLU C 437 6.26 44.71 6.74
N TYR C 438 5.52 43.68 6.35
CA TYR C 438 5.70 43.08 5.04
C TYR C 438 4.72 43.69 4.07
N PHE C 439 5.18 43.81 2.84
CA PHE C 439 4.39 44.39 1.79
C PHE C 439 3.01 43.77 1.74
N ASN C 440 2.38 43.92 0.58
CA ASN C 440 1.06 43.39 0.36
C ASN C 440 0.87 42.05 1.02
N ASN C 441 -0.39 41.70 1.28
CA ASN C 441 -0.72 40.41 1.85
C ASN C 441 -1.39 39.76 0.65
N LYS C 442 -1.80 40.60 -0.28
CA LYS C 442 -2.47 40.18 -1.51
C LYS C 442 -3.62 39.16 -1.47
N PRO C 443 -4.16 38.84 -0.27
CA PRO C 443 -5.24 37.86 -0.36
C PRO C 443 -6.45 38.65 -0.84
N ILE C 444 -6.20 39.83 -1.38
CA ILE C 444 -7.29 40.65 -1.88
C ILE C 444 -7.38 40.32 -3.37
N CYS C 445 -6.23 40.19 -4.04
CA CYS C 445 -6.25 39.82 -5.45
C CYS C 445 -6.80 38.42 -5.53
N GLU C 446 -6.56 37.65 -4.47
CA GLU C 446 -7.01 36.26 -4.38
C GLU C 446 -8.53 36.29 -4.30
N LEU C 447 -9.01 37.22 -3.49
CA LEU C 447 -10.43 37.37 -3.25
C LEU C 447 -11.18 37.89 -4.44
N ILE C 448 -10.58 38.88 -5.12
CA ILE C 448 -11.22 39.49 -6.27
C ILE C 448 -11.67 38.46 -7.28
N GLU C 449 -11.27 37.23 -7.06
CA GLU C 449 -11.66 36.14 -7.96
C GLU C 449 -11.91 34.83 -7.26
N LYS C 450 -12.77 34.80 -6.25
CA LYS C 450 -13.05 33.54 -5.59
C LYS C 450 -14.47 33.37 -5.06
N LYS C 451 -14.81 34.04 -3.95
CA LYS C 451 -16.15 33.85 -3.37
C LYS C 451 -17.24 34.78 -3.87
N PRO C 452 -18.52 34.60 -3.42
CA PRO C 452 -19.70 35.41 -3.82
C PRO C 452 -19.37 36.86 -4.14
N ILE C 453 -19.48 37.23 -5.41
CA ILE C 453 -19.13 38.59 -5.85
C ILE C 453 -17.62 38.59 -6.06
N GLY C 454 -17.16 37.69 -6.90
CA GLY C 454 -15.75 37.59 -7.22
C GLY C 454 -15.67 37.35 -8.72
N LEU C 455 -14.54 37.66 -9.35
CA LEU C 455 -14.45 37.47 -10.80
C LEU C 455 -14.98 36.12 -11.28
N ILE C 456 -14.34 35.02 -10.91
CA ILE C 456 -14.84 33.73 -11.38
C ILE C 456 -16.23 33.36 -10.88
N SER C 457 -16.68 33.98 -9.80
CA SER C 457 -18.01 33.66 -9.28
C SER C 457 -19.05 34.40 -10.13
N LEU C 458 -18.72 35.61 -10.55
CA LEU C 458 -19.60 36.39 -11.39
C LEU C 458 -19.64 35.76 -12.78
N LEU C 459 -18.47 35.45 -13.31
CA LEU C 459 -18.35 34.83 -14.62
C LEU C 459 -19.09 33.50 -14.62
N ASP C 460 -19.09 32.82 -13.48
CA ASP C 460 -19.77 31.54 -13.34
C ASP C 460 -21.27 31.75 -13.44
N GLU C 461 -21.79 32.52 -12.50
CA GLU C 461 -23.21 32.83 -12.43
C GLU C 461 -23.72 33.45 -13.72
N ALA C 462 -22.84 34.16 -14.42
CA ALA C 462 -23.22 34.79 -15.68
C ALA C 462 -23.40 33.73 -16.75
N CYS C 463 -22.80 32.57 -16.55
CA CYS C 463 -22.92 31.49 -17.51
C CYS C 463 -24.31 30.87 -17.48
N LEU C 464 -24.93 30.91 -16.31
CA LEU C 464 -26.26 30.36 -16.13
C LEU C 464 -27.33 31.08 -16.96
N ILE C 465 -27.18 32.39 -17.09
CA ILE C 465 -28.12 33.20 -17.86
C ILE C 465 -27.87 32.99 -19.36
N ALA C 466 -28.68 32.14 -19.97
CA ALA C 466 -28.55 31.80 -21.38
C ALA C 466 -28.59 32.99 -22.34
N LYS C 467 -28.89 34.17 -21.81
CA LYS C 467 -28.95 35.34 -22.67
C LYS C 467 -27.69 36.17 -22.71
N SER C 468 -27.01 36.26 -21.57
CA SER C 468 -25.79 37.03 -21.44
C SER C 468 -24.68 36.64 -22.43
N THR C 469 -23.79 37.59 -22.67
CA THR C 469 -22.66 37.43 -23.58
C THR C 469 -21.40 37.97 -22.94
N ASP C 470 -20.25 37.62 -23.50
CA ASP C 470 -18.97 38.10 -22.98
C ASP C 470 -19.09 39.56 -22.55
N GLN C 471 -19.68 40.38 -23.41
CA GLN C 471 -19.83 41.80 -23.15
C GLN C 471 -20.67 42.13 -21.91
N THR C 472 -21.82 41.49 -21.77
CA THR C 472 -22.69 41.73 -20.61
C THR C 472 -21.96 41.34 -19.35
N PHE C 473 -21.06 40.36 -19.46
CA PHE C 473 -20.28 39.90 -18.32
C PHE C 473 -19.29 40.98 -17.91
N LEU C 474 -18.64 41.58 -18.90
CA LEU C 474 -17.67 42.62 -18.64
C LEU C 474 -18.31 43.77 -17.86
N ASP C 475 -19.56 44.06 -18.16
CA ASP C 475 -20.29 45.15 -17.49
C ASP C 475 -20.53 44.82 -16.02
N SER C 476 -20.86 43.57 -15.74
CA SER C 476 -21.09 43.14 -14.38
C SER C 476 -19.83 43.51 -13.61
N ILE C 477 -18.71 42.94 -14.02
CA ILE C 477 -17.42 43.19 -13.38
C ILE C 477 -17.15 44.68 -13.19
N CYS C 478 -17.19 45.42 -14.29
CA CYS C 478 -16.93 46.85 -14.27
C CYS C 478 -17.83 47.64 -13.35
N LYS C 479 -19.07 47.19 -13.21
CA LYS C 479 -20.02 47.86 -12.34
C LYS C 479 -19.83 47.39 -10.90
N GLN C 480 -19.85 46.08 -10.72
CA GLN C 480 -19.69 45.46 -9.41
C GLN C 480 -18.40 45.90 -8.70
N PHE C 481 -17.37 46.24 -9.46
CA PHE C 481 -16.11 46.65 -8.89
C PHE C 481 -15.77 48.09 -9.26
N GLU C 482 -14.49 48.34 -9.53
CA GLU C 482 -14.04 49.69 -9.88
C GLU C 482 -14.62 50.68 -8.88
N LYS C 483 -14.08 50.53 -7.67
CA LYS C 483 -14.38 51.28 -6.47
C LYS C 483 -13.54 50.38 -5.58
N ASN C 484 -13.02 49.36 -6.24
CA ASN C 484 -12.14 48.34 -5.69
C ASN C 484 -10.85 48.44 -6.51
N PRO C 485 -9.69 48.60 -5.84
CA PRO C 485 -8.43 48.70 -6.58
C PRO C 485 -8.15 47.34 -7.22
N HIS C 486 -7.05 47.22 -7.94
CA HIS C 486 -6.72 45.95 -8.57
C HIS C 486 -7.57 45.68 -9.80
N LEU C 487 -8.66 46.43 -9.97
CA LEU C 487 -9.51 46.26 -11.12
C LEU C 487 -9.86 47.59 -11.77
N GLN C 488 -9.49 47.72 -13.04
CA GLN C 488 -9.74 48.92 -13.84
C GLN C 488 -10.41 48.57 -15.15
N SER C 489 -10.93 49.60 -15.84
CA SER C 489 -11.57 49.42 -17.13
C SER C 489 -11.68 50.79 -17.78
N TYR C 490 -11.78 50.81 -19.10
CA TYR C 490 -11.88 52.06 -19.83
C TYR C 490 -13.08 52.87 -19.34
N VAL C 491 -14.19 52.18 -19.15
CA VAL C 491 -15.42 52.81 -18.67
C VAL C 491 -15.20 53.67 -17.42
N VAL C 492 -15.09 53.06 -16.25
CA VAL C 492 -14.89 53.82 -15.01
C VAL C 492 -13.62 54.68 -15.04
N SER C 493 -12.47 54.04 -14.97
CA SER C 493 -11.19 54.72 -15.00
C SER C 493 -10.84 55.05 -16.44
N LYS C 494 -11.55 56.04 -16.99
CA LYS C 494 -11.38 56.48 -18.38
C LYS C 494 -9.94 56.44 -18.87
N ASP C 495 -9.44 55.22 -19.10
CA ASP C 495 -8.07 55.00 -19.53
C ASP C 495 -8.04 54.17 -20.81
N ARG C 496 -7.64 54.81 -21.91
CA ARG C 496 -7.59 54.16 -23.21
C ARG C 496 -6.74 52.88 -23.24
N SER C 497 -5.81 52.74 -22.30
CA SER C 497 -4.96 51.57 -22.25
C SER C 497 -5.79 50.31 -22.17
N ILE C 498 -6.96 50.41 -21.57
CA ILE C 498 -7.85 49.27 -21.44
C ILE C 498 -8.75 49.19 -22.67
N GLY C 499 -8.60 48.14 -23.46
CA GLY C 499 -9.45 48.02 -24.63
C GLY C 499 -10.93 48.08 -24.27
N ASP C 500 -11.80 48.09 -25.26
CA ASP C 500 -13.23 48.14 -25.02
C ASP C 500 -13.83 46.80 -24.59
N THR C 501 -13.10 45.73 -24.86
CA THR C 501 -13.55 44.39 -24.51
C THR C 501 -12.63 43.80 -23.47
N CYS C 502 -11.85 44.66 -22.83
CA CYS C 502 -10.89 44.23 -21.83
C CYS C 502 -11.13 44.79 -20.44
N PHE C 503 -10.28 44.37 -19.50
CA PHE C 503 -10.31 44.86 -18.13
C PHE C 503 -8.92 44.64 -17.52
N ARG C 504 -8.44 45.64 -16.81
CA ARG C 504 -7.14 45.63 -16.15
C ARG C 504 -7.22 45.04 -14.76
N LEU C 505 -6.30 44.14 -14.46
CA LEU C 505 -6.25 43.51 -13.15
C LEU C 505 -4.86 43.80 -12.62
N LYS C 506 -4.79 44.43 -11.46
CA LYS C 506 -3.50 44.77 -10.86
C LYS C 506 -3.00 43.62 -9.98
N HIS C 507 -2.36 42.64 -10.61
CA HIS C 507 -1.83 41.48 -9.92
C HIS C 507 -0.68 41.89 -9.04
N TYR C 508 -0.25 40.99 -8.17
CA TYR C 508 0.84 41.26 -7.26
C TYR C 508 2.15 41.44 -8.04
N ALA C 509 2.23 40.80 -9.19
CA ALA C 509 3.43 40.85 -10.02
C ALA C 509 3.35 41.82 -11.21
N GLY C 510 2.40 42.76 -11.18
CA GLY C 510 2.27 43.73 -12.26
C GLY C 510 0.87 43.73 -12.81
N ASP C 511 0.53 44.74 -13.63
CA ASP C 511 -0.79 44.83 -14.23
C ASP C 511 -0.92 43.92 -15.43
N VAL C 512 -2.11 43.37 -15.62
CA VAL C 512 -2.40 42.48 -16.74
C VAL C 512 -3.74 42.85 -17.31
N THR C 513 -3.86 42.86 -18.65
CA THR C 513 -5.12 43.20 -19.30
C THR C 513 -5.73 42.00 -19.98
N TYR C 514 -6.84 41.54 -19.45
CA TYR C 514 -7.54 40.37 -19.98
C TYR C 514 -8.64 40.77 -20.96
N ASP C 515 -8.73 40.02 -22.05
CA ASP C 515 -9.75 40.27 -23.06
C ASP C 515 -10.89 39.30 -22.78
N VAL C 516 -12.06 39.84 -22.48
CA VAL C 516 -13.22 39.04 -22.15
C VAL C 516 -13.69 38.10 -23.24
N ARG C 517 -13.24 38.31 -24.47
CA ARG C 517 -13.64 37.48 -25.62
C ARG C 517 -13.49 35.96 -25.44
N GLY C 518 -14.62 35.26 -25.43
CA GLY C 518 -14.61 33.81 -25.29
C GLY C 518 -14.64 33.31 -23.86
N PHE C 519 -14.63 34.22 -22.90
CA PHE C 519 -14.62 33.84 -21.50
C PHE C 519 -15.76 32.92 -21.09
N LEU C 520 -16.93 33.12 -21.67
CA LEU C 520 -18.06 32.29 -21.29
C LEU C 520 -17.94 30.85 -21.75
N ASP C 521 -17.74 30.65 -23.04
CA ASP C 521 -17.65 29.29 -23.52
C ASP C 521 -16.41 28.59 -23.01
N LYS C 522 -15.43 29.37 -22.56
CA LYS C 522 -14.20 28.80 -22.01
C LYS C 522 -14.51 28.26 -20.60
N ASN C 523 -15.32 29.01 -19.85
CA ASN C 523 -15.69 28.63 -18.50
C ASN C 523 -16.75 27.55 -18.54
N LYS C 524 -17.64 27.63 -19.53
CA LYS C 524 -18.70 26.64 -19.66
C LYS C 524 -18.05 25.30 -19.89
N ASP C 525 -17.08 25.27 -20.79
CA ASP C 525 -16.32 24.06 -21.08
C ASP C 525 -17.24 22.90 -21.41
N THR C 526 -18.08 23.07 -22.43
CA THR C 526 -19.03 22.03 -22.81
C THR C 526 -18.75 21.35 -24.15
N LEU C 527 -19.05 20.06 -24.18
CA LEU C 527 -18.88 19.22 -25.35
C LEU C 527 -20.21 18.52 -25.56
N PHE C 528 -20.86 18.78 -26.68
CA PHE C 528 -22.15 18.16 -26.96
C PHE C 528 -22.13 16.64 -27.02
N GLY C 529 -23.22 16.03 -26.53
CA GLY C 529 -23.35 14.58 -26.49
C GLY C 529 -23.11 13.86 -27.81
N ASP C 530 -23.51 14.48 -28.93
CA ASP C 530 -23.30 13.85 -30.23
C ASP C 530 -21.81 13.55 -30.46
N LEU C 531 -20.95 14.52 -30.17
CA LEU C 531 -19.52 14.35 -30.32
C LEU C 531 -19.04 13.28 -29.35
N ILE C 532 -19.47 13.36 -28.09
CA ILE C 532 -19.08 12.39 -27.08
C ILE C 532 -19.44 10.97 -27.50
N SER C 533 -20.72 10.78 -27.80
CA SER C 533 -21.21 9.47 -28.24
C SER C 533 -20.43 8.98 -29.46
N SER C 534 -20.16 9.88 -30.41
CA SER C 534 -19.42 9.50 -31.62
C SER C 534 -18.07 8.89 -31.28
N MET C 535 -17.57 9.22 -30.09
CA MET C 535 -16.28 8.71 -29.62
C MET C 535 -16.48 7.42 -28.86
N GLN C 536 -17.47 7.39 -27.97
CA GLN C 536 -17.74 6.20 -27.18
C GLN C 536 -17.98 5.03 -28.13
N SER C 537 -18.48 5.36 -29.32
CA SER C 537 -18.76 4.36 -30.34
C SER C 537 -17.47 3.80 -30.94
N SER C 538 -16.33 4.27 -30.45
CA SER C 538 -15.04 3.79 -30.96
C SER C 538 -14.77 2.38 -30.52
N SER C 539 -13.95 1.68 -31.31
CA SER C 539 -13.60 0.30 -30.98
C SER C 539 -12.24 0.26 -30.29
N ASP C 540 -11.48 1.34 -30.42
CA ASP C 540 -10.16 1.40 -29.78
C ASP C 540 -10.34 1.49 -28.27
N PRO C 541 -9.77 0.52 -27.53
CA PRO C 541 -9.88 0.50 -26.07
C PRO C 541 -9.51 1.83 -25.42
N LEU C 542 -8.57 2.53 -26.03
CA LEU C 542 -8.15 3.82 -25.48
C LEU C 542 -9.23 4.87 -25.72
N VAL C 543 -9.47 5.17 -26.98
CA VAL C 543 -10.47 6.17 -27.31
C VAL C 543 -11.65 6.12 -26.35
N GLN C 544 -12.41 5.03 -26.42
CA GLN C 544 -13.57 4.91 -25.54
C GLN C 544 -13.16 5.04 -24.09
N GLY C 545 -11.90 4.75 -23.78
CA GLY C 545 -11.43 4.86 -22.42
C GLY C 545 -11.50 6.32 -22.00
N LEU C 546 -11.11 7.21 -22.93
CA LEU C 546 -11.12 8.63 -22.66
C LEU C 546 -12.53 9.12 -22.41
N PHE C 547 -13.52 8.48 -23.03
CA PHE C 547 -14.92 8.84 -22.84
C PHE C 547 -15.70 7.64 -22.32
N PRO C 548 -15.72 7.44 -21.00
CA PRO C 548 -16.42 6.33 -20.35
C PRO C 548 -17.94 6.40 -20.49
N PRO C 549 -18.60 5.23 -20.59
CA PRO C 549 -20.06 5.13 -20.72
C PRO C 549 -20.80 6.17 -19.88
N THR C 550 -21.06 7.32 -20.51
CA THR C 550 -21.73 8.48 -19.91
C THR C 550 -22.45 8.25 -18.59
N ARG C 551 -22.10 9.10 -17.62
CA ARG C 551 -22.66 9.09 -16.26
C ARG C 551 -23.84 8.15 -15.97
N PRO C 552 -23.54 6.88 -15.65
CA PRO C 552 -24.59 5.90 -15.33
C PRO C 552 -24.94 5.99 -13.84
N GLU C 553 -26.22 6.16 -13.54
CA GLU C 553 -26.67 6.26 -12.15
C GLU C 553 -25.82 7.23 -11.34
N ASP C 554 -25.77 8.48 -11.79
CA ASP C 554 -25.00 9.53 -11.12
C ASP C 554 -24.81 10.73 -12.05
N SER C 555 -25.90 11.17 -12.68
CA SER C 555 -25.88 12.30 -13.61
C SER C 555 -25.96 13.69 -12.91
N LYS C 556 -27.12 13.99 -12.34
CA LYS C 556 -27.34 15.26 -11.65
C LYS C 556 -26.97 16.42 -12.57
N LYS C 557 -26.02 17.25 -12.11
CA LYS C 557 -25.51 18.38 -12.87
C LYS C 557 -24.05 18.05 -13.17
N ARG C 558 -23.75 17.72 -14.43
CA ARG C 558 -22.39 17.37 -14.84
C ARG C 558 -21.46 18.58 -15.08
N PRO C 559 -21.97 19.61 -15.77
CA PRO C 559 -21.13 20.79 -16.04
C PRO C 559 -20.80 21.65 -14.81
N GLU C 560 -19.52 21.73 -14.44
CA GLU C 560 -19.13 22.54 -13.29
C GLU C 560 -17.99 23.49 -13.67
N THR C 561 -18.31 24.52 -14.46
CA THR C 561 -17.37 25.55 -14.91
C THR C 561 -15.88 25.34 -14.64
N ALA C 562 -15.10 25.35 -15.71
CA ALA C 562 -13.66 25.19 -15.60
C ALA C 562 -13.11 26.03 -14.47
N GLY C 563 -13.69 27.22 -14.29
CA GLY C 563 -13.25 28.13 -13.26
C GLY C 563 -13.43 27.63 -11.86
N SER C 564 -14.67 27.47 -11.43
CA SER C 564 -14.93 27.01 -10.08
C SER C 564 -14.19 25.71 -9.80
N GLN C 565 -14.00 24.92 -10.85
CA GLN C 565 -13.32 23.65 -10.72
C GLN C 565 -11.82 23.84 -10.47
N PHE C 566 -11.21 24.77 -11.19
CA PHE C 566 -9.79 25.05 -11.01
C PHE C 566 -9.63 25.68 -9.65
N ARG C 567 -10.65 26.40 -9.21
CA ARG C 567 -10.60 27.03 -7.90
C ARG C 567 -10.49 25.95 -6.81
N ASN C 568 -11.15 24.81 -7.02
CA ASN C 568 -11.09 23.73 -6.04
C ASN C 568 -9.72 23.10 -6.04
N ALA C 569 -9.26 22.80 -7.25
CA ALA C 569 -7.97 22.18 -7.43
C ALA C 569 -6.90 22.95 -6.67
N MET C 570 -6.95 24.27 -6.77
CA MET C 570 -5.98 25.12 -6.10
C MET C 570 -6.11 25.13 -4.60
N ASN C 571 -7.35 25.14 -4.10
CA ASN C 571 -7.55 25.14 -2.66
C ASN C 571 -7.19 23.79 -2.10
N ALA C 572 -7.39 22.75 -2.90
CA ALA C 572 -7.05 21.40 -2.46
C ALA C 572 -5.53 21.33 -2.41
N LEU C 573 -4.89 21.83 -3.46
CA LEU C 573 -3.44 21.82 -3.55
C LEU C 573 -2.81 22.58 -2.39
N ILE C 574 -3.38 23.72 -2.05
CA ILE C 574 -2.84 24.50 -0.95
C ILE C 574 -2.98 23.80 0.41
N THR C 575 -4.11 23.16 0.67
CA THR C 575 -4.28 22.53 1.97
C THR C 575 -3.34 21.36 2.14
N THR C 576 -2.96 20.74 1.02
CA THR C 576 -2.04 19.61 1.08
C THR C 576 -0.60 20.04 1.29
N LEU C 577 -0.25 21.19 0.73
CA LEU C 577 1.10 21.71 0.92
C LEU C 577 1.29 22.18 2.36
N LEU C 578 0.19 22.53 3.02
CA LEU C 578 0.26 22.97 4.39
C LEU C 578 0.22 21.80 5.35
N ALA C 579 0.51 20.61 4.83
CA ALA C 579 0.48 19.40 5.63
C ALA C 579 1.84 18.73 5.61
N CYS C 580 2.83 19.47 5.12
CA CYS C 580 4.20 18.95 5.02
C CYS C 580 5.18 19.98 5.58
N SER C 581 6.45 19.61 5.62
CA SER C 581 7.47 20.54 6.08
C SER C 581 7.93 21.23 4.82
N PRO C 582 7.79 22.57 4.77
CA PRO C 582 8.16 23.42 3.63
C PRO C 582 9.66 23.57 3.38
N HIS C 583 9.97 23.78 2.11
CA HIS C 583 11.33 24.01 1.63
C HIS C 583 11.05 24.94 0.48
N TYR C 584 11.68 26.12 0.48
CA TYR C 584 11.41 27.09 -0.57
C TYR C 584 12.54 27.42 -1.53
N VAL C 585 12.18 27.49 -2.81
CA VAL C 585 13.10 27.85 -3.88
C VAL C 585 12.36 28.97 -4.56
N ARG C 586 13.04 30.07 -4.85
CA ARG C 586 12.39 31.18 -5.52
C ARG C 586 13.24 31.60 -6.70
N CYS C 587 12.74 31.33 -7.89
CA CYS C 587 13.47 31.65 -9.13
C CYS C 587 13.25 33.07 -9.61
N ILE C 588 14.33 33.71 -10.06
CA ILE C 588 14.28 35.07 -10.56
C ILE C 588 14.67 35.05 -12.03
N LYS C 589 13.82 35.58 -12.91
CA LYS C 589 14.13 35.62 -14.33
C LYS C 589 15.21 36.68 -14.52
N SER C 590 16.37 36.26 -15.00
CA SER C 590 17.48 37.17 -15.18
C SER C 590 17.18 38.29 -16.16
N ASN C 591 16.53 37.94 -17.28
CA ASN C 591 16.21 38.91 -18.31
C ASN C 591 15.18 38.31 -19.25
N ASP C 592 14.60 39.15 -20.11
CA ASP C 592 13.58 38.68 -21.03
C ASP C 592 14.08 38.37 -22.43
N ASN C 593 15.39 38.14 -22.58
CA ASN C 593 15.94 37.82 -23.90
C ASN C 593 16.72 36.52 -23.89
N LYS C 594 16.67 35.81 -22.78
CA LYS C 594 17.38 34.54 -22.65
C LYS C 594 18.88 34.73 -22.80
N GLN C 595 19.34 35.95 -22.58
CA GLN C 595 20.76 36.25 -22.68
C GLN C 595 21.53 35.66 -21.50
N ALA C 596 22.54 34.86 -21.82
CA ALA C 596 23.35 34.26 -20.77
C ALA C 596 24.13 35.37 -20.08
N GLY C 597 24.27 35.25 -18.76
CA GLY C 597 25.00 36.23 -17.99
C GLY C 597 24.61 37.70 -18.13
N VAL C 598 23.31 37.99 -18.06
CA VAL C 598 22.86 39.36 -18.18
C VAL C 598 21.77 39.64 -17.18
N ILE C 599 21.81 40.81 -16.56
CA ILE C 599 20.79 41.18 -15.60
C ILE C 599 19.99 42.38 -16.11
N ASP C 600 18.68 42.34 -15.86
CA ASP C 600 17.78 43.41 -16.27
C ASP C 600 17.45 44.11 -14.96
N GLU C 601 18.38 44.94 -14.50
CA GLU C 601 18.24 45.70 -13.26
C GLU C 601 16.82 45.94 -12.79
N ASP C 602 16.07 46.78 -13.50
CA ASP C 602 14.68 47.09 -13.14
C ASP C 602 13.83 45.85 -12.97
N ARG C 603 13.78 45.08 -14.05
CA ARG C 603 13.03 43.85 -14.11
C ARG C 603 13.26 42.95 -12.90
N VAL C 604 14.53 42.76 -12.53
CA VAL C 604 14.88 41.94 -11.38
C VAL C 604 14.52 42.66 -10.10
N ARG C 605 14.68 43.98 -10.11
CA ARG C 605 14.36 44.76 -8.93
C ARG C 605 12.88 44.60 -8.62
N HIS C 606 12.06 44.57 -9.67
CA HIS C 606 10.62 44.43 -9.50
C HIS C 606 10.31 43.11 -8.81
N GLN C 607 10.85 42.02 -9.35
CA GLN C 607 10.63 40.69 -8.79
C GLN C 607 11.03 40.66 -7.32
N VAL C 608 12.26 41.10 -7.04
CA VAL C 608 12.76 41.13 -5.68
C VAL C 608 11.82 41.89 -4.78
N ARG C 609 11.09 42.84 -5.34
CA ARG C 609 10.18 43.63 -4.54
C ARG C 609 8.85 42.96 -4.30
N TYR C 610 8.13 42.62 -5.38
CA TYR C 610 6.82 42.01 -5.19
C TYR C 610 6.89 40.63 -4.50
N LEU C 611 8.08 40.02 -4.55
CA LEU C 611 8.25 38.71 -3.92
C LEU C 611 8.41 38.90 -2.42
N GLY C 612 8.95 40.05 -2.03
CA GLY C 612 9.14 40.35 -0.62
C GLY C 612 10.40 39.75 -0.05
N LEU C 613 11.38 39.51 -0.90
CA LEU C 613 12.63 38.92 -0.44
C LEU C 613 13.31 39.73 0.65
N LEU C 614 13.15 41.05 0.63
CA LEU C 614 13.80 41.87 1.64
C LEU C 614 13.11 41.72 2.98
N GLU C 615 11.79 41.82 2.99
CA GLU C 615 11.04 41.66 4.22
C GLU C 615 11.44 40.32 4.77
N ASN C 616 11.73 39.41 3.86
CA ASN C 616 12.13 38.08 4.27
C ASN C 616 13.46 38.12 4.99
N VAL C 617 14.40 38.85 4.43
CA VAL C 617 15.73 38.96 5.03
C VAL C 617 15.66 39.60 6.42
N ARG C 618 14.69 40.50 6.62
CA ARG C 618 14.53 41.18 7.92
C ARG C 618 13.87 40.27 8.95
N VAL C 619 12.67 39.78 8.64
CA VAL C 619 11.98 38.87 9.53
C VAL C 619 12.92 37.73 9.86
N ARG C 620 13.73 37.35 8.88
CA ARG C 620 14.67 36.25 9.07
C ARG C 620 15.75 36.53 10.13
N ARG C 621 16.36 37.70 10.06
CA ARG C 621 17.40 38.06 11.01
C ARG C 621 16.90 37.94 12.42
N ALA C 622 16.20 38.96 12.87
CA ALA C 622 15.66 38.97 14.22
C ALA C 622 15.03 37.64 14.64
N GLY C 623 14.55 36.87 13.67
CA GLY C 623 13.90 35.61 13.96
C GLY C 623 14.77 34.48 14.52
N PHE C 624 14.14 33.32 14.67
CA PHE C 624 14.80 32.12 15.20
C PHE C 624 14.64 30.92 14.27
N ALA C 625 15.77 30.33 13.91
CA ALA C 625 15.85 29.18 13.01
C ALA C 625 14.80 28.11 13.24
N GLY C 626 14.66 27.69 14.50
CA GLY C 626 13.69 26.66 14.77
C GLY C 626 12.83 26.89 16.01
N ARG C 627 11.68 26.25 16.02
CA ARG C 627 10.75 26.36 17.12
C ARG C 627 10.23 24.95 17.45
N ILE C 628 10.44 24.51 18.69
CA ILE C 628 9.98 23.21 19.10
C ILE C 628 9.10 23.16 20.34
N GLU C 629 7.95 22.56 20.11
CA GLU C 629 6.90 22.33 21.08
C GLU C 629 7.46 21.42 22.18
N TYR C 630 7.65 21.99 23.37
CA TYR C 630 8.18 21.26 24.50
C TYR C 630 7.73 19.81 24.50
N THR C 631 6.48 19.59 24.14
CA THR C 631 5.92 18.23 24.07
C THR C 631 6.91 17.39 23.28
N ARG C 632 6.98 17.70 21.98
CA ARG C 632 7.82 17.01 21.00
C ARG C 632 9.32 17.07 21.24
N PHE C 633 9.82 18.19 21.79
CA PHE C 633 11.25 18.29 22.06
C PHE C 633 11.62 17.20 23.06
N TYR C 634 11.17 17.39 24.30
CA TYR C 634 11.46 16.45 25.37
C TYR C 634 11.69 15.02 24.90
N ASN C 635 10.61 14.34 24.51
CA ASN C 635 10.72 12.96 24.08
C ASN C 635 11.37 12.83 22.70
N ARG C 636 12.62 13.28 22.62
CA ARG C 636 13.40 13.23 21.39
C ARG C 636 14.84 13.41 21.82
N TYR C 637 15.02 14.03 22.98
CA TYR C 637 16.35 14.26 23.51
C TYR C 637 16.48 13.98 25.00
N LYS C 638 15.46 13.38 25.62
CA LYS C 638 15.53 13.09 27.05
C LYS C 638 16.79 12.31 27.37
N MET C 639 17.18 11.44 26.44
CA MET C 639 18.36 10.61 26.64
C MET C 639 19.65 11.42 26.74
N LEU C 640 19.55 12.74 26.57
CA LEU C 640 20.74 13.60 26.66
C LEU C 640 20.82 14.42 27.95
N CYS C 641 20.01 14.06 28.95
CA CYS C 641 20.00 14.77 30.23
C CYS C 641 19.81 13.83 31.42
N LYS C 642 20.71 13.92 32.40
CA LYS C 642 20.63 13.07 33.59
C LYS C 642 19.30 13.20 34.32
N LYS C 643 18.84 12.08 34.89
CA LYS C 643 17.59 11.99 35.65
C LYS C 643 16.32 12.42 34.86
N THR C 644 16.48 12.68 33.57
CA THR C 644 15.35 13.07 32.71
C THR C 644 14.61 11.82 32.22
N TRP C 645 14.61 10.79 33.07
CA TRP C 645 13.96 9.52 32.76
C TRP C 645 12.70 9.37 33.64
N PRO C 646 12.02 8.21 33.59
CA PRO C 646 10.81 7.94 34.38
C PRO C 646 10.61 8.64 35.75
N SER C 647 11.67 9.19 36.34
CA SER C 647 11.55 9.89 37.61
C SER C 647 11.16 11.34 37.30
N PHE C 648 11.04 11.62 36.00
CA PHE C 648 10.68 12.94 35.49
C PHE C 648 9.57 13.60 36.30
N ASN C 649 9.60 14.93 36.30
CA ASN C 649 8.60 15.71 37.00
C ASN C 649 7.35 15.71 36.11
N GLY C 650 7.57 15.98 34.83
CA GLY C 650 6.48 16.03 33.88
C GLY C 650 6.58 17.32 33.09
N THR C 651 7.14 18.35 33.75
CA THR C 651 7.32 19.67 33.15
C THR C 651 8.19 19.59 31.91
N ALA C 652 7.53 19.51 30.75
CA ALA C 652 8.23 19.43 29.48
C ALA C 652 9.02 20.72 29.28
N LYS C 653 8.57 21.80 29.90
CA LYS C 653 9.26 23.08 29.80
C LYS C 653 10.60 22.95 30.54
N GLN C 654 10.53 22.50 31.79
CA GLN C 654 11.69 22.31 32.66
C GLN C 654 12.75 21.40 32.04
N ALA C 655 12.31 20.22 31.61
CA ALA C 655 13.20 19.25 30.99
C ALA C 655 14.00 19.88 29.86
N THR C 656 13.34 20.67 29.01
CA THR C 656 14.02 21.33 27.91
C THR C 656 15.12 22.24 28.42
N GLU C 657 14.79 23.08 29.39
CA GLU C 657 15.77 23.98 29.98
C GLU C 657 16.95 23.13 30.47
N LEU C 658 16.64 22.19 31.35
CA LEU C 658 17.63 21.27 31.89
C LEU C 658 18.53 20.74 30.79
N ILE C 659 17.92 20.09 29.82
CA ILE C 659 18.68 19.53 28.71
C ILE C 659 19.56 20.59 28.05
N LEU C 660 19.04 21.79 27.88
CA LEU C 660 19.80 22.86 27.24
C LEU C 660 20.92 23.43 28.12
N GLN C 661 20.63 23.61 29.40
CA GLN C 661 21.61 24.16 30.31
C GLN C 661 22.75 23.17 30.55
N GLN C 662 22.48 21.90 30.25
CA GLN C 662 23.46 20.83 30.43
C GLN C 662 24.47 20.71 29.30
N HIS C 663 24.42 21.62 28.35
CA HIS C 663 25.35 21.60 27.24
C HIS C 663 25.86 23.00 26.97
N ASN C 664 25.80 23.85 27.99
CA ASN C 664 26.28 25.22 27.90
C ASN C 664 26.11 25.84 26.51
N ILE C 665 24.90 26.31 26.22
CA ILE C 665 24.58 26.94 24.95
C ILE C 665 23.88 28.25 25.27
N ASP C 666 24.59 29.37 25.07
CA ASP C 666 24.08 30.71 25.35
C ASP C 666 22.54 30.79 25.47
N LYS C 667 22.06 31.46 26.52
CA LYS C 667 20.63 31.63 26.78
C LYS C 667 19.93 32.58 25.79
N GLU C 668 20.67 33.57 25.29
CA GLU C 668 20.10 34.50 24.34
C GLU C 668 19.95 33.77 22.99
N GLU C 669 20.75 32.72 22.79
CA GLU C 669 20.71 31.92 21.57
C GLU C 669 19.48 31.04 21.57
N ILE C 670 18.73 31.12 22.66
CA ILE C 670 17.52 30.36 22.83
C ILE C 670 16.53 31.31 23.45
N ARG C 671 15.27 30.88 23.61
CA ARG C 671 14.25 31.72 24.20
C ARG C 671 12.97 30.92 24.44
N MET C 672 12.67 30.66 25.70
CA MET C 672 11.49 29.88 26.06
C MET C 672 10.19 30.57 25.68
N GLY C 673 9.24 29.80 25.16
CA GLY C 673 7.96 30.35 24.77
C GLY C 673 6.85 29.75 25.62
N LYS C 674 5.62 29.82 25.13
CA LYS C 674 4.50 29.27 25.87
C LYS C 674 4.34 27.76 25.69
N THR C 675 4.49 27.27 24.47
CA THR C 675 4.38 25.83 24.21
C THR C 675 5.50 25.27 23.32
N LYS C 676 6.41 26.15 22.92
CA LYS C 676 7.51 25.75 22.04
C LYS C 676 8.76 26.56 22.41
N VAL C 677 9.93 26.00 22.09
CA VAL C 677 11.22 26.66 22.36
C VAL C 677 11.70 27.37 21.09
N PHE C 678 12.52 28.42 21.24
CA PHE C 678 13.01 29.14 20.08
C PHE C 678 14.50 29.16 20.01
N ILE C 679 15.04 28.55 18.97
CA ILE C 679 16.47 28.45 18.76
C ILE C 679 17.01 29.28 17.60
N ARG C 680 17.87 30.23 17.93
CA ARG C 680 18.48 31.09 16.92
C ARG C 680 19.68 30.36 16.33
N ASN C 681 19.71 30.24 15.01
CA ASN C 681 20.83 29.55 14.35
C ASN C 681 20.76 28.01 14.41
N PRO C 682 20.58 27.39 13.24
CA PRO C 682 20.45 25.96 12.93
C PRO C 682 21.24 25.04 13.85
N THR C 683 22.55 25.05 13.65
CA THR C 683 23.50 24.23 14.38
C THR C 683 23.04 23.70 15.75
N THR C 684 22.47 24.57 16.59
CA THR C 684 21.99 24.19 17.91
C THR C 684 21.22 22.88 17.85
N LEU C 685 20.60 22.62 16.71
CA LEU C 685 19.86 21.40 16.51
C LEU C 685 20.83 20.35 16.00
N PHE C 686 21.35 20.52 14.78
CA PHE C 686 22.30 19.55 14.24
C PHE C 686 23.02 18.92 15.44
N TYR C 687 23.58 19.79 16.29
CA TYR C 687 24.30 19.39 17.48
C TYR C 687 23.55 18.33 18.29
N PHE C 688 22.47 18.76 18.93
CA PHE C 688 21.68 17.84 19.72
C PHE C 688 21.33 16.64 18.87
N GLU C 689 21.21 16.88 17.57
CA GLU C 689 20.84 15.85 16.61
C GLU C 689 21.93 14.81 16.27
N GLU C 690 23.20 15.17 16.45
CA GLU C 690 24.30 14.26 16.20
C GLU C 690 24.62 13.60 17.53
N LYS C 691 24.30 14.31 18.62
CA LYS C 691 24.53 13.81 19.95
C LYS C 691 23.67 12.56 20.05
N ARG C 692 22.42 12.73 19.69
CA ARG C 692 21.49 11.62 19.73
C ARG C 692 22.04 10.50 18.85
N GLU C 693 21.92 10.70 17.52
CA GLU C 693 22.38 9.75 16.48
C GLU C 693 23.58 8.93 16.88
N LEU C 694 24.67 9.61 17.20
CA LEU C 694 25.91 8.96 17.59
C LEU C 694 25.85 8.57 19.06
N GLU C 695 25.19 7.43 19.29
CA GLU C 695 24.99 6.79 20.58
C GLU C 695 23.59 6.18 20.59
N MET C 696 23.30 5.44 19.52
CA MET C 696 22.02 4.78 19.33
C MET C 696 22.20 3.37 18.75
N PRO C 697 23.01 3.20 17.69
CA PRO C 697 23.79 4.20 16.95
C PRO C 697 22.98 4.97 15.90
N GLY D 9 -22.93 -40.48 -9.81
CA GLY D 9 -23.19 -40.95 -8.40
C GLY D 9 -24.19 -40.08 -7.62
N VAL D 10 -23.78 -39.57 -6.46
CA VAL D 10 -24.62 -38.71 -5.64
C VAL D 10 -23.80 -37.58 -5.04
N PRO D 11 -24.02 -36.33 -5.50
CA PRO D 11 -23.29 -35.16 -5.00
C PRO D 11 -23.74 -34.89 -3.57
N ASP D 12 -22.81 -34.50 -2.71
CA ASP D 12 -23.14 -34.27 -1.30
C ASP D 12 -23.62 -35.58 -0.65
N PHE D 13 -22.81 -36.09 0.28
CA PHE D 13 -23.11 -37.34 0.96
C PHE D 13 -24.32 -37.32 1.88
N VAL D 14 -24.77 -36.15 2.30
CA VAL D 14 -25.92 -36.10 3.18
C VAL D 14 -27.11 -36.78 2.49
N LEU D 15 -27.03 -36.87 1.16
CA LEU D 15 -28.09 -37.48 0.39
C LEU D 15 -27.91 -38.97 0.21
N LEU D 16 -26.97 -39.57 0.93
CA LEU D 16 -26.77 -41.02 0.81
C LEU D 16 -28.01 -41.76 1.31
N ASN D 17 -28.43 -42.76 0.55
CA ASN D 17 -29.61 -43.56 0.89
C ASN D 17 -29.46 -44.08 2.32
N GLN D 18 -28.44 -44.90 2.51
CA GLN D 18 -28.12 -45.50 3.79
C GLN D 18 -26.80 -44.91 4.27
N ILE D 19 -26.85 -44.17 5.36
CA ILE D 19 -25.67 -43.52 5.90
C ILE D 19 -24.72 -44.49 6.63
N THR D 20 -23.84 -45.12 5.86
CA THR D 20 -22.87 -46.07 6.40
C THR D 20 -21.53 -45.94 5.71
N GLU D 21 -20.45 -46.15 6.46
CA GLU D 21 -19.12 -46.06 5.88
C GLU D 21 -19.02 -46.76 4.52
N ASN D 22 -19.58 -47.95 4.41
CA ASN D 22 -19.51 -48.64 3.13
C ASN D 22 -20.20 -47.84 2.04
N ALA D 23 -21.42 -47.38 2.32
CA ALA D 23 -22.17 -46.61 1.34
C ALA D 23 -21.27 -45.49 0.86
N PHE D 24 -20.76 -44.73 1.82
CA PHE D 24 -19.87 -43.60 1.56
C PHE D 24 -18.76 -43.96 0.56
N ILE D 25 -17.96 -44.97 0.87
CA ILE D 25 -16.87 -45.36 -0.02
C ILE D 25 -17.38 -45.76 -1.41
N GLU D 26 -18.50 -46.48 -1.45
CA GLU D 26 -19.07 -46.94 -2.71
C GLU D 26 -19.43 -45.75 -3.58
N ASN D 27 -20.06 -44.73 -2.98
CA ASN D 27 -20.46 -43.52 -3.70
C ASN D 27 -19.22 -42.75 -4.18
N LEU D 28 -18.25 -42.59 -3.29
CA LEU D 28 -17.02 -41.89 -3.62
C LEU D 28 -16.25 -42.60 -4.73
N THR D 29 -16.10 -43.92 -4.63
CA THR D 29 -15.38 -44.68 -5.64
C THR D 29 -16.03 -44.52 -7.00
N MET D 30 -17.36 -44.56 -6.99
CA MET D 30 -18.18 -44.42 -8.18
C MET D 30 -17.94 -43.09 -8.86
N ARG D 31 -18.00 -42.00 -8.10
CA ARG D 31 -17.79 -40.67 -8.63
C ARG D 31 -16.39 -40.59 -9.23
N HIS D 32 -15.39 -40.84 -8.39
CA HIS D 32 -13.99 -40.77 -8.83
C HIS D 32 -13.67 -41.50 -10.13
N LYS D 33 -14.13 -42.75 -10.22
CA LYS D 33 -13.88 -43.57 -11.40
C LYS D 33 -14.41 -42.87 -12.65
N SER D 34 -15.41 -42.01 -12.49
CA SER D 34 -15.98 -41.31 -13.63
C SER D 34 -15.55 -39.84 -13.70
N ASP D 35 -14.38 -39.54 -13.13
CA ASP D 35 -13.82 -38.20 -13.13
C ASP D 35 -14.63 -37.13 -12.43
N ASN D 36 -15.26 -37.51 -11.32
CA ASN D 36 -16.03 -36.57 -10.55
C ASN D 36 -15.29 -36.43 -9.24
N ILE D 37 -14.16 -35.75 -9.31
CA ILE D 37 -13.29 -35.51 -8.16
C ILE D 37 -14.02 -34.95 -6.93
N TYR D 38 -14.81 -33.91 -7.16
CA TYR D 38 -15.51 -33.21 -6.09
C TYR D 38 -16.88 -33.71 -5.67
N THR D 39 -17.11 -33.70 -4.36
CA THR D 39 -18.38 -34.10 -3.76
C THR D 39 -18.54 -33.30 -2.50
N TYR D 40 -19.78 -32.99 -2.11
CA TYR D 40 -20.01 -32.18 -0.91
C TYR D 40 -20.48 -32.96 0.28
N ILE D 41 -20.44 -32.30 1.44
CA ILE D 41 -20.93 -32.79 2.71
C ILE D 41 -21.46 -31.49 3.31
N GLY D 42 -22.29 -30.82 2.51
CA GLY D 42 -22.86 -29.55 2.91
C GLY D 42 -21.79 -28.51 3.14
N ASP D 43 -21.50 -27.73 2.10
CA ASP D 43 -20.49 -26.67 2.19
C ASP D 43 -19.06 -27.18 2.28
N VAL D 44 -18.86 -28.38 2.83
CA VAL D 44 -17.52 -28.93 2.90
C VAL D 44 -17.22 -29.57 1.54
N VAL D 45 -16.03 -29.36 1.01
CA VAL D 45 -15.68 -29.95 -0.26
C VAL D 45 -14.75 -31.13 -0.07
N ILE D 46 -15.12 -32.26 -0.64
CA ILE D 46 -14.28 -33.45 -0.55
C ILE D 46 -13.74 -33.68 -1.97
N SER D 47 -12.42 -33.80 -2.10
CA SER D 47 -11.83 -34.01 -3.41
C SER D 47 -10.91 -35.22 -3.44
N THR D 48 -10.88 -35.90 -4.57
CA THR D 48 -10.05 -37.08 -4.74
C THR D 48 -9.05 -36.91 -5.88
N ASN D 49 -7.77 -36.91 -5.55
CA ASN D 49 -6.71 -36.74 -6.54
C ASN D 49 -6.92 -37.56 -7.83
N PRO D 50 -7.14 -36.89 -8.97
CA PRO D 50 -7.36 -37.53 -10.28
C PRO D 50 -6.12 -38.16 -10.85
N PHE D 51 -4.99 -37.50 -10.61
CA PHE D 51 -3.70 -37.94 -11.10
C PHE D 51 -3.65 -37.84 -12.63
N LYS D 52 -4.24 -36.76 -13.13
CA LYS D 52 -4.29 -36.46 -14.56
C LYS D 52 -5.14 -35.20 -14.75
N ASN D 53 -4.97 -34.51 -15.87
CA ASN D 53 -5.74 -33.29 -16.10
C ASN D 53 -7.18 -33.49 -16.46
N LEU D 54 -8.05 -32.77 -15.77
CA LEU D 54 -9.46 -32.83 -16.05
C LEU D 54 -9.81 -31.43 -16.53
N ASN D 55 -10.18 -31.31 -17.79
CA ASN D 55 -10.49 -30.00 -18.33
C ASN D 55 -11.71 -29.39 -17.65
N ILE D 56 -11.59 -29.08 -16.35
CA ILE D 56 -12.70 -28.51 -15.58
C ILE D 56 -12.29 -27.26 -14.82
N TYR D 57 -11.13 -26.73 -15.16
CA TYR D 57 -10.63 -25.54 -14.50
C TYR D 57 -10.42 -24.38 -15.49
N LYS D 58 -11.31 -24.31 -16.47
CA LYS D 58 -11.24 -23.27 -17.49
C LYS D 58 -11.99 -22.04 -17.01
N GLU D 59 -11.53 -20.87 -17.44
CA GLU D 59 -12.16 -19.61 -17.10
C GLU D 59 -13.68 -19.65 -17.33
N SER D 60 -14.10 -20.41 -18.33
CA SER D 60 -15.52 -20.52 -18.60
C SER D 60 -16.14 -21.17 -17.37
N ASP D 61 -15.45 -22.16 -16.81
CA ASP D 61 -15.92 -22.87 -15.63
C ASP D 61 -15.96 -21.88 -14.49
N ILE D 62 -14.96 -21.00 -14.47
CA ILE D 62 -14.91 -19.98 -13.46
C ILE D 62 -16.14 -19.11 -13.57
N LYS D 63 -16.48 -18.75 -14.81
CA LYS D 63 -17.64 -17.92 -15.09
C LYS D 63 -18.93 -18.65 -14.76
N ALA D 64 -18.91 -19.97 -14.97
CA ALA D 64 -20.09 -20.77 -14.69
C ALA D 64 -20.45 -20.85 -13.20
N TYR D 65 -19.46 -20.98 -12.33
CA TYR D 65 -19.72 -21.07 -10.88
C TYR D 65 -19.78 -19.72 -10.21
N ASN D 66 -19.34 -18.70 -10.92
CA ASN D 66 -19.36 -17.37 -10.36
C ASN D 66 -20.79 -16.91 -10.10
N GLY D 67 -21.05 -16.45 -8.87
CA GLY D 67 -22.38 -15.98 -8.53
C GLY D 67 -23.36 -17.07 -8.17
N ARG D 68 -23.34 -18.17 -8.94
CA ARG D 68 -24.26 -19.29 -8.71
C ARG D 68 -24.20 -19.93 -7.34
N TYR D 69 -25.30 -20.56 -6.96
CA TYR D 69 -25.42 -21.25 -5.68
C TYR D 69 -24.98 -22.71 -5.81
N LYS D 70 -24.51 -23.25 -4.70
CA LYS D 70 -24.04 -24.62 -4.64
C LYS D 70 -24.96 -25.63 -5.33
N TYR D 71 -26.28 -25.48 -5.16
CA TYR D 71 -27.20 -26.43 -5.75
C TYR D 71 -27.38 -26.28 -7.24
N GLU D 72 -27.18 -25.08 -7.75
CA GLU D 72 -27.35 -24.84 -9.18
C GLU D 72 -26.35 -25.62 -10.04
N MET D 73 -25.26 -26.08 -9.45
CA MET D 73 -24.26 -26.81 -10.23
C MET D 73 -23.52 -27.97 -9.58
N PRO D 74 -22.80 -28.76 -10.40
CA PRO D 74 -22.03 -29.92 -9.94
C PRO D 74 -21.00 -29.53 -8.90
N PRO D 75 -20.77 -30.41 -7.91
CA PRO D 75 -19.79 -30.08 -6.88
C PRO D 75 -18.48 -29.70 -7.53
N HIS D 76 -17.91 -28.57 -7.12
CA HIS D 76 -16.65 -28.14 -7.67
C HIS D 76 -15.93 -27.22 -6.72
N MET D 77 -14.60 -27.30 -6.79
CA MET D 77 -13.75 -26.49 -5.97
C MET D 77 -14.16 -25.01 -6.00
N TYR D 78 -14.54 -24.54 -7.19
CA TYR D 78 -14.94 -23.16 -7.36
C TYR D 78 -16.12 -22.72 -6.51
N ALA D 79 -17.07 -23.62 -6.29
CA ALA D 79 -18.24 -23.28 -5.48
C ALA D 79 -17.80 -22.84 -4.09
N LEU D 80 -16.70 -23.40 -3.65
CA LEU D 80 -16.17 -23.07 -2.34
C LEU D 80 -15.58 -21.67 -2.40
N ALA D 81 -14.77 -21.44 -3.42
CA ALA D 81 -14.15 -20.14 -3.62
C ALA D 81 -15.22 -19.09 -3.76
N ASN D 82 -16.20 -19.37 -4.62
CA ASN D 82 -17.30 -18.43 -4.85
C ASN D 82 -17.99 -18.07 -3.54
N ASP D 83 -18.29 -19.06 -2.72
CA ASP D 83 -18.94 -18.77 -1.45
C ASP D 83 -18.03 -17.88 -0.60
N ALA D 84 -16.77 -18.29 -0.44
CA ALA D 84 -15.81 -17.53 0.35
C ALA D 84 -15.78 -16.07 -0.06
N TYR D 85 -15.67 -15.83 -1.36
CA TYR D 85 -15.61 -14.49 -1.92
C TYR D 85 -16.90 -13.72 -1.62
N ARG D 86 -18.02 -14.27 -2.06
CA ARG D 86 -19.31 -13.64 -1.83
C ARG D 86 -19.46 -13.26 -0.34
N SER D 87 -19.21 -14.21 0.53
CA SER D 87 -19.33 -13.96 1.97
C SER D 87 -18.45 -12.82 2.38
N MET D 88 -17.23 -12.76 1.87
CA MET D 88 -16.34 -11.69 2.25
C MET D 88 -16.95 -10.37 1.82
N ARG D 89 -17.42 -10.33 0.59
CA ARG D 89 -18.05 -9.13 0.04
C ARG D 89 -19.26 -8.72 0.88
N GLN D 90 -20.12 -9.67 1.17
CA GLN D 90 -21.32 -9.44 1.94
C GLN D 90 -21.08 -9.00 3.40
N SER D 91 -20.53 -9.88 4.24
CA SER D 91 -20.28 -9.56 5.64
C SER D 91 -19.07 -8.63 5.85
N GLN D 92 -18.25 -8.51 4.82
CA GLN D 92 -17.07 -7.68 4.89
C GLN D 92 -16.13 -8.18 5.98
N GLU D 93 -16.19 -9.50 6.25
CA GLU D 93 -15.33 -10.13 7.26
C GLU D 93 -14.30 -11.03 6.60
N ASN D 94 -13.27 -11.39 7.33
CA ASN D 94 -12.22 -12.24 6.79
C ASN D 94 -12.66 -13.68 6.61
N GLN D 95 -12.18 -14.31 5.55
CA GLN D 95 -12.49 -15.70 5.28
C GLN D 95 -11.17 -16.45 5.27
N CYS D 96 -11.24 -17.76 5.43
CA CYS D 96 -10.05 -18.59 5.40
C CYS D 96 -10.45 -20.00 4.97
N VAL D 97 -9.67 -20.55 4.05
CA VAL D 97 -9.91 -21.87 3.52
C VAL D 97 -8.91 -22.84 4.10
N ILE D 98 -9.37 -23.83 4.84
CA ILE D 98 -8.43 -24.80 5.39
C ILE D 98 -8.55 -26.09 4.61
N ILE D 99 -7.44 -26.45 3.98
CA ILE D 99 -7.32 -27.64 3.15
C ILE D 99 -6.50 -28.67 3.90
N SER D 100 -7.01 -29.89 4.00
CA SER D 100 -6.33 -30.95 4.72
C SER D 100 -6.16 -32.19 3.85
N GLY D 101 -5.17 -33.01 4.18
CA GLY D 101 -4.95 -34.22 3.44
C GLY D 101 -3.53 -34.74 3.56
N GLU D 102 -3.37 -36.05 3.42
CA GLU D 102 -2.05 -36.67 3.49
C GLU D 102 -1.14 -36.11 2.40
N SER D 103 0.15 -36.46 2.46
CA SER D 103 1.10 -36.01 1.44
C SER D 103 0.68 -36.61 0.10
N GLY D 104 0.39 -35.74 -0.87
CA GLY D 104 -0.01 -36.21 -2.18
C GLY D 104 -1.52 -36.21 -2.42
N ALA D 105 -2.31 -35.90 -1.38
CA ALA D 105 -3.77 -35.86 -1.51
C ALA D 105 -4.20 -34.81 -2.53
N GLY D 106 -3.41 -33.73 -2.65
CA GLY D 106 -3.71 -32.69 -3.62
C GLY D 106 -4.06 -31.33 -3.05
N LYS D 107 -3.50 -31.02 -1.88
CA LYS D 107 -3.78 -29.75 -1.23
C LYS D 107 -3.18 -28.58 -1.98
N THR D 108 -1.94 -28.73 -2.43
CA THR D 108 -1.27 -27.66 -3.14
C THR D 108 -1.99 -27.26 -4.44
N GLU D 109 -2.47 -28.25 -5.18
CA GLU D 109 -3.16 -27.95 -6.42
C GLU D 109 -4.51 -27.30 -6.14
N ALA D 110 -5.17 -27.74 -5.08
CA ALA D 110 -6.49 -27.19 -4.73
C ALA D 110 -6.40 -25.74 -4.28
N SER D 111 -5.34 -25.42 -3.55
CA SER D 111 -5.18 -24.04 -3.08
C SER D 111 -4.91 -23.14 -4.27
N LYS D 112 -4.34 -23.68 -5.33
CA LYS D 112 -4.07 -22.88 -6.51
C LYS D 112 -5.35 -22.65 -7.30
N LYS D 113 -6.18 -23.69 -7.40
CA LYS D 113 -7.44 -23.58 -8.12
C LYS D 113 -8.25 -22.51 -7.41
N ILE D 114 -8.17 -22.49 -6.09
CA ILE D 114 -8.94 -21.51 -5.33
C ILE D 114 -8.46 -20.11 -5.61
N MET D 115 -7.15 -19.93 -5.76
CA MET D 115 -6.64 -18.61 -6.04
C MET D 115 -7.04 -18.24 -7.45
N GLN D 116 -6.71 -19.09 -8.40
CA GLN D 116 -7.07 -18.87 -9.79
C GLN D 116 -8.47 -18.27 -9.87
N PHE D 117 -9.42 -18.85 -9.15
CA PHE D 117 -10.79 -18.35 -9.17
C PHE D 117 -10.91 -16.96 -8.56
N LEU D 118 -10.53 -16.80 -7.30
CA LEU D 118 -10.61 -15.51 -6.65
C LEU D 118 -9.92 -14.44 -7.50
N THR D 119 -8.65 -14.70 -7.83
CA THR D 119 -7.85 -13.80 -8.63
C THR D 119 -8.35 -13.87 -10.08
N PHE D 120 -9.56 -13.40 -10.29
CA PHE D 120 -10.16 -13.41 -11.62
C PHE D 120 -11.55 -12.80 -11.53
N VAL D 121 -12.44 -13.44 -10.76
CA VAL D 121 -13.78 -12.89 -10.60
C VAL D 121 -13.55 -11.63 -9.77
N SER D 122 -12.43 -11.62 -9.06
CA SER D 122 -12.07 -10.50 -8.23
C SER D 122 -11.68 -9.31 -9.08
N SER D 123 -10.91 -9.56 -10.13
CA SER D 123 -10.51 -8.48 -11.03
C SER D 123 -11.69 -8.26 -11.98
N ASN D 124 -11.41 -7.99 -13.25
CA ASN D 124 -12.44 -7.77 -14.26
C ASN D 124 -11.67 -7.48 -15.54
N GLN D 125 -11.42 -6.20 -15.77
CA GLN D 125 -10.65 -5.77 -16.92
C GLN D 125 -9.54 -5.00 -16.24
N SER D 126 -9.90 -4.33 -15.15
CA SER D 126 -8.97 -3.52 -14.37
C SER D 126 -7.57 -4.08 -14.54
N PRO D 127 -6.81 -3.53 -15.51
CA PRO D 127 -5.45 -4.01 -15.74
C PRO D 127 -4.65 -3.99 -14.44
N ASN D 128 -4.90 -2.97 -13.63
CA ASN D 128 -4.23 -2.85 -12.33
C ASN D 128 -4.63 -4.03 -11.47
N GLY D 129 -5.92 -4.34 -11.50
CA GLY D 129 -6.43 -5.45 -10.74
C GLY D 129 -5.78 -6.76 -11.18
N GLU D 130 -5.87 -7.08 -12.46
CA GLU D 130 -5.31 -8.31 -12.95
C GLU D 130 -3.80 -8.28 -13.02
N ARG D 131 -3.21 -7.12 -12.74
CA ARG D 131 -1.76 -7.04 -12.77
C ARG D 131 -1.21 -7.72 -11.53
N ILE D 132 -1.71 -7.27 -10.38
CA ILE D 132 -1.27 -7.83 -9.12
C ILE D 132 -1.68 -9.29 -9.10
N SER D 133 -2.80 -9.57 -9.76
CA SER D 133 -3.27 -10.95 -9.83
C SER D 133 -2.15 -11.78 -10.42
N LYS D 134 -1.64 -11.33 -11.55
CA LYS D 134 -0.54 -12.01 -12.22
C LYS D 134 0.58 -12.29 -11.24
N MET D 135 0.80 -11.35 -10.33
CA MET D 135 1.86 -11.46 -9.33
C MET D 135 1.56 -12.51 -8.28
N LEU D 136 0.38 -12.44 -7.67
CA LEU D 136 0.03 -13.41 -6.67
C LEU D 136 0.22 -14.81 -7.27
N LEU D 137 -0.26 -14.99 -8.50
CA LEU D 137 -0.13 -16.29 -9.14
C LEU D 137 1.30 -16.73 -9.44
N ASP D 138 2.10 -15.82 -9.99
CA ASP D 138 3.49 -16.17 -10.31
C ASP D 138 4.29 -16.52 -9.05
N SER D 139 3.79 -16.08 -7.89
CA SER D 139 4.49 -16.36 -6.65
C SER D 139 4.53 -17.87 -6.39
N ASN D 140 3.53 -18.60 -6.86
CA ASN D 140 3.46 -20.03 -6.64
C ASN D 140 4.61 -20.81 -7.28
N PRO D 141 4.79 -20.67 -8.60
CA PRO D 141 5.86 -21.37 -9.30
C PRO D 141 7.24 -21.04 -8.70
N LEU D 142 7.39 -19.80 -8.26
CA LEU D 142 8.61 -19.30 -7.67
C LEU D 142 8.95 -20.06 -6.37
N LEU D 143 8.06 -19.98 -5.38
CA LEU D 143 8.28 -20.67 -4.12
C LEU D 143 8.35 -22.19 -4.29
N GLU D 144 7.52 -22.73 -5.17
CA GLU D 144 7.51 -24.16 -5.40
C GLU D 144 8.89 -24.62 -5.86
N ALA D 145 9.59 -23.78 -6.61
CA ALA D 145 10.92 -24.16 -7.08
C ALA D 145 11.92 -24.33 -5.94
N PHE D 146 11.86 -23.45 -4.94
CA PHE D 146 12.76 -23.52 -3.80
C PHE D 146 12.25 -24.31 -2.60
N GLY D 147 10.94 -24.49 -2.50
CA GLY D 147 10.39 -25.21 -1.36
C GLY D 147 9.85 -26.60 -1.61
N ASN D 148 9.73 -26.99 -2.87
CA ASN D 148 9.22 -28.32 -3.17
C ASN D 148 10.31 -29.28 -3.63
N ALA D 149 10.05 -30.57 -3.47
CA ALA D 149 11.00 -31.59 -3.84
C ALA D 149 10.26 -32.91 -4.09
N LYS D 150 10.92 -33.83 -4.81
CA LYS D 150 10.32 -35.11 -5.09
C LYS D 150 10.59 -36.14 -3.99
N THR D 151 9.65 -36.26 -3.06
CA THR D 151 9.80 -37.25 -2.00
C THR D 151 9.29 -38.55 -2.63
N LEU D 152 9.25 -39.64 -1.87
CA LEU D 152 8.78 -40.90 -2.43
C LEU D 152 7.26 -40.91 -2.54
N ARG D 153 6.60 -40.08 -1.74
CA ARG D 153 5.14 -40.00 -1.75
C ARG D 153 4.62 -39.05 -2.83
N ASN D 154 5.37 -37.99 -3.10
CA ASN D 154 4.92 -37.02 -4.07
C ASN D 154 6.05 -36.41 -4.89
N ASP D 155 5.93 -36.44 -6.22
CA ASP D 155 6.97 -35.86 -7.07
C ASP D 155 7.14 -34.35 -6.84
N ASN D 156 6.08 -33.69 -6.38
CA ASN D 156 6.16 -32.27 -6.13
C ASN D 156 6.38 -31.99 -4.66
N SER D 157 5.54 -32.54 -3.78
CA SER D 157 5.66 -32.36 -2.32
C SER D 157 6.21 -31.06 -1.76
N SER D 158 5.32 -30.28 -1.17
CA SER D 158 5.67 -29.02 -0.54
C SER D 158 6.45 -29.34 0.73
N ARG D 159 7.65 -28.78 0.88
CA ARG D 159 8.44 -29.05 2.06
C ARG D 159 8.40 -27.88 3.04
N PHE D 160 7.34 -27.08 2.97
CA PHE D 160 7.19 -25.96 3.88
C PHE D 160 5.73 -25.59 4.03
N GLY D 161 5.37 -25.10 5.20
CA GLY D 161 3.99 -24.70 5.44
C GLY D 161 3.74 -23.34 4.86
N LYS D 162 2.55 -23.12 4.30
CA LYS D 162 2.24 -21.84 3.69
C LYS D 162 0.83 -21.37 3.93
N TYR D 163 0.70 -20.10 4.26
CA TYR D 163 -0.60 -19.47 4.49
C TYR D 163 -0.60 -18.24 3.60
N MET D 164 -1.39 -18.30 2.54
CA MET D 164 -1.49 -17.21 1.57
C MET D 164 -2.72 -16.35 1.88
N GLU D 165 -2.50 -15.06 2.08
CA GLU D 165 -3.60 -14.15 2.36
C GLU D 165 -3.92 -13.23 1.18
N MET D 166 -5.14 -13.37 0.66
CA MET D 166 -5.60 -12.55 -0.45
C MET D 166 -6.16 -11.27 0.18
N GLN D 167 -5.65 -10.13 -0.24
CA GLN D 167 -6.10 -8.84 0.28
C GLN D 167 -7.01 -8.12 -0.69
N PHE D 168 -8.18 -7.72 -0.19
CA PHE D 168 -9.16 -7.01 -1.00
C PHE D 168 -9.59 -5.75 -0.28
N ASN D 169 -10.22 -4.84 -1.03
CA ASN D 169 -10.75 -3.60 -0.47
C ASN D 169 -12.26 -3.78 -0.35
N ALA D 170 -12.92 -2.85 0.31
CA ALA D 170 -14.36 -2.94 0.53
C ALA D 170 -15.17 -3.22 -0.74
N VAL D 171 -14.70 -2.70 -1.86
CA VAL D 171 -15.37 -2.92 -3.14
C VAL D 171 -15.22 -4.36 -3.63
N GLY D 172 -14.18 -5.06 -3.17
CA GLY D 172 -13.98 -6.44 -3.58
C GLY D 172 -12.90 -6.66 -4.62
N SER D 173 -12.01 -5.69 -4.77
CA SER D 173 -10.93 -5.77 -5.74
C SER D 173 -9.64 -6.28 -5.11
N PRO D 174 -8.84 -7.02 -5.88
CA PRO D 174 -7.58 -7.57 -5.38
C PRO D 174 -6.68 -6.38 -5.15
N ILE D 175 -6.25 -6.16 -3.92
CA ILE D 175 -5.35 -5.04 -3.67
C ILE D 175 -3.93 -5.51 -3.33
N GLY D 176 -3.78 -6.81 -3.08
CA GLY D 176 -2.48 -7.37 -2.76
C GLY D 176 -2.57 -8.69 -2.03
N GLY D 177 -1.50 -9.04 -1.34
CA GLY D 177 -1.48 -10.28 -0.58
C GLY D 177 -0.19 -10.47 0.19
N LYS D 178 -0.25 -11.26 1.26
CA LYS D 178 0.96 -11.51 2.03
C LYS D 178 1.07 -13.00 2.35
N ILE D 179 2.27 -13.52 2.17
CA ILE D 179 2.59 -14.92 2.38
C ILE D 179 3.23 -15.15 3.73
N THR D 180 2.85 -16.26 4.37
CA THR D 180 3.41 -16.64 5.65
C THR D 180 3.94 -18.07 5.49
N ASN D 181 5.23 -18.27 5.71
CA ASN D 181 5.78 -19.61 5.53
C ASN D 181 6.14 -20.25 6.86
N TYR D 182 6.08 -21.57 6.89
CA TYR D 182 6.37 -22.31 8.11
C TYR D 182 7.53 -23.26 7.92
N LEU D 183 8.33 -23.40 8.98
CA LEU D 183 9.52 -24.24 9.04
C LEU D 183 9.78 -25.13 7.83
N LEU D 184 10.82 -24.79 7.07
CA LEU D 184 11.19 -25.53 5.87
C LEU D 184 12.10 -26.71 6.24
N GLU D 185 11.93 -27.83 5.56
CA GLU D 185 12.76 -29.01 5.81
C GLU D 185 14.14 -28.80 5.19
N LYS D 186 14.96 -27.94 5.80
CA LYS D 186 16.28 -27.62 5.25
C LYS D 186 17.23 -28.78 5.19
N SER D 187 17.03 -29.78 6.03
CA SER D 187 17.92 -30.93 6.04
C SER D 187 17.93 -31.64 4.70
N ARG D 188 16.87 -31.46 3.93
CA ARG D 188 16.76 -32.12 2.62
C ARG D 188 17.87 -31.71 1.66
N VAL D 189 18.54 -30.61 1.97
CA VAL D 189 19.60 -30.14 1.10
C VAL D 189 20.87 -30.99 1.18
N VAL D 190 21.25 -31.39 2.38
CA VAL D 190 22.46 -32.17 2.56
C VAL D 190 22.24 -33.67 2.52
N GLY D 191 21.03 -34.11 2.87
CA GLY D 191 20.76 -35.53 2.87
C GLY D 191 19.28 -35.85 2.74
N ARG D 192 18.99 -36.97 2.09
CA ARG D 192 17.60 -37.37 1.88
C ARG D 192 17.49 -38.86 1.59
N THR D 193 16.26 -39.37 1.69
CA THR D 193 15.99 -40.79 1.42
C THR D 193 16.47 -41.12 0.01
N GLN D 194 17.21 -42.20 -0.14
CA GLN D 194 17.70 -42.60 -1.45
C GLN D 194 16.46 -42.71 -2.31
N GLY D 195 16.59 -42.36 -3.58
CA GLY D 195 15.45 -42.42 -4.47
C GLY D 195 14.79 -41.06 -4.55
N GLU D 196 14.75 -40.36 -3.40
CA GLU D 196 14.16 -39.04 -3.36
C GLU D 196 15.10 -38.07 -4.05
N ARG D 197 14.74 -36.80 -4.03
CA ARG D 197 15.53 -35.79 -4.71
C ARG D 197 15.54 -34.53 -3.85
N SER D 198 16.51 -33.64 -4.09
CA SER D 198 16.59 -32.39 -3.32
C SER D 198 15.59 -31.38 -3.90
N PHE D 199 15.67 -30.14 -3.44
CA PHE D 199 14.75 -29.14 -3.95
C PHE D 199 14.91 -28.94 -5.45
N HIS D 200 13.80 -28.68 -6.13
CA HIS D 200 13.79 -28.53 -7.58
C HIS D 200 14.80 -27.55 -8.17
N ILE D 201 14.71 -26.30 -7.73
CA ILE D 201 15.59 -25.27 -8.23
C ILE D 201 17.00 -25.76 -8.53
N PHE D 202 17.59 -26.54 -7.62
CA PHE D 202 18.95 -27.04 -7.85
C PHE D 202 19.08 -27.72 -9.20
N TYR D 203 18.23 -28.70 -9.45
CA TYR D 203 18.28 -29.46 -10.70
C TYR D 203 17.93 -28.62 -11.91
N GLN D 204 16.92 -27.76 -11.75
CA GLN D 204 16.46 -26.90 -12.82
C GLN D 204 17.50 -25.87 -13.21
N MET D 205 18.19 -25.31 -12.23
CA MET D 205 19.22 -24.31 -12.51
C MET D 205 20.34 -24.96 -13.32
N LEU D 206 20.72 -26.17 -12.93
CA LEU D 206 21.80 -26.91 -13.59
C LEU D 206 21.48 -27.22 -15.04
N LYS D 207 20.20 -27.15 -15.40
CA LYS D 207 19.79 -27.42 -16.76
C LYS D 207 19.08 -26.23 -17.36
N GLY D 208 19.18 -25.08 -16.70
CA GLY D 208 18.52 -23.90 -17.22
C GLY D 208 19.47 -22.78 -17.53
N LEU D 209 20.47 -22.58 -16.69
CA LEU D 209 21.43 -21.50 -16.92
C LEU D 209 22.29 -21.74 -18.16
N SER D 210 22.78 -20.64 -18.73
CA SER D 210 23.63 -20.72 -19.91
C SER D 210 25.03 -21.22 -19.51
N GLN D 211 25.66 -21.98 -20.41
CA GLN D 211 26.99 -22.50 -20.16
C GLN D 211 27.91 -21.35 -19.73
N SER D 212 27.49 -20.12 -20.01
CA SER D 212 28.25 -18.96 -19.64
C SER D 212 28.15 -18.76 -18.12
N LYS D 213 26.94 -18.45 -17.65
CA LYS D 213 26.67 -18.24 -16.23
C LYS D 213 27.14 -19.44 -15.42
N LEU D 214 27.03 -20.62 -16.01
CA LEU D 214 27.47 -21.83 -15.35
C LEU D 214 28.96 -21.78 -15.05
N ASP D 215 29.74 -21.44 -16.07
CA ASP D 215 31.18 -21.36 -15.92
C ASP D 215 31.58 -20.25 -14.96
N GLU D 216 30.87 -19.13 -15.00
CA GLU D 216 31.15 -18.01 -14.11
C GLU D 216 30.92 -18.45 -12.67
N LEU D 217 30.06 -19.46 -12.52
CA LEU D 217 29.73 -20.01 -11.21
C LEU D 217 30.62 -21.18 -10.82
N GLY D 218 31.38 -21.70 -11.78
CA GLY D 218 32.25 -22.82 -11.51
C GLY D 218 31.45 -24.11 -11.52
N LEU D 219 30.26 -24.05 -12.09
CA LEU D 219 29.38 -25.21 -12.16
C LEU D 219 29.44 -25.91 -13.51
N THR D 220 29.05 -27.18 -13.49
CA THR D 220 29.00 -28.02 -14.67
C THR D 220 27.58 -28.56 -14.75
N PRO D 221 26.93 -28.42 -15.92
CA PRO D 221 25.55 -28.90 -16.14
C PRO D 221 25.45 -30.41 -15.97
N ASN D 222 25.31 -30.85 -14.73
CA ASN D 222 25.24 -32.27 -14.46
C ASN D 222 25.14 -32.49 -12.96
N ALA D 223 23.93 -32.80 -12.48
CA ALA D 223 23.70 -33.03 -11.06
C ALA D 223 24.64 -34.06 -10.43
N PRO D 224 24.87 -35.20 -11.11
CA PRO D 224 25.76 -36.23 -10.56
C PRO D 224 27.11 -35.69 -10.12
N ALA D 225 27.51 -34.58 -10.74
CA ALA D 225 28.78 -33.94 -10.46
C ALA D 225 28.86 -33.35 -9.07
N TYR D 226 27.73 -33.30 -8.36
CA TYR D 226 27.73 -32.73 -7.02
C TYR D 226 27.32 -33.72 -5.93
N GLU D 227 28.11 -33.71 -4.86
CA GLU D 227 27.91 -34.59 -3.71
C GLU D 227 26.47 -34.60 -3.18
N TYR D 228 26.02 -33.45 -2.67
CA TYR D 228 24.68 -33.36 -2.12
C TYR D 228 23.63 -33.95 -3.05
N LEU D 229 23.70 -33.63 -4.34
CA LEU D 229 22.73 -34.15 -5.28
C LEU D 229 22.94 -35.63 -5.61
N LYS D 230 24.19 -36.05 -5.66
CA LYS D 230 24.51 -37.43 -5.98
C LYS D 230 24.04 -38.46 -4.94
N LYS D 231 24.13 -38.13 -3.65
CA LYS D 231 23.74 -39.02 -2.57
C LYS D 231 22.46 -39.84 -2.77
N SER D 232 21.32 -39.15 -2.86
CA SER D 232 20.02 -39.80 -3.04
C SER D 232 19.90 -40.51 -4.39
N GLY D 233 20.96 -40.44 -5.18
CA GLY D 233 20.97 -41.09 -6.47
C GLY D 233 19.65 -41.02 -7.21
N CYS D 234 19.31 -39.84 -7.69
CA CYS D 234 18.10 -39.62 -8.45
C CYS D 234 18.21 -38.19 -8.97
N PHE D 235 18.16 -38.03 -10.30
CA PHE D 235 18.33 -36.70 -10.85
C PHE D 235 17.25 -36.28 -11.82
N ASP D 236 16.39 -37.22 -12.21
CA ASP D 236 15.31 -36.93 -13.15
C ASP D 236 13.96 -37.33 -12.58
N VAL D 237 12.90 -36.81 -13.18
CA VAL D 237 11.53 -37.12 -12.76
C VAL D 237 10.67 -36.99 -14.00
N SER D 238 10.11 -38.09 -14.45
CA SER D 238 9.28 -38.06 -15.65
C SER D 238 8.22 -36.99 -15.54
N THR D 239 7.76 -36.78 -14.31
CA THR D 239 6.72 -35.80 -14.00
C THR D 239 7.16 -34.35 -14.20
N ILE D 240 8.44 -34.08 -14.04
CA ILE D 240 8.96 -32.72 -14.16
C ILE D 240 9.93 -32.49 -15.32
N ASP D 241 9.87 -31.28 -15.87
CA ASP D 241 10.75 -30.89 -16.95
C ASP D 241 11.63 -29.77 -16.41
N ASP D 242 12.76 -30.15 -15.83
CA ASP D 242 13.66 -29.18 -15.24
C ASP D 242 14.00 -28.04 -16.17
N SER D 243 14.54 -28.38 -17.34
CA SER D 243 14.94 -27.38 -18.32
C SER D 243 13.85 -26.38 -18.68
N GLY D 244 12.70 -26.90 -19.08
CA GLY D 244 11.62 -26.01 -19.47
C GLY D 244 11.07 -25.27 -18.27
N GLU D 245 11.12 -25.93 -17.13
CA GLU D 245 10.60 -25.33 -15.91
C GLU D 245 11.39 -24.12 -15.47
N PHE D 246 12.71 -24.20 -15.56
CA PHE D 246 13.56 -23.09 -15.15
C PHE D 246 13.20 -21.78 -15.86
N LYS D 247 12.81 -21.88 -17.13
CA LYS D 247 12.45 -20.69 -17.90
C LYS D 247 11.24 -19.99 -17.32
N ILE D 248 10.34 -20.78 -16.74
CA ILE D 248 9.12 -20.25 -16.12
C ILE D 248 9.47 -19.46 -14.86
N ILE D 249 10.27 -20.08 -13.99
CA ILE D 249 10.69 -19.46 -12.75
C ILE D 249 11.31 -18.09 -13.00
N VAL D 250 12.21 -18.04 -13.97
CA VAL D 250 12.90 -16.81 -14.30
C VAL D 250 11.93 -15.72 -14.74
N LYS D 251 10.88 -16.11 -15.46
CA LYS D 251 9.89 -15.13 -15.86
C LYS D 251 9.26 -14.60 -14.57
N ALA D 252 8.83 -15.53 -13.72
CA ALA D 252 8.21 -15.23 -12.46
C ALA D 252 9.11 -14.31 -11.63
N MET D 253 10.41 -14.58 -11.68
CA MET D 253 11.38 -13.76 -10.94
C MET D 253 11.23 -12.29 -11.33
N GLU D 254 11.04 -12.06 -12.62
CA GLU D 254 10.90 -10.71 -13.15
C GLU D 254 9.53 -10.10 -12.89
N THR D 255 8.48 -10.91 -13.04
CA THR D 255 7.12 -10.45 -12.79
C THR D 255 7.04 -9.98 -11.34
N LEU D 256 7.97 -10.46 -10.53
CA LEU D 256 8.02 -10.10 -9.12
C LEU D 256 9.10 -9.07 -8.80
N GLY D 257 9.75 -8.56 -9.83
CA GLY D 257 10.78 -7.55 -9.63
C GLY D 257 12.10 -8.08 -9.09
N LEU D 258 12.66 -9.06 -9.78
CA LEU D 258 13.95 -9.64 -9.42
C LEU D 258 14.76 -9.70 -10.71
N LYS D 259 15.29 -8.55 -11.11
CA LYS D 259 16.05 -8.44 -12.33
C LYS D 259 17.25 -9.38 -12.32
N GLU D 260 17.90 -9.51 -13.47
CA GLU D 260 19.06 -10.39 -13.60
C GLU D 260 20.13 -10.08 -12.55
N SER D 261 19.98 -8.93 -11.90
CA SER D 261 20.90 -8.52 -10.86
C SER D 261 20.67 -9.44 -9.66
N ASP D 262 19.41 -9.49 -9.22
CA ASP D 262 18.97 -10.30 -8.10
C ASP D 262 19.09 -11.77 -8.44
N GLN D 263 18.63 -12.12 -9.64
CA GLN D 263 18.69 -13.50 -10.10
C GLN D 263 20.09 -14.05 -9.95
N ASN D 264 21.08 -13.28 -10.38
CA ASN D 264 22.46 -13.73 -10.29
C ASN D 264 22.91 -13.75 -8.86
N SER D 265 22.41 -12.82 -8.05
CA SER D 265 22.78 -12.78 -6.65
C SER D 265 22.34 -14.08 -5.99
N ILE D 266 21.19 -14.59 -6.42
CA ILE D 266 20.64 -15.84 -5.91
C ILE D 266 21.44 -17.04 -6.40
N TRP D 267 21.64 -17.09 -7.71
CA TRP D 267 22.38 -18.18 -8.32
C TRP D 267 23.69 -18.50 -7.60
N ARG D 268 24.43 -17.45 -7.25
CA ARG D 268 25.70 -17.64 -6.56
C ARG D 268 25.52 -18.47 -5.30
N ILE D 269 24.54 -18.09 -4.48
CA ILE D 269 24.26 -18.80 -3.23
C ILE D 269 23.95 -20.26 -3.47
N LEU D 270 23.15 -20.54 -4.49
CA LEU D 270 22.83 -21.92 -4.81
C LEU D 270 24.11 -22.65 -5.27
N ALA D 271 24.91 -22.00 -6.11
CA ALA D 271 26.15 -22.60 -6.60
C ALA D 271 27.13 -22.83 -5.45
N ALA D 272 27.12 -21.92 -4.48
CA ALA D 272 27.99 -22.03 -3.31
C ALA D 272 27.61 -23.28 -2.53
N ILE D 273 26.31 -23.44 -2.27
CA ILE D 273 25.85 -24.59 -1.53
C ILE D 273 26.27 -25.86 -2.25
N LEU D 274 26.24 -25.82 -3.58
CA LEU D 274 26.62 -26.97 -4.37
C LEU D 274 28.12 -27.27 -4.23
N HIS D 275 28.91 -26.22 -4.20
CA HIS D 275 30.35 -26.40 -4.05
C HIS D 275 30.68 -26.84 -2.64
N ILE D 276 30.05 -26.22 -1.65
CA ILE D 276 30.29 -26.58 -0.25
C ILE D 276 30.12 -28.08 -0.06
N GLY D 277 29.13 -28.65 -0.75
CA GLY D 277 28.88 -30.07 -0.63
C GLY D 277 29.98 -30.98 -1.13
N ASN D 278 30.90 -30.44 -1.92
CA ASN D 278 32.00 -31.23 -2.45
C ASN D 278 33.30 -31.05 -1.68
N ILE D 279 33.25 -30.32 -0.58
CA ILE D 279 34.44 -30.11 0.23
C ILE D 279 34.73 -31.35 1.04
N THR D 280 35.90 -31.96 0.81
CA THR D 280 36.30 -33.16 1.52
C THR D 280 37.33 -32.77 2.58
N PHE D 281 37.53 -33.63 3.57
CA PHE D 281 38.47 -33.32 4.63
C PHE D 281 39.54 -34.38 4.80
N ALA D 282 40.75 -33.94 5.11
CA ALA D 282 41.87 -34.86 5.29
C ALA D 282 42.51 -34.72 6.67
N GLU D 283 43.13 -35.80 7.12
CA GLU D 283 43.80 -35.85 8.42
C GLU D 283 45.04 -34.97 8.32
N ALA D 284 44.94 -33.77 8.86
CA ALA D 284 46.06 -32.83 8.82
C ALA D 284 47.17 -33.22 9.78
N ALA D 285 47.76 -34.40 9.53
CA ALA D 285 48.85 -34.90 10.37
C ALA D 285 49.97 -33.88 10.31
N GLU D 286 49.88 -32.85 11.13
CA GLU D 286 50.88 -31.79 11.15
C GLU D 286 51.27 -31.44 12.57
N GLN D 287 50.32 -31.49 13.50
CA GLN D 287 50.60 -31.15 14.88
C GLN D 287 51.50 -32.12 15.63
N ARG D 288 52.71 -31.66 15.92
CA ARG D 288 53.70 -32.43 16.68
C ARG D 288 53.86 -31.70 18.02
N THR D 289 53.45 -30.43 18.03
CA THR D 289 53.49 -29.62 19.23
C THR D 289 52.17 -29.96 19.91
N GLY D 290 51.31 -30.61 19.13
CA GLY D 290 50.01 -31.04 19.61
C GLY D 290 49.77 -32.43 19.05
N THR D 291 48.58 -32.69 18.54
CA THR D 291 48.25 -33.99 17.96
C THR D 291 48.08 -33.90 16.46
N THR D 292 46.96 -33.35 16.02
CA THR D 292 46.72 -33.23 14.59
C THR D 292 45.40 -32.53 14.29
N THR D 293 45.41 -31.70 13.25
CA THR D 293 44.21 -30.97 12.85
C THR D 293 43.64 -31.60 11.59
N VAL D 294 42.65 -30.92 10.99
CA VAL D 294 42.02 -31.41 9.78
C VAL D 294 42.08 -30.31 8.74
N LYS D 295 42.27 -30.67 7.48
CA LYS D 295 42.32 -29.68 6.42
C LYS D 295 41.49 -30.07 5.20
N VAL D 296 41.15 -29.06 4.40
CA VAL D 296 40.35 -29.27 3.20
C VAL D 296 41.16 -29.95 2.12
N SER D 297 40.56 -30.96 1.48
CA SER D 297 41.22 -31.69 0.41
C SER D 297 40.83 -31.11 -0.95
N ASP D 298 39.54 -31.26 -1.30
CA ASP D 298 39.01 -30.76 -2.57
C ASP D 298 38.99 -29.24 -2.50
N THR D 299 40.19 -28.67 -2.41
CA THR D 299 40.38 -27.22 -2.31
C THR D 299 39.66 -26.40 -3.38
N LYS D 300 39.74 -26.85 -4.63
CA LYS D 300 39.12 -26.09 -5.72
C LYS D 300 37.64 -25.82 -5.45
N SER D 301 36.96 -26.77 -4.79
CA SER D 301 35.55 -26.57 -4.47
C SER D 301 35.45 -25.50 -3.39
N LEU D 302 36.33 -25.59 -2.39
CA LEU D 302 36.33 -24.63 -1.30
C LEU D 302 36.59 -23.24 -1.88
N ALA D 303 37.31 -23.19 -2.99
CA ALA D 303 37.61 -21.92 -3.63
C ALA D 303 36.39 -21.39 -4.37
N ALA D 304 35.70 -22.30 -5.05
CA ALA D 304 34.51 -21.97 -5.80
C ALA D 304 33.41 -21.51 -4.85
N ALA D 305 33.31 -22.16 -3.70
CA ALA D 305 32.30 -21.82 -2.70
C ALA D 305 32.51 -20.43 -2.14
N ALA D 306 33.75 -20.13 -1.78
CA ALA D 306 34.08 -18.81 -1.24
C ALA D 306 33.97 -17.79 -2.36
N SER D 307 34.14 -18.25 -3.59
CA SER D 307 34.05 -17.41 -4.77
C SER D 307 32.62 -16.89 -4.96
N CYS D 308 31.65 -17.80 -4.88
CA CYS D 308 30.27 -17.45 -5.05
C CYS D 308 29.77 -16.64 -3.85
N LEU D 309 30.13 -17.08 -2.65
CA LEU D 309 29.71 -16.39 -1.44
C LEU D 309 30.40 -15.04 -1.29
N LYS D 310 31.42 -14.82 -2.10
CA LYS D 310 32.17 -13.57 -2.07
C LYS D 310 32.78 -13.25 -0.70
N THR D 311 33.53 -14.19 -0.15
CA THR D 311 34.21 -14.01 1.14
C THR D 311 35.63 -14.53 1.04
N ASP D 312 36.43 -14.26 2.06
CA ASP D 312 37.80 -14.71 2.08
C ASP D 312 37.89 -16.24 2.14
N GLN D 313 38.42 -16.82 1.07
CA GLN D 313 38.57 -18.26 0.97
C GLN D 313 39.22 -18.88 2.20
N GLN D 314 40.20 -18.20 2.77
CA GLN D 314 40.90 -18.70 3.94
C GLN D 314 39.98 -18.72 5.15
N SER D 315 39.49 -17.53 5.52
CA SER D 315 38.61 -17.39 6.68
C SER D 315 37.56 -18.48 6.69
N LEU D 316 37.05 -18.80 5.51
CA LEU D 316 36.05 -19.84 5.38
C LEU D 316 36.67 -21.17 5.80
N SER D 317 37.76 -21.54 5.12
CA SER D 317 38.45 -22.80 5.42
C SER D 317 38.72 -22.97 6.90
N ILE D 318 39.17 -21.90 7.54
CA ILE D 318 39.46 -21.93 8.97
C ILE D 318 38.19 -22.14 9.80
N ALA D 319 37.07 -21.62 9.30
CA ALA D 319 35.80 -21.76 10.01
C ALA D 319 35.28 -23.19 9.92
N LEU D 320 35.79 -23.93 8.94
CA LEU D 320 35.38 -25.31 8.75
C LEU D 320 36.25 -26.27 9.51
N CYS D 321 37.44 -25.82 9.89
CA CYS D 321 38.36 -26.71 10.59
C CYS D 321 38.68 -26.36 12.02
N TYR D 322 38.18 -25.22 12.51
CA TYR D 322 38.42 -24.82 13.90
C TYR D 322 37.24 -24.11 14.54
N ARG D 323 37.23 -24.06 15.87
CA ARG D 323 36.17 -23.37 16.59
C ARG D 323 36.69 -22.01 17.08
N SER D 324 36.16 -21.54 18.21
CA SER D 324 36.58 -20.26 18.78
C SER D 324 36.16 -20.12 20.24
N VAL D 335 39.23 -15.66 20.52
CA VAL D 335 40.52 -15.52 19.86
C VAL D 335 41.25 -16.87 19.88
N ILE D 336 40.65 -17.85 20.55
CA ILE D 336 41.21 -19.19 20.66
C ILE D 336 40.56 -20.08 19.62
N SER D 337 41.38 -20.83 18.88
CA SER D 337 40.85 -21.70 17.85
C SER D 337 41.11 -23.18 18.13
N VAL D 338 40.08 -23.90 18.54
CA VAL D 338 40.23 -25.32 18.82
C VAL D 338 39.98 -26.15 17.56
N PRO D 339 40.95 -26.96 17.15
CA PRO D 339 40.80 -27.79 15.96
C PRO D 339 39.70 -28.82 16.20
N MET D 340 39.08 -29.29 15.11
CA MET D 340 38.02 -30.28 15.26
C MET D 340 38.23 -31.42 14.26
N ASP D 341 37.74 -32.60 14.61
CA ASP D 341 37.89 -33.80 13.78
C ASP D 341 37.13 -33.80 12.45
N CYS D 342 37.52 -34.71 11.57
CA CYS D 342 36.90 -34.84 10.25
C CYS D 342 35.37 -34.93 10.31
N ASN D 343 34.84 -35.18 11.51
CA ASN D 343 33.40 -35.29 11.70
C ASN D 343 32.77 -33.93 12.01
N GLN D 344 33.29 -33.26 13.03
CA GLN D 344 32.75 -31.96 13.38
C GLN D 344 32.92 -31.01 12.19
N ALA D 345 33.96 -31.24 11.42
CA ALA D 345 34.23 -30.40 10.25
C ALA D 345 33.11 -30.62 9.23
N ALA D 346 32.84 -31.89 8.92
CA ALA D 346 31.80 -32.26 7.97
C ALA D 346 30.48 -31.73 8.46
N TYR D 347 30.29 -31.80 9.78
CA TYR D 347 29.07 -31.33 10.41
C TYR D 347 28.89 -29.85 10.12
N SER D 348 29.89 -29.06 10.46
CA SER D 348 29.84 -27.64 10.24
C SER D 348 29.63 -27.29 8.78
N ARG D 349 30.20 -28.10 7.90
CA ARG D 349 30.05 -27.87 6.46
C ARG D 349 28.56 -27.89 6.13
N ASP D 350 27.93 -28.99 6.51
CA ASP D 350 26.51 -29.18 6.26
C ASP D 350 25.63 -28.19 7.01
N ALA D 351 26.05 -27.75 8.19
CA ALA D 351 25.27 -26.80 8.95
C ALA D 351 25.22 -25.46 8.21
N LEU D 352 26.30 -25.15 7.52
CA LEU D 352 26.42 -23.90 6.79
C LEU D 352 25.47 -23.93 5.60
N ALA D 353 25.58 -25.01 4.83
CA ALA D 353 24.74 -25.19 3.65
C ALA D 353 23.26 -25.06 4.00
N LYS D 354 22.86 -25.70 5.10
CA LYS D 354 21.47 -25.65 5.56
C LYS D 354 21.04 -24.25 6.01
N ALA D 355 21.93 -23.51 6.66
CA ALA D 355 21.62 -22.17 7.13
C ALA D 355 21.41 -21.25 5.93
N LEU D 356 22.25 -21.43 4.93
CA LEU D 356 22.19 -20.62 3.71
C LEU D 356 20.85 -20.74 3.01
N TYR D 357 20.44 -21.97 2.75
CA TYR D 357 19.17 -22.22 2.07
C TYR D 357 17.97 -21.76 2.90
N GLU D 358 17.96 -22.08 4.19
CA GLU D 358 16.85 -21.69 5.03
C GLU D 358 16.67 -20.20 4.99
N ARG D 359 17.78 -19.47 5.10
CA ARG D 359 17.73 -18.03 5.09
C ARG D 359 17.34 -17.53 3.71
N LEU D 360 18.00 -18.04 2.68
CA LEU D 360 17.68 -17.64 1.32
C LEU D 360 16.19 -17.78 1.07
N PHE D 361 15.61 -18.89 1.48
CA PHE D 361 14.19 -19.11 1.31
C PHE D 361 13.35 -18.09 2.12
N ASN D 362 13.65 -17.92 3.41
CA ASN D 362 12.89 -16.98 4.21
C ASN D 362 13.00 -15.59 3.63
N TRP D 363 14.13 -15.32 2.98
CA TRP D 363 14.37 -14.02 2.36
C TRP D 363 13.45 -13.92 1.14
N LEU D 364 13.53 -14.92 0.29
CA LEU D 364 12.75 -14.97 -0.91
C LEU D 364 11.26 -14.67 -0.62
N VAL D 365 10.70 -15.21 0.45
CA VAL D 365 9.28 -14.95 0.71
C VAL D 365 9.07 -13.51 1.09
N SER D 366 9.86 -13.02 2.03
CA SER D 366 9.72 -11.63 2.46
C SER D 366 9.96 -10.69 1.27
N LYS D 367 10.87 -11.08 0.37
CA LYS D 367 11.19 -10.28 -0.81
C LYS D 367 9.92 -10.17 -1.64
N ILE D 368 9.21 -11.29 -1.76
CA ILE D 368 7.96 -11.31 -2.51
C ILE D 368 6.92 -10.47 -1.77
N ASN D 369 6.75 -10.76 -0.48
CA ASN D 369 5.79 -10.00 0.34
C ASN D 369 5.96 -8.51 0.15
N THR D 370 7.17 -8.09 -0.18
CA THR D 370 7.47 -6.68 -0.38
C THR D 370 6.73 -6.14 -1.58
N ILE D 371 6.74 -6.89 -2.68
CA ILE D 371 6.05 -6.47 -3.88
C ILE D 371 4.55 -6.74 -3.84
N ILE D 372 4.14 -7.73 -3.05
CA ILE D 372 2.74 -8.11 -3.00
C ILE D 372 1.88 -7.59 -1.87
N ASN D 373 2.44 -7.53 -0.67
CA ASN D 373 1.68 -7.09 0.49
C ASN D 373 1.29 -5.63 0.47
N CYS D 374 -0.01 -5.36 0.48
CA CYS D 374 -0.51 -3.98 0.48
C CYS D 374 -0.62 -3.39 1.88
N THR D 375 0.19 -2.37 2.15
CA THR D 375 0.18 -1.69 3.45
C THR D 375 -0.71 -0.45 3.41
N THR D 376 -0.86 0.13 2.22
CA THR D 376 -1.69 1.32 2.04
C THR D 376 -3.09 1.05 2.58
N GLU D 377 -3.93 0.47 1.73
CA GLU D 377 -5.31 0.16 2.07
C GLU D 377 -5.51 -0.94 3.10
N LYS D 378 -6.67 -0.89 3.75
CA LYS D 378 -7.05 -1.89 4.73
C LYS D 378 -8.35 -2.49 4.21
N GLY D 379 -8.51 -3.80 4.31
CA GLY D 379 -9.74 -4.42 3.81
C GLY D 379 -9.91 -5.85 4.27
N PRO D 380 -10.97 -6.51 3.80
CA PRO D 380 -11.23 -7.91 4.17
C PRO D 380 -10.21 -8.83 3.50
N VAL D 381 -9.97 -9.99 4.14
CA VAL D 381 -9.01 -10.95 3.66
C VAL D 381 -9.57 -12.35 3.53
N ILE D 382 -8.98 -13.14 2.64
CA ILE D 382 -9.38 -14.53 2.46
C ILE D 382 -8.11 -15.34 2.54
N GLY D 383 -7.93 -16.05 3.65
CA GLY D 383 -6.75 -16.85 3.84
C GLY D 383 -6.94 -18.22 3.26
N ILE D 384 -5.83 -18.83 2.81
CA ILE D 384 -5.85 -20.16 2.23
C ILE D 384 -4.70 -20.90 2.88
N LEU D 385 -5.00 -22.03 3.52
CA LEU D 385 -3.98 -22.81 4.18
C LEU D 385 -3.49 -24.00 3.38
N ASP D 386 -2.17 -24.10 3.22
CA ASP D 386 -1.53 -25.20 2.49
C ASP D 386 -0.31 -25.67 3.26
N ILE D 387 -0.49 -26.70 4.06
CA ILE D 387 0.60 -27.24 4.86
C ILE D 387 1.12 -28.55 4.32
N TYR D 388 2.27 -28.98 4.82
CA TYR D 388 2.82 -30.25 4.41
C TYR D 388 1.92 -31.27 5.07
N GLY D 389 1.43 -32.23 4.29
CA GLY D 389 0.54 -33.24 4.84
C GLY D 389 1.26 -34.39 5.55
N PHE D 390 0.48 -35.14 6.33
CA PHE D 390 0.95 -36.29 7.09
C PHE D 390 1.71 -37.29 6.22
N GLU D 391 2.92 -37.63 6.66
CA GLU D 391 3.77 -38.57 5.92
C GLU D 391 4.43 -39.58 6.85
N VAL D 392 4.78 -40.73 6.27
CA VAL D 392 5.44 -41.81 7.01
C VAL D 392 6.40 -42.48 6.05
N PHE D 393 7.68 -42.51 6.42
CA PHE D 393 8.72 -43.11 5.60
C PHE D 393 9.40 -44.26 6.31
N GLN D 394 10.32 -44.91 5.61
CA GLN D 394 11.08 -46.05 6.16
C GLN D 394 11.72 -45.61 7.46
N ASN D 395 12.31 -44.43 7.44
CA ASN D 395 12.95 -43.83 8.61
C ASN D 395 12.37 -42.45 8.82
N ASN D 396 11.72 -42.24 9.96
CA ASN D 396 11.13 -40.94 10.26
C ASN D 396 12.00 -40.24 11.28
N SER D 397 12.30 -38.97 11.04
CA SER D 397 13.13 -38.20 11.94
C SER D 397 12.42 -36.97 12.48
N PHE D 398 13.19 -36.04 13.03
CA PHE D 398 12.66 -34.82 13.59
C PHE D 398 11.68 -34.09 12.67
N GLU D 399 12.07 -33.92 11.40
CA GLU D 399 11.22 -33.24 10.41
C GLU D 399 9.82 -33.87 10.36
N GLN D 400 9.75 -35.19 10.20
CA GLN D 400 8.47 -35.86 10.15
C GLN D 400 7.63 -35.56 11.39
N LEU D 401 8.23 -35.65 12.57
CA LEU D 401 7.50 -35.41 13.80
C LEU D 401 6.80 -34.07 13.75
N ASN D 402 7.49 -33.05 13.25
CA ASN D 402 6.92 -31.71 13.15
C ASN D 402 5.80 -31.65 12.13
N ILE D 403 6.07 -32.13 10.92
CA ILE D 403 5.08 -32.16 9.86
C ILE D 403 3.83 -32.86 10.37
N ASN D 404 3.99 -34.04 10.96
CA ASN D 404 2.84 -34.80 11.46
C ASN D 404 2.19 -34.08 12.63
N PHE D 405 2.99 -33.53 13.54
CA PHE D 405 2.43 -32.78 14.66
C PHE D 405 1.53 -31.66 14.11
N CYS D 406 2.00 -31.00 13.07
CA CYS D 406 1.26 -29.93 12.44
C CYS D 406 -0.08 -30.44 11.89
N ASN D 407 -0.08 -31.64 11.31
CA ASN D 407 -1.30 -32.19 10.77
C ASN D 407 -2.21 -32.60 11.89
N GLU D 408 -1.64 -32.91 13.04
CA GLU D 408 -2.41 -33.28 14.21
C GLU D 408 -3.21 -32.08 14.66
N LYS D 409 -2.55 -30.93 14.72
CA LYS D 409 -3.17 -29.68 15.13
C LYS D 409 -4.30 -29.32 14.19
N LEU D 410 -4.03 -29.44 12.89
CA LEU D 410 -5.02 -29.12 11.89
C LEU D 410 -6.23 -30.03 12.07
N GLN D 411 -5.98 -31.30 12.38
CA GLN D 411 -7.05 -32.26 12.60
C GLN D 411 -7.85 -31.85 13.83
N GLN D 412 -7.13 -31.47 14.87
CA GLN D 412 -7.75 -31.03 16.12
C GLN D 412 -8.71 -29.87 15.84
N LEU D 413 -8.29 -28.98 14.94
CA LEU D 413 -9.10 -27.81 14.57
C LEU D 413 -10.38 -28.19 13.85
N PHE D 414 -10.27 -29.03 12.82
CA PHE D 414 -11.45 -29.47 12.09
C PHE D 414 -12.43 -30.00 13.10
N ILE D 415 -11.96 -30.87 13.99
CA ILE D 415 -12.84 -31.45 15.01
C ILE D 415 -13.46 -30.37 15.86
N GLU D 416 -12.64 -29.52 16.46
CA GLU D 416 -13.17 -28.46 17.32
C GLU D 416 -14.24 -27.65 16.60
N LEU D 417 -14.09 -27.45 15.29
CA LEU D 417 -15.10 -26.71 14.54
C LEU D 417 -16.18 -27.68 14.09
N THR D 418 -15.93 -28.29 12.94
CA THR D 418 -16.81 -29.26 12.30
C THR D 418 -17.67 -30.23 13.14
N LEU D 419 -17.14 -30.83 14.21
CA LEU D 419 -17.98 -31.79 14.95
C LEU D 419 -18.32 -31.47 16.39
N LYS D 420 -17.33 -31.02 17.15
CA LYS D 420 -17.53 -30.71 18.55
C LYS D 420 -18.33 -29.44 18.79
N SER D 421 -17.69 -28.27 18.69
CA SER D 421 -18.39 -27.01 18.93
C SER D 421 -19.69 -26.95 18.15
N GLU D 422 -19.69 -27.57 16.97
CA GLU D 422 -20.87 -27.61 16.13
C GLU D 422 -22.06 -28.06 16.97
N GLN D 423 -21.90 -29.21 17.61
CA GLN D 423 -22.94 -29.81 18.46
C GLN D 423 -23.13 -29.10 19.80
N GLU D 424 -22.03 -28.67 20.40
CA GLU D 424 -22.09 -27.97 21.67
C GLU D 424 -23.09 -26.83 21.53
N GLU D 425 -23.01 -26.13 20.39
CA GLU D 425 -23.87 -25.01 20.07
C GLU D 425 -25.33 -25.42 20.01
N TYR D 426 -25.62 -26.52 19.32
CA TYR D 426 -27.00 -26.96 19.25
C TYR D 426 -27.57 -27.19 20.64
N VAL D 427 -26.92 -28.03 21.44
CA VAL D 427 -27.42 -28.31 22.78
C VAL D 427 -27.57 -27.04 23.59
N ARG D 428 -26.59 -26.15 23.46
CA ARG D 428 -26.62 -24.91 24.18
C ARG D 428 -27.82 -24.06 23.77
N GLU D 429 -27.85 -23.60 22.52
CA GLU D 429 -28.98 -22.79 22.03
C GLU D 429 -30.31 -23.49 22.24
N GLY D 430 -30.26 -24.72 22.74
CA GLY D 430 -31.48 -25.47 23.01
C GLY D 430 -32.17 -26.19 21.87
N ILE D 431 -31.42 -26.76 20.93
CA ILE D 431 -32.04 -27.50 19.81
C ILE D 431 -32.01 -29.01 20.09
N GLU D 432 -33.17 -29.65 20.07
CA GLU D 432 -33.22 -31.08 20.32
C GLU D 432 -32.10 -31.71 19.50
N TRP D 433 -31.20 -32.41 20.19
CA TRP D 433 -30.07 -33.00 19.51
C TRP D 433 -29.69 -34.42 19.88
N LYS D 434 -29.46 -35.24 18.87
CA LYS D 434 -29.04 -36.63 19.05
C LYS D 434 -27.54 -36.57 18.96
N ASN D 435 -26.85 -36.54 20.08
CA ASN D 435 -25.40 -36.45 20.06
C ASN D 435 -24.71 -37.52 19.19
N ILE D 436 -24.15 -37.10 18.06
CA ILE D 436 -23.41 -38.02 17.18
C ILE D 436 -22.02 -38.09 17.77
N GLU D 437 -21.60 -39.26 18.22
CA GLU D 437 -20.28 -39.34 18.82
C GLU D 437 -19.14 -39.45 17.83
N TYR D 438 -18.13 -38.58 17.98
CA TYR D 438 -17.03 -38.61 17.05
C TYR D 438 -15.84 -39.45 17.45
N PHE D 439 -15.81 -40.61 16.79
CA PHE D 439 -14.78 -41.64 16.90
C PHE D 439 -13.60 -41.30 17.82
N ASN D 440 -12.99 -40.14 17.59
CA ASN D 440 -11.84 -39.74 18.39
C ASN D 440 -11.82 -38.23 18.50
N ASN D 441 -11.06 -37.73 19.47
CA ASN D 441 -10.95 -36.29 19.68
C ASN D 441 -9.51 -35.84 19.49
N LYS D 442 -8.59 -36.78 19.62
CA LYS D 442 -7.16 -36.52 19.43
C LYS D 442 -6.40 -35.29 19.97
N PRO D 443 -7.01 -34.47 20.85
CA PRO D 443 -6.17 -33.33 21.29
C PRO D 443 -5.14 -33.95 22.21
N ILE D 444 -5.43 -35.18 22.60
CA ILE D 444 -4.60 -35.97 23.47
C ILE D 444 -3.27 -36.23 22.77
N CYS D 445 -3.28 -36.21 21.44
CA CYS D 445 -2.04 -36.41 20.70
C CYS D 445 -1.29 -35.12 20.63
N GLU D 446 -2.00 -34.01 20.44
CA GLU D 446 -1.31 -32.72 20.38
C GLU D 446 -0.66 -32.57 21.75
N LEU D 447 -1.46 -32.88 22.75
CA LEU D 447 -1.05 -32.77 24.13
C LEU D 447 0.24 -33.50 24.48
N ILE D 448 0.35 -34.77 24.10
CA ILE D 448 1.56 -35.52 24.42
C ILE D 448 2.80 -34.89 23.79
N GLU D 449 2.68 -33.71 23.22
CA GLU D 449 3.83 -33.07 22.62
C GLU D 449 3.75 -31.56 22.53
N LYS D 450 3.40 -30.93 23.64
CA LYS D 450 3.31 -29.48 23.65
C LYS D 450 3.72 -28.84 24.96
N LYS D 451 2.89 -28.96 26.00
CA LYS D 451 3.16 -28.32 27.29
C LYS D 451 4.02 -29.14 28.27
N PRO D 452 4.40 -28.57 29.46
CA PRO D 452 5.23 -29.20 30.51
C PRO D 452 4.99 -30.70 30.62
N ILE D 453 5.99 -31.49 30.24
CA ILE D 453 5.87 -32.94 30.22
C ILE D 453 5.20 -33.32 28.90
N GLY D 454 5.81 -32.91 27.80
CA GLY D 454 5.30 -33.21 26.48
C GLY D 454 6.52 -33.58 25.65
N LEU D 455 6.34 -34.27 24.54
CA LEU D 455 7.48 -34.65 23.74
C LEU D 455 8.45 -33.52 23.47
N ILE D 456 8.00 -32.48 22.76
CA ILE D 456 8.92 -31.39 22.45
C ILE D 456 9.37 -30.59 23.67
N SER D 457 8.61 -30.64 24.75
CA SER D 457 9.02 -29.92 25.95
C SER D 457 10.15 -30.69 26.67
N LEU D 458 10.06 -32.01 26.63
CA LEU D 458 11.07 -32.87 27.23
C LEU D 458 12.34 -32.76 26.37
N LEU D 459 12.17 -32.93 25.06
CA LEU D 459 13.30 -32.85 24.13
C LEU D 459 13.98 -31.50 24.24
N ASP D 460 13.19 -30.47 24.53
CA ASP D 460 13.69 -29.10 24.69
C ASP D 460 14.57 -29.02 25.93
N GLU D 461 13.95 -29.30 27.08
CA GLU D 461 14.63 -29.28 28.36
C GLU D 461 15.84 -30.23 28.40
N ALA D 462 15.78 -31.31 27.63
CA ALA D 462 16.89 -32.26 27.57
C ALA D 462 18.08 -31.65 26.81
N CYS D 463 17.81 -30.63 26.02
CA CYS D 463 18.86 -29.96 25.26
C CYS D 463 19.73 -29.11 26.16
N LEU D 464 19.14 -28.60 27.24
CA LEU D 464 19.83 -27.76 28.21
C LEU D 464 20.94 -28.51 28.94
N ILE D 465 20.70 -29.79 29.23
CA ILE D 465 21.68 -30.62 29.91
C ILE D 465 22.79 -31.01 28.93
N ALA D 466 23.90 -30.29 28.98
CA ALA D 466 25.04 -30.51 28.10
C ALA D 466 25.59 -31.94 28.11
N LYS D 467 25.10 -32.78 29.01
CA LYS D 467 25.60 -34.15 29.09
C LYS D 467 24.74 -35.16 28.35
N SER D 468 23.42 -34.95 28.38
CA SER D 468 22.47 -35.86 27.74
C SER D 468 22.72 -36.08 26.26
N THR D 469 22.25 -37.23 25.76
CA THR D 469 22.39 -37.62 24.37
C THR D 469 21.05 -38.13 23.83
N ASP D 470 20.97 -38.27 22.51
CA ASP D 470 19.75 -38.76 21.88
C ASP D 470 19.17 -39.91 22.70
N GLN D 471 20.03 -40.85 23.06
CA GLN D 471 19.62 -42.02 23.84
C GLN D 471 19.01 -41.70 25.20
N THR D 472 19.68 -40.85 25.98
CA THR D 472 19.17 -40.47 27.30
C THR D 472 17.81 -39.79 27.18
N PHE D 473 17.59 -39.13 26.04
CA PHE D 473 16.33 -38.45 25.79
C PHE D 473 15.23 -39.46 25.57
N LEU D 474 15.54 -40.50 24.79
CA LEU D 474 14.58 -41.55 24.51
C LEU D 474 14.08 -42.17 25.83
N ASP D 475 14.99 -42.34 26.79
CA ASP D 475 14.65 -42.92 28.09
C ASP D 475 13.66 -42.04 28.86
N SER D 476 13.86 -40.73 28.79
CA SER D 476 12.97 -39.81 29.46
C SER D 476 11.56 -40.10 28.95
N ILE D 477 11.38 -39.95 27.65
CA ILE D 477 10.10 -40.19 26.99
C ILE D 477 9.51 -41.53 27.41
N CYS D 478 10.28 -42.59 27.18
CA CYS D 478 9.83 -43.95 27.48
C CYS D 478 9.43 -44.15 28.93
N LYS D 479 10.11 -43.46 29.85
CA LYS D 479 9.80 -43.57 31.26
C LYS D 479 8.62 -42.66 31.61
N GLN D 480 8.74 -41.40 31.24
CA GLN D 480 7.71 -40.40 31.51
C GLN D 480 6.33 -40.79 30.96
N PHE D 481 6.32 -41.58 29.89
CA PHE D 481 5.06 -42.00 29.29
C PHE D 481 4.88 -43.51 29.35
N GLU D 482 4.35 -44.09 28.28
CA GLU D 482 4.09 -45.52 28.23
C GLU D 482 3.42 -45.93 29.53
N LYS D 483 2.18 -45.48 29.61
CA LYS D 483 1.23 -45.67 30.69
C LYS D 483 0.23 -44.69 30.11
N ASN D 484 0.68 -44.12 29.00
CA ASN D 484 -0.04 -43.16 28.18
C ASN D 484 -0.13 -43.80 26.80
N PRO D 485 -1.34 -43.92 26.23
CA PRO D 485 -1.47 -44.54 24.91
C PRO D 485 -0.83 -43.59 23.88
N HIS D 486 -0.87 -43.96 22.62
CA HIS D 486 -0.29 -43.09 21.59
C HIS D 486 1.24 -43.15 21.59
N LEU D 487 1.83 -43.64 22.68
CA LEU D 487 3.28 -43.75 22.77
C LEU D 487 3.74 -45.13 23.24
N GLN D 488 4.53 -45.78 22.39
CA GLN D 488 5.08 -47.12 22.65
C GLN D 488 6.58 -47.17 22.43
N SER D 489 7.21 -48.23 22.90
CA SER D 489 8.64 -48.42 22.74
C SER D 489 8.94 -49.86 23.06
N TYR D 490 10.04 -50.36 22.49
CA TYR D 490 10.43 -51.74 22.69
C TYR D 490 10.54 -52.05 24.18
N VAL D 491 11.14 -51.13 24.92
CA VAL D 491 11.32 -51.28 26.36
C VAL D 491 10.03 -51.66 27.09
N VAL D 492 9.15 -50.69 27.32
CA VAL D 492 7.91 -50.97 28.02
C VAL D 492 7.04 -52.02 27.31
N SER D 493 6.49 -51.63 26.16
CA SER D 493 5.64 -52.51 25.37
C SER D 493 6.54 -53.42 24.53
N LYS D 494 7.20 -54.38 25.20
CA LYS D 494 8.13 -55.32 24.58
C LYS D 494 7.71 -55.75 23.18
N ASP D 495 7.86 -54.83 22.23
CA ASP D 495 7.50 -55.03 20.84
C ASP D 495 8.67 -54.77 19.91
N ARG D 496 9.21 -55.82 19.30
CA ARG D 496 10.36 -55.71 18.40
C ARG D 496 10.16 -54.72 17.24
N SER D 497 8.92 -54.44 16.88
CA SER D 497 8.64 -53.52 15.78
C SER D 497 9.33 -52.18 16.02
N ILE D 498 9.44 -51.81 17.30
CA ILE D 498 10.06 -50.55 17.68
C ILE D 498 11.57 -50.75 17.80
N GLY D 499 12.34 -50.12 16.92
CA GLY D 499 13.79 -50.26 17.01
C GLY D 499 14.30 -49.88 18.40
N ASP D 500 15.59 -50.07 18.63
CA ASP D 500 16.19 -49.75 19.92
C ASP D 500 16.45 -48.27 20.12
N THR D 501 16.46 -47.52 19.02
CA THR D 501 16.71 -46.08 19.09
C THR D 501 15.47 -45.33 18.65
N CYS D 502 14.34 -46.02 18.59
CA CYS D 502 13.09 -45.44 18.14
C CYS D 502 12.00 -45.42 19.18
N PHE D 503 10.83 -44.92 18.77
CA PHE D 503 9.65 -44.86 19.61
C PHE D 503 8.43 -44.70 18.72
N ARG D 504 7.38 -45.45 19.03
CA ARG D 504 6.14 -45.48 18.27
C ARG D 504 5.17 -44.40 18.78
N LEU D 505 4.60 -43.65 17.85
CA LEU D 505 3.66 -42.63 18.21
C LEU D 505 2.39 -42.97 17.44
N LYS D 506 1.29 -43.14 18.17
CA LYS D 506 0.02 -43.46 17.54
C LYS D 506 -0.74 -42.20 17.13
N HIS D 507 -0.40 -41.67 15.96
CA HIS D 507 -1.03 -40.49 15.42
C HIS D 507 -2.48 -40.77 15.03
N TYR D 508 -3.23 -39.70 14.80
CA TYR D 508 -4.63 -39.85 14.42
C TYR D 508 -4.76 -40.57 13.08
N ALA D 509 -3.74 -40.40 12.24
CA ALA D 509 -3.74 -40.99 10.91
C ALA D 509 -2.94 -42.29 10.77
N GLY D 510 -2.62 -42.92 11.89
CA GLY D 510 -1.86 -44.16 11.84
C GLY D 510 -0.61 -44.10 12.69
N ASP D 511 0.01 -45.25 12.94
CA ASP D 511 1.22 -45.31 13.75
C ASP D 511 2.43 -44.91 12.96
N VAL D 512 3.34 -44.21 13.64
CA VAL D 512 4.60 -43.75 13.03
C VAL D 512 5.74 -44.03 13.99
N THR D 513 6.86 -44.50 13.46
CA THR D 513 8.03 -44.81 14.29
C THR D 513 9.16 -43.84 14.02
N TYR D 514 9.44 -43.01 15.02
CA TYR D 514 10.48 -41.99 14.92
C TYR D 514 11.81 -42.48 15.47
N ASP D 515 12.89 -42.17 14.77
CA ASP D 515 14.24 -42.56 15.19
C ASP D 515 14.86 -41.34 15.87
N VAL D 516 15.08 -41.45 17.17
CA VAL D 516 15.65 -40.38 18.00
C VAL D 516 16.99 -39.85 17.53
N ARG D 517 17.68 -40.59 16.67
CA ARG D 517 18.99 -40.19 16.16
C ARG D 517 19.05 -38.76 15.58
N GLY D 518 19.84 -37.91 16.23
CA GLY D 518 20.01 -36.53 15.76
C GLY D 518 18.97 -35.56 16.27
N PHE D 519 18.01 -36.05 17.04
CA PHE D 519 16.96 -35.19 17.57
C PHE D 519 17.44 -33.97 18.33
N LEU D 520 18.51 -34.12 19.10
CA LEU D 520 18.99 -33.01 19.89
C LEU D 520 19.59 -31.88 19.07
N ASP D 521 20.55 -32.20 18.20
CA ASP D 521 21.18 -31.16 17.41
C ASP D 521 20.21 -30.56 16.39
N LYS D 522 19.15 -31.31 16.08
CA LYS D 522 18.13 -30.83 15.15
C LYS D 522 17.28 -29.77 15.86
N ASN D 523 16.96 -30.05 17.12
CA ASN D 523 16.15 -29.14 17.93
C ASN D 523 17.00 -27.97 18.40
N LYS D 524 18.28 -28.23 18.68
CA LYS D 524 19.17 -27.17 19.12
C LYS D 524 19.24 -26.14 18.02
N ASP D 525 19.45 -26.62 16.79
CA ASP D 525 19.51 -25.78 15.60
C ASP D 525 20.52 -24.66 15.77
N THR D 526 21.77 -25.02 16.00
CA THR D 526 22.81 -24.02 16.21
C THR D 526 23.87 -23.95 15.12
N LEU D 527 24.34 -22.73 14.88
CA LEU D 527 25.36 -22.43 13.88
C LEU D 527 26.41 -21.59 14.60
N PHE D 528 27.64 -22.11 14.68
CA PHE D 528 28.71 -21.40 15.38
C PHE D 528 29.06 -20.05 14.79
N GLY D 529 29.39 -19.11 15.67
CA GLY D 529 29.73 -17.76 15.28
C GLY D 529 30.79 -17.63 14.21
N ASP D 530 31.77 -18.54 14.21
CA ASP D 530 32.84 -18.48 13.22
C ASP D 530 32.26 -18.58 11.82
N LEU D 531 31.34 -19.52 11.62
CA LEU D 531 30.70 -19.68 10.32
C LEU D 531 29.86 -18.44 10.01
N ILE D 532 29.06 -17.99 10.96
CA ILE D 532 28.22 -16.81 10.77
C ILE D 532 29.07 -15.62 10.34
N SER D 533 30.05 -15.29 11.17
CA SER D 533 30.96 -14.18 10.89
C SER D 533 31.62 -14.34 9.53
N SER D 534 32.02 -15.56 9.18
CA SER D 534 32.66 -15.79 7.89
C SER D 534 31.75 -15.38 6.74
N MET D 535 30.45 -15.33 6.99
CA MET D 535 29.47 -14.95 5.99
C MET D 535 29.24 -13.46 6.04
N GLN D 536 29.06 -12.93 7.24
CA GLN D 536 28.82 -11.51 7.40
C GLN D 536 29.94 -10.75 6.70
N SER D 537 31.12 -11.36 6.69
CA SER D 537 32.29 -10.78 6.07
C SER D 537 32.16 -10.72 4.55
N SER D 538 31.05 -11.21 4.04
CA SER D 538 30.84 -11.21 2.59
C SER D 538 30.61 -9.81 2.06
N SER D 539 30.93 -9.62 0.80
CA SER D 539 30.75 -8.32 0.15
C SER D 539 29.44 -8.28 -0.64
N ASP D 540 28.88 -9.46 -0.93
CA ASP D 540 27.63 -9.53 -1.68
C ASP D 540 26.51 -9.02 -0.79
N PRO D 541 25.78 -8.00 -1.24
CA PRO D 541 24.68 -7.43 -0.46
C PRO D 541 23.69 -8.48 0.02
N LEU D 542 23.48 -9.53 -0.78
CA LEU D 542 22.56 -10.58 -0.41
C LEU D 542 23.12 -11.42 0.75
N VAL D 543 24.21 -12.14 0.48
CA VAL D 543 24.85 -12.97 1.48
C VAL D 543 24.75 -12.34 2.86
N GLN D 544 25.44 -11.22 3.06
CA GLN D 544 25.41 -10.54 4.36
C GLN D 544 23.99 -10.19 4.76
N GLY D 545 23.12 -10.08 3.75
CA GLY D 545 21.73 -9.78 4.05
C GLY D 545 21.14 -10.94 4.83
N LEU D 546 21.49 -12.15 4.41
CA LEU D 546 21.00 -13.37 5.07
C LEU D 546 21.49 -13.44 6.53
N PHE D 547 22.68 -12.90 6.80
CA PHE D 547 23.25 -12.88 8.14
C PHE D 547 23.51 -11.43 8.59
N PRO D 548 22.47 -10.76 9.12
CA PRO D 548 22.57 -9.37 9.60
C PRO D 548 23.55 -9.18 10.74
N GLU D 560 16.19 -20.61 20.72
CA GLU D 560 14.93 -21.10 21.28
C GLU D 560 14.42 -22.30 20.49
N THR D 561 15.03 -23.45 20.71
CA THR D 561 14.68 -24.73 20.05
C THR D 561 13.68 -24.71 18.91
N ALA D 562 14.10 -25.22 17.76
CA ALA D 562 13.25 -25.29 16.59
C ALA D 562 11.88 -25.81 16.99
N GLY D 563 11.86 -26.74 17.93
CA GLY D 563 10.62 -27.33 18.39
C GLY D 563 9.65 -26.40 19.08
N SER D 564 10.04 -25.85 20.21
CA SER D 564 9.15 -24.95 20.93
C SER D 564 8.75 -23.79 20.06
N GLN D 565 9.62 -23.44 19.11
CA GLN D 565 9.38 -22.33 18.20
C GLN D 565 8.29 -22.68 17.19
N PHE D 566 8.38 -23.87 16.63
CA PHE D 566 7.39 -24.34 15.67
C PHE D 566 6.07 -24.51 16.43
N ARG D 567 6.17 -24.86 17.70
CA ARG D 567 4.99 -25.03 18.53
C ARG D 567 4.23 -23.71 18.60
N ASN D 568 4.96 -22.60 18.64
CA ASN D 568 4.33 -21.29 18.72
C ASN D 568 3.67 -20.94 17.40
N ALA D 569 4.43 -21.11 16.34
CA ALA D 569 3.96 -20.82 15.01
C ALA D 569 2.61 -21.48 14.80
N MET D 570 2.52 -22.74 15.22
CA MET D 570 1.28 -23.49 15.04
C MET D 570 0.14 -22.98 15.89
N ASN D 571 0.42 -22.61 17.14
CA ASN D 571 -0.64 -22.11 18.00
C ASN D 571 -1.07 -20.73 17.53
N ALA D 572 -0.13 -19.98 16.99
CA ALA D 572 -0.43 -18.67 16.49
C ALA D 572 -1.31 -18.86 15.27
N LEU D 573 -0.90 -19.77 14.38
CA LEU D 573 -1.65 -20.05 13.16
C LEU D 573 -3.07 -20.48 13.47
N ILE D 574 -3.23 -21.35 14.48
CA ILE D 574 -4.57 -21.81 14.85
C ILE D 574 -5.46 -20.71 15.44
N THR D 575 -4.92 -19.81 16.25
CA THR D 575 -5.78 -18.78 16.80
C THR D 575 -6.21 -17.79 15.74
N THR D 576 -5.42 -17.66 14.68
CA THR D 576 -5.79 -16.74 13.61
C THR D 576 -6.85 -17.33 12.71
N LEU D 577 -6.80 -18.64 12.49
CA LEU D 577 -7.79 -19.29 11.65
C LEU D 577 -9.15 -19.27 12.36
N LEU D 578 -9.11 -19.22 13.69
CA LEU D 578 -10.35 -19.19 14.47
C LEU D 578 -10.87 -17.77 14.60
N ALA D 579 -10.43 -16.90 13.72
CA ALA D 579 -10.86 -15.50 13.74
C ALA D 579 -11.48 -15.13 12.40
N CYS D 580 -11.79 -16.15 11.58
CA CYS D 580 -12.37 -15.95 10.27
C CYS D 580 -13.54 -16.89 10.08
N SER D 581 -14.22 -16.76 8.95
CA SER D 581 -15.32 -17.66 8.64
C SER D 581 -14.68 -18.81 7.89
N PRO D 582 -14.83 -20.03 8.41
CA PRO D 582 -14.28 -21.25 7.83
C PRO D 582 -14.92 -21.75 6.54
N HIS D 583 -14.11 -22.43 5.75
CA HIS D 583 -14.50 -23.04 4.49
C HIS D 583 -13.59 -24.26 4.46
N TYR D 584 -14.16 -25.46 4.35
CA TYR D 584 -13.33 -26.65 4.37
C TYR D 584 -13.24 -27.47 3.10
N VAL D 585 -12.02 -27.89 2.80
CA VAL D 585 -11.72 -28.73 1.65
C VAL D 585 -10.96 -29.88 2.27
N ARG D 586 -11.32 -31.11 1.95
CA ARG D 586 -10.60 -32.25 2.50
C ARG D 586 -10.20 -33.16 1.36
N CYS D 587 -8.90 -33.23 1.10
CA CYS D 587 -8.37 -34.04 0.02
C CYS D 587 -8.11 -35.47 0.44
N ILE D 588 -8.47 -36.39 -0.44
CA ILE D 588 -8.28 -37.82 -0.22
C ILE D 588 -7.32 -38.35 -1.27
N LYS D 589 -6.22 -38.98 -0.83
CA LYS D 589 -5.25 -39.54 -1.77
C LYS D 589 -5.89 -40.79 -2.40
N SER D 590 -6.06 -40.78 -3.71
CA SER D 590 -6.70 -41.89 -4.40
C SER D 590 -5.95 -43.20 -4.29
N ASN D 591 -4.63 -43.11 -4.38
CA ASN D 591 -3.79 -44.29 -4.31
C ASN D 591 -2.35 -43.86 -4.13
N ASP D 592 -1.49 -44.81 -3.83
CA ASP D 592 -0.09 -44.52 -3.60
C ASP D 592 0.81 -44.77 -4.81
N ASN D 593 0.23 -44.80 -6.00
CA ASN D 593 1.04 -45.05 -7.19
C ASN D 593 0.82 -43.98 -8.22
N LYS D 594 0.08 -42.94 -7.87
CA LYS D 594 -0.19 -41.85 -8.79
C LYS D 594 -0.95 -42.35 -10.01
N GLN D 595 -1.62 -43.49 -9.88
CA GLN D 595 -2.38 -44.05 -11.00
C GLN D 595 -3.64 -43.26 -11.24
N ALA D 596 -3.82 -42.81 -12.47
CA ALA D 596 -5.01 -42.05 -12.80
C ALA D 596 -6.21 -42.98 -12.73
N GLY D 597 -7.33 -42.47 -12.24
CA GLY D 597 -8.54 -43.27 -12.13
C GLY D 597 -8.44 -44.61 -11.41
N VAL D 598 -7.84 -44.62 -10.23
CA VAL D 598 -7.71 -45.85 -9.46
C VAL D 598 -7.95 -45.61 -7.98
N ILE D 599 -8.69 -46.49 -7.33
CA ILE D 599 -8.95 -46.34 -5.92
C ILE D 599 -8.30 -47.46 -5.13
N ASP D 600 -7.74 -47.10 -3.97
CA ASP D 600 -7.09 -48.07 -3.10
C ASP D 600 -8.07 -48.25 -1.94
N GLU D 601 -9.09 -49.07 -2.19
CA GLU D 601 -10.16 -49.34 -1.22
C GLU D 601 -9.79 -49.14 0.25
N ASP D 602 -8.94 -50.01 0.79
CA ASP D 602 -8.51 -49.93 2.18
C ASP D 602 -7.97 -48.56 2.55
N ARG D 603 -6.94 -48.18 1.81
CA ARG D 603 -6.25 -46.92 1.97
C ARG D 603 -7.22 -45.72 2.06
N VAL D 604 -8.19 -45.66 1.15
CA VAL D 604 -9.17 -44.59 1.14
C VAL D 604 -10.16 -44.77 2.29
N ARG D 605 -10.46 -46.02 2.62
CA ARG D 605 -11.36 -46.30 3.73
C ARG D 605 -10.73 -45.78 5.03
N HIS D 606 -9.43 -46.00 5.17
CA HIS D 606 -8.70 -45.54 6.36
C HIS D 606 -8.88 -44.04 6.50
N GLN D 607 -8.54 -43.30 5.45
CA GLN D 607 -8.65 -41.85 5.47
C GLN D 607 -10.06 -41.38 5.84
N VAL D 608 -11.05 -41.96 5.17
CA VAL D 608 -12.43 -41.61 5.41
C VAL D 608 -12.77 -41.85 6.88
N ARG D 609 -12.05 -42.78 7.49
CA ARG D 609 -12.33 -43.08 8.88
C ARG D 609 -11.65 -42.15 9.84
N TYR D 610 -10.33 -42.04 9.76
CA TYR D 610 -9.64 -41.17 10.70
C TYR D 610 -9.98 -39.69 10.51
N LEU D 611 -10.49 -39.35 9.33
CA LEU D 611 -10.87 -37.98 9.08
C LEU D 611 -12.20 -37.69 9.78
N GLY D 612 -13.04 -38.73 9.87
CA GLY D 612 -14.32 -38.59 10.51
C GLY D 612 -15.37 -38.04 9.57
N LEU D 613 -15.13 -38.16 8.28
CA LEU D 613 -16.08 -37.65 7.33
C LEU D 613 -17.48 -38.17 7.60
N LEU D 614 -17.62 -39.48 7.78
CA LEU D 614 -18.94 -40.05 8.04
C LEU D 614 -19.63 -39.29 9.15
N GLU D 615 -18.89 -38.95 10.21
CA GLU D 615 -19.48 -38.21 11.32
C GLU D 615 -19.99 -36.85 10.82
N ASN D 616 -19.32 -36.28 9.84
CA ASN D 616 -19.80 -35.03 9.32
C ASN D 616 -21.15 -35.30 8.71
N VAL D 617 -21.21 -36.28 7.82
CA VAL D 617 -22.48 -36.60 7.20
C VAL D 617 -23.61 -36.64 8.21
N ARG D 618 -23.39 -37.24 9.38
CA ARG D 618 -24.45 -37.33 10.39
C ARG D 618 -24.80 -35.97 10.99
N VAL D 619 -23.78 -35.29 11.50
CA VAL D 619 -23.98 -33.97 12.08
C VAL D 619 -24.68 -33.06 11.07
N ARG D 620 -24.13 -32.97 9.86
CA ARG D 620 -24.69 -32.12 8.83
C ARG D 620 -26.05 -32.61 8.36
N ARG D 621 -26.21 -33.92 8.25
CA ARG D 621 -27.48 -34.47 7.80
C ARG D 621 -28.62 -34.03 8.70
N ALA D 622 -28.46 -34.24 10.00
CA ALA D 622 -29.50 -33.86 10.95
C ALA D 622 -29.40 -32.41 11.37
N GLY D 623 -28.35 -31.74 10.94
CA GLY D 623 -28.15 -30.35 11.34
C GLY D 623 -28.96 -29.27 10.66
N PHE D 624 -28.46 -28.04 10.79
CA PHE D 624 -29.10 -26.87 10.20
C PHE D 624 -28.10 -26.08 9.38
N ALA D 625 -28.41 -25.96 8.10
CA ALA D 625 -27.58 -25.27 7.13
C ALA D 625 -27.08 -23.88 7.52
N GLY D 626 -27.76 -23.23 8.46
CA GLY D 626 -27.35 -21.90 8.88
C GLY D 626 -27.91 -21.49 10.22
N ARG D 627 -27.42 -20.37 10.75
CA ARG D 627 -27.88 -19.87 12.04
C ARG D 627 -27.40 -18.45 12.27
N ILE D 628 -28.22 -17.64 12.94
CA ILE D 628 -27.89 -16.24 13.22
C ILE D 628 -28.61 -15.69 14.46
N GLU D 629 -27.92 -14.84 15.22
CA GLU D 629 -28.52 -14.25 16.39
C GLU D 629 -29.61 -13.41 15.81
N TYR D 630 -30.76 -13.40 16.45
CA TYR D 630 -31.88 -12.62 15.97
C TYR D 630 -31.39 -11.20 15.80
N THR D 631 -30.57 -10.77 16.75
CA THR D 631 -30.00 -9.45 16.71
C THR D 631 -29.44 -9.26 15.33
N ARG D 632 -28.32 -9.93 15.08
CA ARG D 632 -27.62 -9.84 13.81
C ARG D 632 -28.50 -10.06 12.59
N PHE D 633 -29.62 -10.75 12.78
CA PHE D 633 -30.57 -11.02 11.69
C PHE D 633 -31.42 -9.76 11.48
N TYR D 634 -32.35 -9.57 12.42
CA TYR D 634 -33.27 -8.45 12.41
C TYR D 634 -32.67 -7.14 11.89
N ASN D 635 -31.51 -6.74 12.39
CA ASN D 635 -30.90 -5.50 11.93
C ASN D 635 -30.15 -5.73 10.63
N ARG D 636 -30.84 -6.36 9.68
CA ARG D 636 -30.26 -6.67 8.36
C ARG D 636 -31.36 -6.93 7.36
N TYR D 637 -32.43 -7.58 7.82
CA TYR D 637 -33.56 -7.92 6.97
C TYR D 637 -34.82 -7.22 7.46
N LYS D 638 -34.63 -6.32 8.42
CA LYS D 638 -35.72 -5.55 9.00
C LYS D 638 -36.54 -4.81 7.93
N MET D 639 -35.85 -4.22 6.95
CA MET D 639 -36.52 -3.50 5.87
C MET D 639 -37.17 -4.43 4.86
N LEU D 640 -37.64 -5.59 5.32
CA LEU D 640 -38.30 -6.56 4.45
C LEU D 640 -39.63 -6.93 5.08
N CYS D 641 -39.93 -6.31 6.22
CA CYS D 641 -41.17 -6.60 6.91
C CYS D 641 -42.02 -5.35 7.06
N LYS D 642 -43.34 -5.57 7.08
CA LYS D 642 -44.37 -4.55 7.21
C LYS D 642 -44.48 -4.13 8.67
N LYS D 643 -43.41 -3.51 9.17
CA LYS D 643 -43.28 -3.03 10.55
C LYS D 643 -42.68 -4.13 11.42
N THR D 651 -38.46 -6.55 19.88
CA THR D 651 -37.49 -7.61 20.14
C THR D 651 -37.00 -8.29 18.86
N ALA D 652 -35.71 -8.60 18.84
CA ALA D 652 -35.10 -9.27 17.69
C ALA D 652 -35.85 -10.55 17.39
N LYS D 653 -35.95 -11.47 18.36
CA LYS D 653 -36.71 -12.70 18.13
C LYS D 653 -38.04 -12.34 17.48
N GLN D 654 -38.77 -11.43 18.11
CA GLN D 654 -40.05 -11.02 17.58
C GLN D 654 -39.93 -10.66 16.10
N ALA D 655 -39.00 -9.77 15.77
CA ALA D 655 -38.79 -9.35 14.39
C ALA D 655 -38.49 -10.53 13.49
N THR D 656 -37.38 -11.21 13.75
CA THR D 656 -36.98 -12.36 12.96
C THR D 656 -38.20 -13.22 12.66
N GLU D 657 -39.01 -13.50 13.68
CA GLU D 657 -40.18 -14.34 13.49
C GLU D 657 -41.17 -13.76 12.49
N LEU D 658 -41.40 -12.45 12.54
CA LEU D 658 -42.37 -11.80 11.65
C LEU D 658 -41.81 -11.68 10.24
N ILE D 659 -40.54 -11.29 10.14
CA ILE D 659 -39.87 -11.18 8.85
C ILE D 659 -39.83 -12.55 8.18
N LEU D 660 -40.11 -13.60 8.94
CA LEU D 660 -40.13 -14.96 8.41
C LEU D 660 -41.56 -15.40 8.14
N GLN D 661 -42.48 -14.97 8.98
CA GLN D 661 -43.90 -15.31 8.84
C GLN D 661 -44.48 -14.60 7.63
N GLN D 662 -44.33 -13.29 7.62
CA GLN D 662 -44.86 -12.51 6.52
C GLN D 662 -43.96 -12.67 5.31
N HIS D 663 -43.47 -13.90 5.12
CA HIS D 663 -42.60 -14.23 4.01
C HIS D 663 -42.71 -15.70 3.65
N ASN D 664 -43.75 -16.35 4.17
CA ASN D 664 -44.03 -17.76 3.90
C ASN D 664 -42.86 -18.72 3.96
N ILE D 665 -42.58 -19.21 5.15
CA ILE D 665 -41.50 -20.16 5.34
C ILE D 665 -42.02 -21.34 6.16
N ASP D 666 -41.64 -22.56 5.81
CA ASP D 666 -42.13 -23.72 6.54
C ASP D 666 -41.57 -23.70 7.94
N LYS D 667 -42.45 -23.77 8.94
CA LYS D 667 -42.01 -23.74 10.32
C LYS D 667 -41.06 -24.90 10.62
N GLU D 668 -41.17 -25.97 9.84
CA GLU D 668 -40.28 -27.11 10.05
C GLU D 668 -38.96 -26.88 9.35
N GLU D 669 -38.94 -25.87 8.48
CA GLU D 669 -37.76 -25.48 7.73
C GLU D 669 -36.91 -24.52 8.58
N ILE D 670 -37.36 -24.21 9.80
CA ILE D 670 -36.66 -23.26 10.65
C ILE D 670 -36.70 -23.62 12.16
N ARG D 671 -35.76 -23.09 12.95
CA ARG D 671 -35.70 -23.42 14.38
C ARG D 671 -35.23 -22.30 15.31
N MET D 672 -36.13 -21.82 16.19
CA MET D 672 -35.80 -20.72 17.11
C MET D 672 -34.97 -21.14 18.31
N GLY D 673 -33.76 -20.60 18.40
CA GLY D 673 -32.88 -20.92 19.51
C GLY D 673 -33.05 -19.97 20.69
N LYS D 674 -31.96 -19.70 21.40
CA LYS D 674 -32.00 -18.80 22.56
C LYS D 674 -31.55 -17.43 22.10
N THR D 675 -30.48 -17.41 21.32
CA THR D 675 -29.92 -16.16 20.80
C THR D 675 -29.64 -16.27 19.31
N LYS D 676 -30.17 -17.32 18.67
CA LYS D 676 -29.93 -17.53 17.26
C LYS D 676 -31.07 -18.32 16.66
N VAL D 677 -31.44 -17.99 15.42
CA VAL D 677 -32.49 -18.73 14.73
C VAL D 677 -31.76 -19.74 13.84
N PHE D 678 -32.30 -20.95 13.73
CA PHE D 678 -31.67 -21.99 12.94
C PHE D 678 -32.40 -22.28 11.63
N ILE D 679 -31.67 -22.08 10.54
CA ILE D 679 -32.22 -22.26 9.21
C ILE D 679 -31.69 -23.50 8.52
N ARG D 680 -32.54 -24.50 8.38
CA ARG D 680 -32.15 -25.72 7.68
C ARG D 680 -32.26 -25.31 6.24
N ASN D 681 -31.24 -25.59 5.44
CA ASN D 681 -31.26 -25.21 4.03
C ASN D 681 -30.65 -23.83 3.77
N PRO D 682 -29.51 -23.79 3.06
CA PRO D 682 -28.76 -22.60 2.71
C PRO D 682 -29.56 -21.64 1.83
N THR D 683 -30.43 -22.20 1.00
CA THR D 683 -31.20 -21.37 0.10
C THR D 683 -32.15 -20.39 0.79
N THR D 684 -32.47 -20.64 2.05
CA THR D 684 -33.38 -19.74 2.77
C THR D 684 -32.81 -18.35 2.98
N LEU D 685 -31.57 -18.28 3.44
CA LEU D 685 -30.94 -16.98 3.65
C LEU D 685 -30.62 -16.36 2.29
N PHE D 686 -30.28 -17.18 1.29
CA PHE D 686 -30.02 -16.63 -0.04
C PHE D 686 -31.21 -15.75 -0.42
N TYR D 687 -32.41 -16.27 -0.16
CA TYR D 687 -33.64 -15.56 -0.46
C TYR D 687 -33.58 -14.17 0.15
N PHE D 688 -33.49 -14.11 1.48
CA PHE D 688 -33.44 -12.82 2.17
C PHE D 688 -32.24 -11.99 1.74
N GLU D 689 -31.23 -12.66 1.19
CA GLU D 689 -30.05 -11.96 0.74
C GLU D 689 -30.30 -11.24 -0.57
N GLU D 690 -31.09 -11.86 -1.44
CA GLU D 690 -31.42 -11.26 -2.73
C GLU D 690 -32.47 -10.18 -2.48
N LYS D 691 -33.58 -10.57 -1.84
CA LYS D 691 -34.67 -9.65 -1.53
C LYS D 691 -34.18 -8.35 -0.95
N ARG D 692 -33.33 -8.46 0.07
CA ARG D 692 -32.77 -7.29 0.73
C ARG D 692 -31.99 -6.44 -0.26
N GLU D 693 -30.83 -6.96 -0.67
CA GLU D 693 -29.95 -6.26 -1.60
C GLU D 693 -30.72 -5.63 -2.76
N LEU D 694 -31.65 -6.40 -3.33
CA LEU D 694 -32.46 -5.93 -4.44
C LEU D 694 -33.08 -4.56 -4.13
N GLU D 695 -34.16 -4.60 -3.35
CA GLU D 695 -34.88 -3.40 -2.94
C GLU D 695 -34.37 -2.91 -1.58
N MET D 696 -33.69 -1.77 -1.58
CA MET D 696 -33.12 -1.17 -0.37
C MET D 696 -31.82 -1.85 0.04
#